data_6QU5
#
_entry.id   6QU5
#
_cell.length_a   115.251
_cell.length_b   132.513
_cell.length_c   282.699
_cell.angle_alpha   90.00
_cell.angle_beta   90.00
_cell.angle_gamma   90.00
#
_symmetry.space_group_name_H-M   'P 21 21 21'
#
loop_
_entity.id
_entity.type
_entity.pdbx_description
1 polymer 'ATP-dependent 6-phosphofructokinase'
2 non-polymer 'CITRIC ACID'
3 non-polymer GLYCEROL
4 non-polymer 1-[(3,4-dichlorophenyl)methyl]imidazole
#
_entity_poly.entity_id   1
_entity_poly.type   'polypeptide(L)'
_entity_poly.pdbx_seq_one_letter_code
;MGSSHHHHHHSSGLVPRGSHMAVESRSRVTSKLVKAHRAMLNSVTQEDLKVDRLPGADYPNPSKKYSSRTEFRDKTDYIM
YNPRPRDEPSSENPVSVSPLLCELAAARSRIHFNPTETTIGIVTCGGICPGLNDVIRSITLTGINVYNVKRVIGFRFGYW
GLSKKGSQTAIELHRGRVTNIHHYGGTILGSSRGPQDPKEMVDTLERLGVNILFTVGGDGTQRGALVISQEAKRRGVDIS
VFGVPKTIDNDLSFSHRTFGFQTAVEKAVQAIRAAYAEAVSANYGVGVVKLMGRDSGFIAAQAAVASAQANICLVPENPI
SEQEVMSLLERRFCHSRSCVIIVAEGFGQDWGRGSGGYDASGNKKLIDIGVILTEKVKAFLKANKSRYPDSTVKYIDPSY
MIRACPPSANDALFCATLATLAVHEAMAGATGCIIAMRHNNYILVPIKVATSVRRVLDLRGQLWRQVREITVDLGSDVRL
ARKLEIRRELEAINRNRDRLHEELAKL
;
_entity_poly.pdbx_strand_id   A,B,C,D,E,F,G,H
#
# COMPACT_ATOMS: atom_id res chain seq x y z
N THR A 30 -10.75 -6.96 20.56
CA THR A 30 -10.65 -5.52 20.04
C THR A 30 -10.18 -4.61 21.22
N SER A 31 -8.94 -4.06 21.18
CA SER A 31 -8.15 -3.57 22.35
C SER A 31 -7.18 -2.43 21.97
N LYS A 32 -5.94 -2.74 21.54
CA LYS A 32 -4.91 -1.76 21.06
C LYS A 32 -3.84 -2.41 20.14
N LEU A 33 -3.98 -3.69 19.84
CA LEU A 33 -3.08 -4.45 18.90
C LEU A 33 -3.70 -4.49 17.49
N VAL A 34 -2.85 -4.47 16.46
CA VAL A 34 -3.19 -4.68 15.03
C VAL A 34 -2.75 -6.09 14.65
N LYS A 35 -3.51 -6.78 13.81
CA LYS A 35 -3.13 -8.11 13.24
C LYS A 35 -2.03 -7.86 12.20
N ALA A 36 -0.89 -8.54 12.33
CA ALA A 36 0.33 -8.35 11.51
C ALA A 36 0.09 -8.87 10.11
N HIS A 37 0.99 -8.54 9.18
CA HIS A 37 0.81 -8.65 7.71
C HIS A 37 0.92 -10.12 7.29
N ARG A 38 1.86 -10.89 7.84
CA ARG A 38 1.89 -12.39 7.76
C ARG A 38 1.78 -12.92 9.19
N ALA A 39 0.59 -12.76 9.77
CA ALA A 39 0.20 -13.33 11.08
C ALA A 39 0.04 -14.85 10.92
N MET A 40 0.58 -15.61 11.87
CA MET A 40 0.51 -17.09 11.89
C MET A 40 -0.73 -17.52 12.68
N LEU A 41 -1.27 -16.63 13.52
CA LEU A 41 -2.56 -16.83 14.25
C LEU A 41 -3.57 -15.77 13.83
N ASN A 42 -4.85 -16.18 13.73
CA ASN A 42 -6.00 -15.29 13.44
C ASN A 42 -6.66 -14.86 14.75
N SER A 43 -6.25 -15.44 15.90
CA SER A 43 -6.57 -14.97 17.28
C SER A 43 -5.51 -15.46 18.26
N VAL A 44 -5.59 -15.06 19.53
CA VAL A 44 -4.71 -15.60 20.62
C VAL A 44 -5.60 -16.14 21.74
N THR A 45 -5.51 -17.46 21.96
CA THR A 45 -6.11 -18.21 23.10
C THR A 45 -5.02 -18.44 24.15
N GLN A 46 -5.41 -18.89 25.34
CA GLN A 46 -4.49 -19.15 26.49
C GLN A 46 -3.49 -20.24 26.08
N GLU A 47 -3.92 -21.22 25.28
CA GLU A 47 -3.05 -22.34 24.79
C GLU A 47 -1.92 -21.73 23.94
N ASP A 48 -2.23 -20.76 23.09
CA ASP A 48 -1.25 -20.09 22.18
C ASP A 48 -0.10 -19.47 22.99
N LEU A 49 -0.35 -19.11 24.25
CA LEU A 49 0.64 -18.44 25.15
C LEU A 49 1.53 -19.48 25.84
N LYS A 50 1.20 -20.77 25.77
CA LYS A 50 2.04 -21.84 26.37
C LYS A 50 3.43 -21.77 25.74
N VAL A 51 4.49 -21.65 26.54
CA VAL A 51 5.90 -21.52 26.09
C VAL A 51 6.52 -22.92 25.98
N ASP A 52 6.92 -23.33 24.77
CA ASP A 52 7.57 -24.63 24.47
C ASP A 52 8.77 -24.87 25.38
N ARG A 53 8.72 -25.96 26.14
CA ARG A 53 9.80 -26.44 27.04
C ARG A 53 10.42 -27.72 26.45
N LEU A 54 11.70 -27.65 26.08
CA LEU A 54 12.52 -28.79 25.63
C LEU A 54 12.40 -29.90 26.68
N PRO A 55 12.09 -31.16 26.28
CA PRO A 55 11.78 -32.20 27.25
C PRO A 55 12.98 -32.45 28.18
N GLY A 56 12.74 -32.63 29.47
CA GLY A 56 13.76 -32.95 30.49
C GLY A 56 14.11 -31.71 31.29
N ALA A 57 14.52 -31.90 32.56
CA ALA A 57 14.88 -30.81 33.49
C ALA A 57 15.73 -31.41 34.61
N ASP A 58 16.85 -32.01 34.23
CA ASP A 58 17.60 -33.01 35.03
C ASP A 58 18.63 -32.31 35.95
N TYR A 59 19.35 -31.30 35.44
CA TYR A 59 20.55 -30.73 36.09
C TYR A 59 20.15 -29.54 36.96
N PRO A 60 20.84 -29.31 38.11
CA PRO A 60 20.48 -28.22 39.01
C PRO A 60 21.14 -26.93 38.54
N ASN A 61 20.48 -25.79 38.73
CA ASN A 61 21.05 -24.46 38.35
C ASN A 61 22.31 -24.23 39.19
N PRO A 62 23.51 -24.11 38.58
CA PRO A 62 24.75 -23.96 39.35
C PRO A 62 24.91 -22.51 39.84
N SER A 63 23.97 -22.03 40.64
CA SER A 63 23.76 -20.59 40.90
C SER A 63 23.23 -20.32 42.31
N LYS A 64 22.28 -21.15 42.78
CA LYS A 64 21.14 -20.74 43.67
C LYS A 64 21.28 -21.37 45.08
N LYS A 75 8.51 -24.82 39.36
CA LYS A 75 7.12 -24.38 39.07
C LYS A 75 7.13 -23.01 38.37
N THR A 76 6.46 -22.90 37.21
CA THR A 76 6.40 -21.64 36.41
C THR A 76 5.28 -20.75 36.97
N ASP A 77 5.53 -19.44 37.03
CA ASP A 77 4.58 -18.43 37.60
C ASP A 77 4.03 -17.59 36.46
N TYR A 78 2.84 -16.98 36.66
CA TYR A 78 2.13 -16.18 35.64
C TYR A 78 1.90 -14.75 36.13
N ILE A 79 1.61 -13.86 35.17
CA ILE A 79 1.09 -12.47 35.36
C ILE A 79 -0.07 -12.31 34.36
N MET A 80 -1.09 -11.50 34.66
CA MET A 80 -2.22 -11.28 33.72
C MET A 80 -1.73 -10.50 32.52
N TYR A 81 -2.33 -10.75 31.34
CA TYR A 81 -2.18 -9.86 30.17
C TYR A 81 -2.70 -8.48 30.61
N ASN A 82 -4.01 -8.39 30.87
CA ASN A 82 -4.73 -7.15 31.26
C ASN A 82 -4.95 -7.15 32.77
N PRO A 83 -4.40 -6.16 33.51
CA PRO A 83 -4.61 -6.05 34.96
C PRO A 83 -5.85 -5.24 35.34
N ARG A 84 -6.75 -4.96 34.38
CA ARG A 84 -8.01 -4.21 34.65
C ARG A 84 -9.08 -5.18 35.16
N PRO A 85 -9.86 -4.80 36.20
CA PRO A 85 -10.93 -5.65 36.72
C PRO A 85 -12.18 -5.66 35.82
N ARG A 86 -12.89 -6.79 35.81
CA ARG A 86 -14.14 -6.99 35.03
C ARG A 86 -15.26 -6.21 35.71
N ASP A 87 -15.38 -6.32 37.04
CA ASP A 87 -16.45 -5.70 37.86
C ASP A 87 -15.91 -4.49 38.63
N GLU A 88 -16.81 -3.84 39.39
CA GLU A 88 -16.52 -2.76 40.35
C GLU A 88 -15.88 -3.35 41.61
N PRO A 89 -15.22 -2.54 42.46
CA PRO A 89 -14.61 -3.04 43.69
C PRO A 89 -15.62 -3.60 44.71
N SER A 90 -15.90 -4.89 44.64
CA SER A 90 -16.82 -5.63 45.56
C SER A 90 -16.00 -6.32 46.65
N SER A 91 -16.63 -7.22 47.42
CA SER A 91 -16.07 -7.90 48.62
C SER A 91 -14.80 -8.68 48.27
N GLU A 92 -14.86 -9.57 47.25
CA GLU A 92 -13.77 -10.51 46.89
C GLU A 92 -12.76 -9.82 45.97
N ASN A 93 -11.59 -10.44 45.77
CA ASN A 93 -10.47 -9.91 44.95
C ASN A 93 -10.97 -9.68 43.52
N PRO A 94 -10.36 -8.75 42.76
CA PRO A 94 -10.79 -8.46 41.39
C PRO A 94 -10.35 -9.52 40.36
N VAL A 95 -11.01 -9.54 39.19
CA VAL A 95 -10.84 -10.57 38.12
C VAL A 95 -10.49 -9.88 36.79
N SER A 96 -9.45 -10.35 36.09
CA SER A 96 -8.99 -9.76 34.80
C SER A 96 -10.16 -9.68 33.82
N VAL A 97 -10.24 -8.60 33.03
CA VAL A 97 -11.15 -8.45 31.86
C VAL A 97 -10.80 -9.55 30.85
N SER A 98 -9.49 -9.74 30.57
CA SER A 98 -8.97 -10.73 29.58
C SER A 98 -8.68 -12.05 30.29
N PRO A 99 -8.98 -13.20 29.65
CA PRO A 99 -8.66 -14.49 30.25
C PRO A 99 -7.17 -14.83 30.12
N LEU A 100 -6.40 -14.02 29.36
CA LEU A 100 -4.99 -14.33 29.01
C LEU A 100 -4.07 -14.16 30.23
N LEU A 101 -3.24 -15.18 30.48
CA LEU A 101 -2.14 -15.23 31.46
C LEU A 101 -0.80 -15.45 30.73
N CYS A 102 0.23 -14.67 31.08
CA CYS A 102 1.60 -14.70 30.49
C CYS A 102 2.58 -15.37 31.47
N GLU A 103 3.48 -16.22 30.95
CA GLU A 103 4.55 -16.89 31.73
C GLU A 103 5.63 -15.86 32.11
N LEU A 104 5.85 -15.69 33.42
CA LEU A 104 6.96 -14.87 33.97
C LEU A 104 8.30 -15.58 33.70
N ALA A 105 9.32 -14.81 33.33
CA ALA A 105 10.70 -15.31 33.05
C ALA A 105 11.57 -15.12 34.28
N ALA A 106 12.25 -16.15 34.75
CA ALA A 106 13.18 -16.09 35.89
C ALA A 106 14.04 -17.36 35.96
N ALA A 107 15.21 -17.25 36.59
CA ALA A 107 16.16 -18.37 36.76
C ALA A 107 15.45 -19.52 37.45
N ARG A 108 15.58 -20.72 36.89
CA ARG A 108 14.81 -21.91 37.34
C ARG A 108 15.68 -22.75 38.26
N SER A 109 15.08 -23.34 39.31
CA SER A 109 15.72 -24.29 40.25
C SER A 109 16.37 -25.43 39.46
N ARG A 110 15.61 -26.00 38.54
CA ARG A 110 16.05 -27.11 37.66
C ARG A 110 16.20 -26.58 36.24
N ILE A 111 17.36 -26.86 35.63
CA ILE A 111 17.66 -26.51 34.22
C ILE A 111 17.70 -27.81 33.40
N HIS A 112 17.45 -27.69 32.09
CA HIS A 112 17.29 -28.83 31.14
C HIS A 112 18.65 -29.23 30.57
N PHE A 113 19.42 -28.25 30.11
CA PHE A 113 20.77 -28.41 29.53
C PHE A 113 21.81 -28.57 30.62
N ASN A 114 22.90 -29.29 30.32
CA ASN A 114 24.02 -29.52 31.25
C ASN A 114 25.04 -28.41 31.05
N PRO A 115 25.21 -27.52 32.05
CA PRO A 115 26.05 -26.34 31.92
C PRO A 115 27.40 -26.59 31.22
N THR A 116 28.32 -27.32 31.87
CA THR A 116 29.72 -27.48 31.42
C THR A 116 29.78 -28.26 30.10
N GLU A 117 28.63 -28.70 29.57
CA GLU A 117 28.55 -29.50 28.32
C GLU A 117 27.81 -28.72 27.23
N THR A 118 27.34 -27.51 27.52
CA THR A 118 26.51 -26.68 26.58
C THR A 118 27.38 -25.69 25.83
N THR A 119 27.00 -25.42 24.58
CA THR A 119 27.58 -24.41 23.68
C THR A 119 26.45 -23.42 23.35
N ILE A 120 26.69 -22.12 23.53
CA ILE A 120 25.66 -21.08 23.22
C ILE A 120 26.04 -20.39 21.92
N GLY A 121 25.05 -20.19 21.04
CA GLY A 121 25.20 -19.44 19.77
C GLY A 121 24.45 -18.12 19.81
N ILE A 122 25.04 -17.06 19.26
CA ILE A 122 24.39 -15.73 19.15
C ILE A 122 24.46 -15.29 17.68
N VAL A 123 23.42 -14.64 17.19
CA VAL A 123 23.42 -14.01 15.84
C VAL A 123 22.54 -12.74 15.89
N THR A 124 23.11 -11.62 15.44
CA THR A 124 22.42 -10.32 15.34
C THR A 124 22.04 -10.12 13.88
N CYS A 125 20.75 -9.90 13.62
CA CYS A 125 20.18 -9.72 12.26
C CYS A 125 19.57 -8.33 12.09
N GLY A 126 19.44 -7.89 10.84
CA GLY A 126 18.72 -6.67 10.43
C GLY A 126 19.57 -5.42 10.55
N GLY A 127 18.91 -4.27 10.72
CA GLY A 127 19.56 -2.98 10.96
C GLY A 127 20.12 -2.96 12.36
N ILE A 128 21.09 -2.10 12.63
CA ILE A 128 21.65 -1.95 14.00
C ILE A 128 20.66 -1.17 14.87
N CYS A 129 21.01 -1.03 16.14
CA CYS A 129 20.11 -0.59 17.22
C CYS A 129 20.95 -0.37 18.48
N PRO A 130 20.67 0.68 19.27
CA PRO A 130 21.40 0.92 20.50
C PRO A 130 21.34 -0.31 21.42
N GLY A 131 22.53 -0.75 21.83
CA GLY A 131 22.77 -1.77 22.88
C GLY A 131 22.81 -3.17 22.30
N LEU A 132 23.15 -3.30 21.02
CA LEU A 132 23.21 -4.64 20.37
C LEU A 132 24.35 -5.40 21.07
N ASN A 133 25.51 -4.74 21.19
CA ASN A 133 26.71 -5.27 21.88
C ASN A 133 26.37 -5.56 23.34
N ASP A 134 25.51 -4.77 23.99
CA ASP A 134 25.13 -4.98 25.41
C ASP A 134 24.44 -6.35 25.53
N VAL A 135 23.55 -6.68 24.59
CA VAL A 135 22.85 -7.99 24.58
C VAL A 135 23.91 -9.08 24.35
N ILE A 136 24.73 -8.94 23.30
CA ILE A 136 25.82 -9.91 23.01
C ILE A 136 26.61 -10.16 24.30
N ARG A 137 27.15 -9.11 24.92
CA ARG A 137 28.00 -9.17 26.14
C ARG A 137 27.25 -9.93 27.25
N SER A 138 26.05 -9.49 27.64
CA SER A 138 25.34 -10.07 28.80
C SER A 138 25.02 -11.55 28.55
N ILE A 139 24.72 -11.96 27.32
CA ILE A 139 24.43 -13.38 26.99
C ILE A 139 25.71 -14.18 27.20
N THR A 140 26.76 -13.82 26.48
CA THR A 140 28.14 -14.32 26.64
C THR A 140 28.44 -14.52 28.13
N LEU A 141 28.51 -13.44 28.90
CA LEU A 141 29.02 -13.44 30.28
C LEU A 141 28.05 -14.12 31.24
N THR A 142 26.75 -14.20 30.94
CA THR A 142 25.80 -14.95 31.82
C THR A 142 26.10 -16.44 31.61
N GLY A 143 26.18 -16.89 30.37
CA GLY A 143 26.58 -18.26 30.00
C GLY A 143 27.90 -18.66 30.64
N ILE A 144 28.95 -17.86 30.47
CA ILE A 144 30.30 -18.12 31.02
C ILE A 144 30.25 -18.00 32.55
N ASN A 145 30.04 -16.80 33.09
CA ASN A 145 30.28 -16.50 34.52
C ASN A 145 29.22 -17.13 35.44
N VAL A 146 27.96 -17.33 35.01
CA VAL A 146 26.86 -17.75 35.92
C VAL A 146 26.56 -19.24 35.73
N TYR A 147 26.53 -19.73 34.50
CA TYR A 147 26.19 -21.14 34.17
C TYR A 147 27.47 -21.92 33.87
N ASN A 148 28.57 -21.22 33.54
CA ASN A 148 29.89 -21.84 33.29
C ASN A 148 29.78 -22.80 32.10
N VAL A 149 29.17 -22.35 31.01
CA VAL A 149 28.96 -23.15 29.76
C VAL A 149 30.32 -23.45 29.14
N LYS A 150 30.38 -24.47 28.28
CA LYS A 150 31.63 -24.98 27.66
C LYS A 150 32.21 -23.88 26.75
N ARG A 151 31.38 -23.27 25.91
CA ARG A 151 31.84 -22.23 24.95
C ARG A 151 30.66 -21.42 24.39
N VAL A 152 30.97 -20.24 23.85
CA VAL A 152 29.98 -19.31 23.22
C VAL A 152 30.48 -18.89 21.83
N ILE A 153 29.66 -19.13 20.82
CA ILE A 153 29.94 -18.86 19.38
C ILE A 153 29.09 -17.67 18.93
N GLY A 154 29.75 -16.71 18.30
CA GLY A 154 29.10 -15.55 17.67
C GLY A 154 29.13 -15.67 16.16
N PHE A 155 27.97 -15.86 15.53
CA PHE A 155 27.85 -16.01 14.07
C PHE A 155 27.83 -14.62 13.40
N ARG A 156 28.73 -14.44 12.44
CA ARG A 156 29.02 -13.12 11.80
C ARG A 156 27.92 -12.76 10.80
N PHE A 157 27.53 -11.49 10.76
CA PHE A 157 26.64 -10.91 9.71
C PHE A 157 25.37 -11.73 9.60
N GLY A 158 24.63 -11.83 10.70
CA GLY A 158 23.25 -12.37 10.69
C GLY A 158 23.24 -13.80 10.21
N TYR A 159 22.13 -14.26 9.66
CA TYR A 159 21.88 -15.67 9.33
C TYR A 159 22.92 -16.19 8.33
N TRP A 160 23.48 -15.32 7.49
CA TRP A 160 24.58 -15.63 6.53
C TRP A 160 25.76 -16.32 7.24
N GLY A 161 25.96 -16.04 8.52
CA GLY A 161 27.07 -16.60 9.33
C GLY A 161 26.78 -17.99 9.86
N LEU A 162 25.59 -18.55 9.55
CA LEU A 162 25.22 -19.97 9.81
C LEU A 162 25.14 -20.76 8.49
N SER A 163 25.05 -20.08 7.34
CA SER A 163 25.14 -20.70 5.99
C SER A 163 26.47 -21.45 5.91
N LYS A 164 26.52 -22.58 5.19
CA LYS A 164 27.77 -23.35 4.97
C LYS A 164 28.90 -22.38 4.57
N LYS A 165 28.58 -21.46 3.66
CA LYS A 165 29.52 -20.51 2.99
C LYS A 165 30.01 -19.40 3.96
N GLY A 166 29.34 -19.15 5.10
CA GLY A 166 29.77 -18.12 6.06
C GLY A 166 29.91 -18.61 7.48
N SER A 167 29.67 -19.90 7.72
CA SER A 167 29.92 -20.57 9.02
C SER A 167 31.42 -20.54 9.30
N GLN A 168 32.22 -20.37 8.24
CA GLN A 168 33.69 -20.24 8.31
C GLN A 168 34.07 -18.97 9.06
N THR A 169 33.18 -17.98 9.15
CA THR A 169 33.50 -16.62 9.66
C THR A 169 33.16 -16.48 11.13
N ALA A 170 32.41 -17.43 11.71
CA ALA A 170 31.96 -17.40 13.13
C ALA A 170 33.17 -17.22 14.05
N ILE A 171 32.95 -16.75 15.30
CA ILE A 171 34.03 -16.35 16.25
C ILE A 171 33.70 -16.86 17.66
N GLU A 172 34.74 -17.03 18.48
CA GLU A 172 34.64 -17.41 19.92
C GLU A 172 34.42 -16.15 20.74
N LEU A 173 33.41 -16.18 21.60
CA LEU A 173 33.08 -15.07 22.54
C LEU A 173 33.54 -15.46 23.95
N HIS A 174 34.83 -15.29 24.24
CA HIS A 174 35.43 -15.33 25.60
C HIS A 174 35.24 -13.97 26.26
N ARG A 175 35.33 -13.92 27.59
CA ARG A 175 35.28 -12.66 28.37
C ARG A 175 36.12 -11.60 27.64
N GLY A 176 37.40 -11.89 27.38
CA GLY A 176 38.37 -10.94 26.79
C GLY A 176 37.85 -10.24 25.54
N ARG A 177 36.93 -10.86 24.80
CA ARG A 177 36.47 -10.37 23.47
C ARG A 177 35.28 -9.41 23.64
N VAL A 178 34.55 -9.51 24.75
CA VAL A 178 33.29 -8.76 25.00
C VAL A 178 33.50 -7.75 26.13
N THR A 179 34.74 -7.58 26.60
CA THR A 179 35.06 -6.84 27.85
C THR A 179 34.35 -5.47 27.82
N ASN A 180 34.53 -4.70 26.75
CA ASN A 180 34.07 -3.30 26.68
C ASN A 180 33.25 -3.07 25.42
N ILE A 181 32.77 -4.11 24.75
CA ILE A 181 31.94 -3.94 23.52
C ILE A 181 30.66 -3.14 23.81
N HIS A 182 30.14 -3.19 25.04
CA HIS A 182 28.88 -2.53 25.43
C HIS A 182 29.02 -1.01 25.36
N HIS A 183 30.24 -0.48 25.41
CA HIS A 183 30.54 0.96 25.31
C HIS A 183 30.39 1.45 23.88
N TYR A 184 29.91 0.61 22.96
CA TYR A 184 29.90 0.96 21.51
C TYR A 184 28.60 0.49 20.85
N GLY A 185 28.36 1.08 19.69
CA GLY A 185 27.09 0.91 18.96
C GLY A 185 27.29 0.01 17.79
N GLY A 186 26.20 -0.46 17.21
CA GLY A 186 26.25 -1.57 16.23
C GLY A 186 26.58 -2.87 16.94
N THR A 187 27.18 -3.83 16.22
CA THR A 187 27.35 -5.23 16.64
C THR A 187 28.73 -5.76 16.21
N ILE A 188 29.51 -6.30 17.15
CA ILE A 188 30.84 -6.92 16.86
C ILE A 188 30.66 -8.15 15.96
N LEU A 189 29.56 -8.89 16.13
CA LEU A 189 29.20 -10.04 15.26
C LEU A 189 28.90 -9.54 13.85
N GLY A 190 28.46 -8.28 13.71
CA GLY A 190 27.91 -7.78 12.45
C GLY A 190 26.55 -8.38 12.18
N SER A 191 25.83 -7.81 11.21
CA SER A 191 24.43 -8.15 10.89
C SER A 191 24.23 -8.22 9.38
N SER A 192 23.07 -8.73 8.96
CA SER A 192 22.61 -8.75 7.55
C SER A 192 21.11 -9.07 7.53
N ARG A 193 20.42 -8.58 6.51
CA ARG A 193 18.96 -8.74 6.35
C ARG A 193 18.71 -10.05 5.61
N GLY A 194 17.45 -10.51 5.65
CA GLY A 194 16.98 -11.59 4.78
C GLY A 194 17.28 -12.96 5.37
N PRO A 195 16.84 -14.04 4.71
CA PRO A 195 16.87 -15.38 5.29
C PRO A 195 18.08 -16.17 4.79
N GLN A 196 18.25 -17.40 5.29
CA GLN A 196 19.13 -18.42 4.67
C GLN A 196 18.34 -19.73 4.59
N ASP A 197 18.95 -20.80 4.07
CA ASP A 197 18.37 -22.16 4.05
C ASP A 197 18.31 -22.69 5.48
N PRO A 198 17.11 -22.97 6.04
CA PRO A 198 16.98 -23.54 7.38
C PRO A 198 17.84 -24.79 7.59
N LYS A 199 17.85 -25.68 6.59
CA LYS A 199 18.63 -26.94 6.65
C LYS A 199 20.12 -26.58 6.83
N GLU A 200 20.70 -25.73 5.98
CA GLU A 200 22.11 -25.30 6.06
C GLU A 200 22.44 -24.86 7.49
N MET A 201 21.56 -24.04 8.08
CA MET A 201 21.79 -23.40 9.40
C MET A 201 21.75 -24.47 10.50
N VAL A 202 20.75 -25.36 10.51
CA VAL A 202 20.65 -26.46 11.52
C VAL A 202 21.87 -27.39 11.37
N ASP A 203 22.33 -27.61 10.12
CA ASP A 203 23.58 -28.37 9.78
C ASP A 203 24.74 -27.73 10.56
N THR A 204 24.94 -26.42 10.43
CA THR A 204 26.02 -25.68 11.10
C THR A 204 25.87 -25.77 12.63
N LEU A 205 24.64 -25.70 13.15
CA LEU A 205 24.37 -25.75 14.61
C LEU A 205 24.81 -27.12 15.17
N GLU A 206 24.39 -28.20 14.51
CA GLU A 206 24.78 -29.58 14.88
C GLU A 206 26.31 -29.71 14.82
N ARG A 207 26.91 -29.30 13.70
CA ARG A 207 28.38 -29.45 13.47
C ARG A 207 29.16 -28.72 14.57
N LEU A 208 28.67 -27.59 15.07
CA LEU A 208 29.38 -26.76 16.08
C LEU A 208 28.90 -27.09 17.51
N GLY A 209 27.94 -28.02 17.62
CA GLY A 209 27.45 -28.53 18.91
C GLY A 209 26.74 -27.45 19.69
N VAL A 210 26.08 -26.53 18.97
CA VAL A 210 25.32 -25.38 19.53
C VAL A 210 24.02 -25.92 20.14
N ASN A 211 23.91 -25.85 21.46
CA ASN A 211 22.75 -26.37 22.24
C ASN A 211 21.66 -25.29 22.30
N ILE A 212 22.04 -24.01 22.32
CA ILE A 212 21.11 -22.84 22.40
C ILE A 212 21.55 -21.79 21.38
N LEU A 213 20.62 -21.38 20.49
CA LEU A 213 20.82 -20.31 19.46
C LEU A 213 19.93 -19.12 19.83
N PHE A 214 20.54 -17.98 20.19
CA PHE A 214 19.89 -16.69 20.54
C PHE A 214 19.80 -15.83 19.27
N THR A 215 18.58 -15.61 18.78
CA THR A 215 18.28 -14.80 17.57
C THR A 215 17.95 -13.37 18.01
N VAL A 216 18.90 -12.44 17.82
CA VAL A 216 18.72 -10.99 18.12
C VAL A 216 18.33 -10.30 16.81
N GLY A 217 17.04 -10.06 16.60
CA GLY A 217 16.51 -9.38 15.41
C GLY A 217 15.05 -9.01 15.53
N GLY A 218 14.48 -8.50 14.43
CA GLY A 218 13.08 -8.02 14.33
C GLY A 218 12.14 -9.17 14.02
N ASP A 219 10.91 -8.82 13.61
CA ASP A 219 9.82 -9.77 13.23
C ASP A 219 10.39 -10.90 12.37
N GLY A 220 10.92 -10.54 11.20
CA GLY A 220 11.44 -11.48 10.20
C GLY A 220 12.41 -12.48 10.80
N THR A 221 13.38 -11.99 11.58
CA THR A 221 14.41 -12.80 12.27
C THR A 221 13.73 -13.89 13.10
N GLN A 222 12.80 -13.50 13.97
CA GLN A 222 12.16 -14.45 14.92
C GLN A 222 11.29 -15.44 14.16
N ARG A 223 10.68 -15.03 13.04
CA ARG A 223 9.89 -15.96 12.18
C ARG A 223 10.83 -17.00 11.56
N GLY A 224 12.02 -16.57 11.12
CA GLY A 224 13.12 -17.45 10.69
C GLY A 224 13.54 -18.40 11.80
N ALA A 225 13.65 -17.89 13.02
CA ALA A 225 14.07 -18.64 14.24
C ALA A 225 13.06 -19.74 14.55
N LEU A 226 11.77 -19.50 14.32
CA LEU A 226 10.72 -20.54 14.48
C LEU A 226 10.92 -21.62 13.39
N VAL A 227 11.28 -21.22 12.16
CA VAL A 227 11.57 -22.17 11.04
C VAL A 227 12.73 -23.08 11.47
N ILE A 228 13.81 -22.51 12.00
CA ILE A 228 15.01 -23.26 12.50
C ILE A 228 14.55 -24.20 13.63
N SER A 229 13.72 -23.72 14.55
CA SER A 229 13.17 -24.49 15.69
C SER A 229 12.46 -25.75 15.18
N GLN A 230 11.56 -25.58 14.20
CA GLN A 230 10.69 -26.66 13.65
C GLN A 230 11.51 -27.61 12.77
N GLU A 231 12.62 -27.13 12.19
CA GLU A 231 13.57 -27.94 11.38
C GLU A 231 14.40 -28.83 12.32
N ALA A 232 14.98 -28.24 13.37
CA ALA A 232 15.80 -28.92 14.40
C ALA A 232 14.93 -29.92 15.18
N LYS A 233 13.62 -29.67 15.33
CA LYS A 233 12.68 -30.62 15.97
C LYS A 233 12.26 -31.69 14.95
N ARG A 234 12.23 -31.36 13.65
CA ARG A 234 11.98 -32.37 12.56
C ARG A 234 13.10 -33.41 12.56
N ARG A 235 14.33 -33.00 12.93
CA ARG A 235 15.51 -33.90 13.03
C ARG A 235 15.64 -34.51 14.42
N GLY A 236 14.88 -34.01 15.41
CA GLY A 236 14.90 -34.47 16.81
C GLY A 236 16.19 -34.07 17.51
N VAL A 237 16.77 -32.94 17.11
CA VAL A 237 18.05 -32.40 17.66
C VAL A 237 17.72 -31.47 18.83
N ASP A 238 18.35 -31.73 19.99
CA ASP A 238 18.18 -30.97 21.27
C ASP A 238 18.86 -29.61 21.11
N ILE A 239 18.17 -28.68 20.45
CA ILE A 239 18.58 -27.24 20.32
C ILE A 239 17.43 -26.37 20.82
N SER A 240 17.74 -25.33 21.59
CA SER A 240 16.79 -24.28 22.04
C SER A 240 17.03 -23.03 21.21
N VAL A 241 16.03 -22.61 20.42
CA VAL A 241 16.05 -21.31 19.66
C VAL A 241 15.27 -20.28 20.48
N PHE A 242 15.94 -19.20 20.89
CA PHE A 242 15.39 -18.17 21.82
C PHE A 242 15.63 -16.78 21.23
N GLY A 243 14.56 -15.98 21.13
CA GLY A 243 14.57 -14.66 20.49
C GLY A 243 14.77 -13.53 21.49
N VAL A 244 15.67 -12.58 21.18
CA VAL A 244 15.77 -11.28 21.89
C VAL A 244 15.26 -10.22 20.92
N PRO A 245 14.03 -9.72 21.12
CA PRO A 245 13.39 -8.80 20.19
C PRO A 245 14.16 -7.48 20.01
N LYS A 246 14.72 -7.31 18.82
CA LYS A 246 15.40 -6.06 18.39
C LYS A 246 14.43 -5.23 17.54
N THR A 247 13.73 -4.29 18.17
CA THR A 247 12.97 -3.22 17.46
C THR A 247 13.15 -1.90 18.22
N ILE A 248 13.62 -0.88 17.52
CA ILE A 248 13.82 0.49 18.04
C ILE A 248 12.45 1.18 18.09
N ASP A 249 11.55 0.81 17.15
CA ASP A 249 10.20 1.41 16.98
C ASP A 249 9.31 1.07 18.19
N ASN A 250 9.68 0.06 18.98
CA ASN A 250 8.96 -0.40 20.20
C ASN A 250 7.53 -0.83 19.85
N ASP A 251 7.32 -1.37 18.64
CA ASP A 251 5.98 -1.79 18.15
C ASP A 251 5.76 -3.27 18.45
N LEU A 252 6.51 -3.85 19.40
CA LEU A 252 6.38 -5.28 19.78
C LEU A 252 5.12 -5.46 20.64
N SER A 253 4.23 -6.36 20.23
CA SER A 253 3.05 -6.82 21.00
C SER A 253 3.52 -7.59 22.25
N PHE A 254 2.69 -7.63 23.28
CA PHE A 254 2.98 -8.19 24.62
C PHE A 254 4.25 -7.54 25.19
N SER A 255 4.46 -6.26 24.87
CA SER A 255 5.67 -5.48 25.24
C SER A 255 5.29 -4.01 25.38
N HIS A 256 5.71 -3.39 26.47
CA HIS A 256 5.63 -1.92 26.68
C HIS A 256 6.95 -1.27 26.29
N ARG A 257 8.04 -2.03 26.36
CA ARG A 257 9.40 -1.54 26.05
C ARG A 257 10.23 -2.63 25.37
N THR A 258 11.00 -2.20 24.36
CA THR A 258 12.07 -3.01 23.74
C THR A 258 13.39 -2.27 23.92
N PHE A 259 14.49 -3.01 23.94
CA PHE A 259 15.82 -2.43 24.22
C PHE A 259 16.13 -1.53 23.03
N GLY A 260 16.71 -0.37 23.34
CA GLY A 260 17.15 0.64 22.35
C GLY A 260 16.17 1.79 22.24
N PHE A 261 14.91 1.60 22.64
CA PHE A 261 13.83 2.61 22.42
C PHE A 261 14.18 3.91 23.13
N GLN A 262 14.34 3.86 24.45
CA GLN A 262 14.61 5.08 25.26
C GLN A 262 15.77 5.85 24.65
N THR A 263 16.88 5.20 24.33
CA THR A 263 18.07 5.85 23.74
C THR A 263 17.66 6.52 22.43
N ALA A 264 16.85 5.84 21.63
CA ALA A 264 16.39 6.35 20.31
C ALA A 264 15.66 7.68 20.52
N VAL A 265 14.67 7.70 21.43
CA VAL A 265 13.93 8.95 21.83
C VAL A 265 14.96 10.02 22.14
N GLU A 266 15.83 9.78 23.13
CA GLU A 266 16.85 10.77 23.58
C GLU A 266 17.54 11.40 22.35
N LYS A 267 17.92 10.56 21.39
CA LYS A 267 18.70 11.00 20.20
C LYS A 267 17.79 11.81 19.27
N ALA A 268 16.60 11.27 18.98
CA ALA A 268 15.56 11.92 18.18
C ALA A 268 15.41 13.37 18.67
N VAL A 269 15.20 13.54 19.98
CA VAL A 269 14.96 14.87 20.62
C VAL A 269 16.14 15.78 20.27
N GLN A 270 17.37 15.29 20.33
CA GLN A 270 18.57 16.11 20.02
C GLN A 270 18.57 16.51 18.55
N ALA A 271 18.03 15.68 17.68
CA ALA A 271 17.95 15.96 16.22
C ALA A 271 16.89 17.05 15.99
N ILE A 272 15.74 16.93 16.65
CA ILE A 272 14.64 17.94 16.60
C ILE A 272 15.23 19.29 17.05
N ARG A 273 15.99 19.33 18.15
CA ARG A 273 16.55 20.60 18.68
C ARG A 273 17.43 21.28 17.62
N ALA A 274 18.13 20.53 16.77
CA ALA A 274 18.98 21.11 15.71
C ALA A 274 18.13 21.54 14.53
N ALA A 275 17.10 20.76 14.22
CA ALA A 275 16.12 21.05 13.15
C ALA A 275 15.48 22.40 13.46
N TYR A 276 15.04 22.55 14.72
CA TYR A 276 14.37 23.74 15.29
C TYR A 276 15.30 24.95 15.17
N ALA A 277 16.53 24.88 15.70
CA ALA A 277 17.48 26.01 15.65
C ALA A 277 17.78 26.38 14.18
N GLU A 278 17.81 25.40 13.28
CA GLU A 278 18.08 25.62 11.83
C GLU A 278 16.88 26.37 11.21
N ALA A 279 15.66 25.97 11.58
CA ALA A 279 14.40 26.51 11.04
C ALA A 279 14.14 27.91 11.60
N VAL A 280 14.31 28.12 12.91
CA VAL A 280 14.06 29.39 13.62
C VAL A 280 14.95 30.48 13.03
N SER A 281 16.16 30.15 12.62
CA SER A 281 17.17 31.14 12.19
C SER A 281 16.79 31.72 10.82
N ALA A 282 15.76 31.17 10.17
CA ALA A 282 15.29 31.58 8.82
C ALA A 282 13.90 32.20 8.90
N ASN A 283 13.65 33.19 8.05
CA ASN A 283 12.29 33.76 7.82
C ASN A 283 11.50 32.73 7.00
N TYR A 284 10.27 32.41 7.43
CA TYR A 284 9.45 31.29 6.91
C TYR A 284 10.37 30.09 6.67
N GLY A 285 10.92 29.58 7.77
CA GLY A 285 11.83 28.42 7.80
C GLY A 285 11.09 27.15 8.20
N VAL A 286 11.23 26.10 7.40
CA VAL A 286 10.68 24.76 7.69
C VAL A 286 11.85 23.82 7.95
N GLY A 287 11.77 23.05 9.04
CA GLY A 287 12.65 21.90 9.30
C GLY A 287 11.86 20.60 9.20
N VAL A 288 12.19 19.76 8.22
CA VAL A 288 11.67 18.37 8.12
C VAL A 288 12.70 17.45 8.76
N VAL A 289 12.26 16.61 9.70
CA VAL A 289 13.18 15.64 10.38
C VAL A 289 12.49 14.28 10.41
N LYS A 290 13.11 13.31 9.73
CA LYS A 290 12.63 11.91 9.59
C LYS A 290 13.07 11.11 10.81
N LEU A 291 12.13 10.63 11.61
CA LEU A 291 12.42 9.72 12.74
C LEU A 291 11.96 8.31 12.36
N MET A 292 12.26 7.34 13.20
CA MET A 292 11.97 5.92 12.92
C MET A 292 10.47 5.70 13.11
N GLY A 293 9.97 4.67 12.44
CA GLY A 293 8.57 4.24 12.54
C GLY A 293 8.12 3.69 11.20
N ARG A 294 8.28 2.39 10.97
CA ARG A 294 7.73 1.72 9.76
C ARG A 294 6.23 1.47 10.00
N ASP A 295 5.90 0.87 11.15
CA ASP A 295 4.55 0.34 11.49
C ASP A 295 3.93 1.21 12.59
N SER A 296 4.73 1.52 13.62
CA SER A 296 4.40 2.47 14.69
C SER A 296 4.82 3.89 14.28
N GLY A 297 4.61 4.85 15.19
CA GLY A 297 5.34 6.13 15.23
C GLY A 297 5.62 6.54 16.67
N PHE A 298 5.93 5.58 17.54
CA PHE A 298 6.14 5.80 18.99
C PHE A 298 7.29 6.78 19.20
N ILE A 299 8.37 6.62 18.42
CA ILE A 299 9.54 7.55 18.51
C ILE A 299 9.06 8.95 18.13
N ALA A 300 8.48 9.10 16.94
CA ALA A 300 7.94 10.38 16.42
C ALA A 300 7.10 11.07 17.51
N ALA A 301 6.14 10.36 18.11
CA ALA A 301 5.21 10.88 19.14
C ALA A 301 6.00 11.33 20.36
N GLN A 302 6.69 10.41 21.05
CA GLN A 302 7.38 10.68 22.34
C GLN A 302 8.41 11.80 22.16
N ALA A 303 9.12 11.82 21.03
CA ALA A 303 10.15 12.84 20.73
C ALA A 303 9.49 14.19 20.50
N ALA A 304 8.43 14.23 19.69
CA ALA A 304 7.63 15.45 19.47
C ALA A 304 7.26 16.06 20.83
N VAL A 305 6.55 15.29 21.67
CA VAL A 305 6.09 15.76 23.01
C VAL A 305 7.29 16.22 23.83
N ALA A 306 8.35 15.41 23.97
CA ALA A 306 9.47 15.67 24.88
C ALA A 306 10.22 16.95 24.47
N SER A 307 10.50 17.13 23.19
CA SER A 307 11.18 18.34 22.67
C SER A 307 10.28 19.54 22.93
N ALA A 308 8.98 19.34 22.65
CA ALA A 308 7.96 20.39 22.56
C ALA A 308 8.44 21.42 21.55
N GLN A 309 8.94 20.98 20.40
CA GLN A 309 9.36 21.88 19.28
C GLN A 309 8.68 21.43 17.98
N ALA A 310 7.82 20.42 18.05
CA ALA A 310 7.11 19.83 16.89
C ALA A 310 5.84 20.63 16.64
N ASN A 311 5.69 21.19 15.44
CA ASN A 311 4.48 21.94 15.01
C ASN A 311 3.55 20.99 14.22
N ILE A 312 4.11 20.03 13.50
CA ILE A 312 3.37 18.95 12.77
C ILE A 312 4.09 17.63 13.02
N CYS A 313 3.35 16.58 13.26
CA CYS A 313 3.86 15.22 13.59
C CYS A 313 3.13 14.17 12.73
N LEU A 314 3.78 13.69 11.66
CA LEU A 314 3.24 12.70 10.70
C LEU A 314 3.69 11.30 11.12
N VAL A 315 2.73 10.43 11.41
CA VAL A 315 2.95 9.02 11.82
C VAL A 315 2.04 8.12 10.99
N PRO A 316 2.43 6.84 10.76
CA PRO A 316 1.67 5.92 9.93
C PRO A 316 0.22 5.70 10.37
N GLU A 317 -0.01 5.71 11.69
CA GLU A 317 -1.32 5.46 12.34
C GLU A 317 -2.35 6.51 11.90
N ASN A 318 -1.89 7.72 11.55
CA ASN A 318 -2.73 8.88 11.17
C ASN A 318 -2.32 9.37 9.78
N PRO A 319 -2.70 8.64 8.71
CA PRO A 319 -2.31 9.03 7.35
C PRO A 319 -3.19 10.19 6.92
N ILE A 320 -2.59 11.24 6.36
CA ILE A 320 -3.30 12.46 5.89
C ILE A 320 -2.78 12.81 4.50
N SER A 321 -3.54 13.61 3.75
CA SER A 321 -3.17 14.01 2.36
C SER A 321 -2.04 15.05 2.40
N GLU A 322 -1.38 15.20 1.26
CA GLU A 322 -0.39 16.27 0.95
C GLU A 322 -0.98 17.64 1.32
N GLN A 323 -2.20 17.94 0.83
CA GLN A 323 -2.89 19.24 1.03
C GLN A 323 -3.20 19.43 2.52
N GLU A 324 -3.51 18.37 3.25
CA GLU A 324 -3.74 18.45 4.72
C GLU A 324 -2.48 18.96 5.40
N VAL A 325 -1.33 18.39 5.04
CA VAL A 325 0.00 18.83 5.53
C VAL A 325 0.18 20.31 5.19
N MET A 326 0.16 20.66 3.90
CA MET A 326 0.44 22.04 3.44
C MET A 326 -0.51 23.05 4.12
N SER A 327 -1.72 22.61 4.47
CA SER A 327 -2.74 23.42 5.18
C SER A 327 -2.27 23.67 6.62
N LEU A 328 -1.75 22.65 7.29
CA LEU A 328 -1.18 22.79 8.66
C LEU A 328 0.01 23.76 8.61
N LEU A 329 0.89 23.63 7.61
CA LEU A 329 2.08 24.51 7.44
C LEU A 329 1.60 25.96 7.28
N GLU A 330 0.62 26.13 6.39
CA GLU A 330 -0.03 27.43 6.08
C GLU A 330 -0.57 28.07 7.36
N ARG A 331 -1.30 27.29 8.17
CA ARG A 331 -1.85 27.73 9.48
C ARG A 331 -0.68 28.23 10.34
N ARG A 332 0.33 27.38 10.53
CA ARG A 332 1.51 27.71 11.35
C ARG A 332 2.09 29.06 10.90
N PHE A 333 2.22 29.28 9.59
CA PHE A 333 2.88 30.50 9.04
C PHE A 333 1.98 31.75 9.19
N CYS A 334 0.70 31.58 9.56
CA CYS A 334 -0.23 32.70 9.91
C CYS A 334 0.29 33.44 11.15
N HIS A 335 0.82 32.72 12.14
CA HIS A 335 1.25 33.34 13.44
C HIS A 335 2.78 33.24 13.65
N SER A 336 3.46 32.22 13.12
CA SER A 336 4.93 32.02 13.35
C SER A 336 5.70 32.01 12.02
N ARG A 337 6.98 32.38 12.06
CA ARG A 337 7.90 32.41 10.87
C ARG A 337 8.72 31.11 10.80
N SER A 338 8.24 30.08 11.52
CA SER A 338 9.04 28.89 11.87
C SER A 338 8.10 27.69 11.96
N CYS A 339 8.38 26.62 11.21
CA CYS A 339 7.66 25.33 11.33
C CYS A 339 8.64 24.17 11.38
N VAL A 340 8.40 23.22 12.29
CA VAL A 340 9.18 21.95 12.45
C VAL A 340 8.21 20.77 12.28
N ILE A 341 8.55 19.88 11.34
CA ILE A 341 7.73 18.71 10.91
C ILE A 341 8.49 17.42 11.27
N ILE A 342 7.94 16.64 12.20
CA ILE A 342 8.38 15.25 12.54
C ILE A 342 7.68 14.32 11.56
N VAL A 343 8.41 13.49 10.80
CA VAL A 343 7.80 12.49 9.87
C VAL A 343 8.39 11.11 10.17
N ALA A 344 7.55 10.12 10.45
CA ALA A 344 7.94 8.70 10.63
C ALA A 344 8.22 8.12 9.24
N GLU A 345 9.31 7.35 9.07
CA GLU A 345 9.76 6.82 7.75
C GLU A 345 8.66 6.00 7.07
N GLY A 346 7.71 5.49 7.85
CA GLY A 346 6.58 4.65 7.39
C GLY A 346 5.33 5.46 7.06
N PHE A 347 5.35 6.79 7.22
CA PHE A 347 4.20 7.66 6.88
C PHE A 347 4.14 7.85 5.37
N GLY A 348 2.92 8.11 4.85
CA GLY A 348 2.66 8.55 3.46
C GLY A 348 3.35 7.66 2.46
N GLN A 349 3.11 6.35 2.57
CA GLN A 349 3.71 5.31 1.69
C GLN A 349 2.78 5.10 0.48
N ASP A 350 2.10 6.16 0.03
CA ASP A 350 1.24 6.16 -1.19
C ASP A 350 1.47 7.46 -1.97
N TRP A 351 2.50 8.23 -1.63
CA TRP A 351 2.88 9.53 -2.22
C TRP A 351 3.85 9.24 -3.38
N LEU A 366 11.00 0.95 -0.19
CA LEU A 366 9.74 1.51 0.40
C LEU A 366 10.03 2.98 0.83
N ILE A 367 9.20 3.93 0.40
CA ILE A 367 9.59 5.18 -0.32
C ILE A 367 10.13 6.21 0.68
N ASP A 368 11.18 6.95 0.29
CA ASP A 368 11.89 7.93 1.16
C ASP A 368 10.99 9.16 1.39
N ILE A 369 10.04 9.01 2.30
CA ILE A 369 8.99 10.03 2.61
C ILE A 369 9.66 11.31 3.08
N GLY A 370 10.82 11.22 3.75
CA GLY A 370 11.61 12.39 4.14
C GLY A 370 11.88 13.30 2.96
N VAL A 371 12.47 12.74 1.89
CA VAL A 371 12.92 13.51 0.69
C VAL A 371 11.68 13.95 -0.10
N ILE A 372 10.69 13.06 -0.25
CA ILE A 372 9.39 13.38 -0.93
C ILE A 372 8.79 14.61 -0.25
N LEU A 373 8.41 14.48 1.02
CA LEU A 373 7.78 15.53 1.87
C LEU A 373 8.58 16.83 1.74
N THR A 374 9.91 16.74 1.82
CA THR A 374 10.82 17.90 1.65
C THR A 374 10.52 18.61 0.31
N GLU A 375 10.56 17.88 -0.81
CA GLU A 375 10.38 18.50 -2.16
C GLU A 375 8.95 19.02 -2.31
N LYS A 376 7.96 18.31 -1.75
CA LYS A 376 6.52 18.70 -1.79
C LYS A 376 6.37 20.08 -1.15
N VAL A 377 6.89 20.24 0.07
CA VAL A 377 6.86 21.51 0.83
C VAL A 377 7.57 22.60 0.00
N LYS A 378 8.75 22.30 -0.53
CA LYS A 378 9.54 23.29 -1.32
C LYS A 378 8.73 23.80 -2.51
N ALA A 379 8.06 22.89 -3.23
CA ALA A 379 7.25 23.19 -4.43
C ALA A 379 5.99 23.99 -4.02
N PHE A 380 5.45 23.71 -2.84
CA PHE A 380 4.27 24.42 -2.27
C PHE A 380 4.64 25.87 -1.94
N LEU A 381 5.81 26.08 -1.32
CA LEU A 381 6.32 27.42 -0.92
C LEU A 381 6.75 28.21 -2.16
N LYS A 382 7.30 27.53 -3.18
CA LYS A 382 7.69 28.22 -4.45
C LYS A 382 6.41 28.62 -5.21
N ALA A 383 5.34 27.84 -5.09
CA ALA A 383 3.94 28.25 -5.35
C ALA A 383 3.73 28.95 -4.02
N ASN A 384 3.12 30.10 -3.99
CA ASN A 384 2.87 30.92 -2.75
C ASN A 384 4.09 31.78 -2.35
N LYS A 385 5.11 31.96 -3.21
CA LYS A 385 6.22 32.92 -2.97
C LYS A 385 5.62 34.30 -2.67
N SER A 386 4.55 34.66 -3.38
CA SER A 386 3.68 35.85 -3.14
C SER A 386 3.54 36.10 -1.64
N ARG A 387 3.04 35.09 -0.91
CA ARG A 387 2.67 35.19 0.54
C ARG A 387 3.90 34.91 1.43
N TYR A 388 4.66 33.84 1.15
CA TYR A 388 5.87 33.44 1.90
C TYR A 388 7.10 33.74 1.05
N PRO A 389 7.54 35.03 0.99
CA PRO A 389 8.44 35.50 -0.07
C PRO A 389 9.81 34.80 0.02
N ASP A 390 10.76 35.35 0.77
CA ASP A 390 11.95 34.57 1.21
C ASP A 390 11.38 33.41 2.05
N SER A 391 11.84 32.17 1.81
CA SER A 391 11.49 30.96 2.61
C SER A 391 12.55 29.87 2.39
N THR A 392 12.75 29.01 3.40
CA THR A 392 13.83 27.97 3.40
C THR A 392 13.30 26.66 3.99
N VAL A 393 13.62 25.53 3.35
CA VAL A 393 13.20 24.17 3.80
C VAL A 393 14.45 23.33 3.99
N LYS A 394 14.60 22.75 5.18
CA LYS A 394 15.80 21.98 5.61
C LYS A 394 15.37 20.55 5.92
N TYR A 395 15.94 19.56 5.24
CA TYR A 395 15.70 18.12 5.53
C TYR A 395 16.81 17.62 6.45
N ILE A 396 16.47 16.73 7.37
CA ILE A 396 17.42 16.12 8.34
C ILE A 396 17.09 14.64 8.45
N ASP A 397 18.06 13.77 8.09
CA ASP A 397 17.95 12.31 8.32
C ASP A 397 18.91 11.95 9.45
N PRO A 398 18.41 11.96 10.70
CA PRO A 398 19.22 11.62 11.86
C PRO A 398 19.22 10.11 12.12
N SER A 399 18.76 9.32 11.16
CA SER A 399 18.58 7.85 11.31
C SER A 399 19.87 7.20 11.80
N TYR A 400 21.00 7.66 11.26
CA TYR A 400 22.35 7.10 11.48
C TYR A 400 22.79 7.34 12.94
N MET A 401 22.59 8.57 13.45
CA MET A 401 23.01 8.99 14.81
C MET A 401 22.10 8.34 15.86
N ILE A 402 20.89 7.93 15.47
CA ILE A 402 19.91 7.25 16.37
C ILE A 402 20.24 5.77 16.52
N ARG A 403 20.47 5.02 15.42
CA ARG A 403 20.71 3.55 15.55
C ARG A 403 22.13 3.28 16.08
N ALA A 404 23.11 4.01 15.56
CA ALA A 404 24.53 3.56 15.52
C ALA A 404 25.28 4.03 16.75
N CYS A 405 24.63 4.03 17.91
CA CYS A 405 25.21 4.65 19.11
C CYS A 405 24.98 3.72 20.28
N PRO A 406 25.87 3.76 21.29
CA PRO A 406 25.68 2.98 22.50
C PRO A 406 24.41 3.39 23.20
N PRO A 407 23.89 2.53 24.08
CA PRO A 407 22.67 2.85 24.81
C PRO A 407 22.87 3.85 25.96
N SER A 408 21.81 4.57 26.33
CA SER A 408 21.68 5.26 27.64
C SER A 408 21.83 4.21 28.74
N ALA A 409 22.38 4.56 29.90
CA ALA A 409 22.61 3.66 31.06
C ALA A 409 21.33 2.89 31.40
N ASN A 410 20.17 3.52 31.27
CA ASN A 410 18.86 2.85 31.54
C ASN A 410 18.62 1.76 30.51
N ASP A 411 18.94 1.99 29.23
CA ASP A 411 18.76 0.96 28.17
C ASP A 411 19.83 -0.13 28.35
N ALA A 412 21.04 0.23 28.79
CA ALA A 412 22.15 -0.70 29.03
C ALA A 412 21.74 -1.70 30.10
N LEU A 413 21.23 -1.20 31.22
CA LEU A 413 20.74 -2.07 32.32
C LEU A 413 19.63 -2.97 31.80
N PHE A 414 18.77 -2.43 30.94
CA PHE A 414 17.58 -3.15 30.40
C PHE A 414 18.06 -4.29 29.48
N CYS A 415 19.01 -4.00 28.59
CA CYS A 415 19.68 -4.99 27.71
C CYS A 415 20.25 -6.10 28.58
N ALA A 416 21.08 -5.72 29.56
CA ALA A 416 21.76 -6.67 30.47
C ALA A 416 20.73 -7.63 31.07
N THR A 417 19.62 -7.10 31.58
CA THR A 417 18.56 -7.91 32.24
C THR A 417 17.85 -8.79 31.21
N LEU A 418 17.42 -8.23 30.08
CA LEU A 418 16.74 -9.00 28.99
C LEU A 418 17.60 -10.23 28.66
N ALA A 419 18.89 -10.00 28.37
CA ALA A 419 19.89 -11.05 28.09
C ALA A 419 19.96 -12.06 29.24
N THR A 420 20.49 -11.67 30.41
CA THR A 420 20.72 -12.59 31.57
C THR A 420 19.47 -13.46 31.76
N LEU A 421 18.25 -12.91 31.70
CA LEU A 421 17.00 -13.71 31.89
C LEU A 421 16.78 -14.68 30.72
N ALA A 422 17.05 -14.23 29.48
CA ALA A 422 16.91 -15.07 28.27
C ALA A 422 17.77 -16.32 28.43
N VAL A 423 18.98 -16.16 28.96
CA VAL A 423 19.94 -17.27 29.22
C VAL A 423 19.35 -18.15 30.33
N HIS A 424 18.96 -17.57 31.46
CA HIS A 424 18.37 -18.28 32.64
C HIS A 424 17.23 -19.22 32.19
N GLU A 425 16.49 -18.81 31.16
CA GLU A 425 15.28 -19.53 30.64
C GLU A 425 15.66 -20.55 29.56
N ALA A 426 16.59 -20.21 28.67
CA ALA A 426 17.05 -21.11 27.58
C ALA A 426 17.75 -22.32 28.21
N MET A 427 18.57 -22.10 29.24
CA MET A 427 19.22 -23.18 30.03
C MET A 427 18.15 -24.06 30.67
N ALA A 428 16.99 -23.50 30.99
CA ALA A 428 15.80 -24.21 31.53
C ALA A 428 14.86 -24.64 30.42
N GLY A 429 15.38 -24.82 29.20
CA GLY A 429 14.70 -25.51 28.09
C GLY A 429 13.60 -24.69 27.42
N ALA A 430 13.55 -23.37 27.63
CA ALA A 430 12.64 -22.50 26.87
C ALA A 430 13.09 -22.50 25.40
N THR A 431 12.14 -22.58 24.46
CA THR A 431 12.44 -22.48 23.00
C THR A 431 11.22 -21.94 22.23
N GLY A 432 11.45 -21.50 20.99
CA GLY A 432 10.42 -20.98 20.06
C GLY A 432 9.73 -19.75 20.61
N CYS A 433 10.41 -19.01 21.47
CA CYS A 433 9.82 -17.90 22.28
C CYS A 433 10.78 -16.71 22.31
N ILE A 434 10.24 -15.53 22.64
CA ILE A 434 11.00 -14.27 22.89
C ILE A 434 10.83 -13.87 24.36
N ILE A 435 11.72 -12.99 24.84
CA ILE A 435 11.57 -12.33 26.17
C ILE A 435 11.18 -10.86 25.93
N ALA A 436 10.13 -10.40 26.59
CA ALA A 436 9.73 -8.99 26.50
C ALA A 436 9.36 -8.48 27.88
N MET A 437 9.15 -7.16 27.97
CA MET A 437 8.82 -6.44 29.22
C MET A 437 7.37 -5.94 29.15
N ARG A 438 6.53 -6.39 30.09
CA ARG A 438 5.12 -5.93 30.26
C ARG A 438 4.88 -5.61 31.73
N HIS A 439 4.36 -4.42 32.03
CA HIS A 439 3.82 -4.09 33.37
C HIS A 439 4.92 -4.33 34.39
N ASN A 440 6.15 -3.90 34.11
CA ASN A 440 7.27 -3.96 35.08
C ASN A 440 7.75 -5.41 35.30
N ASN A 441 7.29 -6.36 34.47
CA ASN A 441 7.69 -7.78 34.61
C ASN A 441 8.23 -8.27 33.27
N TYR A 442 9.08 -9.30 33.33
CA TYR A 442 9.69 -9.98 32.16
C TYR A 442 8.87 -11.23 31.89
N ILE A 443 8.44 -11.40 30.63
CA ILE A 443 7.57 -12.53 30.24
C ILE A 443 8.18 -13.21 29.02
N LEU A 444 7.83 -14.49 28.85
CA LEU A 444 8.17 -15.33 27.68
C LEU A 444 6.95 -15.41 26.75
N VAL A 445 7.09 -14.98 25.51
CA VAL A 445 6.00 -14.98 24.50
C VAL A 445 6.38 -15.95 23.37
N PRO A 446 5.55 -16.96 23.06
CA PRO A 446 5.71 -17.75 21.84
C PRO A 446 5.87 -16.86 20.60
N ILE A 447 6.86 -17.17 19.75
CA ILE A 447 7.17 -16.38 18.51
C ILE A 447 5.92 -16.35 17.63
N LYS A 448 5.23 -17.49 17.51
CA LYS A 448 4.00 -17.63 16.70
C LYS A 448 3.01 -16.52 17.06
N VAL A 449 2.91 -16.15 18.34
CA VAL A 449 2.00 -15.11 18.89
C VAL A 449 2.58 -13.72 18.56
N ALA A 450 3.82 -13.48 18.99
CA ALA A 450 4.51 -12.17 18.91
C ALA A 450 4.57 -11.66 17.47
N THR A 451 4.56 -12.54 16.46
CA THR A 451 4.63 -12.16 15.02
C THR A 451 3.23 -11.98 14.43
N SER A 452 2.19 -12.38 15.17
CA SER A 452 0.78 -12.41 14.70
C SER A 452 0.13 -11.05 14.94
N VAL A 453 0.56 -10.32 15.97
CA VAL A 453 0.04 -8.97 16.33
C VAL A 453 1.21 -8.00 16.49
N ARG A 454 0.93 -6.72 16.31
CA ARG A 454 1.91 -5.61 16.53
C ARG A 454 1.21 -4.44 17.20
N ARG A 455 1.99 -3.63 17.91
CA ARG A 455 1.53 -2.41 18.63
C ARG A 455 1.57 -1.23 17.66
N VAL A 456 0.96 -0.14 18.10
CA VAL A 456 0.56 1.01 17.25
C VAL A 456 -0.05 2.08 18.16
N LEU A 457 0.29 3.35 17.91
CA LEU A 457 -0.23 4.50 18.71
C LEU A 457 -1.75 4.40 18.79
N ASP A 458 -2.30 4.44 20.02
CA ASP A 458 -3.75 4.69 20.23
C ASP A 458 -3.99 6.18 19.99
N LEU A 459 -4.63 6.54 18.87
CA LEU A 459 -4.86 7.96 18.48
C LEU A 459 -5.81 8.66 19.46
N ARG A 460 -6.53 7.92 20.30
CA ARG A 460 -7.42 8.48 21.35
C ARG A 460 -6.72 8.39 22.72
N GLY A 461 -5.46 7.97 22.77
CA GLY A 461 -4.69 7.76 24.01
C GLY A 461 -3.98 9.04 24.49
N GLN A 462 -3.53 9.05 25.74
CA GLN A 462 -3.00 10.25 26.44
C GLN A 462 -1.77 10.78 25.68
N LEU A 463 -0.90 9.91 25.14
CA LEU A 463 0.35 10.35 24.45
C LEU A 463 -0.04 11.20 23.25
N TRP A 464 -0.90 10.66 22.37
CA TRP A 464 -1.32 11.36 21.14
C TRP A 464 -2.10 12.64 21.50
N ARG A 465 -2.89 12.61 22.59
CA ARG A 465 -3.45 13.86 23.16
C ARG A 465 -2.30 14.85 23.26
N GLN A 466 -1.28 14.53 24.06
CA GLN A 466 -0.16 15.45 24.39
C GLN A 466 0.55 15.92 23.11
N VAL A 467 0.46 15.16 22.01
CA VAL A 467 1.04 15.57 20.70
C VAL A 467 0.16 16.64 20.07
N ARG A 468 -1.15 16.39 19.99
CA ARG A 468 -2.13 17.35 19.42
C ARG A 468 -2.13 18.62 20.26
N GLU A 469 -1.90 18.48 21.58
CA GLU A 469 -1.83 19.61 22.58
C GLU A 469 -0.82 20.65 22.07
N ILE A 470 0.29 20.24 21.45
CA ILE A 470 1.41 21.15 21.08
C ILE A 470 1.48 21.38 19.56
N THR A 471 0.86 20.52 18.75
CA THR A 471 0.93 20.60 17.26
C THR A 471 -0.27 21.37 16.72
N VAL A 472 -0.04 22.14 15.65
CA VAL A 472 -1.06 22.93 14.91
C VAL A 472 -2.39 22.18 14.92
N ASP A 473 -3.47 22.87 15.28
CA ASP A 473 -4.86 22.38 15.16
C ASP A 473 -5.63 23.33 14.25
N LEU A 474 -6.11 22.84 13.12
CA LEU A 474 -6.96 23.62 12.19
C LEU A 474 -8.29 23.93 12.89
N GLY A 475 -8.72 23.03 13.80
CA GLY A 475 -10.00 23.15 14.54
C GLY A 475 -10.00 24.23 15.63
N SER A 476 -9.02 25.15 15.60
CA SER A 476 -8.95 26.35 16.46
C SER A 476 -9.07 27.59 15.58
N ASP A 477 -10.15 28.36 15.79
CA ASP A 477 -10.35 29.72 15.24
C ASP A 477 -9.10 30.56 15.58
N VAL A 478 -8.36 30.99 14.55
CA VAL A 478 -6.98 31.57 14.68
C VAL A 478 -7.13 33.00 15.24
N ARG A 479 -8.14 33.73 14.76
CA ARG A 479 -8.50 35.09 15.25
C ARG A 479 -8.75 35.02 16.77
N LEU A 480 -9.67 34.16 17.24
CA LEU A 480 -10.12 34.07 18.66
C LEU A 480 -8.95 33.61 19.56
N ALA A 481 -8.21 32.58 19.12
CA ALA A 481 -7.03 32.02 19.81
C ALA A 481 -5.95 33.10 19.97
N ARG A 482 -5.58 33.76 18.87
CA ARG A 482 -4.50 34.78 18.79
C ARG A 482 -4.87 35.99 19.66
N LYS A 483 -6.16 36.35 19.71
CA LYS A 483 -6.64 37.41 20.63
C LYS A 483 -6.28 37.00 22.04
N LEU A 484 -6.90 35.92 22.53
CA LEU A 484 -6.78 35.47 23.95
C LEU A 484 -5.30 35.30 24.30
N GLU A 485 -4.44 35.02 23.30
CA GLU A 485 -2.96 34.94 23.48
C GLU A 485 -2.41 36.32 23.91
N ILE A 486 -2.59 37.33 23.05
CA ILE A 486 -2.01 38.70 23.27
C ILE A 486 -2.62 39.31 24.53
N ARG A 487 -3.86 38.92 24.89
CA ARG A 487 -4.49 39.37 26.15
C ARG A 487 -3.58 38.99 27.33
N ARG A 488 -3.24 37.70 27.41
CA ARG A 488 -2.37 37.16 28.50
C ARG A 488 -1.00 37.85 28.43
N GLU A 489 -0.43 37.95 27.22
CA GLU A 489 0.93 38.55 27.00
C GLU A 489 0.95 39.95 27.61
N LEU A 490 -0.09 40.72 27.33
CA LEU A 490 -0.24 42.14 27.76
C LEU A 490 -0.40 42.20 29.28
N GLU A 491 -1.28 41.37 29.85
CA GLU A 491 -1.47 41.25 31.33
C GLU A 491 -0.09 41.06 31.99
N ALA A 492 0.70 40.13 31.47
CA ALA A 492 2.04 39.75 31.99
C ALA A 492 3.00 40.95 31.90
N ILE A 493 3.06 41.63 30.75
CA ILE A 493 3.97 42.79 30.44
C ILE A 493 3.67 43.95 31.39
N ASN A 494 2.37 44.21 31.58
CA ASN A 494 1.90 45.32 32.45
C ASN A 494 2.37 45.02 33.87
N ARG A 495 2.32 43.76 34.31
CA ARG A 495 2.77 43.35 35.68
C ARG A 495 4.24 43.79 35.85
N ASN A 496 5.10 43.38 34.91
CA ASN A 496 6.56 43.67 34.98
C ASN A 496 6.75 45.19 34.99
N ARG A 497 6.05 45.87 34.08
CA ARG A 497 6.04 47.34 34.00
C ARG A 497 5.83 47.93 35.40
N ASP A 498 4.76 47.49 36.08
CA ASP A 498 4.35 47.97 37.43
C ASP A 498 5.52 47.77 38.40
N ARG A 499 6.10 46.57 38.44
CA ARG A 499 7.15 46.22 39.44
C ARG A 499 8.42 47.06 39.18
N LEU A 500 8.67 47.40 37.91
CA LEU A 500 9.85 48.19 37.48
C LEU A 500 9.67 49.65 37.90
N HIS A 501 8.48 50.20 37.66
CA HIS A 501 8.08 51.53 38.18
C HIS A 501 8.36 51.58 39.69
N GLU A 502 7.99 50.51 40.39
CA GLU A 502 8.15 50.38 41.87
C GLU A 502 9.63 50.49 42.23
N GLU A 503 10.51 49.85 41.46
CA GLU A 503 11.98 49.81 41.69
C GLU A 503 12.59 51.24 41.61
N LEU A 504 12.02 52.18 42.32
CA LEU A 504 12.65 53.50 42.67
C LEU A 504 13.09 53.50 44.13
N ALA A 505 13.27 52.31 44.74
CA ALA A 505 13.88 52.07 46.08
C ALA A 505 13.05 52.73 47.19
N THR B 30 0.46 -7.57 54.90
CA THR B 30 0.21 -7.09 53.49
C THR B 30 1.15 -7.94 52.57
N SER B 31 2.12 -7.35 51.81
CA SER B 31 2.98 -8.05 50.82
C SER B 31 4.42 -7.46 50.76
N LYS B 32 4.73 -6.54 49.82
CA LYS B 32 6.13 -6.26 49.35
C LYS B 32 6.83 -5.16 50.18
N LEU B 33 6.06 -4.29 50.87
CA LEU B 33 6.44 -2.91 51.25
C LEU B 33 6.87 -2.87 52.72
N VAL B 34 7.62 -1.84 53.13
CA VAL B 34 8.02 -1.59 54.55
C VAL B 34 7.12 -0.51 55.12
N LYS B 35 6.76 -0.63 56.40
CA LYS B 35 6.03 0.42 57.17
C LYS B 35 6.98 1.60 57.39
N ALA B 36 6.56 2.80 57.00
CA ALA B 36 7.30 4.08 57.17
C ALA B 36 7.33 4.45 58.65
N HIS B 37 8.19 5.40 58.98
CA HIS B 37 8.62 5.69 60.39
C HIS B 37 7.51 6.48 61.09
N ARG B 38 6.84 7.42 60.39
CA ARG B 38 5.60 8.10 60.85
C ARG B 38 4.44 7.71 59.91
N ALA B 39 4.13 6.42 59.85
CA ALA B 39 2.99 5.83 59.16
C ALA B 39 1.69 6.23 59.85
N MET B 40 0.68 6.62 59.08
CA MET B 40 -0.67 6.98 59.58
C MET B 40 -1.54 5.71 59.56
N LEU B 41 -1.17 4.71 58.77
CA LEU B 41 -1.89 3.40 58.66
C LEU B 41 -0.95 2.24 59.06
N ASN B 42 -1.48 1.20 59.70
CA ASN B 42 -0.75 -0.04 60.05
C ASN B 42 -0.98 -1.10 58.96
N SER B 43 -1.92 -0.86 58.04
CA SER B 43 -2.24 -1.70 56.85
C SER B 43 -2.93 -0.84 55.80
N VAL B 44 -3.18 -1.41 54.62
CA VAL B 44 -3.98 -0.74 53.55
C VAL B 44 -5.13 -1.65 53.16
N THR B 45 -6.37 -1.18 53.40
CA THR B 45 -7.64 -1.77 52.94
C THR B 45 -8.11 -1.03 51.68
N GLN B 46 -9.12 -1.55 50.98
CA GLN B 46 -9.65 -0.97 49.72
C GLN B 46 -10.21 0.43 50.00
N GLU B 47 -10.80 0.63 51.18
CA GLU B 47 -11.37 1.94 51.60
C GLU B 47 -10.24 2.96 51.68
N ASP B 48 -9.08 2.59 52.21
CA ASP B 48 -7.89 3.49 52.38
C ASP B 48 -7.46 4.05 51.02
N LEU B 49 -7.75 3.35 49.92
CA LEU B 49 -7.35 3.73 48.54
C LEU B 49 -8.37 4.70 47.93
N LYS B 50 -9.55 4.89 48.55
CA LYS B 50 -10.56 5.85 48.06
C LYS B 50 -9.93 7.24 48.02
N VAL B 51 -9.94 7.88 46.85
CA VAL B 51 -9.33 9.23 46.59
C VAL B 51 -10.39 10.31 46.88
N ASP B 52 -10.13 11.17 47.88
CA ASP B 52 -11.01 12.30 48.25
C ASP B 52 -11.36 13.16 47.03
N ARG B 53 -12.66 13.28 46.76
CA ARG B 53 -13.25 14.14 45.69
C ARG B 53 -13.99 15.31 46.34
N LEU B 54 -13.49 16.53 46.12
CA LEU B 54 -14.15 17.81 46.50
C LEU B 54 -15.60 17.77 46.01
N PRO B 55 -16.59 18.06 46.87
CA PRO B 55 -17.99 17.86 46.53
C PRO B 55 -18.37 18.73 45.31
N GLY B 56 -19.14 18.15 44.38
CA GLY B 56 -19.63 18.82 43.16
C GLY B 56 -18.81 18.42 41.96
N ALA B 57 -19.42 18.42 40.77
CA ALA B 57 -18.79 18.08 39.48
C ALA B 57 -19.63 18.70 38.37
N ASP B 58 -19.76 20.03 38.40
CA ASP B 58 -20.83 20.82 37.74
C ASP B 58 -20.41 21.18 36.30
N TYR B 59 -19.16 21.59 36.08
CA TYR B 59 -18.71 22.24 34.81
C TYR B 59 -18.15 21.17 33.88
N PRO B 60 -18.33 21.32 32.54
CA PRO B 60 -17.82 20.35 31.57
C PRO B 60 -16.35 20.64 31.28
N ASN B 61 -15.54 19.60 31.04
CA ASN B 61 -14.11 19.76 30.67
C ASN B 61 -14.03 20.54 29.36
N PRO B 62 -13.42 21.74 29.33
CA PRO B 62 -13.36 22.53 28.10
C PRO B 62 -12.28 22.01 27.14
N SER B 63 -12.40 20.75 26.71
CA SER B 63 -11.30 19.95 26.12
C SER B 63 -11.82 18.97 25.06
N LYS B 75 -17.23 8.63 35.02
CA LYS B 75 -17.04 7.33 35.72
C LYS B 75 -15.54 7.09 35.93
N THR B 76 -15.12 6.78 37.17
CA THR B 76 -13.70 6.50 37.52
C THR B 76 -13.41 5.02 37.22
N ASP B 77 -12.23 4.74 36.64
CA ASP B 77 -11.79 3.38 36.26
C ASP B 77 -10.68 2.94 37.22
N TYR B 78 -10.48 1.62 37.34
CA TYR B 78 -9.50 1.00 38.26
C TYR B 78 -8.50 0.13 37.49
N ILE B 79 -7.39 -0.15 38.15
CA ILE B 79 -6.35 -1.17 37.76
C ILE B 79 -6.03 -1.96 39.03
N MET B 80 -5.67 -3.25 38.93
CA MET B 80 -5.32 -4.06 40.13
C MET B 80 -4.00 -3.55 40.71
N TYR B 81 -3.86 -3.64 42.03
CA TYR B 81 -2.55 -3.45 42.69
C TYR B 81 -1.62 -4.50 42.12
N ASN B 82 -1.88 -5.78 42.40
CA ASN B 82 -1.09 -6.97 41.99
C ASN B 82 -1.78 -7.62 40.78
N PRO B 83 -1.11 -7.70 39.61
CA PRO B 83 -1.65 -8.38 38.43
C PRO B 83 -1.32 -9.88 38.38
N ARG B 84 -0.82 -10.46 39.48
CA ARG B 84 -0.53 -11.92 39.58
C ARG B 84 -1.81 -12.67 39.95
N PRO B 85 -2.09 -13.82 39.29
CA PRO B 85 -3.26 -14.63 39.61
C PRO B 85 -3.10 -15.43 40.92
N ARG B 86 -4.23 -15.64 41.61
CA ARG B 86 -4.31 -16.40 42.88
C ARG B 86 -4.14 -17.90 42.57
N ASP B 87 -4.87 -18.40 41.57
CA ASP B 87 -4.87 -19.83 41.17
C ASP B 87 -4.08 -20.03 39.86
N GLU B 88 -3.95 -21.30 39.48
CA GLU B 88 -3.35 -21.71 38.16
C GLU B 88 -4.40 -21.52 37.07
N PRO B 89 -3.99 -21.46 35.77
CA PRO B 89 -4.92 -21.14 34.69
C PRO B 89 -6.01 -22.22 34.47
N SER B 90 -7.16 -22.04 35.12
CA SER B 90 -8.37 -22.90 34.96
C SER B 90 -9.34 -22.27 33.94
N SER B 91 -10.60 -22.72 33.91
CA SER B 91 -11.63 -22.39 32.88
C SER B 91 -11.86 -20.88 32.80
N GLU B 92 -12.18 -20.24 33.94
CA GLU B 92 -12.59 -18.81 34.05
C GLU B 92 -11.35 -17.90 34.10
N ASN B 93 -11.56 -16.59 33.93
CA ASN B 93 -10.51 -15.55 33.93
C ASN B 93 -9.75 -15.60 35.25
N PRO B 94 -8.50 -15.11 35.28
CA PRO B 94 -7.70 -15.06 36.51
C PRO B 94 -8.16 -13.97 37.51
N VAL B 95 -7.77 -14.16 38.78
CA VAL B 95 -8.19 -13.34 39.96
C VAL B 95 -6.94 -12.82 40.66
N SER B 96 -6.86 -11.53 40.96
CA SER B 96 -5.70 -10.89 41.65
C SER B 96 -5.43 -11.62 42.96
N VAL B 97 -4.15 -11.80 43.31
CA VAL B 97 -3.72 -12.28 44.66
C VAL B 97 -4.20 -11.27 45.71
N SER B 98 -4.00 -9.97 45.43
CA SER B 98 -4.39 -8.85 46.35
C SER B 98 -5.80 -8.38 46.02
N PRO B 99 -6.61 -8.04 47.05
CA PRO B 99 -7.94 -7.51 46.82
C PRO B 99 -7.91 -6.03 46.40
N LEU B 100 -6.73 -5.39 46.45
CA LEU B 100 -6.59 -3.92 46.26
C LEU B 100 -6.78 -3.55 44.77
N LEU B 101 -7.63 -2.53 44.55
CA LEU B 101 -7.84 -1.82 43.27
C LEU B 101 -7.42 -0.35 43.42
N CYS B 102 -6.64 0.16 42.45
CA CYS B 102 -6.12 1.56 42.39
C CYS B 102 -6.94 2.37 41.37
N GLU B 103 -7.27 3.61 41.73
CA GLU B 103 -7.98 4.58 40.85
C GLU B 103 -7.01 5.06 39.77
N LEU B 104 -7.37 4.82 38.50
CA LEU B 104 -6.64 5.34 37.31
C LEU B 104 -6.88 6.84 37.21
N ALA B 105 -5.84 7.60 36.84
CA ALA B 105 -5.87 9.06 36.65
C ALA B 105 -6.07 9.36 35.16
N ALA B 106 -7.05 10.21 34.82
CA ALA B 106 -7.29 10.65 33.43
C ALA B 106 -8.26 11.83 33.44
N ALA B 107 -8.20 12.64 32.38
CA ALA B 107 -9.06 13.83 32.19
C ALA B 107 -10.52 13.37 32.27
N ARG B 108 -11.32 14.07 33.06
CA ARG B 108 -12.70 13.68 33.38
C ARG B 108 -13.68 14.44 32.49
N SER B 109 -14.76 13.78 32.05
CA SER B 109 -15.88 14.40 31.28
C SER B 109 -16.41 15.61 32.04
N ARG B 110 -16.67 15.43 33.34
CA ARG B 110 -17.15 16.50 34.24
C ARG B 110 -16.03 16.88 35.21
N ILE B 111 -15.77 18.18 35.31
CA ILE B 111 -14.79 18.76 36.28
C ILE B 111 -15.56 19.51 37.37
N HIS B 112 -14.94 19.69 38.54
CA HIS B 112 -15.57 20.26 39.76
C HIS B 112 -15.39 21.79 39.77
N PHE B 113 -14.17 22.25 39.50
CA PHE B 113 -13.78 23.68 39.48
C PHE B 113 -14.17 24.32 38.14
N ASN B 114 -14.45 25.63 38.16
CA ASN B 114 -14.82 26.41 36.97
C ASN B 114 -13.56 26.99 36.34
N PRO B 115 -13.19 26.51 35.14
CA PRO B 115 -11.92 26.86 34.50
C PRO B 115 -11.53 28.35 34.59
N THR B 116 -12.24 29.22 33.88
CA THR B 116 -11.87 30.66 33.72
C THR B 116 -11.99 31.39 35.05
N GLU B 117 -12.40 30.70 36.13
CA GLU B 117 -12.59 31.30 37.48
C GLU B 117 -11.60 30.69 38.48
N THR B 118 -10.76 29.74 38.04
CA THR B 118 -9.80 29.02 38.93
C THR B 118 -8.41 29.66 38.88
N THR B 119 -7.74 29.61 40.03
CA THR B 119 -6.33 30.03 40.22
C THR B 119 -5.56 28.80 40.67
N ILE B 120 -4.44 28.47 40.01
CA ILE B 120 -3.60 27.29 40.37
C ILE B 120 -2.36 27.79 41.11
N GLY B 121 -2.01 27.12 42.21
CA GLY B 121 -0.79 27.40 42.99
C GLY B 121 0.21 26.25 42.87
N ILE B 122 1.50 26.57 42.75
CA ILE B 122 2.59 25.54 42.73
C ILE B 122 3.60 25.91 43.82
N VAL B 123 4.16 24.91 44.48
CA VAL B 123 5.30 25.12 45.43
C VAL B 123 6.20 23.88 45.40
N THR B 124 7.50 24.12 45.20
CA THR B 124 8.55 23.08 45.16
C THR B 124 9.26 23.13 46.51
N CYS B 125 9.32 21.99 47.21
CA CYS B 125 9.93 21.84 48.55
C CYS B 125 11.10 20.86 48.51
N GLY B 126 12.00 20.98 49.50
CA GLY B 126 13.10 20.04 49.79
C GLY B 126 14.32 20.26 48.92
N GLY B 127 15.13 19.21 48.76
CA GLY B 127 16.29 19.22 47.85
C GLY B 127 15.83 19.27 46.41
N ILE B 128 16.67 19.76 45.50
CA ILE B 128 16.31 19.81 44.06
C ILE B 128 16.43 18.40 43.47
N CYS B 129 16.12 18.28 42.18
CA CYS B 129 15.84 17.00 41.51
C CYS B 129 15.69 17.26 40.01
N PRO B 130 16.21 16.37 39.15
CA PRO B 130 16.04 16.54 37.72
C PRO B 130 14.57 16.64 37.34
N GLY B 131 14.25 17.71 36.61
CA GLY B 131 12.95 17.95 35.94
C GLY B 131 11.97 18.67 36.84
N LEU B 132 12.47 19.42 37.82
CA LEU B 132 11.58 20.15 38.76
C LEU B 132 10.85 21.21 37.92
N ASN B 133 11.62 21.95 37.13
CA ASN B 133 11.11 22.99 36.19
C ASN B 133 10.16 22.33 35.17
N ASP B 134 10.40 21.09 34.77
CA ASP B 134 9.53 20.39 33.78
C ASP B 134 8.13 20.23 34.40
N VAL B 135 8.06 19.87 35.68
CA VAL B 135 6.75 19.73 36.39
C VAL B 135 6.12 21.13 36.47
N ILE B 136 6.86 22.13 36.96
CA ILE B 136 6.35 23.53 37.04
C ILE B 136 5.75 23.90 35.68
N ARG B 137 6.53 23.81 34.60
CA ARG B 137 6.13 24.18 33.22
C ARG B 137 4.84 23.45 32.83
N SER B 138 4.81 22.12 32.88
CA SER B 138 3.64 21.35 32.38
C SER B 138 2.37 21.67 33.18
N ILE B 139 2.48 21.95 34.49
CA ILE B 139 1.30 22.31 35.33
C ILE B 139 0.78 23.64 34.84
N THR B 140 1.63 24.67 34.89
CA THR B 140 1.40 26.01 34.30
C THR B 140 0.65 25.88 32.98
N LEU B 141 1.29 25.30 31.96
CA LEU B 141 0.80 25.33 30.56
C LEU B 141 -0.42 24.42 30.39
N THR B 142 -0.63 23.40 31.22
CA THR B 142 -1.85 22.56 31.13
C THR B 142 -3.02 23.41 31.62
N GLY B 143 -2.86 24.04 32.80
CA GLY B 143 -3.84 24.98 33.38
C GLY B 143 -4.20 26.10 32.39
N ILE B 144 -3.20 26.78 31.84
CA ILE B 144 -3.40 27.89 30.86
C ILE B 144 -3.95 27.31 29.55
N ASN B 145 -3.17 26.52 28.81
CA ASN B 145 -3.48 26.17 27.39
C ASN B 145 -4.64 25.18 27.27
N VAL B 146 -4.89 24.29 28.24
CA VAL B 146 -5.91 23.19 28.08
C VAL B 146 -7.21 23.55 28.82
N TYR B 147 -7.11 24.07 30.05
CA TYR B 147 -8.28 24.40 30.90
C TYR B 147 -8.56 25.90 30.86
N ASN B 148 -7.57 26.70 30.45
CA ASN B 148 -7.71 28.17 30.30
C ASN B 148 -8.05 28.80 31.65
N VAL B 149 -7.32 28.42 32.70
CA VAL B 149 -7.53 28.91 34.10
C VAL B 149 -7.22 30.41 34.14
N LYS B 150 -7.73 31.10 35.15
CA LYS B 150 -7.64 32.57 35.29
C LYS B 150 -6.17 32.97 35.49
N ARG B 151 -5.47 32.28 36.38
CA ARG B 151 -4.05 32.60 36.67
C ARG B 151 -3.36 31.44 37.38
N VAL B 152 -2.03 31.45 37.33
CA VAL B 152 -1.13 30.44 37.97
C VAL B 152 -0.07 31.19 38.80
N ILE B 153 -0.02 30.88 40.08
CA ILE B 153 0.88 31.48 41.10
C ILE B 153 1.95 30.46 41.46
N GLY B 154 3.21 30.87 41.41
CA GLY B 154 4.36 30.08 41.87
C GLY B 154 4.91 30.63 43.16
N PHE B 155 4.76 29.90 44.26
CA PHE B 155 5.20 30.33 45.61
C PHE B 155 6.69 30.01 45.77
N ARG B 156 7.46 31.03 46.16
CA ARG B 156 8.95 31.01 46.17
C ARG B 156 9.45 30.22 47.39
N PHE B 157 10.51 29.43 47.20
CA PHE B 157 11.28 28.78 48.29
C PHE B 157 10.34 27.99 49.20
N GLY B 158 9.63 27.02 48.62
CA GLY B 158 8.88 26.01 49.38
C GLY B 158 7.82 26.67 50.24
N TYR B 159 7.43 26.03 51.33
CA TYR B 159 6.26 26.42 52.15
C TYR B 159 6.42 27.84 52.70
N TRP B 160 7.66 28.30 52.90
CA TRP B 160 8.00 29.68 53.34
C TRP B 160 7.34 30.73 52.43
N GLY B 161 7.09 30.41 51.16
CA GLY B 161 6.49 31.31 50.17
C GLY B 161 4.98 31.40 50.27
N LEU B 162 4.36 30.64 51.20
CA LEU B 162 2.93 30.73 51.58
C LEU B 162 2.77 31.37 52.97
N SER B 163 3.83 31.42 53.78
CA SER B 163 3.85 32.17 55.07
C SER B 163 3.49 33.63 54.77
N LYS B 164 2.79 34.31 55.68
CA LYS B 164 2.42 35.74 55.53
C LYS B 164 3.66 36.52 55.11
N LYS B 165 4.80 36.23 55.75
CA LYS B 165 6.10 36.95 55.63
C LYS B 165 6.79 36.66 54.27
N GLY B 166 6.42 35.61 53.53
CA GLY B 166 7.07 35.29 52.23
C GLY B 166 6.06 35.12 51.09
N SER B 167 4.76 35.30 51.37
CA SER B 167 3.69 35.33 50.35
C SER B 167 3.92 36.56 49.45
N GLN B 168 4.67 37.53 49.95
CA GLN B 168 5.06 38.77 49.23
C GLN B 168 5.96 38.39 48.03
N THR B 169 6.62 37.23 48.06
CA THR B 169 7.69 36.88 47.09
C THR B 169 7.13 36.06 45.93
N ALA B 170 5.90 35.55 46.03
CA ALA B 170 5.26 34.70 45.00
C ALA B 170 5.30 35.40 43.63
N ILE B 171 5.16 34.64 42.54
CA ILE B 171 5.33 35.14 41.13
C ILE B 171 4.22 34.58 40.23
N GLU B 172 3.92 35.31 39.15
CA GLU B 172 2.93 34.92 38.12
C GLU B 172 3.62 34.02 37.11
N LEU B 173 3.00 32.87 36.82
CA LEU B 173 3.51 31.89 35.83
C LEU B 173 2.66 31.98 34.57
N HIS B 174 2.98 32.95 33.71
CA HIS B 174 2.46 33.05 32.31
C HIS B 174 3.33 32.19 31.41
N ARG B 175 2.81 31.81 30.23
CA ARG B 175 3.59 31.09 29.20
C ARG B 175 5.00 31.66 29.11
N GLY B 176 5.12 32.97 28.86
CA GLY B 176 6.39 33.67 28.63
C GLY B 176 7.43 33.38 29.71
N ARG B 177 7.02 33.05 30.93
CA ARG B 177 7.93 32.91 32.10
C ARG B 177 8.46 31.49 32.21
N VAL B 178 7.75 30.51 31.62
CA VAL B 178 8.08 29.06 31.76
C VAL B 178 8.52 28.50 30.41
N THR B 179 8.71 29.38 29.41
CA THR B 179 8.94 28.98 27.99
C THR B 179 10.03 27.91 27.93
N ASN B 180 11.20 28.16 28.54
CA ASN B 180 12.38 27.28 28.38
C ASN B 180 12.95 26.88 29.73
N ILE B 181 12.20 27.00 30.82
CA ILE B 181 12.69 26.62 32.18
C ILE B 181 13.02 25.12 32.22
N HIS B 182 12.35 24.30 31.41
CA HIS B 182 12.50 22.82 31.41
C HIS B 182 13.92 22.44 30.93
N HIS B 183 14.61 23.33 30.22
CA HIS B 183 16.00 23.12 29.75
C HIS B 183 16.99 23.24 30.90
N TYR B 184 16.53 23.37 32.13
CA TYR B 184 17.42 23.64 33.27
C TYR B 184 17.00 22.85 34.51
N GLY B 185 17.96 22.75 35.43
CA GLY B 185 17.85 21.91 36.63
C GLY B 185 17.59 22.82 37.81
N GLY B 186 17.18 22.23 38.93
CA GLY B 186 16.65 23.00 40.06
C GLY B 186 15.28 23.56 39.72
N THR B 187 14.88 24.66 40.36
CA THR B 187 13.50 25.19 40.36
C THR B 187 13.50 26.72 40.30
N ILE B 188 12.79 27.31 39.32
CA ILE B 188 12.65 28.79 39.20
C ILE B 188 11.91 29.35 40.42
N LEU B 189 10.96 28.60 40.97
CA LEU B 189 10.25 28.96 42.22
C LEU B 189 11.22 28.97 43.39
N GLY B 190 12.29 28.18 43.30
CA GLY B 190 13.16 27.90 44.46
C GLY B 190 12.45 27.01 45.47
N SER B 191 13.22 26.48 46.42
CA SER B 191 12.76 25.47 47.40
C SER B 191 13.30 25.80 48.79
N SER B 192 12.79 25.11 49.79
CA SER B 192 13.26 25.15 51.20
C SER B 192 12.69 23.94 51.95
N ARG B 193 13.44 23.48 52.95
CA ARG B 193 13.08 22.32 53.80
C ARG B 193 12.21 22.84 54.93
N GLY B 194 11.49 21.91 55.57
CA GLY B 194 10.78 22.18 56.82
C GLY B 194 9.41 22.80 56.57
N PRO B 195 8.61 22.97 57.65
CA PRO B 195 7.20 23.27 57.52
C PRO B 195 6.94 24.76 57.73
N GLN B 196 5.67 25.17 57.61
CA GLN B 196 5.18 26.49 58.09
C GLN B 196 3.91 26.25 58.91
N ASP B 197 3.31 27.32 59.44
CA ASP B 197 1.99 27.29 60.12
C ASP B 197 0.92 26.98 59.08
N PRO B 198 0.19 25.84 59.19
CA PRO B 198 -0.90 25.50 58.27
C PRO B 198 -1.92 26.64 58.11
N LYS B 199 -2.28 27.28 59.22
CA LYS B 199 -3.24 28.41 59.24
C LYS B 199 -2.70 29.52 58.34
N GLU B 200 -1.47 29.99 58.56
CA GLU B 200 -0.82 31.07 57.75
C GLU B 200 -0.97 30.75 56.26
N MET B 201 -0.68 29.50 55.88
CA MET B 201 -0.63 29.07 54.47
C MET B 201 -2.05 29.07 53.87
N VAL B 202 -3.04 28.49 54.56
CA VAL B 202 -4.46 28.49 54.08
C VAL B 202 -4.96 29.94 53.98
N ASP B 203 -4.54 30.80 54.92
CA ASP B 203 -4.81 32.28 54.90
C ASP B 203 -4.33 32.84 53.56
N THR B 204 -3.08 32.58 53.18
CA THR B 204 -2.49 33.07 51.91
C THR B 204 -3.25 32.51 50.71
N LEU B 205 -3.66 31.23 50.77
CA LEU B 205 -4.38 30.55 49.67
C LEU B 205 -5.73 31.26 49.44
N GLU B 206 -6.50 31.48 50.51
CA GLU B 206 -7.78 32.20 50.46
C GLU B 206 -7.56 33.60 49.89
N ARG B 207 -6.60 34.35 50.47
CA ARG B 207 -6.33 35.77 50.09
C ARG B 207 -6.00 35.86 48.59
N LEU B 208 -5.31 34.87 48.03
CA LEU B 208 -4.87 34.89 46.60
C LEU B 208 -5.86 34.13 45.71
N GLY B 209 -6.92 33.57 46.30
CA GLY B 209 -8.00 32.90 45.57
C GLY B 209 -7.51 31.64 44.89
N VAL B 210 -6.53 30.98 45.50
CA VAL B 210 -5.90 29.71 45.00
C VAL B 210 -6.89 28.57 45.21
N ASN B 211 -7.42 28.02 44.12
CA ASN B 211 -8.45 26.96 44.13
C ASN B 211 -7.75 25.59 44.21
N ILE B 212 -6.55 25.46 43.62
CA ILE B 212 -5.75 24.20 43.59
C ILE B 212 -4.29 24.53 43.94
N LEU B 213 -3.74 23.85 44.96
CA LEU B 213 -2.33 23.97 45.41
C LEU B 213 -1.62 22.64 45.14
N PHE B 214 -0.65 22.66 44.21
CA PHE B 214 0.21 21.52 43.80
C PHE B 214 1.49 21.52 44.64
N THR B 215 1.64 20.51 45.51
CA THR B 215 2.80 20.33 46.41
C THR B 215 3.81 19.39 45.75
N VAL B 216 4.91 19.96 45.23
CA VAL B 216 6.02 19.19 44.61
C VAL B 216 7.09 19.01 45.68
N GLY B 217 7.13 17.84 46.33
CA GLY B 217 8.13 17.50 47.35
C GLY B 217 8.09 16.04 47.76
N GLY B 218 8.87 15.69 48.79
CA GLY B 218 9.01 14.32 49.31
C GLY B 218 7.94 13.99 50.34
N ASP B 219 8.17 12.93 51.11
CA ASP B 219 7.26 12.40 52.16
C ASP B 219 6.77 13.58 53.02
N GLY B 220 7.71 14.25 53.70
CA GLY B 220 7.43 15.37 54.61
C GLY B 220 6.50 16.41 53.99
N THR B 221 6.80 16.85 52.76
CA THR B 221 6.02 17.85 52.00
C THR B 221 4.57 17.38 51.91
N GLN B 222 4.33 16.15 51.44
CA GLN B 222 2.96 15.64 51.20
C GLN B 222 2.22 15.46 52.54
N ARG B 223 2.93 15.12 53.62
CA ARG B 223 2.32 15.03 54.98
C ARG B 223 1.87 16.43 55.42
N GLY B 224 2.68 17.45 55.15
CA GLY B 224 2.33 18.88 55.32
C GLY B 224 1.11 19.24 54.49
N ALA B 225 1.05 18.76 53.24
CA ALA B 225 -0.03 19.01 52.26
C ALA B 225 -1.35 18.42 52.77
N LEU B 226 -1.29 17.28 53.45
CA LEU B 226 -2.49 16.68 54.11
C LEU B 226 -2.94 17.59 55.26
N VAL B 227 -2.00 18.16 56.03
CA VAL B 227 -2.30 19.12 57.14
C VAL B 227 -3.04 20.33 56.57
N ILE B 228 -2.54 20.90 55.47
CA ILE B 228 -3.17 22.04 54.75
C ILE B 228 -4.58 21.62 54.29
N SER B 229 -4.72 20.43 53.73
CA SER B 229 -5.99 19.85 53.24
C SER B 229 -7.03 19.83 54.37
N GLN B 230 -6.65 19.30 55.53
CA GLN B 230 -7.52 19.10 56.71
C GLN B 230 -7.83 20.45 57.40
N GLU B 231 -6.94 21.43 57.26
CA GLU B 231 -7.13 22.81 57.78
C GLU B 231 -8.15 23.54 56.88
N ALA B 232 -7.95 23.51 55.56
CA ALA B 232 -8.84 24.14 54.55
C ALA B 232 -10.22 23.47 54.59
N LYS B 233 -10.32 22.19 54.94
CA LYS B 233 -11.62 21.48 55.10
C LYS B 233 -12.22 21.80 56.47
N ARG B 234 -11.39 22.10 57.49
CA ARG B 234 -11.87 22.56 58.82
C ARG B 234 -12.57 23.91 58.66
N ARG B 235 -12.12 24.74 57.71
CA ARG B 235 -12.71 26.06 57.40
C ARG B 235 -13.82 25.96 56.34
N GLY B 236 -13.95 24.79 55.68
CA GLY B 236 -14.92 24.54 54.60
C GLY B 236 -14.60 25.32 53.34
N VAL B 237 -13.32 25.59 53.10
CA VAL B 237 -12.80 26.36 51.93
C VAL B 237 -12.53 25.39 50.76
N ASP B 238 -13.10 25.72 49.60
CA ASP B 238 -13.02 24.94 48.34
C ASP B 238 -11.62 25.08 47.77
N ILE B 239 -10.65 24.34 48.33
CA ILE B 239 -9.25 24.23 47.82
C ILE B 239 -8.94 22.74 47.64
N SER B 240 -8.29 22.40 46.53
CA SER B 240 -7.76 21.04 46.24
C SER B 240 -6.24 21.07 46.45
N VAL B 241 -5.74 20.29 47.40
CA VAL B 241 -4.28 20.07 47.64
C VAL B 241 -3.88 18.76 46.95
N PHE B 242 -2.97 18.83 45.98
CA PHE B 242 -2.57 17.69 45.11
C PHE B 242 -1.05 17.57 45.07
N GLY B 243 -0.54 16.38 45.36
CA GLY B 243 0.91 16.11 45.50
C GLY B 243 1.52 15.57 44.21
N VAL B 244 2.66 16.12 43.81
CA VAL B 244 3.53 15.53 42.73
C VAL B 244 4.77 14.99 43.43
N PRO B 245 4.86 13.66 43.62
CA PRO B 245 5.94 13.06 44.41
C PRO B 245 7.33 13.32 43.83
N LYS B 246 8.12 14.13 44.57
CA LYS B 246 9.54 14.40 44.26
C LYS B 246 10.41 13.52 45.16
N THR B 247 10.80 12.36 44.65
CA THR B 247 11.86 11.50 45.24
C THR B 247 12.72 10.94 44.11
N ILE B 248 14.01 11.19 44.19
CA ILE B 248 15.03 10.71 43.22
C ILE B 248 15.33 9.26 43.57
N ASP B 249 15.23 8.88 44.85
CA ASP B 249 15.55 7.52 45.39
C ASP B 249 14.55 6.49 44.82
N ASN B 250 13.38 6.95 44.33
CA ASN B 250 12.31 6.12 43.73
C ASN B 250 11.80 5.10 44.75
N ASP B 251 11.79 5.46 46.04
CA ASP B 251 11.33 4.57 47.14
C ASP B 251 9.85 4.82 47.42
N LEU B 252 9.10 5.39 46.48
CA LEU B 252 7.65 5.68 46.64
C LEU B 252 6.86 4.38 46.49
N SER B 253 6.05 4.04 47.50
CA SER B 253 5.07 2.94 47.48
C SER B 253 3.97 3.25 46.46
N PHE B 254 3.32 2.21 45.93
CA PHE B 254 2.32 2.26 44.84
C PHE B 254 2.92 2.98 43.62
N SER B 255 4.22 2.83 43.41
CA SER B 255 5.01 3.50 42.35
C SER B 255 6.16 2.58 41.93
N HIS B 256 6.34 2.39 40.64
CA HIS B 256 7.53 1.74 40.06
C HIS B 256 8.56 2.80 39.64
N ARG B 257 8.10 4.01 39.35
CA ARG B 257 8.96 5.13 38.90
C ARG B 257 8.46 6.47 39.48
N THR B 258 9.40 7.30 39.87
CA THR B 258 9.18 8.73 40.20
C THR B 258 10.06 9.57 39.27
N PHE B 259 9.64 10.79 39.00
CA PHE B 259 10.32 11.67 38.03
C PHE B 259 11.69 11.99 38.63
N GLY B 260 12.70 11.98 37.76
CA GLY B 260 14.09 12.30 38.10
C GLY B 260 14.95 11.06 38.25
N PHE B 261 14.34 9.90 38.53
CA PHE B 261 15.08 8.65 38.85
C PHE B 261 16.01 8.27 37.69
N GLN B 262 15.44 8.01 36.51
CA GLN B 262 16.22 7.57 35.33
C GLN B 262 17.41 8.50 35.11
N THR B 263 17.20 9.82 35.12
CA THR B 263 18.27 10.81 34.91
C THR B 263 19.34 10.62 35.99
N ALA B 264 18.91 10.40 37.24
CA ALA B 264 19.81 10.21 38.39
C ALA B 264 20.74 9.02 38.11
N VAL B 265 20.17 7.87 37.74
CA VAL B 265 20.94 6.66 37.34
C VAL B 265 21.97 7.07 36.30
N GLU B 266 21.53 7.61 35.16
CA GLU B 266 22.42 8.00 34.04
C GLU B 266 23.64 8.76 34.60
N LYS B 267 23.40 9.70 35.52
CA LYS B 267 24.46 10.59 36.06
C LYS B 267 25.36 9.79 37.00
N ALA B 268 24.76 9.04 37.91
CA ALA B 268 25.45 8.13 38.84
C ALA B 268 26.48 7.33 38.05
N VAL B 269 26.03 6.67 36.99
CA VAL B 269 26.89 5.80 36.13
C VAL B 269 28.09 6.60 35.64
N GLN B 270 27.89 7.85 35.22
CA GLN B 270 29.01 8.70 34.72
C GLN B 270 29.98 9.03 35.85
N ALA B 271 29.49 9.11 37.08
CA ALA B 271 30.32 9.41 38.27
C ALA B 271 31.16 8.17 38.59
N ILE B 272 30.53 6.99 38.55
CA ILE B 272 31.24 5.68 38.74
C ILE B 272 32.35 5.59 37.71
N ARG B 273 32.10 5.90 36.43
CA ARG B 273 33.12 5.80 35.35
C ARG B 273 34.36 6.65 35.70
N ALA B 274 34.19 7.80 36.36
CA ALA B 274 35.32 8.68 36.75
C ALA B 274 36.00 8.12 38.00
N ALA B 275 35.21 7.58 38.92
CA ALA B 275 35.70 6.94 40.16
C ALA B 275 36.64 5.79 39.77
N TYR B 276 36.16 4.97 38.84
CA TYR B 276 36.84 3.78 38.28
C TYR B 276 38.16 4.20 37.63
N ALA B 277 38.14 5.14 36.68
CA ALA B 277 39.37 5.58 35.99
C ALA B 277 40.37 6.16 37.00
N GLU B 278 39.88 6.82 38.05
CA GLU B 278 40.76 7.42 39.11
C GLU B 278 41.40 6.28 39.92
N ALA B 279 40.63 5.25 40.25
CA ALA B 279 41.06 4.11 41.09
C ALA B 279 42.01 3.19 40.31
N VAL B 280 41.68 2.88 39.05
CA VAL B 280 42.45 1.95 38.18
C VAL B 280 43.86 2.51 37.99
N SER B 281 43.99 3.82 37.90
CA SER B 281 45.28 4.46 37.53
C SER B 281 46.28 4.37 38.69
N ALA B 282 45.85 3.88 39.85
CA ALA B 282 46.67 3.74 41.08
C ALA B 282 46.89 2.26 41.43
N ASN B 283 48.07 1.94 41.96
CA ASN B 283 48.38 0.62 42.56
C ASN B 283 47.66 0.56 43.92
N TYR B 284 46.94 -0.54 44.17
CA TYR B 284 45.99 -0.70 45.30
C TYR B 284 45.23 0.61 45.48
N GLY B 285 44.44 0.94 44.45
CA GLY B 285 43.59 2.14 44.40
C GLY B 285 42.15 1.82 44.75
N VAL B 286 41.57 2.54 45.71
CA VAL B 286 40.14 2.46 46.09
C VAL B 286 39.44 3.74 45.64
N GLY B 287 38.29 3.61 44.98
CA GLY B 287 37.36 4.70 44.70
C GLY B 287 36.08 4.49 45.48
N VAL B 288 35.78 5.37 46.44
CA VAL B 288 34.48 5.42 47.16
C VAL B 288 33.62 6.47 46.44
N VAL B 289 32.41 6.10 46.07
CA VAL B 289 31.45 7.03 45.41
C VAL B 289 30.08 6.90 46.10
N LYS B 290 29.64 7.98 46.71
CA LYS B 290 28.36 8.09 47.47
C LYS B 290 27.24 8.42 46.48
N LEU B 291 26.28 7.52 46.33
CA LEU B 291 25.06 7.78 45.53
C LEU B 291 23.88 7.99 46.49
N MET B 292 22.74 8.34 45.92
CA MET B 292 21.55 8.68 46.73
C MET B 292 20.94 7.39 47.26
N GLY B 293 20.22 7.51 48.37
CA GLY B 293 19.49 6.39 48.99
C GLY B 293 19.48 6.55 50.49
N ARG B 294 18.49 7.23 51.04
CA ARG B 294 18.27 7.29 52.51
C ARG B 294 17.65 5.99 52.99
N ASP B 295 16.56 5.59 52.33
CA ASP B 295 15.67 4.46 52.75
C ASP B 295 15.85 3.29 51.79
N SER B 296 15.85 3.59 50.49
CA SER B 296 16.18 2.65 49.39
C SER B 296 17.69 2.65 49.14
N GLY B 297 18.12 1.85 48.16
CA GLY B 297 19.39 2.02 47.43
C GLY B 297 19.22 1.67 45.97
N PHE B 298 18.07 2.03 45.38
CA PHE B 298 17.70 1.70 43.98
C PHE B 298 18.72 2.30 43.02
N ILE B 299 19.13 3.53 43.28
CA ILE B 299 20.15 4.23 42.45
C ILE B 299 21.45 3.43 42.54
N ALA B 300 21.96 3.23 43.75
CA ALA B 300 23.19 2.44 44.03
C ALA B 300 23.17 1.14 43.23
N ALA B 301 22.09 0.36 43.34
CA ALA B 301 21.94 -0.96 42.67
C ALA B 301 22.00 -0.78 41.14
N GLN B 302 21.03 -0.06 40.56
CA GLN B 302 20.89 0.09 39.09
C GLN B 302 22.16 0.67 38.48
N ALA B 303 22.79 1.63 39.14
CA ALA B 303 24.02 2.29 38.66
C ALA B 303 25.19 1.29 38.71
N ALA B 304 25.35 0.58 39.83
CA ALA B 304 26.37 -0.48 39.98
C ALA B 304 26.25 -1.43 38.77
N VAL B 305 25.08 -2.04 38.57
CA VAL B 305 24.84 -3.01 37.48
C VAL B 305 25.14 -2.36 36.13
N ALA B 306 24.59 -1.19 35.83
CA ALA B 306 24.68 -0.56 34.49
C ALA B 306 26.14 -0.22 34.14
N SER B 307 26.89 0.35 35.07
CA SER B 307 28.33 0.67 34.87
C SER B 307 29.09 -0.64 34.67
N ALA B 308 28.75 -1.61 35.50
CA ALA B 308 29.48 -2.88 35.68
C ALA B 308 30.92 -2.52 36.06
N GLN B 309 31.12 -1.57 36.98
CA GLN B 309 32.47 -1.21 37.50
C GLN B 309 32.50 -1.29 39.04
N ALA B 310 31.42 -1.74 39.65
CA ALA B 310 31.21 -1.78 41.11
C ALA B 310 31.75 -3.10 41.64
N ASN B 311 32.70 -3.06 42.57
CA ASN B 311 33.30 -4.26 43.21
C ASN B 311 32.61 -4.52 44.57
N ILE B 312 32.16 -3.46 45.24
CA ILE B 312 31.35 -3.53 46.49
C ILE B 312 30.21 -2.51 46.37
N CYS B 313 29.02 -2.90 46.81
CA CYS B 313 27.79 -2.06 46.72
C CYS B 313 27.06 -2.07 48.07
N LEU B 314 27.21 -0.99 48.85
CA LEU B 314 26.62 -0.84 50.21
C LEU B 314 25.30 -0.08 50.09
N VAL B 315 24.21 -0.71 50.51
CA VAL B 315 22.84 -0.13 50.46
C VAL B 315 22.19 -0.36 51.83
N PRO B 316 21.23 0.51 52.23
CA PRO B 316 20.60 0.40 53.55
C PRO B 316 19.91 -0.93 53.83
N GLU B 317 19.34 -1.53 52.79
CA GLU B 317 18.57 -2.81 52.83
C GLU B 317 19.47 -3.95 53.34
N ASN B 318 20.77 -3.87 53.08
CA ASN B 318 21.78 -4.91 53.41
C ASN B 318 22.87 -4.29 54.29
N PRO B 319 22.60 -4.03 55.58
CA PRO B 319 23.57 -3.40 56.47
C PRO B 319 24.59 -4.46 56.88
N ILE B 320 25.88 -4.12 56.80
CA ILE B 320 27.00 -5.04 57.14
C ILE B 320 27.99 -4.29 58.02
N SER B 321 28.85 -5.01 58.74
CA SER B 321 29.85 -4.42 59.66
C SER B 321 31.00 -3.81 58.85
N GLU B 322 31.75 -2.93 59.50
CA GLU B 322 33.02 -2.34 59.03
C GLU B 322 33.97 -3.44 58.57
N GLN B 323 34.17 -4.48 59.39
CA GLN B 323 35.11 -5.61 59.11
C GLN B 323 34.60 -6.41 57.90
N GLU B 324 33.28 -6.53 57.72
CA GLU B 324 32.69 -7.22 56.54
C GLU B 324 33.15 -6.48 55.27
N VAL B 325 33.04 -5.15 55.29
CA VAL B 325 33.51 -4.27 54.19
C VAL B 325 35.00 -4.53 53.96
N MET B 326 35.83 -4.29 54.96
CA MET B 326 37.31 -4.38 54.82
C MET B 326 37.71 -5.77 54.33
N SER B 327 36.93 -6.80 54.66
CA SER B 327 37.13 -8.20 54.22
C SER B 327 36.87 -8.31 52.72
N LEU B 328 35.78 -7.70 52.23
CA LEU B 328 35.47 -7.66 50.77
C LEU B 328 36.59 -6.92 50.03
N LEU B 329 37.08 -5.80 50.57
CA LEU B 329 38.17 -5.00 49.94
C LEU B 329 39.43 -5.87 49.87
N GLU B 330 39.75 -6.53 50.98
CA GLU B 330 40.89 -7.47 51.13
C GLU B 330 40.82 -8.55 50.07
N ARG B 331 39.66 -9.17 49.90
CA ARG B 331 39.40 -10.21 48.87
C ARG B 331 39.72 -9.63 47.50
N ARG B 332 39.10 -8.50 47.18
CA ARG B 332 39.30 -7.80 45.88
C ARG B 332 40.80 -7.63 45.62
N PHE B 333 41.56 -7.18 46.63
CA PHE B 333 43.00 -6.85 46.47
C PHE B 333 43.86 -8.12 46.36
N CYS B 334 43.32 -9.32 46.62
CA CYS B 334 44.00 -10.62 46.37
C CYS B 334 44.29 -10.75 44.87
N HIS B 335 43.34 -10.37 44.00
CA HIS B 335 43.48 -10.61 42.53
C HIS B 335 43.50 -9.33 41.72
N SER B 336 42.95 -8.21 42.18
CA SER B 336 43.00 -6.91 41.44
C SER B 336 43.70 -5.82 42.27
N ARG B 337 44.28 -4.83 41.58
CA ARG B 337 45.00 -3.68 42.20
C ARG B 337 44.07 -2.47 42.31
N SER B 338 42.77 -2.73 42.21
CA SER B 338 41.71 -1.72 41.95
C SER B 338 40.43 -2.15 42.63
N CYS B 339 39.85 -1.31 43.48
CA CYS B 339 38.49 -1.51 44.05
C CYS B 339 37.65 -0.25 43.92
N VAL B 340 36.39 -0.41 43.52
CA VAL B 340 35.35 0.66 43.43
C VAL B 340 34.18 0.27 44.33
N ILE B 341 33.84 1.15 45.28
CA ILE B 341 32.80 0.98 46.33
C ILE B 341 31.68 2.00 46.08
N ILE B 342 30.48 1.50 45.74
CA ILE B 342 29.21 2.27 45.68
C ILE B 342 28.63 2.27 47.09
N VAL B 343 28.36 3.44 47.69
CA VAL B 343 27.73 3.52 49.05
C VAL B 343 26.52 4.45 48.95
N ALA B 344 25.34 3.95 49.34
CA ALA B 344 24.09 4.75 49.48
C ALA B 344 24.21 5.60 50.75
N GLU B 345 23.85 6.89 50.69
CA GLU B 345 24.06 7.86 51.81
C GLU B 345 23.38 7.39 53.10
N GLY B 346 22.39 6.49 52.98
CA GLY B 346 21.61 5.94 54.10
C GLY B 346 22.18 4.65 54.67
N PHE B 347 23.28 4.15 54.12
CA PHE B 347 23.97 2.94 54.63
C PHE B 347 24.76 3.28 55.90
N GLY B 348 24.95 2.28 56.76
CA GLY B 348 25.86 2.29 57.92
C GLY B 348 25.64 3.52 58.77
N GLN B 349 24.40 3.74 59.18
CA GLN B 349 23.97 4.91 59.99
C GLN B 349 24.11 4.54 61.49
N ASP B 350 25.10 3.73 61.84
CA ASP B 350 25.45 3.38 63.25
C ASP B 350 26.97 3.38 63.43
N TRP B 351 27.71 3.88 62.43
CA TRP B 351 29.20 3.92 62.39
C TRP B 351 29.63 5.26 63.01
N TYR B 358 19.45 13.46 65.67
CA TYR B 358 18.85 12.82 64.47
C TYR B 358 17.42 13.38 64.24
N ASP B 359 16.97 13.47 62.98
CA ASP B 359 15.59 13.86 62.51
C ASP B 359 15.38 15.39 62.55
N ALA B 360 15.27 16.01 61.36
CA ALA B 360 15.24 17.49 61.12
C ALA B 360 13.79 18.01 61.21
N SER B 361 13.03 17.81 60.14
CA SER B 361 11.65 18.35 59.92
C SER B 361 10.92 17.54 58.84
N GLY B 362 10.13 16.55 59.28
CA GLY B 362 9.80 15.31 58.57
C GLY B 362 10.91 14.27 58.80
N ASN B 363 11.86 14.21 57.87
CA ASN B 363 12.78 13.05 57.70
C ASN B 363 14.00 13.23 58.62
N LYS B 364 15.02 12.40 58.37
CA LYS B 364 16.08 11.93 59.33
C LYS B 364 17.46 12.46 58.93
N LYS B 365 18.22 12.87 59.95
CA LYS B 365 19.59 13.44 59.88
C LYS B 365 20.63 12.32 59.76
N LEU B 366 21.22 12.21 58.57
CA LEU B 366 22.21 11.17 58.16
C LEU B 366 23.61 11.59 58.59
N ILE B 367 24.40 10.65 59.14
CA ILE B 367 25.89 10.77 59.25
C ILE B 367 26.54 10.55 57.87
N ASP B 368 27.59 11.30 57.54
CA ASP B 368 28.21 11.35 56.19
C ASP B 368 29.02 10.06 55.98
N ILE B 369 28.30 8.99 55.63
CA ILE B 369 28.85 7.61 55.51
C ILE B 369 29.93 7.60 54.42
N GLY B 370 29.81 8.45 53.40
CA GLY B 370 30.84 8.63 52.38
C GLY B 370 32.20 8.91 53.02
N VAL B 371 32.28 9.95 53.84
CA VAL B 371 33.55 10.45 54.45
C VAL B 371 34.01 9.46 55.53
N ILE B 372 33.07 8.94 56.33
CA ILE B 372 33.36 7.91 57.38
C ILE B 372 34.05 6.73 56.69
N LEU B 373 33.32 6.03 55.80
CA LEU B 373 33.78 4.84 55.04
C LEU B 373 35.15 5.14 54.44
N THR B 374 35.32 6.31 53.82
CA THR B 374 36.61 6.75 53.24
C THR B 374 37.71 6.64 54.30
N GLU B 375 37.55 7.29 55.45
CA GLU B 375 38.62 7.34 56.50
C GLU B 375 38.83 5.95 57.09
N LYS B 376 37.76 5.15 57.25
CA LYS B 376 37.82 3.76 57.79
C LYS B 376 38.75 2.93 56.89
N VAL B 377 38.49 2.95 55.57
CA VAL B 377 39.31 2.24 54.55
C VAL B 377 40.75 2.74 54.65
N LYS B 378 40.96 4.05 54.70
CA LYS B 378 42.32 4.65 54.73
C LYS B 378 43.09 4.12 55.94
N ALA B 379 42.45 4.07 57.11
CA ALA B 379 43.05 3.61 58.39
C ALA B 379 43.32 2.10 58.32
N PHE B 380 42.48 1.35 57.63
CA PHE B 380 42.63 -0.11 57.42
C PHE B 380 43.84 -0.40 56.52
N LEU B 381 44.01 0.38 55.44
CA LEU B 381 45.14 0.24 54.48
C LEU B 381 46.44 0.75 55.12
N LYS B 382 46.37 1.77 55.99
CA LYS B 382 47.57 2.30 56.71
C LYS B 382 48.00 1.27 57.77
N ALA B 383 47.05 0.50 58.31
CA ALA B 383 47.33 -0.63 59.23
C ALA B 383 47.99 -1.81 58.48
N ASN B 384 47.55 -2.15 57.28
CA ASN B 384 48.14 -3.28 56.49
C ASN B 384 49.06 -2.75 55.38
N LYS B 385 49.81 -1.66 55.62
CA LYS B 385 50.80 -1.12 54.64
C LYS B 385 51.76 -2.25 54.25
N SER B 386 52.12 -3.09 55.23
CA SER B 386 52.88 -4.37 55.07
C SER B 386 52.45 -5.05 53.77
N ARG B 387 51.16 -5.35 53.63
CA ARG B 387 50.58 -6.15 52.51
C ARG B 387 50.24 -5.24 51.30
N TYR B 388 49.58 -4.11 51.53
CA TYR B 388 49.17 -3.13 50.49
C TYR B 388 50.07 -1.89 50.59
N PRO B 389 51.33 -1.95 50.09
CA PRO B 389 52.38 -1.00 50.48
C PRO B 389 52.03 0.42 50.03
N ASP B 390 52.41 0.84 48.82
CA ASP B 390 51.80 2.03 48.17
C ASP B 390 50.30 1.70 48.03
N SER B 391 49.41 2.63 48.42
CA SER B 391 47.93 2.51 48.24
C SER B 391 47.28 3.90 48.31
N THR B 392 46.14 4.08 47.64
CA THR B 392 45.44 5.39 47.48
C THR B 392 43.93 5.21 47.60
N VAL B 393 43.25 6.09 48.35
CA VAL B 393 41.77 6.03 48.53
C VAL B 393 41.18 7.38 48.12
N LYS B 394 40.21 7.37 47.20
CA LYS B 394 39.62 8.56 46.54
C LYS B 394 38.12 8.59 46.85
N TYR B 395 37.63 9.64 47.49
CA TYR B 395 36.18 9.84 47.77
C TYR B 395 35.60 10.73 46.68
N ILE B 396 34.35 10.46 46.32
CA ILE B 396 33.59 11.22 45.28
C ILE B 396 32.16 11.41 45.77
N ASP B 397 31.75 12.66 45.96
CA ASP B 397 30.35 13.05 46.22
C ASP B 397 29.80 13.70 44.96
N PRO B 398 29.18 12.89 44.09
CA PRO B 398 28.62 13.37 42.84
C PRO B 398 27.17 13.85 43.05
N SER B 399 26.74 14.02 44.30
CA SER B 399 25.35 14.36 44.67
C SER B 399 24.89 15.59 43.88
N TYR B 400 25.77 16.58 43.73
CA TYR B 400 25.43 17.90 43.14
C TYR B 400 25.21 17.77 41.63
N MET B 401 26.03 16.99 40.92
CA MET B 401 25.94 16.80 39.44
C MET B 401 24.72 15.92 39.10
N ILE B 402 24.24 15.13 40.07
CA ILE B 402 23.05 14.24 39.91
C ILE B 402 21.75 15.04 40.09
N ARG B 403 21.59 15.83 41.15
CA ARG B 403 20.31 16.56 41.40
C ARG B 403 20.15 17.72 40.39
N ALA B 404 21.23 18.48 40.20
CA ALA B 404 21.18 19.88 39.74
C ALA B 404 21.25 19.95 38.21
N CYS B 405 20.63 19.01 37.53
CA CYS B 405 20.77 18.92 36.06
C CYS B 405 19.41 18.70 35.46
N PRO B 406 19.19 19.17 34.21
CA PRO B 406 17.94 18.93 33.51
C PRO B 406 17.72 17.44 33.33
N PRO B 407 16.48 17.02 33.08
CA PRO B 407 16.18 15.60 32.92
C PRO B 407 16.59 15.04 31.55
N SER B 408 16.83 13.73 31.49
CA SER B 408 16.85 12.94 30.24
C SER B 408 15.50 13.12 29.55
N ALA B 409 15.44 13.11 28.22
CA ALA B 409 14.19 13.29 27.42
C ALA B 409 13.11 12.33 27.92
N ASN B 410 13.48 11.11 28.31
CA ASN B 410 12.51 10.12 28.86
C ASN B 410 11.92 10.63 30.18
N ASP B 411 12.73 11.25 31.07
CA ASP B 411 12.24 11.80 32.36
C ASP B 411 11.44 13.09 32.08
N ALA B 412 11.82 13.88 31.07
CA ALA B 412 11.13 15.12 30.67
C ALA B 412 9.71 14.79 30.25
N LEU B 413 9.56 13.80 29.36
CA LEU B 413 8.23 13.33 28.89
C LEU B 413 7.42 12.86 30.11
N PHE B 414 8.09 12.18 31.05
CA PHE B 414 7.43 11.56 32.22
C PHE B 414 6.91 12.67 33.14
N CYS B 415 7.74 13.69 33.41
CA CYS B 415 7.38 14.90 34.18
C CYS B 415 6.15 15.53 33.53
N ALA B 416 6.24 15.82 32.23
CA ALA B 416 5.15 16.47 31.44
C ALA B 416 3.84 15.73 31.68
N THR B 417 3.86 14.41 31.55
CA THR B 417 2.65 13.55 31.68
C THR B 417 2.15 13.57 33.14
N LEU B 418 3.04 13.34 34.11
CA LEU B 418 2.68 13.36 35.57
C LEU B 418 1.92 14.66 35.86
N ALA B 419 2.50 15.80 35.49
CA ALA B 419 1.91 17.15 35.62
C ALA B 419 0.54 17.20 34.92
N THR B 420 0.49 17.16 33.59
CA THR B 420 -0.76 17.33 32.80
C THR B 420 -1.89 16.49 33.44
N LEU B 421 -1.63 15.25 33.85
CA LEU B 421 -2.66 14.37 34.46
C LEU B 421 -3.06 14.90 35.85
N ALA B 422 -2.09 15.36 36.64
CA ALA B 422 -2.33 15.92 38.01
C ALA B 422 -3.31 17.08 37.89
N VAL B 423 -3.15 17.92 36.86
CA VAL B 423 -4.04 19.07 36.57
C VAL B 423 -5.41 18.52 36.17
N HIS B 424 -5.47 17.61 35.19
CA HIS B 424 -6.73 17.00 34.67
C HIS B 424 -7.59 16.48 35.84
N GLU B 425 -6.95 15.99 36.91
CA GLU B 425 -7.61 15.34 38.09
C GLU B 425 -7.95 16.37 39.18
N ALA B 426 -7.08 17.35 39.42
CA ALA B 426 -7.31 18.41 40.43
C ALA B 426 -8.50 19.27 39.99
N MET B 427 -8.59 19.57 38.68
CA MET B 427 -9.73 20.30 38.07
C MET B 427 -11.02 19.47 38.27
N ALA B 428 -10.90 18.14 38.33
CA ALA B 428 -11.99 17.17 38.60
C ALA B 428 -12.07 16.86 40.11
N GLY B 429 -11.60 17.77 40.95
CA GLY B 429 -11.87 17.78 42.40
C GLY B 429 -11.09 16.73 43.18
N ALA B 430 -10.03 16.14 42.61
CA ALA B 430 -9.13 15.26 43.37
C ALA B 430 -8.41 16.10 44.43
N THR B 431 -8.26 15.60 45.66
CA THR B 431 -7.50 16.29 46.74
C THR B 431 -6.96 15.26 47.74
N GLY B 432 -5.98 15.68 48.56
CA GLY B 432 -5.34 14.88 49.62
C GLY B 432 -4.63 13.65 49.06
N CYS B 433 -4.21 13.71 47.79
CA CYS B 433 -3.70 12.55 47.03
C CYS B 433 -2.48 12.95 46.20
N ILE B 434 -1.70 11.96 45.78
CA ILE B 434 -0.55 12.10 44.84
C ILE B 434 -0.87 11.35 43.55
N ILE B 435 -0.13 11.66 42.49
CA ILE B 435 -0.14 10.88 41.22
C ILE B 435 1.17 10.09 41.13
N ALA B 436 1.08 8.79 40.86
CA ALA B 436 2.28 7.95 40.65
C ALA B 436 2.05 7.02 39.47
N MET B 437 3.11 6.31 39.10
CA MET B 437 3.17 5.40 37.92
C MET B 437 3.32 3.97 38.43
N ARG B 438 2.37 3.09 38.12
CA ARG B 438 2.40 1.63 38.41
C ARG B 438 2.00 0.86 37.16
N HIS B 439 2.83 -0.10 36.74
CA HIS B 439 2.44 -1.10 35.71
C HIS B 439 1.99 -0.35 34.45
N ASN B 440 2.74 0.68 34.05
CA ASN B 440 2.51 1.41 32.78
C ASN B 440 1.26 2.28 32.86
N ASN B 441 0.67 2.45 34.05
CA ASN B 441 -0.55 3.26 34.23
C ASN B 441 -0.30 4.31 35.31
N TYR B 442 -1.03 5.42 35.23
CA TYR B 442 -0.99 6.55 36.18
C TYR B 442 -2.16 6.38 37.14
N ILE B 443 -1.86 6.43 38.43
CA ILE B 443 -2.88 6.17 39.49
C ILE B 443 -2.82 7.31 40.52
N LEU B 444 -3.94 7.50 41.21
CA LEU B 444 -4.11 8.48 42.31
C LEU B 444 -4.05 7.74 43.64
N VAL B 445 -3.11 8.10 44.51
CA VAL B 445 -2.91 7.45 45.84
C VAL B 445 -3.19 8.47 46.92
N PRO B 446 -4.11 8.19 47.86
CA PRO B 446 -4.26 8.99 49.07
C PRO B 446 -2.92 9.19 49.79
N ILE B 447 -2.62 10.43 50.19
CA ILE B 447 -1.34 10.80 50.88
C ILE B 447 -1.20 9.95 52.15
N LYS B 448 -2.30 9.79 52.91
CA LYS B 448 -2.35 8.99 54.16
C LYS B 448 -1.73 7.61 53.91
N VAL B 449 -1.99 7.01 52.74
CA VAL B 449 -1.47 5.67 52.32
C VAL B 449 0.00 5.79 51.93
N ALA B 450 0.31 6.68 50.97
CA ALA B 450 1.64 6.83 50.35
C ALA B 450 2.71 7.14 51.39
N THR B 451 2.35 7.75 52.53
CA THR B 451 3.30 8.12 53.62
C THR B 451 3.42 7.00 54.64
N SER B 452 2.54 6.01 54.57
CA SER B 452 2.43 4.90 55.55
C SER B 452 3.40 3.78 55.20
N VAL B 453 3.66 3.58 53.91
CA VAL B 453 4.54 2.50 53.39
C VAL B 453 5.57 3.10 52.44
N ARG B 454 6.72 2.43 52.31
CA ARG B 454 7.80 2.82 51.39
C ARG B 454 8.38 1.56 50.73
N ARG B 455 8.94 1.75 49.54
CA ARG B 455 9.62 0.70 48.74
C ARG B 455 11.08 0.58 49.20
N VAL B 456 11.72 -0.48 48.72
CA VAL B 456 12.99 -1.00 49.26
C VAL B 456 13.43 -2.18 48.40
N LEU B 457 14.72 -2.29 48.07
CA LEU B 457 15.29 -3.38 47.24
C LEU B 457 14.81 -4.73 47.77
N ASP B 458 14.23 -5.56 46.91
CA ASP B 458 14.04 -7.01 47.17
C ASP B 458 15.42 -7.67 47.03
N LEU B 459 16.04 -8.06 48.16
CA LEU B 459 17.41 -8.60 48.18
C LEU B 459 17.44 -10.00 47.55
N ARG B 460 16.28 -10.62 47.31
CA ARG B 460 16.18 -11.93 46.61
C ARG B 460 15.75 -11.70 45.15
N GLY B 461 15.62 -10.44 44.71
CA GLY B 461 15.13 -10.07 43.36
C GLY B 461 16.21 -10.07 42.30
N GLN B 462 15.81 -10.01 41.02
CA GLN B 462 16.73 -10.20 39.86
C GLN B 462 17.77 -9.08 39.84
N LEU B 463 17.40 -7.85 40.20
CA LEU B 463 18.34 -6.68 40.18
C LEU B 463 19.50 -6.97 41.13
N TRP B 464 19.17 -7.29 42.39
CA TRP B 464 20.20 -7.53 43.43
C TRP B 464 21.02 -8.78 43.07
N ARG B 465 20.39 -9.79 42.46
CA ARG B 465 21.15 -10.91 41.83
C ARG B 465 22.25 -10.26 40.99
N GLN B 466 21.86 -9.48 39.97
CA GLN B 466 22.79 -8.92 38.95
C GLN B 466 23.88 -8.06 39.64
N VAL B 467 23.62 -7.55 40.85
CA VAL B 467 24.63 -6.78 41.63
C VAL B 467 25.65 -7.76 42.21
N ARG B 468 25.17 -8.80 42.89
CA ARG B 468 26.04 -9.84 43.49
C ARG B 468 26.84 -10.54 42.38
N GLU B 469 26.25 -10.68 41.18
CA GLU B 469 26.87 -11.29 39.97
C GLU B 469 28.21 -10.60 39.69
N ILE B 470 28.33 -9.28 39.91
CA ILE B 470 29.51 -8.48 39.49
C ILE B 470 30.35 -8.07 40.70
N THR B 471 29.78 -8.08 41.92
CA THR B 471 30.49 -7.62 43.16
C THR B 471 31.13 -8.80 43.88
N VAL B 472 32.29 -8.54 44.49
CA VAL B 472 33.08 -9.51 45.29
C VAL B 472 32.13 -10.42 46.06
N ASP B 473 32.37 -11.73 46.01
CA ASP B 473 31.72 -12.79 46.82
C ASP B 473 32.82 -13.51 47.60
N LEU B 474 32.73 -13.48 48.93
CA LEU B 474 33.67 -14.21 49.83
C LEU B 474 33.46 -15.71 49.62
N GLY B 475 32.25 -16.13 49.24
CA GLY B 475 31.87 -17.54 49.02
C GLY B 475 32.46 -18.16 47.74
N SER B 476 33.47 -17.51 47.16
CA SER B 476 34.28 -18.04 46.03
C SER B 476 35.72 -18.22 46.50
N ASP B 477 36.20 -19.48 46.53
CA ASP B 477 37.64 -19.84 46.61
C ASP B 477 38.36 -19.10 45.48
N VAL B 478 39.28 -18.18 45.82
CA VAL B 478 39.85 -17.19 44.86
C VAL B 478 40.89 -17.91 44.00
N ARG B 479 41.66 -18.82 44.61
CA ARG B 479 42.64 -19.73 43.91
C ARG B 479 41.89 -20.51 42.81
N LEU B 480 40.80 -21.24 43.14
CA LEU B 480 40.08 -22.16 42.22
C LEU B 480 39.41 -21.34 41.09
N ALA B 481 38.75 -20.24 41.46
CA ALA B 481 38.08 -19.29 40.53
C ALA B 481 39.10 -18.70 39.53
N ARG B 482 40.20 -18.16 40.05
CA ARG B 482 41.26 -17.49 39.26
C ARG B 482 41.94 -18.49 38.31
N LYS B 483 42.10 -19.74 38.75
CA LYS B 483 42.60 -20.84 37.88
C LYS B 483 41.65 -20.94 36.68
N LEU B 484 40.40 -21.34 36.94
CA LEU B 484 39.39 -21.61 35.87
C LEU B 484 39.30 -20.41 34.93
N GLU B 485 39.58 -19.19 35.44
CA GLU B 485 39.63 -17.95 34.63
C GLU B 485 40.75 -18.05 33.57
N ILE B 486 41.99 -18.20 34.00
CA ILE B 486 43.20 -18.21 33.11
C ILE B 486 43.11 -19.41 32.17
N ARG B 487 42.44 -20.49 32.58
CA ARG B 487 42.19 -21.68 31.71
C ARG B 487 41.46 -21.20 30.45
N ARG B 488 40.34 -20.50 30.63
CA ARG B 488 39.52 -19.98 29.51
C ARG B 488 40.36 -19.00 28.68
N GLU B 489 41.06 -18.08 29.34
CA GLU B 489 41.87 -17.03 28.68
C GLU B 489 42.85 -17.71 27.69
N LEU B 490 43.52 -18.74 28.21
CA LEU B 490 44.58 -19.51 27.48
C LEU B 490 43.94 -20.26 26.31
N GLU B 491 42.84 -20.98 26.54
CA GLU B 491 42.09 -21.71 25.49
C GLU B 491 41.81 -20.75 24.32
N ALA B 492 41.29 -19.56 24.64
CA ALA B 492 40.90 -18.53 23.65
C ALA B 492 42.13 -18.06 22.86
N ILE B 493 43.23 -17.74 23.55
CA ILE B 493 44.45 -17.13 22.89
C ILE B 493 45.14 -18.19 22.01
N ASN B 494 45.13 -19.45 22.44
CA ASN B 494 45.73 -20.57 21.66
C ASN B 494 44.91 -20.70 20.37
N ARG B 495 43.59 -20.52 20.43
CA ARG B 495 42.70 -20.61 19.22
C ARG B 495 43.20 -19.55 18.21
N ASN B 496 43.34 -18.30 18.65
CA ASN B 496 43.75 -17.19 17.76
C ASN B 496 45.12 -17.52 17.18
N ARG B 497 46.04 -17.97 18.04
CA ARG B 497 47.39 -18.44 17.61
C ARG B 497 47.23 -19.37 16.40
N ASP B 498 46.38 -20.40 16.54
CA ASP B 498 46.14 -21.45 15.52
C ASP B 498 45.68 -20.79 14.22
N ARG B 499 44.68 -19.90 14.30
CA ARG B 499 44.04 -19.28 13.11
C ARG B 499 45.06 -18.37 12.39
N LEU B 500 45.98 -17.75 13.16
CA LEU B 500 47.02 -16.83 12.66
C LEU B 500 48.08 -17.63 11.90
N HIS B 501 48.53 -18.75 12.49
CA HIS B 501 49.42 -19.72 11.80
C HIS B 501 48.79 -20.06 10.44
N GLU B 502 47.47 -20.31 10.42
CA GLU B 502 46.74 -20.72 9.19
C GLU B 502 46.83 -19.62 8.14
N GLU B 503 46.70 -18.35 8.57
CA GLU B 503 46.68 -17.17 7.66
C GLU B 503 48.03 -17.00 6.94
N LEU B 504 49.00 -17.91 7.09
CA LEU B 504 50.28 -17.73 6.36
C LEU B 504 50.17 -18.33 4.95
N ALA B 505 49.78 -17.48 3.98
CA ALA B 505 49.45 -17.78 2.57
C ALA B 505 48.27 -18.77 2.49
N THR C 30 63.23 36.76 34.60
CA THR C 30 61.82 37.17 34.79
C THR C 30 61.52 38.47 33.99
N SER C 31 60.47 38.39 33.18
CA SER C 31 59.64 39.53 32.63
C SER C 31 58.13 39.19 32.68
N LYS C 32 57.56 38.42 31.73
CA LYS C 32 56.14 37.94 31.78
C LYS C 32 55.97 36.67 32.66
N LEU C 33 57.03 35.87 32.83
CA LEU C 33 57.01 34.55 33.53
C LEU C 33 57.46 34.70 34.99
N VAL C 34 57.08 33.75 35.86
CA VAL C 34 57.52 33.71 37.29
C VAL C 34 58.64 32.66 37.43
N LYS C 35 59.63 32.93 38.26
CA LYS C 35 60.70 31.97 38.63
C LYS C 35 60.06 30.85 39.48
N ALA C 36 60.25 29.59 39.08
CA ALA C 36 59.77 28.38 39.80
C ALA C 36 60.55 28.21 41.10
N HIS C 37 60.07 27.35 42.01
CA HIS C 37 60.45 27.35 43.44
C HIS C 37 61.85 26.75 43.63
N ARG C 38 62.17 25.66 42.91
CA ARG C 38 63.58 25.17 42.74
C ARG C 38 63.90 25.21 41.25
N ALA C 39 64.05 26.45 40.75
CA ALA C 39 64.54 26.79 39.40
C ALA C 39 66.03 26.43 39.31
N MET C 40 66.43 25.82 38.19
CA MET C 40 67.83 25.43 37.91
C MET C 40 68.55 26.60 37.21
N LEU C 41 67.80 27.53 36.61
CA LEU C 41 68.33 28.77 35.98
C LEU C 41 67.72 30.00 36.68
N ASN C 42 68.50 31.10 36.77
CA ASN C 42 68.05 32.41 37.32
C ASN C 42 67.62 33.33 36.16
N SER C 43 67.90 32.92 34.91
CA SER C 43 67.49 33.61 33.65
C SER C 43 67.50 32.60 32.49
N VAL C 44 67.05 33.03 31.30
CA VAL C 44 67.15 32.19 30.06
C VAL C 44 67.89 33.00 29.00
N THR C 45 69.07 32.50 28.60
CA THR C 45 69.87 32.98 27.44
C THR C 45 69.61 32.05 26.24
N GLN C 46 70.06 32.45 25.04
CA GLN C 46 69.84 31.69 23.79
C GLN C 46 70.50 30.31 23.89
N GLU C 47 71.65 30.23 24.58
CA GLU C 47 72.40 28.97 24.79
C GLU C 47 71.53 27.99 25.60
N ASP C 48 70.83 28.50 26.63
CA ASP C 48 69.96 27.68 27.52
C ASP C 48 68.89 26.94 26.70
N LEU C 49 68.51 27.50 25.54
CA LEU C 49 67.44 26.96 24.66
C LEU C 49 67.98 25.89 23.74
N LYS C 50 69.32 25.73 23.62
CA LYS C 50 69.93 24.67 22.78
C LYS C 50 69.40 23.31 23.27
N VAL C 51 68.81 22.52 22.36
CA VAL C 51 68.18 21.21 22.68
C VAL C 51 69.24 20.12 22.49
N ASP C 52 69.58 19.40 23.57
CA ASP C 52 70.59 18.30 23.58
C ASP C 52 70.24 17.27 22.50
N ARG C 53 71.17 17.05 21.58
CA ARG C 53 71.11 16.05 20.49
C ARG C 53 72.12 14.93 20.79
N LEU C 54 71.62 13.71 21.04
CA LEU C 54 72.43 12.48 21.19
C LEU C 54 73.36 12.38 19.99
N PRO C 55 74.68 12.17 20.20
CA PRO C 55 75.65 12.27 19.11
C PRO C 55 75.32 11.25 18.00
N GLY C 56 75.43 11.67 16.74
CA GLY C 56 75.19 10.81 15.56
C GLY C 56 73.82 11.08 14.96
N ALA C 57 73.69 10.88 13.65
CA ALA C 57 72.44 11.05 12.88
C ALA C 57 72.56 10.24 11.59
N ASP C 58 72.75 8.92 11.75
CA ASP C 58 73.33 8.01 10.73
C ASP C 58 72.22 7.45 9.82
N TYR C 59 71.07 7.04 10.38
CA TYR C 59 70.03 6.24 9.68
C TYR C 59 68.99 7.18 9.05
N PRO C 60 68.41 6.83 7.89
CA PRO C 60 67.42 7.68 7.23
C PRO C 60 66.05 7.42 7.84
N ASN C 61 65.19 8.44 7.93
CA ASN C 61 63.79 8.30 8.43
C ASN C 61 63.04 7.33 7.52
N PRO C 62 62.58 6.16 8.02
CA PRO C 62 61.92 5.18 7.16
C PRO C 62 60.47 5.58 6.89
N SER C 63 60.26 6.75 6.25
CA SER C 63 58.95 7.45 6.26
C SER C 63 58.55 8.03 4.87
N LYS C 64 59.45 8.06 3.89
CA LYS C 64 59.20 8.56 2.51
C LYS C 64 59.24 7.42 1.47
N LYS C 75 68.18 19.14 9.34
CA LYS C 75 68.58 20.59 9.50
C LYS C 75 67.47 21.39 10.22
N THR C 76 67.81 21.95 11.39
CA THR C 76 66.81 22.35 12.44
C THR C 76 66.36 23.78 12.15
N ASP C 77 65.05 24.05 12.29
CA ASP C 77 64.41 25.36 12.02
C ASP C 77 64.00 25.98 13.34
N TYR C 78 63.86 27.31 13.37
CA TYR C 78 63.54 28.10 14.59
C TYR C 78 62.26 28.92 14.37
N ILE C 79 61.67 29.36 15.48
CA ILE C 79 60.58 30.38 15.58
C ILE C 79 60.99 31.34 16.70
N MET C 80 60.61 32.62 16.64
CA MET C 80 60.93 33.59 17.73
C MET C 80 60.15 33.22 18.99
N TYR C 81 60.74 33.47 20.16
CA TYR C 81 60.01 33.38 21.45
C TYR C 81 58.88 34.40 21.36
N ASN C 82 59.25 35.69 21.31
CA ASN C 82 58.33 36.84 21.21
C ASN C 82 58.25 37.31 19.75
N PRO C 83 57.06 37.26 19.12
CA PRO C 83 56.88 37.76 17.76
C PRO C 83 56.55 39.25 17.67
N ARG C 84 56.71 39.99 18.78
CA ARG C 84 56.37 41.44 18.83
C ARG C 84 57.59 42.24 18.37
N PRO C 85 57.38 43.27 17.51
CA PRO C 85 58.48 44.08 16.98
C PRO C 85 59.00 45.09 18.00
N ARG C 86 60.30 45.41 17.91
CA ARG C 86 60.97 46.41 18.77
C ARG C 86 60.51 47.82 18.37
N ASP C 87 60.49 48.11 17.06
CA ASP C 87 60.14 49.45 16.49
C ASP C 87 58.74 49.39 15.84
N GLU C 88 58.29 50.51 15.25
CA GLU C 88 57.07 50.62 14.39
C GLU C 88 57.41 50.03 13.00
N PRO C 89 56.40 49.75 12.14
CA PRO C 89 56.66 49.25 10.78
C PRO C 89 57.39 50.26 9.88
N SER C 90 58.73 50.22 9.85
CA SER C 90 59.60 51.15 9.05
C SER C 90 60.03 50.46 7.75
N SER C 91 61.07 50.97 7.07
CA SER C 91 61.59 50.49 5.76
C SER C 91 61.97 49.00 5.82
N GLU C 92 62.82 48.59 6.76
CA GLU C 92 63.38 47.21 6.85
C GLU C 92 62.41 46.29 7.60
N ASN C 93 62.59 44.96 7.51
CA ASN C 93 61.70 43.97 8.21
C ASN C 93 61.74 44.21 9.72
N PRO C 94 60.70 43.81 10.47
CA PRO C 94 60.67 44.03 11.92
C PRO C 94 61.56 43.04 12.70
N VAL C 95 61.91 43.42 13.95
CA VAL C 95 62.89 42.70 14.81
C VAL C 95 62.23 42.34 16.14
N SER C 96 62.35 41.09 16.59
CA SER C 96 61.81 40.60 17.88
C SER C 96 62.31 41.51 19.01
N VAL C 97 61.43 41.79 19.98
CA VAL C 97 61.80 42.47 21.26
C VAL C 97 62.80 41.58 22.00
N SER C 98 62.53 40.28 22.06
CA SER C 98 63.38 39.27 22.76
C SER C 98 64.40 38.68 21.78
N PRO C 99 65.65 38.44 22.22
CA PRO C 99 66.64 37.79 21.36
C PRO C 99 66.41 36.28 21.24
N LEU C 100 65.48 35.73 22.02
CA LEU C 100 65.30 34.26 22.14
C LEU C 100 64.66 33.66 20.87
N LEU C 101 65.28 32.58 20.38
CA LEU C 101 64.80 31.70 19.27
C LEU C 101 64.58 30.29 19.82
N CYS C 102 63.42 29.68 19.52
CA CYS C 102 62.99 28.32 19.94
C CYS C 102 63.13 27.34 18.77
N GLU C 103 63.62 26.13 19.05
CA GLU C 103 63.75 25.03 18.06
C GLU C 103 62.37 24.46 17.75
N LEU C 104 61.96 24.51 16.48
CA LEU C 104 60.71 23.87 15.98
C LEU C 104 60.90 22.35 15.97
N ALA C 105 59.85 21.62 16.35
CA ALA C 105 59.81 20.13 16.37
C ALA C 105 59.15 19.61 15.09
N ALA C 106 59.81 18.69 14.38
CA ALA C 106 59.25 18.04 13.17
C ALA C 106 60.10 16.81 12.80
N ALA C 107 59.50 15.88 12.07
CA ALA C 107 60.16 14.64 11.60
C ALA C 107 61.39 15.01 10.80
N ARG C 108 62.53 14.38 11.12
CA ARG C 108 63.85 14.76 10.57
C ARG C 108 64.19 13.83 9.41
N SER C 109 64.84 14.37 8.36
CA SER C 109 65.36 13.61 7.20
C SER C 109 66.27 12.48 7.71
N ARG C 110 67.20 12.84 8.60
CA ARG C 110 68.16 11.90 9.24
C ARG C 110 67.77 11.71 10.70
N ILE C 111 67.68 10.45 11.13
CA ILE C 111 67.41 10.05 12.54
C ILE C 111 68.68 9.43 13.13
N HIS C 112 68.81 9.45 14.46
CA HIS C 112 70.03 9.04 15.21
C HIS C 112 69.96 7.56 15.53
N PHE C 113 68.81 7.10 16.06
CA PHE C 113 68.55 5.70 16.46
C PHE C 113 68.19 4.86 15.24
N ASN C 114 68.50 3.56 15.30
CA ASN C 114 68.20 2.59 14.22
C ASN C 114 66.82 2.00 14.49
N PRO C 115 65.82 2.31 13.63
CA PRO C 115 64.44 1.93 13.88
C PRO C 115 64.23 0.49 14.37
N THR C 116 64.48 -0.51 13.51
CA THR C 116 64.17 -1.94 13.78
C THR C 116 65.02 -2.47 14.93
N GLU C 117 65.91 -1.65 15.49
CA GLU C 117 66.84 -2.06 16.58
C GLU C 117 66.52 -1.28 17.87
N THR C 118 65.54 -0.37 17.84
CA THR C 118 65.19 0.51 18.99
C THR C 118 64.03 -0.06 19.80
N THR C 119 64.08 0.17 21.12
CA THR C 119 63.03 -0.15 22.10
C THR C 119 62.56 1.17 22.72
N ILE C 120 61.26 1.44 22.74
CA ILE C 120 60.70 2.69 23.33
C ILE C 120 60.08 2.36 24.70
N GLY C 121 60.35 3.19 25.70
CA GLY C 121 59.76 3.09 27.04
C GLY C 121 58.81 4.26 27.32
N ILE C 122 57.68 3.99 27.97
CA ILE C 122 56.71 5.05 28.39
C ILE C 122 56.46 4.89 29.89
N VAL C 123 56.31 6.00 30.59
CA VAL C 123 55.87 6.00 32.02
C VAL C 123 55.03 7.25 32.30
N THR C 124 53.84 7.05 32.86
CA THR C 124 52.91 8.12 33.26
C THR C 124 53.06 8.30 34.77
N CYS C 125 53.35 9.54 35.21
CA CYS C 125 53.55 9.90 36.63
C CYS C 125 52.50 10.91 37.09
N GLY C 126 52.30 10.96 38.42
CA GLY C 126 51.50 11.98 39.11
C GLY C 126 50.00 11.68 39.09
N GLY C 127 49.19 12.72 39.24
CA GLY C 127 47.73 12.65 39.15
C GLY C 127 47.32 12.41 37.72
N ILE C 128 46.13 11.86 37.51
CA ILE C 128 45.65 11.59 36.13
C ILE C 128 45.20 12.90 35.51
N CYS C 129 44.81 12.83 34.24
CA CYS C 129 44.62 13.99 33.36
C CYS C 129 43.95 13.52 32.08
N PRO C 130 42.99 14.29 31.53
CA PRO C 130 42.36 13.91 30.27
C PRO C 130 43.41 13.69 29.17
N GLY C 131 43.33 12.50 28.54
CA GLY C 131 44.05 12.11 27.33
C GLY C 131 45.39 11.49 27.65
N LEU C 132 45.53 10.90 28.83
CA LEU C 132 46.81 10.28 29.23
C LEU C 132 47.02 9.07 28.30
N ASN C 133 45.97 8.25 28.16
CA ASN C 133 45.92 7.08 27.25
C ASN C 133 46.14 7.53 25.80
N ASP C 134 45.66 8.72 25.41
CA ASP C 134 45.84 9.23 24.03
C ASP C 134 47.33 9.42 23.75
N VAL C 135 48.08 9.95 24.72
CA VAL C 135 49.55 10.12 24.57
C VAL C 135 50.18 8.73 24.50
N ILE C 136 49.87 7.85 25.46
CA ILE C 136 50.39 6.44 25.44
C ILE C 136 50.17 5.85 24.04
N ARG C 137 48.93 5.83 23.56
CA ARG C 137 48.53 5.25 22.26
C ARG C 137 49.37 5.85 21.14
N SER C 138 49.36 7.17 20.96
CA SER C 138 50.04 7.82 19.80
C SER C 138 51.54 7.56 19.82
N ILE C 139 52.18 7.48 20.99
CA ILE C 139 53.64 7.19 21.11
C ILE C 139 53.88 5.76 20.60
N THR C 140 53.22 4.79 21.25
CA THR C 140 53.15 3.37 20.84
C THR C 140 53.05 3.29 19.33
N LEU C 141 51.94 3.74 18.76
CA LEU C 141 51.58 3.49 17.34
C LEU C 141 52.47 4.29 16.40
N THR C 142 53.05 5.41 16.81
CA THR C 142 54.00 6.17 15.95
C THR C 142 55.28 5.34 15.85
N GLY C 143 55.81 4.90 17.00
CA GLY C 143 56.98 4.00 17.07
C GLY C 143 56.80 2.75 16.24
N ILE C 144 55.69 2.04 16.43
CA ILE C 144 55.36 0.79 15.69
C ILE C 144 55.10 1.13 14.22
N ASN C 145 54.01 1.83 13.91
CA ASN C 145 53.48 1.94 12.53
C ASN C 145 54.36 2.84 11.64
N VAL C 146 55.04 3.86 12.17
CA VAL C 146 55.75 4.88 11.32
C VAL C 146 57.25 4.60 11.29
N TYR C 147 57.85 4.27 12.43
CA TYR C 147 59.32 4.03 12.56
C TYR C 147 59.60 2.52 12.60
N ASN C 148 58.59 1.71 12.91
CA ASN C 148 58.69 0.23 12.89
C ASN C 148 59.74 -0.21 13.91
N VAL C 149 59.68 0.33 15.13
CA VAL C 149 60.65 0.04 16.23
C VAL C 149 60.48 -1.43 16.64
N LYS C 150 61.50 -1.99 17.30
CA LYS C 150 61.58 -3.42 17.67
C LYS C 150 60.47 -3.73 18.69
N ARG C 151 60.33 -2.89 19.72
CA ARG C 151 59.38 -3.13 20.83
C ARG C 151 59.10 -1.84 21.62
N VAL C 152 57.97 -1.82 22.32
CA VAL C 152 57.50 -0.68 23.17
C VAL C 152 57.08 -1.23 24.53
N ILE C 153 57.72 -0.73 25.59
CA ILE C 153 57.53 -1.14 27.00
C ILE C 153 56.80 -0.03 27.74
N GLY C 154 55.73 -0.39 28.44
CA GLY C 154 54.98 0.50 29.33
C GLY C 154 55.23 0.19 30.78
N PHE C 155 55.90 1.08 31.49
CA PHE C 155 56.27 0.90 32.92
C PHE C 155 55.07 1.30 33.79
N ARG C 156 54.67 0.37 34.68
CA ARG C 156 53.44 0.46 35.49
C ARG C 156 53.64 1.43 36.65
N PHE C 157 52.62 2.23 36.96
CA PHE C 157 52.54 3.07 38.18
C PHE C 157 53.78 3.95 38.30
N GLY C 158 54.02 4.79 37.29
CA GLY C 158 55.03 5.86 37.37
C GLY C 158 56.40 5.29 37.59
N TYR C 159 57.31 6.07 38.20
CA TYR C 159 58.75 5.73 38.30
C TYR C 159 58.95 4.42 39.07
N TRP C 160 58.02 4.06 39.96
CA TRP C 160 58.02 2.78 40.72
C TRP C 160 58.13 1.57 39.79
N GLY C 161 57.66 1.70 38.55
CA GLY C 161 57.66 0.61 37.54
C GLY C 161 59.00 0.48 36.84
N LEU C 162 59.99 1.32 37.16
CA LEU C 162 61.40 1.21 36.72
C LEU C 162 62.31 0.78 37.88
N SER C 163 61.85 0.92 39.13
CA SER C 163 62.55 0.40 40.33
C SER C 163 62.75 -1.10 40.17
N LYS C 164 63.86 -1.67 40.66
CA LYS C 164 64.13 -3.13 40.63
C LYS C 164 62.86 -3.89 41.06
N LYS C 165 62.22 -3.42 42.13
CA LYS C 165 61.08 -4.08 42.84
C LYS C 165 59.77 -3.95 42.02
N GLY C 166 59.66 -3.07 41.03
CA GLY C 166 58.44 -2.94 40.21
C GLY C 166 58.68 -3.02 38.71
N SER C 167 59.94 -3.20 38.29
CA SER C 167 60.31 -3.44 36.87
C SER C 167 59.69 -4.76 36.42
N GLN C 168 59.36 -5.62 37.39
CA GLN C 168 58.70 -6.93 37.17
C GLN C 168 57.29 -6.70 36.60
N THR C 169 56.70 -5.51 36.80
CA THR C 169 55.27 -5.26 36.48
C THR C 169 55.10 -4.65 35.10
N ALA C 170 56.17 -4.19 34.45
CA ALA C 170 56.12 -3.53 33.11
C ALA C 170 55.40 -4.44 32.10
N ILE C 171 54.90 -3.86 30.99
CA ILE C 171 54.02 -4.56 30.00
C ILE C 171 54.44 -4.20 28.57
N GLU C 172 54.09 -5.06 27.61
CA GLU C 172 54.32 -4.86 26.16
C GLU C 172 53.15 -4.04 25.60
N LEU C 173 53.47 -2.98 24.86
CA LEU C 173 52.48 -2.12 24.17
C LEU C 173 52.51 -2.44 22.68
N HIS C 174 51.82 -3.50 22.27
CA HIS C 174 51.49 -3.81 20.85
C HIS C 174 50.23 -3.04 20.45
N ARG C 175 50.02 -2.85 19.15
CA ARG C 175 48.78 -2.24 18.61
C ARG C 175 47.57 -2.76 19.39
N GLY C 176 47.38 -4.08 19.43
CA GLY C 176 46.22 -4.75 20.04
C GLY C 176 45.92 -4.27 21.44
N ARG C 177 46.92 -3.78 22.19
CA ARG C 177 46.79 -3.43 23.62
C ARG C 177 46.34 -1.97 23.80
N VAL C 178 46.58 -1.13 22.80
CA VAL C 178 46.32 0.33 22.85
C VAL C 178 45.18 0.69 21.89
N THR C 179 44.50 -0.29 21.32
CA THR C 179 43.54 -0.11 20.20
C THR C 179 42.55 1.00 20.56
N ASN C 180 41.90 0.90 21.73
CA ASN C 180 40.79 1.80 22.09
C ASN C 180 41.02 2.44 23.46
N ILE C 181 42.24 2.41 23.99
CA ILE C 181 42.55 3.02 25.32
C ILE C 181 42.25 4.52 25.31
N HIS C 182 42.34 5.19 24.15
CA HIS C 182 42.15 6.67 24.03
C HIS C 182 40.71 7.05 24.36
N HIS C 183 39.77 6.11 24.26
CA HIS C 183 38.34 6.32 24.59
C HIS C 183 38.13 6.40 26.11
N TYR C 184 39.20 6.40 26.90
CA TYR C 184 39.07 6.30 28.36
C TYR C 184 40.07 7.23 29.05
N GLY C 185 39.76 7.49 30.32
CA GLY C 185 40.48 8.48 31.13
C GLY C 185 41.36 7.76 32.10
N GLY C 186 42.29 8.49 32.71
CA GLY C 186 43.39 7.86 33.45
C GLY C 186 44.36 7.20 32.50
N THR C 187 45.08 6.18 32.97
CA THR C 187 46.27 5.58 32.30
C THR C 187 46.28 4.05 32.48
N ILE C 188 46.36 3.30 31.38
CA ILE C 188 46.46 1.80 31.41
C ILE C 188 47.76 1.39 32.11
N LEU C 189 48.83 2.15 31.93
CA LEU C 189 50.13 1.94 32.63
C LEU C 189 49.94 2.16 34.13
N GLY C 190 48.97 2.99 34.52
CA GLY C 190 48.86 3.47 35.91
C GLY C 190 49.96 4.46 36.23
N SER C 191 49.83 5.15 37.35
CA SER C 191 50.69 6.29 37.76
C SER C 191 51.01 6.19 39.25
N SER C 192 51.97 7.00 39.70
CA SER C 192 52.35 7.18 41.12
C SER C 192 53.19 8.45 41.25
N ARG C 193 53.09 9.09 42.42
CA ARG C 193 53.78 10.35 42.73
C ARG C 193 55.15 10.01 43.28
N GLY C 194 56.02 11.02 43.35
CA GLY C 194 57.31 10.91 44.06
C GLY C 194 58.39 10.29 43.19
N PRO C 195 59.63 10.18 43.71
CA PRO C 195 60.78 9.79 42.91
C PRO C 195 61.11 8.31 43.12
N GLN C 196 62.11 7.81 42.40
CA GLN C 196 62.81 6.53 42.70
C GLN C 196 64.32 6.78 42.63
N ASP C 197 65.12 5.75 42.89
CA ASP C 197 66.60 5.79 42.74
C ASP C 197 66.94 5.90 41.25
N PRO C 198 67.58 7.00 40.79
CA PRO C 198 68.00 7.14 39.39
C PRO C 198 68.81 5.94 38.89
N LYS C 199 69.73 5.45 39.72
CA LYS C 199 70.60 4.28 39.38
C LYS C 199 69.71 3.08 39.08
N GLU C 200 68.79 2.72 40.00
CA GLU C 200 67.85 1.57 39.83
C GLU C 200 67.17 1.67 38.45
N MET C 201 66.68 2.86 38.12
CA MET C 201 65.87 3.09 36.90
C MET C 201 66.75 2.93 35.64
N VAL C 202 67.94 3.54 35.61
CA VAL C 202 68.89 3.40 34.45
C VAL C 202 69.30 1.93 34.32
N ASP C 203 69.46 1.22 35.44
CA ASP C 203 69.73 -0.24 35.50
C ASP C 203 68.63 -0.96 34.70
N THR C 204 67.37 -0.70 35.03
CA THR C 204 66.19 -1.32 34.36
C THR C 204 66.17 -0.96 32.87
N LEU C 205 66.50 0.29 32.52
CA LEU C 205 66.49 0.78 31.11
C LEU C 205 67.52 -0.01 30.29
N GLU C 206 68.75 -0.12 30.80
CA GLU C 206 69.84 -0.89 30.15
C GLU C 206 69.39 -2.35 30.02
N ARG C 207 68.94 -2.96 31.12
CA ARG C 207 68.55 -4.41 31.15
C ARG C 207 67.47 -4.70 30.11
N LEU C 208 66.54 -3.76 29.86
CA LEU C 208 65.41 -3.97 28.92
C LEU C 208 65.74 -3.38 27.53
N GLY C 209 66.93 -2.80 27.38
CA GLY C 209 67.43 -2.30 26.08
C GLY C 209 66.60 -1.13 25.59
N VAL C 210 66.09 -0.33 26.53
CA VAL C 210 65.25 0.88 26.25
C VAL C 210 66.14 1.99 25.71
N ASN C 211 65.96 2.34 24.45
CA ASN C 211 66.77 3.36 23.72
C ASN C 211 66.17 4.74 23.95
N ILE C 212 64.84 4.84 24.11
CA ILE C 212 64.10 6.12 24.33
C ILE C 212 63.08 5.92 25.47
N LEU C 213 63.14 6.77 26.50
CA LEU C 213 62.23 6.77 27.68
C LEU C 213 61.42 8.07 27.65
N PHE C 214 60.10 7.96 27.41
CA PHE C 214 59.12 9.07 27.37
C PHE C 214 58.49 9.26 28.75
N THR C 215 58.80 10.38 29.40
CA THR C 215 58.31 10.74 30.75
C THR C 215 57.05 11.63 30.60
N VAL C 216 55.88 11.04 30.85
CA VAL C 216 54.58 11.77 30.84
C VAL C 216 54.25 12.15 32.28
N GLY C 217 54.54 13.39 32.67
CA GLY C 217 54.23 13.92 34.02
C GLY C 217 54.44 15.42 34.11
N GLY C 218 54.32 15.95 35.33
CA GLY C 218 54.45 17.38 35.64
C GLY C 218 55.89 17.81 35.77
N ASP C 219 56.15 19.04 36.23
CA ASP C 219 57.55 19.55 36.23
C ASP C 219 58.37 18.64 37.20
N GLY C 220 57.95 18.17 38.38
CA GLY C 220 58.67 17.17 39.20
C GLY C 220 59.18 15.96 38.40
N THR C 221 58.28 15.34 37.62
CA THR C 221 58.56 14.17 36.74
C THR C 221 59.72 14.53 35.81
N GLN C 222 59.62 15.65 35.09
CA GLN C 222 60.63 16.04 34.08
C GLN C 222 61.97 16.37 34.76
N ARG C 223 61.96 16.90 35.98
CA ARG C 223 63.20 17.16 36.76
C ARG C 223 63.86 15.82 37.11
N GLY C 224 63.05 14.81 37.48
CA GLY C 224 63.50 13.42 37.64
C GLY C 224 64.10 12.86 36.35
N ALA C 225 63.44 13.14 35.22
CA ALA C 225 63.83 12.69 33.87
C ALA C 225 65.20 13.27 33.48
N LEU C 226 65.48 14.51 33.89
CA LEU C 226 66.81 15.13 33.66
C LEU C 226 67.86 14.38 34.52
N VAL C 227 67.51 13.99 35.75
CA VAL C 227 68.42 13.20 36.65
C VAL C 227 68.75 11.88 35.96
N ILE C 228 67.75 11.18 35.42
CA ILE C 228 67.94 9.90 34.66
C ILE C 228 68.83 10.16 33.46
N SER C 229 68.60 11.24 32.72
CA SER C 229 69.37 11.65 31.52
C SER C 229 70.87 11.78 31.88
N GLN C 230 71.16 12.50 32.96
CA GLN C 230 72.55 12.83 33.41
C GLN C 230 73.23 11.59 34.03
N GLU C 231 72.42 10.65 34.56
CA GLU C 231 72.91 9.35 35.10
C GLU C 231 73.30 8.42 33.94
N ALA C 232 72.40 8.28 32.95
CA ALA C 232 72.62 7.46 31.74
C ALA C 232 73.77 8.02 30.91
N LYS C 233 74.01 9.33 30.95
CA LYS C 233 75.18 9.97 30.25
C LYS C 233 76.43 9.79 31.13
N ARG C 234 76.31 9.72 32.46
CA ARG C 234 77.44 9.40 33.37
C ARG C 234 77.96 7.99 33.08
N ARG C 235 77.08 7.08 32.66
CA ARG C 235 77.43 5.68 32.29
C ARG C 235 77.78 5.57 30.81
N GLY C 236 77.51 6.61 30.01
CA GLY C 236 77.76 6.64 28.56
C GLY C 236 76.82 5.73 27.79
N VAL C 237 75.61 5.53 28.31
CA VAL C 237 74.54 4.67 27.71
C VAL C 237 73.69 5.52 26.76
N ASP C 238 73.56 5.06 25.51
CA ASP C 238 72.79 5.71 24.41
C ASP C 238 71.30 5.56 24.71
N ILE C 239 70.78 6.42 25.59
CA ILE C 239 69.32 6.55 25.92
C ILE C 239 68.91 8.00 25.71
N SER C 240 67.75 8.21 25.09
CA SER C 240 67.08 9.52 24.93
C SER C 240 65.93 9.61 25.94
N VAL C 241 66.01 10.53 26.90
CA VAL C 241 64.92 10.86 27.87
C VAL C 241 64.15 12.07 27.34
N PHE C 242 62.86 11.90 27.04
CA PHE C 242 62.02 12.92 26.36
C PHE C 242 60.71 13.09 27.15
N GLY C 243 60.39 14.34 27.50
CA GLY C 243 59.24 14.70 28.34
C GLY C 243 58.01 15.08 27.54
N VAL C 244 56.85 14.54 27.91
CA VAL C 244 55.52 15.01 27.43
C VAL C 244 54.84 15.70 28.60
N PRO C 245 54.81 17.05 28.62
CA PRO C 245 54.31 17.81 29.75
C PRO C 245 52.84 17.54 30.07
N LYS C 246 52.60 16.88 31.22
CA LYS C 246 51.25 16.64 31.78
C LYS C 246 50.98 17.68 32.87
N THR C 247 50.34 18.78 32.50
CA THR C 247 49.74 19.75 33.47
C THR C 247 48.37 20.17 32.93
N ILE C 248 47.35 19.99 33.75
CA ILE C 248 45.94 20.36 33.45
C ILE C 248 45.82 21.87 33.68
N ASP C 249 46.60 22.41 34.62
CA ASP C 249 46.57 23.84 35.04
C ASP C 249 47.05 24.74 33.89
N ASN C 250 47.77 24.17 32.92
CA ASN C 250 48.32 24.87 31.71
C ASN C 250 49.27 25.99 32.14
N ASP C 251 49.99 25.80 33.25
CA ASP C 251 50.95 26.81 33.78
C ASP C 251 52.36 26.52 33.25
N LEU C 252 52.50 25.77 32.14
CA LEU C 252 53.83 25.46 31.55
C LEU C 252 54.37 26.68 30.80
N SER C 253 55.58 27.12 31.15
CA SER C 253 56.36 28.17 30.44
C SER C 253 56.72 27.66 29.04
N PHE C 254 56.95 28.59 28.10
CA PHE C 254 57.20 28.34 26.67
C PHE C 254 56.06 27.49 26.08
N SER C 255 54.85 27.69 26.59
CA SER C 255 53.63 26.92 26.23
C SER C 255 52.41 27.83 26.39
N HIS C 256 51.54 27.84 25.40
CA HIS C 256 50.20 28.49 25.48
C HIS C 256 49.16 27.43 25.83
N ARG C 257 49.43 26.17 25.51
CA ARG C 257 48.50 25.04 25.74
C ARG C 257 49.27 23.77 26.13
N THR C 258 48.71 23.04 27.10
CA THR C 258 49.13 21.68 27.46
C THR C 258 47.93 20.75 27.28
N PHE C 259 48.20 19.48 27.00
CA PHE C 259 47.13 18.51 26.69
C PHE C 259 46.31 18.35 27.97
N GLY C 260 44.99 18.28 27.80
CA GLY C 260 44.03 18.06 28.89
C GLY C 260 43.35 19.36 29.31
N PHE C 261 43.96 20.51 29.02
CA PHE C 261 43.47 21.82 29.52
C PHE C 261 42.04 22.08 29.01
N GLN C 262 41.87 22.15 27.70
CA GLN C 262 40.55 22.45 27.08
C GLN C 262 39.46 21.55 27.69
N THR C 263 39.71 20.24 27.76
CA THR C 263 38.74 19.26 28.33
C THR C 263 38.43 19.67 29.77
N ALA C 264 39.45 20.05 30.54
CA ALA C 264 39.32 20.43 31.96
C ALA C 264 38.34 21.60 32.06
N VAL C 265 38.56 22.66 31.28
CA VAL C 265 37.66 23.85 31.19
C VAL C 265 36.24 23.33 30.94
N GLU C 266 36.01 22.62 29.84
CA GLU C 266 34.68 22.09 29.47
C GLU C 266 34.00 21.48 30.69
N LYS C 267 34.73 20.67 31.44
CA LYS C 267 34.17 19.91 32.59
C LYS C 267 33.88 20.87 33.74
N ALA C 268 34.84 21.72 34.06
CA ALA C 268 34.72 22.78 35.09
C ALA C 268 33.40 23.51 34.86
N VAL C 269 33.17 23.99 33.64
CA VAL C 269 31.96 24.77 33.26
C VAL C 269 30.71 23.95 33.61
N GLN C 270 30.70 22.65 33.33
CA GLN C 270 29.53 21.79 33.64
C GLN C 270 29.34 21.67 35.14
N ALA C 271 30.42 21.74 35.93
CA ALA C 271 30.35 21.66 37.39
C ALA C 271 29.78 22.97 37.93
N ILE C 272 30.25 24.10 37.39
CA ILE C 272 29.72 25.45 37.74
C ILE C 272 28.21 25.47 37.46
N ARG C 273 27.76 24.96 36.31
CA ARG C 273 26.31 24.96 35.95
C ARG C 273 25.49 24.22 37.02
N ALA C 274 26.01 23.18 37.64
CA ALA C 274 25.30 22.41 38.68
C ALA C 274 25.37 23.17 40.01
N ALA C 275 26.52 23.78 40.28
CA ALA C 275 26.74 24.61 41.49
C ALA C 275 25.71 25.73 41.50
N TYR C 276 25.58 26.41 40.35
CA TYR C 276 24.68 27.55 40.08
C TYR C 276 23.24 27.10 40.30
N ALA C 277 22.77 26.04 39.64
CA ALA C 277 21.38 25.56 39.78
C ALA C 277 21.10 25.16 41.24
N GLU C 278 22.10 24.63 41.95
CA GLU C 278 21.94 24.22 43.37
C GLU C 278 21.81 25.48 44.25
N ALA C 279 22.60 26.52 43.95
CA ALA C 279 22.65 27.79 44.71
C ALA C 279 21.39 28.62 44.44
N VAL C 280 20.98 28.75 43.18
CA VAL C 280 19.81 29.56 42.74
C VAL C 280 18.55 29.02 43.40
N SER C 281 18.45 27.72 43.61
CA SER C 281 17.21 27.08 44.11
C SER C 281 16.99 27.41 45.59
N ALA C 282 17.95 28.06 46.24
CA ALA C 282 17.91 28.42 47.67
C ALA C 282 17.85 29.94 47.85
N ASN C 283 17.14 30.39 48.88
CA ASN C 283 17.16 31.80 49.35
C ASN C 283 18.49 32.02 50.07
N TYR C 284 19.20 33.11 49.72
CA TYR C 284 20.60 33.39 50.14
C TYR C 284 21.38 32.08 50.06
N GLY C 285 21.51 31.58 48.83
CA GLY C 285 22.23 30.33 48.50
C GLY C 285 23.62 30.62 47.97
N VAL C 286 24.63 29.99 48.56
CA VAL C 286 26.05 30.07 48.10
C VAL C 286 26.44 28.70 47.55
N GLY C 287 27.06 28.69 46.36
CA GLY C 287 27.77 27.52 45.82
C GLY C 287 29.26 27.79 45.79
N VAL C 288 30.04 27.05 46.57
CA VAL C 288 31.53 27.04 46.49
C VAL C 288 31.93 25.87 45.59
N VAL C 289 32.74 26.12 44.58
CA VAL C 289 33.22 25.05 43.65
C VAL C 289 34.72 25.21 43.46
N LYS C 290 35.47 24.20 43.90
CA LYS C 290 36.96 24.15 43.85
C LYS C 290 37.39 23.64 42.46
N LEU C 291 38.08 24.47 41.69
CA LEU C 291 38.68 24.05 40.40
C LEU C 291 40.18 23.90 40.58
N MET C 292 40.86 23.41 39.54
CA MET C 292 42.31 23.14 39.62
C MET C 292 43.04 24.47 39.52
N GLY C 293 44.26 24.49 40.05
CA GLY C 293 45.17 25.65 40.01
C GLY C 293 46.00 25.68 41.27
N ARG C 294 47.16 25.02 41.28
CA ARG C 294 48.09 25.11 42.43
C ARG C 294 48.88 26.43 42.29
N ASP C 295 49.43 26.69 41.10
CA ASP C 295 50.37 27.81 40.82
C ASP C 295 49.67 28.85 39.96
N SER C 296 48.97 28.41 38.92
CA SER C 296 48.08 29.22 38.06
C SER C 296 46.68 29.27 38.66
N GLY C 297 45.76 29.93 37.96
CA GLY C 297 44.30 29.72 38.06
C GLY C 297 43.63 29.83 36.70
N PHE C 298 44.30 29.34 35.66
CA PHE C 298 43.83 29.45 34.25
C PHE C 298 42.47 28.76 34.10
N ILE C 299 42.31 27.59 34.73
CA ILE C 299 41.01 26.86 34.67
C ILE C 299 39.94 27.73 35.33
N ALA C 300 40.18 28.13 36.58
CA ALA C 300 39.28 29.01 37.35
C ALA C 300 38.81 30.19 36.48
N ALA C 301 39.75 30.91 35.88
CA ALA C 301 39.49 32.11 35.04
C ALA C 301 38.62 31.73 33.84
N GLN C 302 39.13 30.88 32.95
CA GLN C 302 38.47 30.54 31.67
C GLN C 302 37.08 29.94 31.93
N ALA C 303 36.93 29.11 32.96
CA ALA C 303 35.66 28.46 33.31
C ALA C 303 34.68 29.51 33.84
N ALA C 304 35.12 30.38 34.75
CA ALA C 304 34.32 31.51 35.26
C ALA C 304 33.74 32.27 34.07
N VAL C 305 34.61 32.79 33.19
CA VAL C 305 34.19 33.59 32.01
C VAL C 305 33.22 32.78 31.15
N ALA C 306 33.56 31.55 30.78
CA ALA C 306 32.78 30.75 29.79
C ALA C 306 31.38 30.45 30.34
N SER C 307 31.26 30.04 31.60
CA SER C 307 29.96 29.76 32.25
C SER C 307 29.16 31.06 32.29
N ALA C 308 29.86 32.12 32.68
CA ALA C 308 29.29 33.43 33.05
C ALA C 308 28.28 33.19 34.17
N GLN C 309 28.63 32.38 35.17
CA GLN C 309 27.79 32.16 36.37
C GLN C 309 28.57 32.44 37.66
N ALA C 310 29.80 32.89 37.51
CA ALA C 310 30.77 33.13 38.61
C ALA C 310 30.54 34.54 39.14
N ASN C 311 30.24 34.68 40.43
CA ASN C 311 30.07 35.99 41.11
C ASN C 311 31.36 36.39 41.83
N ILE C 312 32.14 35.41 42.30
CA ILE C 312 33.50 35.62 42.90
C ILE C 312 34.42 34.54 42.36
N CYS C 313 35.65 34.92 42.01
CA CYS C 313 36.67 34.02 41.41
C CYS C 313 38.01 34.19 42.14
N LEU C 314 38.35 33.25 43.03
CA LEU C 314 39.58 33.26 43.86
C LEU C 314 40.65 32.43 43.16
N VAL C 315 41.78 33.06 42.82
CA VAL C 315 42.94 32.40 42.15
C VAL C 315 44.21 32.79 42.90
N PRO C 316 45.27 31.93 42.85
CA PRO C 316 46.50 32.18 43.60
C PRO C 316 47.20 33.51 43.27
N GLU C 317 47.11 33.94 42.01
CA GLU C 317 47.76 35.16 41.46
C GLU C 317 47.25 36.40 42.20
N ASN C 318 46.00 36.36 42.69
CA ASN C 318 45.32 37.50 43.37
C ASN C 318 44.86 37.06 44.75
N PRO C 319 45.78 36.95 45.74
CA PRO C 319 45.43 36.51 47.08
C PRO C 319 44.75 37.67 47.80
N ILE C 320 43.62 37.40 48.44
CA ILE C 320 42.82 38.41 49.19
C ILE C 320 42.48 37.83 50.56
N SER C 321 42.12 38.69 51.51
CA SER C 321 41.80 38.29 52.90
C SER C 321 40.42 37.62 52.95
N GLU C 322 40.18 36.88 54.03
CA GLU C 322 38.87 36.30 54.42
C GLU C 322 37.79 37.39 54.37
N GLN C 323 38.03 38.54 55.00
CA GLN C 323 37.04 39.65 55.10
C GLN C 323 36.79 40.24 53.70
N GLU C 324 37.80 40.26 52.82
CA GLU C 324 37.63 40.75 51.43
C GLU C 324 36.60 39.85 50.73
N VAL C 325 36.75 38.53 50.88
CA VAL C 325 35.79 37.53 50.33
C VAL C 325 34.40 37.83 50.91
N MET C 326 34.26 37.78 52.24
CA MET C 326 32.93 37.92 52.89
C MET C 326 32.28 39.25 52.50
N SER C 327 33.08 40.28 52.21
CA SER C 327 32.62 41.62 51.75
C SER C 327 32.03 41.49 50.35
N LEU C 328 32.70 40.75 49.44
CA LEU C 328 32.18 40.50 48.07
C LEU C 328 30.86 39.73 48.16
N LEU C 329 30.78 38.72 49.04
CA LEU C 329 29.55 37.90 49.23
C LEU C 329 28.41 38.82 49.71
N GLU C 330 28.73 39.63 50.71
CA GLU C 330 27.83 40.66 51.32
C GLU C 330 27.28 41.58 50.22
N ARG C 331 28.15 42.10 49.37
CA ARG C 331 27.78 42.98 48.23
C ARG C 331 26.79 42.22 47.35
N ARG C 332 27.17 41.03 46.91
CA ARG C 332 26.33 40.17 46.04
C ARG C 332 24.93 40.04 46.66
N PHE C 333 24.84 39.79 47.97
CA PHE C 333 23.54 39.52 48.65
C PHE C 333 22.71 40.80 48.83
N CYS C 334 23.30 41.98 48.59
CA CYS C 334 22.56 43.29 48.54
C CYS C 334 21.54 43.26 47.41
N HIS C 335 21.87 42.68 46.26
CA HIS C 335 21.06 42.75 45.02
C HIS C 335 20.56 41.37 44.58
N SER C 336 21.25 40.25 44.88
CA SER C 336 20.84 38.89 44.47
C SER C 336 20.72 37.96 45.68
N ARG C 337 19.91 36.91 45.58
CA ARG C 337 19.68 35.88 46.64
C ARG C 337 20.55 34.66 46.37
N SER C 338 21.59 34.83 45.55
CA SER C 338 22.35 33.73 44.91
C SER C 338 23.79 34.18 44.71
N CYS C 339 24.76 33.43 45.23
CA CYS C 339 26.20 33.66 44.96
C CYS C 339 26.90 32.34 44.60
N VAL C 340 27.75 32.39 43.57
CA VAL C 340 28.61 31.26 43.11
C VAL C 340 30.07 31.71 43.18
N ILE C 341 30.89 30.94 43.92
CA ILE C 341 32.33 31.21 44.22
C ILE C 341 33.20 30.13 43.56
N ILE C 342 34.00 30.51 42.57
CA ILE C 342 35.08 29.68 41.95
C ILE C 342 36.33 29.86 42.83
N VAL C 343 36.91 28.78 43.35
CA VAL C 343 38.17 28.84 44.14
C VAL C 343 39.19 27.86 43.56
N ALA C 344 40.37 28.33 43.19
CA ALA C 344 41.51 27.49 42.75
C ALA C 344 42.13 26.82 43.98
N GLU C 345 42.45 25.53 43.90
CA GLU C 345 42.93 24.72 45.06
C GLU C 345 44.18 25.34 45.69
N GLY C 346 44.91 26.17 44.93
CA GLY C 346 46.15 26.83 45.36
C GLY C 346 45.93 28.21 45.95
N PHE C 347 44.68 28.69 46.02
CA PHE C 347 44.34 30.00 46.63
C PHE C 347 44.37 29.87 48.15
N GLY C 348 44.65 31.00 48.83
CA GLY C 348 44.50 31.17 50.28
C GLY C 348 45.21 30.07 51.04
N GLN C 349 46.49 29.84 50.72
CA GLN C 349 47.32 28.79 51.34
C GLN C 349 48.01 29.36 52.60
N ASP C 350 47.35 30.30 53.28
CA ASP C 350 47.84 30.91 54.55
C ASP C 350 46.67 31.06 55.54
N TRP C 351 45.53 30.42 55.23
CA TRP C 351 44.27 30.48 56.02
C TRP C 351 44.34 29.37 57.10
N GLY C 352 45.05 28.27 56.81
CA GLY C 352 45.32 27.16 57.75
C GLY C 352 46.79 27.12 58.14
N TYR C 358 57.78 24.00 55.87
CA TYR C 358 56.68 23.64 54.92
C TYR C 358 57.23 22.66 53.87
N ASP C 359 56.32 22.05 53.07
CA ASP C 359 56.55 21.40 51.73
C ASP C 359 57.14 19.97 51.86
N ALA C 360 56.34 18.94 51.49
CA ALA C 360 56.62 17.49 51.69
C ALA C 360 57.39 16.89 50.49
N SER C 361 56.69 16.32 49.50
CA SER C 361 57.27 15.53 48.37
C SER C 361 57.65 16.51 47.24
N GLY C 362 56.61 17.09 46.59
CA GLY C 362 56.67 17.92 45.35
C GLY C 362 57.11 19.35 45.62
N ASN C 363 56.30 20.33 45.15
CA ASN C 363 56.50 21.80 45.35
C ASN C 363 56.30 22.12 46.85
N LYS C 364 55.06 21.89 47.35
CA LYS C 364 54.52 22.30 48.69
C LYS C 364 53.83 21.12 49.44
N LYS C 365 52.49 21.20 49.59
CA LYS C 365 51.64 20.65 50.70
C LYS C 365 50.42 21.59 50.84
N LEU C 366 49.31 21.29 50.18
CA LEU C 366 48.14 22.22 50.02
C LEU C 366 47.13 21.96 51.13
N ILE C 367 46.67 23.03 51.81
CA ILE C 367 45.49 23.01 52.72
C ILE C 367 44.21 23.04 51.88
N ASP C 368 43.17 22.32 52.29
CA ASP C 368 41.92 22.11 51.50
C ASP C 368 41.10 23.40 51.57
N ILE C 369 41.48 24.38 50.74
CA ILE C 369 40.90 25.75 50.71
C ILE C 369 39.41 25.65 50.39
N GLY C 370 38.99 24.65 49.61
CA GLY C 370 37.56 24.39 49.35
C GLY C 370 36.77 24.27 50.63
N VAL C 371 37.20 23.37 51.53
CA VAL C 371 36.48 23.03 52.80
C VAL C 371 36.63 24.20 53.78
N ILE C 372 37.83 24.78 53.86
CA ILE C 372 38.11 25.99 54.71
C ILE C 372 37.11 27.09 54.33
N LEU C 373 37.21 27.59 53.10
CA LEU C 373 36.37 28.67 52.53
C LEU C 373 34.90 28.35 52.80
N THR C 374 34.48 27.11 52.56
CA THR C 374 33.09 26.65 52.83
C THR C 374 32.72 26.96 54.29
N GLU C 375 33.51 26.49 55.26
CA GLU C 375 33.16 26.64 56.70
C GLU C 375 33.23 28.13 57.09
N LYS C 376 34.18 28.89 56.54
CA LYS C 376 34.35 30.33 56.80
C LYS C 376 33.05 31.06 56.41
N VAL C 377 32.57 30.83 55.18
CA VAL C 377 31.30 31.42 54.66
C VAL C 377 30.16 31.00 55.59
N LYS C 378 30.07 29.72 55.94
CA LYS C 378 28.96 29.19 56.78
C LYS C 378 28.93 29.94 58.13
N ALA C 379 30.09 30.13 58.74
CA ALA C 379 30.24 30.80 60.05
C ALA C 379 29.92 32.30 59.92
N PHE C 380 30.23 32.90 58.76
CA PHE C 380 29.93 34.32 58.45
C PHE C 380 28.42 34.52 58.31
N LEU C 381 27.73 33.60 57.64
CA LEU C 381 26.25 33.64 57.43
C LEU C 381 25.52 33.31 58.73
N LYS C 382 26.08 32.43 59.56
CA LYS C 382 25.48 32.06 60.88
C LYS C 382 25.65 33.25 61.83
N ALA C 383 26.71 34.05 61.66
CA ALA C 383 26.93 35.31 62.41
C ALA C 383 25.94 36.41 61.99
N ASN C 384 25.65 36.56 60.68
CA ASN C 384 24.71 37.59 60.18
C ASN C 384 23.35 36.96 59.84
N LYS C 385 22.89 35.95 60.61
CA LYS C 385 21.53 35.34 60.45
C LYS C 385 20.49 36.46 60.44
N SER C 386 20.69 37.47 61.30
CA SER C 386 19.91 38.73 61.38
C SER C 386 19.53 39.19 59.97
N ARG C 387 20.54 39.38 59.11
CA ARG C 387 20.39 39.99 57.76
C ARG C 387 20.06 38.89 56.71
N TYR C 388 20.79 37.77 56.73
CA TYR C 388 20.61 36.63 55.80
C TYR C 388 19.98 35.47 56.55
N PRO C 389 18.63 35.50 56.80
CA PRO C 389 18.00 34.67 57.83
C PRO C 389 18.13 33.18 57.50
N ASP C 390 17.17 32.61 56.78
CA ASP C 390 17.41 31.30 56.11
C ASP C 390 18.52 31.55 55.09
N SER C 391 19.53 30.66 55.04
CA SER C 391 20.65 30.67 54.06
C SER C 391 21.26 29.28 53.95
N THR C 392 21.85 28.94 52.80
CA THR C 392 22.42 27.59 52.50
C THR C 392 23.76 27.71 51.77
N VAL C 393 24.75 26.91 52.17
CA VAL C 393 26.10 26.90 51.54
C VAL C 393 26.40 25.48 51.07
N LYS C 394 26.73 25.34 49.78
CA LYS C 394 26.98 24.05 49.11
C LYS C 394 28.43 24.02 48.63
N TYR C 395 29.22 23.04 49.08
CA TYR C 395 30.60 22.82 48.56
C TYR C 395 30.54 21.76 47.45
N ILE C 396 31.38 21.93 46.44
CA ILE C 396 31.46 21.00 45.27
C ILE C 396 32.94 20.81 44.95
N ASP C 397 33.42 19.56 45.05
CA ASP C 397 34.78 19.16 44.57
C ASP C 397 34.59 18.33 43.32
N PRO C 398 34.62 18.99 42.13
CA PRO C 398 34.44 18.32 40.86
C PRO C 398 35.78 17.81 40.32
N SER C 399 36.82 17.79 41.17
CA SER C 399 38.21 17.45 40.77
C SER C 399 38.23 16.10 40.05
N TYR C 400 37.45 15.15 40.54
CA TYR C 400 37.46 13.73 40.06
C TYR C 400 36.85 13.64 38.67
N MET C 401 35.74 14.34 38.41
CA MET C 401 35.03 14.34 37.10
C MET C 401 35.86 15.10 36.05
N ILE C 402 36.74 16.00 36.49
CA ILE C 402 37.60 16.81 35.59
C ILE C 402 38.83 16.00 35.15
N ARG C 403 39.57 15.36 36.07
CA ARG C 403 40.80 14.61 35.67
C ARG C 403 40.45 13.31 34.94
N ALA C 404 39.48 12.58 35.48
CA ALA C 404 39.33 11.12 35.27
C ALA C 404 38.42 10.84 34.07
N CYS C 405 38.56 11.62 33.01
CA CYS C 405 37.63 11.51 31.87
C CYS C 405 38.44 11.58 30.59
N PRO C 406 37.96 10.95 29.50
CA PRO C 406 38.60 11.04 28.21
C PRO C 406 38.63 12.47 27.73
N PRO C 407 39.51 12.79 26.78
CA PRO C 407 39.61 14.15 26.26
C PRO C 407 38.48 14.52 25.28
N SER C 408 38.18 15.82 25.16
CA SER C 408 37.44 16.40 24.01
C SER C 408 38.23 16.06 22.74
N ALA C 409 37.57 15.87 21.60
CA ALA C 409 38.19 15.51 20.30
C ALA C 409 39.33 16.48 19.97
N ASN C 410 39.18 17.75 20.33
CA ASN C 410 40.22 18.78 20.09
C ASN C 410 41.46 18.47 20.94
N ASP C 411 41.29 18.03 22.20
CA ASP C 411 42.44 17.66 23.08
C ASP C 411 43.01 16.32 22.60
N ALA C 412 42.19 15.40 22.10
CA ALA C 412 42.60 14.08 21.59
C ALA C 412 43.54 14.28 20.41
N LEU C 413 43.14 15.11 19.45
CA LEU C 413 43.98 15.45 18.28
C LEU C 413 45.28 16.07 18.77
N PHE C 414 45.21 16.91 19.80
CA PHE C 414 46.39 17.66 20.33
C PHE C 414 47.36 16.67 20.98
N CYS C 415 46.85 15.75 21.79
CA CYS C 415 47.63 14.64 22.41
C CYS C 415 48.32 13.87 21.31
N ALA C 416 47.55 13.39 20.32
CA ALA C 416 48.07 12.60 19.18
C ALA C 416 49.25 13.31 18.55
N THR C 417 49.11 14.60 18.26
CA THR C 417 50.17 15.41 17.59
C THR C 417 51.38 15.57 18.52
N LEU C 418 51.16 15.97 19.78
CA LEU C 418 52.25 16.13 20.78
C LEU C 418 53.10 14.86 20.80
N ALA C 419 52.45 13.71 20.97
CA ALA C 419 53.07 12.36 20.95
C ALA C 419 53.83 12.13 19.63
N THR C 420 53.13 11.99 18.50
CA THR C 420 53.74 11.64 17.18
C THR C 420 55.00 12.51 16.98
N LEU C 421 54.96 13.82 17.26
CA LEU C 421 56.13 14.73 17.08
C LEU C 421 57.24 14.38 18.09
N ALA C 422 56.88 14.09 19.34
CA ALA C 422 57.85 13.72 20.40
C ALA C 422 58.66 12.51 19.94
N VAL C 423 57.98 11.54 19.31
CA VAL C 423 58.63 10.31 18.75
C VAL C 423 59.52 10.73 17.58
N HIS C 424 58.99 11.49 16.61
CA HIS C 424 59.74 11.96 15.41
C HIS C 424 61.08 12.60 15.81
N GLU C 425 61.11 13.26 16.98
CA GLU C 425 62.27 14.03 17.50
C GLU C 425 63.20 13.17 18.35
N ALA C 426 62.65 12.27 19.17
CA ALA C 426 63.43 11.34 20.03
C ALA C 426 64.21 10.38 19.13
N MET C 427 63.58 9.89 18.05
CA MET C 427 64.23 9.04 17.02
C MET C 427 65.38 9.82 16.37
N ALA C 428 65.26 11.16 16.29
CA ALA C 428 66.28 12.09 15.77
C ALA C 428 67.17 12.62 16.90
N GLY C 429 67.27 11.86 18.00
CA GLY C 429 68.30 12.05 19.05
C GLY C 429 68.04 13.23 19.96
N ALA C 430 66.82 13.78 19.98
CA ALA C 430 66.45 14.80 20.99
C ALA C 430 66.44 14.14 22.37
N THR C 431 66.98 14.81 23.39
CA THR C 431 66.96 14.31 24.81
C THR C 431 67.00 15.49 25.79
N GLY C 432 66.66 15.23 27.05
CA GLY C 432 66.67 16.20 28.16
C GLY C 432 65.73 17.37 27.91
N CYS C 433 64.69 17.15 27.11
CA CYS C 433 63.80 18.22 26.58
C CYS C 433 62.34 17.76 26.62
N ILE C 434 61.43 18.73 26.56
CA ILE C 434 59.95 18.51 26.46
C ILE C 434 59.47 19.07 25.11
N ILE C 435 58.28 18.66 24.69
CA ILE C 435 57.57 19.25 23.52
C ILE C 435 56.40 20.08 24.04
N ALA C 436 56.28 21.32 23.58
CA ALA C 436 55.13 22.17 23.94
C ALA C 436 54.65 22.92 22.71
N MET C 437 53.52 23.62 22.88
CA MET C 437 52.81 24.38 21.83
C MET C 437 52.91 25.87 22.14
N ARG C 438 53.52 26.65 21.23
CA ARG C 438 53.60 28.13 21.30
C ARG C 438 53.23 28.72 19.94
N HIS C 439 52.29 29.65 19.91
CA HIS C 439 52.03 30.50 18.72
C HIS C 439 51.74 29.58 17.53
N ASN C 440 50.91 28.56 17.74
CA ASN C 440 50.45 27.67 16.63
C ASN C 440 51.57 26.74 16.16
N ASN C 441 52.71 26.69 16.86
CA ASN C 441 53.86 25.84 16.46
C ASN C 441 54.26 24.95 17.63
N TYR C 442 54.87 23.81 17.30
CA TYR C 442 55.40 22.82 18.27
C TYR C 442 56.90 23.06 18.40
N ILE C 443 57.36 23.20 19.64
CA ILE C 443 58.78 23.53 19.94
C ILE C 443 59.32 22.54 20.97
N LEU C 444 60.65 22.37 20.94
CA LEU C 444 61.43 21.55 21.91
C LEU C 444 62.08 22.49 22.92
N VAL C 445 61.79 22.29 24.21
CA VAL C 445 62.31 23.14 25.33
C VAL C 445 63.18 22.27 26.22
N PRO C 446 64.46 22.62 26.44
CA PRO C 446 65.26 21.99 27.48
C PRO C 446 64.54 21.94 28.83
N ILE C 447 64.52 20.79 29.50
CA ILE C 447 63.84 20.57 30.80
C ILE C 447 64.39 21.58 31.82
N LYS C 448 65.71 21.80 31.81
CA LYS C 448 66.41 22.74 32.72
C LYS C 448 65.72 24.10 32.68
N VAL C 449 65.28 24.53 31.49
CA VAL C 449 64.58 25.83 31.24
C VAL C 449 63.13 25.72 31.73
N ALA C 450 62.37 24.75 31.22
CA ALA C 450 60.92 24.56 31.44
C ALA C 450 60.60 24.43 32.93
N THR C 451 61.54 23.97 33.76
CA THR C 451 61.34 23.77 35.22
C THR C 451 61.77 25.01 36.00
N SER C 452 62.43 25.95 35.32
CA SER C 452 63.02 27.17 35.94
C SER C 452 61.98 28.28 36.02
N VAL C 453 61.05 28.32 35.07
CA VAL C 453 59.99 29.36 34.98
C VAL C 453 58.63 28.69 34.83
N ARG C 454 57.57 29.39 35.25
CA ARG C 454 56.17 28.92 35.13
C ARG C 454 55.29 30.11 34.74
N ARG C 455 54.17 29.79 34.10
CA ARG C 455 53.13 30.76 33.67
C ARG C 455 52.16 30.99 34.82
N VAL C 456 51.34 32.01 34.63
CA VAL C 456 50.54 32.66 35.70
C VAL C 456 49.67 33.74 35.06
N LEU C 457 48.41 33.86 35.48
CA LEU C 457 47.44 34.85 34.94
C LEU C 457 48.09 36.23 34.94
N ASP C 458 48.12 36.92 33.79
CA ASP C 458 48.38 38.38 33.72
C ASP C 458 47.11 39.09 34.23
N LEU C 459 47.18 39.66 35.43
CA LEU C 459 46.00 40.27 36.09
C LEU C 459 45.58 41.56 35.37
N ARG C 460 46.40 42.09 34.45
CA ARG C 460 46.04 43.24 33.60
C ARG C 460 45.67 42.77 32.19
N GLY C 461 45.59 41.46 31.96
CA GLY C 461 45.31 40.85 30.64
C GLY C 461 43.82 40.75 30.35
N GLN C 462 43.46 40.55 29.08
CA GLN C 462 42.04 40.62 28.60
C GLN C 462 41.20 39.55 29.30
N LEU C 463 41.73 38.35 29.57
CA LEU C 463 40.99 37.25 30.23
C LEU C 463 40.53 37.72 31.61
N TRP C 464 41.47 38.18 32.44
CA TRP C 464 41.16 38.61 33.83
C TRP C 464 40.25 39.84 33.78
N ARG C 465 40.42 40.73 32.80
CA ARG C 465 39.40 41.79 32.53
C ARG C 465 38.04 41.10 32.52
N GLN C 466 37.83 40.18 31.57
CA GLN C 466 36.53 39.51 31.32
C GLN C 466 36.01 38.81 32.57
N VAL C 467 36.90 38.45 33.51
CA VAL C 467 36.49 37.84 34.82
C VAL C 467 35.91 38.94 35.70
N ARG C 468 36.65 40.04 35.88
CA ARG C 468 36.19 41.19 36.71
C ARG C 468 34.90 41.76 36.11
N GLU C 469 34.77 41.72 34.79
CA GLU C 469 33.59 42.20 34.01
C GLU C 469 32.32 41.54 34.55
N ILE C 470 32.37 40.28 34.97
CA ILE C 470 31.17 39.48 35.36
C ILE C 470 31.12 39.26 36.88
N THR C 471 32.24 39.40 37.60
CA THR C 471 32.31 39.13 39.07
C THR C 471 32.11 40.42 39.85
N VAL C 472 31.46 40.31 41.01
CA VAL C 472 31.20 41.41 41.98
C VAL C 472 32.38 42.37 41.97
N ASP C 473 32.06 43.66 41.85
CA ASP C 473 32.98 44.81 41.97
C ASP C 473 32.42 45.68 43.11
N LEU C 474 33.23 45.88 44.15
CA LEU C 474 32.90 46.75 45.28
C LEU C 474 32.77 48.20 44.78
N GLY C 475 33.50 48.55 43.71
CA GLY C 475 33.47 49.87 43.06
C GLY C 475 32.20 50.14 42.25
N SER C 476 31.07 49.50 42.58
CA SER C 476 29.68 49.92 42.20
C SER C 476 29.00 50.37 43.49
N ASP C 477 28.01 51.28 43.62
CA ASP C 477 27.72 51.84 44.97
C ASP C 477 26.70 51.00 45.78
N VAL C 478 26.24 51.55 46.91
CA VAL C 478 25.12 51.03 47.75
C VAL C 478 23.80 51.18 46.96
N ARG C 479 23.63 52.31 46.25
CA ARG C 479 22.33 52.87 45.79
C ARG C 479 22.61 54.07 44.83
N LEU C 480 23.39 55.08 45.26
CA LEU C 480 23.57 56.39 44.55
C LEU C 480 24.27 56.16 43.20
N ALA C 481 25.36 55.37 43.17
CA ALA C 481 25.90 54.82 41.89
C ALA C 481 25.03 53.63 41.48
N ARG C 482 25.00 52.58 42.32
CA ARG C 482 24.40 51.25 42.01
C ARG C 482 22.87 51.43 41.88
N LYS C 483 22.45 51.78 40.67
CA LYS C 483 21.14 52.47 40.37
C LYS C 483 21.01 52.63 38.86
N LEU C 484 21.93 53.39 38.27
CA LEU C 484 21.95 53.74 36.83
C LEU C 484 21.73 52.47 35.97
N GLU C 485 22.19 51.33 36.48
CA GLU C 485 22.03 49.95 35.91
C GLU C 485 20.55 49.63 35.73
N ILE C 486 19.77 49.57 36.84
CA ILE C 486 18.30 49.29 36.78
C ILE C 486 17.59 50.42 35.97
N ARG C 487 17.69 50.25 34.66
CA ARG C 487 17.16 51.12 33.59
C ARG C 487 16.97 50.18 32.42
N ARG C 488 17.10 50.65 31.19
CA ARG C 488 17.12 49.80 29.96
C ARG C 488 15.84 48.96 29.81
N GLU C 489 15.71 47.85 30.56
CA GLU C 489 14.76 46.74 30.23
C GLU C 489 13.36 47.34 30.20
N LEU C 490 13.03 48.22 31.14
CA LEU C 490 11.72 48.91 31.28
C LEU C 490 11.44 49.79 30.04
N GLU C 491 12.41 50.64 29.68
CA GLU C 491 12.33 51.53 28.49
C GLU C 491 11.98 50.67 27.26
N ALA C 492 12.71 49.55 27.09
CA ALA C 492 12.55 48.61 25.94
C ALA C 492 11.13 48.02 25.92
N ILE C 493 10.64 47.52 27.06
CA ILE C 493 9.41 46.67 27.13
C ILE C 493 8.15 47.48 26.79
N ASN C 494 8.10 48.76 27.14
CA ASN C 494 6.95 49.62 26.75
C ASN C 494 6.83 49.68 25.21
N ARG C 495 7.97 49.71 24.49
CA ARG C 495 7.97 49.71 23.00
C ARG C 495 7.22 48.47 22.50
N ASN C 496 7.63 47.29 22.98
CA ASN C 496 7.01 46.00 22.54
C ASN C 496 5.52 46.03 22.90
N ARG C 497 5.22 46.45 24.13
CA ARG C 497 3.82 46.62 24.58
C ARG C 497 3.02 47.39 23.52
N ASP C 498 3.55 48.54 23.08
CA ASP C 498 2.89 49.45 22.10
C ASP C 498 2.62 48.66 20.80
N ARG C 499 3.63 47.97 20.29
CA ARG C 499 3.53 47.27 18.98
C ARG C 499 2.56 46.09 19.07
N LEU C 500 2.42 45.49 20.26
CA LEU C 500 1.50 44.34 20.54
C LEU C 500 0.06 44.86 20.56
N HIS C 501 -0.17 45.97 21.26
CA HIS C 501 -1.48 46.70 21.20
C HIS C 501 -1.86 46.90 19.72
N GLU C 502 -0.89 47.32 18.91
CA GLU C 502 -1.10 47.64 17.46
C GLU C 502 -1.57 46.38 16.74
N GLU C 503 -0.96 45.21 17.06
CA GLU C 503 -1.25 43.91 16.40
C GLU C 503 -2.71 43.48 16.65
N LEU C 504 -3.56 44.28 17.29
CA LEU C 504 -5.04 44.07 17.20
C LEU C 504 -5.53 44.35 15.77
N ALA C 505 -6.06 45.54 15.49
CA ALA C 505 -6.36 46.10 14.14
C ALA C 505 -7.37 45.23 13.38
N THR D 30 54.36 37.13 -0.77
CA THR D 30 53.22 36.18 -1.02
C THR D 30 53.79 34.75 -1.21
N SER D 31 53.28 33.80 -0.41
CA SER D 31 53.61 32.34 -0.42
C SER D 31 52.39 31.46 -0.07
N LYS D 32 52.09 31.17 1.22
CA LYS D 32 51.38 29.94 1.69
C LYS D 32 49.85 29.99 1.55
N LEU D 33 49.28 31.17 1.25
CA LEU D 33 47.83 31.45 1.11
C LEU D 33 47.42 31.35 -0.38
N VAL D 34 46.14 31.10 -0.65
CA VAL D 34 45.58 31.06 -2.03
C VAL D 34 44.86 32.39 -2.30
N LYS D 35 45.00 32.90 -3.53
CA LYS D 35 44.29 34.12 -4.01
C LYS D 35 42.82 33.74 -4.18
N ALA D 36 41.92 34.51 -3.55
CA ALA D 36 40.45 34.33 -3.61
C ALA D 36 39.94 34.65 -5.01
N HIS D 37 38.71 34.26 -5.32
CA HIS D 37 38.17 34.15 -6.70
C HIS D 37 37.86 35.56 -7.26
N ARG D 38 37.29 36.45 -6.45
CA ARG D 38 37.18 37.92 -6.73
C ARG D 38 37.92 38.66 -5.61
N ALA D 39 39.25 38.46 -5.59
CA ALA D 39 40.21 39.16 -4.70
C ALA D 39 40.30 40.63 -5.14
N MET D 40 40.33 41.54 -4.17
CA MET D 40 40.47 43.00 -4.42
C MET D 40 41.95 43.38 -4.51
N LEU D 41 42.85 42.56 -3.95
CA LEU D 41 44.33 42.71 -4.02
C LEU D 41 44.95 41.48 -4.72
N ASN D 42 46.04 41.67 -5.48
CA ASN D 42 46.85 40.56 -6.08
C ASN D 42 48.04 40.22 -5.17
N SER D 43 48.30 41.07 -4.17
CA SER D 43 49.35 40.88 -3.11
C SER D 43 48.98 41.72 -1.89
N VAL D 44 49.73 41.56 -0.80
CA VAL D 44 49.53 42.36 0.44
C VAL D 44 50.85 43.05 0.79
N THR D 45 50.83 44.38 0.80
CA THR D 45 51.91 45.28 1.29
C THR D 45 51.55 45.73 2.71
N GLN D 46 52.51 46.33 3.42
CA GLN D 46 52.34 46.79 4.83
C GLN D 46 51.23 47.85 4.89
N GLU D 47 51.12 48.69 3.86
CA GLU D 47 50.08 49.75 3.75
C GLU D 47 48.70 49.09 3.73
N ASP D 48 48.54 47.99 2.98
CA ASP D 48 47.25 47.25 2.85
C ASP D 48 46.73 46.82 4.23
N LEU D 49 47.64 46.62 5.20
CA LEU D 49 47.30 46.13 6.57
C LEU D 49 46.89 47.29 7.48
N LYS D 50 47.09 48.55 7.06
CA LYS D 50 46.67 49.73 7.85
C LYS D 50 45.15 49.64 8.07
N VAL D 51 44.72 49.68 9.33
CA VAL D 51 43.29 49.54 9.74
C VAL D 51 42.67 50.94 9.78
N ASP D 52 41.66 51.20 8.95
CA ASP D 52 40.89 52.47 8.89
C ASP D 52 40.40 52.87 10.28
N ARG D 53 40.82 54.06 10.73
CA ARG D 53 40.41 54.69 12.01
C ARG D 53 39.54 55.92 11.69
N LEU D 54 38.27 55.86 12.10
CA LEU D 54 37.31 57.00 12.05
C LEU D 54 37.97 58.20 12.72
N PRO D 55 38.00 59.37 12.05
CA PRO D 55 38.78 60.50 12.55
C PRO D 55 38.28 60.94 13.94
N GLY D 56 39.20 61.26 14.84
CA GLY D 56 38.90 61.76 16.20
C GLY D 56 39.09 60.66 17.22
N ALA D 57 39.44 61.02 18.46
CA ALA D 57 39.68 60.08 19.57
C ALA D 57 39.58 60.85 20.89
N ASP D 58 38.41 61.48 21.11
CA ASP D 58 38.22 62.61 22.05
C ASP D 58 37.89 62.10 23.46
N TYR D 59 37.03 61.08 23.57
CA TYR D 59 36.39 60.68 24.85
C TYR D 59 37.24 59.59 25.51
N PRO D 60 37.33 59.55 26.85
CA PRO D 60 38.14 58.56 27.55
C PRO D 60 37.34 57.26 27.70
N ASN D 61 37.99 56.10 27.65
CA ASN D 61 37.34 54.78 27.84
C ASN D 61 36.75 54.75 29.25
N PRO D 62 35.41 54.63 29.41
CA PRO D 62 34.80 54.68 30.75
C PRO D 62 34.98 53.33 31.46
N SER D 63 36.23 52.92 31.70
CA SER D 63 36.62 51.52 32.01
C SER D 63 37.88 51.51 32.89
N LYS D 75 48.50 54.66 21.86
CA LYS D 75 49.49 54.02 20.94
C LYS D 75 48.97 52.64 20.52
N THR D 76 48.90 52.36 19.22
CA THR D 76 48.53 51.03 18.65
C THR D 76 49.78 50.15 18.62
N ASP D 77 49.64 48.87 18.96
CA ASP D 77 50.76 47.89 19.05
C ASP D 77 50.64 46.88 17.91
N TYR D 78 51.76 46.28 17.52
CA TYR D 78 51.85 45.33 16.39
C TYR D 78 52.37 43.97 16.86
N ILE D 79 52.13 42.95 16.03
CA ILE D 79 52.73 41.58 16.10
C ILE D 79 53.18 41.25 14.67
N MET D 80 54.24 40.46 14.49
CA MET D 80 54.70 40.07 13.12
C MET D 80 53.67 39.13 12.50
N TYR D 81 53.51 39.21 11.17
CA TYR D 81 52.72 38.19 10.42
C TYR D 81 53.43 36.86 10.67
N ASN D 82 54.67 36.72 10.17
CA ASN D 82 55.51 35.50 10.29
C ASN D 82 56.52 35.71 11.42
N PRO D 83 56.49 34.88 12.48
CA PRO D 83 57.46 34.94 13.58
C PRO D 83 58.73 34.10 13.33
N ARG D 84 58.94 33.63 12.09
CA ARG D 84 60.16 32.87 11.72
C ARG D 84 61.30 33.84 11.39
N PRO D 85 62.54 33.57 11.89
CA PRO D 85 63.69 34.41 11.60
C PRO D 85 64.24 34.21 10.18
N ARG D 86 64.80 35.27 9.60
CA ARG D 86 65.42 35.26 8.26
C ARG D 86 66.77 34.53 8.36
N ASP D 87 67.57 34.86 9.38
CA ASP D 87 68.94 34.31 9.62
C ASP D 87 68.94 33.28 10.76
N GLU D 88 70.13 32.74 11.07
CA GLU D 88 70.41 31.88 12.24
C GLU D 88 70.44 32.72 13.50
N PRO D 89 70.38 32.12 14.72
CA PRO D 89 70.62 32.87 15.97
C PRO D 89 72.07 33.42 16.07
N SER D 90 72.31 34.64 15.57
CA SER D 90 73.61 35.35 15.60
C SER D 90 73.62 36.35 16.77
N SER D 91 74.55 37.33 16.77
CA SER D 91 74.75 38.33 17.85
C SER D 91 73.46 39.13 18.13
N GLU D 92 72.85 39.73 17.10
CA GLU D 92 71.68 40.65 17.23
C GLU D 92 70.37 39.85 17.29
N ASN D 93 69.27 40.50 17.70
CA ASN D 93 67.91 39.89 17.76
C ASN D 93 67.52 39.38 16.37
N PRO D 94 66.59 38.41 16.29
CA PRO D 94 66.12 37.89 15.00
C PRO D 94 65.17 38.84 14.25
N VAL D 95 65.04 38.64 12.94
CA VAL D 95 64.30 39.51 11.98
C VAL D 95 63.28 38.65 11.24
N SER D 96 62.02 39.09 11.15
CA SER D 96 60.93 38.33 10.47
C SER D 96 61.34 38.04 9.02
N VAL D 97 60.99 36.86 8.51
CA VAL D 97 61.11 36.51 7.06
C VAL D 97 60.22 37.47 6.26
N SER D 98 58.99 37.71 6.73
CA SER D 98 57.99 38.60 6.08
C SER D 98 58.12 40.01 6.64
N PRO D 99 57.99 41.05 5.79
CA PRO D 99 58.01 42.43 6.28
C PRO D 99 56.70 42.84 6.94
N LEU D 100 55.66 41.99 6.87
CA LEU D 100 54.29 42.33 7.31
C LEU D 100 54.20 42.37 8.84
N LEU D 101 53.60 43.45 9.35
CA LEU D 101 53.20 43.69 10.77
C LEU D 101 51.68 43.84 10.83
N CYS D 102 51.04 43.15 11.79
CA CYS D 102 49.57 43.14 12.04
C CYS D 102 49.23 43.99 13.28
N GLU D 103 48.17 44.79 13.21
CA GLU D 103 47.67 45.64 14.33
C GLU D 103 47.01 44.71 15.37
N LEU D 104 47.54 44.70 16.60
CA LEU D 104 46.92 44.00 17.77
C LEU D 104 45.65 44.73 18.18
N ALA D 105 44.61 43.98 18.55
CA ALA D 105 43.31 44.51 19.02
C ALA D 105 43.28 44.52 20.54
N ALA D 106 42.94 45.65 21.15
CA ALA D 106 42.77 45.78 22.62
C ALA D 106 42.09 47.09 22.97
N ALA D 107 41.46 47.13 24.14
CA ALA D 107 40.74 48.31 24.67
C ALA D 107 41.69 49.49 24.69
N ARG D 108 41.24 50.63 24.16
CA ARG D 108 42.10 51.82 23.95
C ARG D 108 41.87 52.80 25.10
N SER D 109 42.93 53.48 25.55
CA SER D 109 42.88 54.54 26.59
C SER D 109 41.86 55.61 26.16
N ARG D 110 41.97 56.06 24.92
CA ARG D 110 41.06 57.06 24.29
C ARG D 110 40.22 56.35 23.24
N ILE D 111 38.90 56.60 23.27
CA ILE D 111 37.90 56.07 22.30
C ILE D 111 37.39 57.25 21.47
N HIS D 112 36.86 56.96 20.27
CA HIS D 112 36.43 57.96 19.24
C HIS D 112 34.98 58.35 19.48
N PHE D 113 34.10 57.36 19.67
CA PHE D 113 32.65 57.53 19.89
C PHE D 113 32.36 57.90 21.34
N ASN D 114 31.28 58.63 21.58
CA ASN D 114 30.84 59.04 22.93
C ASN D 114 29.90 57.99 23.49
N PRO D 115 30.33 57.26 24.55
CA PRO D 115 29.60 56.10 25.05
C PRO D 115 28.07 56.31 25.18
N THR D 116 27.63 57.15 26.12
CA THR D 116 26.19 57.30 26.47
C THR D 116 25.40 57.91 25.31
N GLU D 117 26.08 58.23 24.19
CA GLU D 117 25.44 58.85 23.00
C GLU D 117 25.50 57.92 21.80
N THR D 118 26.09 56.72 21.95
CA THR D 118 26.29 55.74 20.84
C THR D 118 25.18 54.69 20.83
N THR D 119 24.83 54.25 19.63
CA THR D 119 23.89 53.15 19.34
C THR D 119 24.66 52.06 18.58
N ILE D 120 24.61 50.80 19.02
CA ILE D 120 25.31 49.68 18.34
C ILE D 120 24.30 48.86 17.54
N GLY D 121 24.65 48.48 16.32
CA GLY D 121 23.85 47.59 15.45
C GLY D 121 24.52 46.24 15.25
N ILE D 122 23.75 45.15 15.25
CA ILE D 122 24.26 43.78 14.96
C ILE D 122 23.42 43.16 13.86
N VAL D 123 24.04 42.39 12.97
CA VAL D 123 23.32 41.58 11.95
C VAL D 123 24.10 40.29 11.67
N THR D 124 23.41 39.16 11.75
CA THR D 124 23.97 37.81 11.44
C THR D 124 23.50 37.42 10.04
N CYS D 125 24.43 37.09 9.16
CA CYS D 125 24.17 36.71 7.74
C CYS D 125 24.62 35.27 7.47
N GLY D 126 24.05 34.67 6.43
CA GLY D 126 24.46 33.38 5.84
C GLY D 126 23.88 32.17 6.58
N GLY D 127 24.55 31.02 6.44
CA GLY D 127 24.22 29.80 7.18
C GLY D 127 24.53 29.95 8.65
N ILE D 128 23.88 29.20 9.52
CA ILE D 128 24.14 29.31 10.98
C ILE D 128 25.46 28.59 11.30
N CYS D 129 25.84 28.63 12.57
CA CYS D 129 27.20 28.30 13.05
C CYS D 129 27.19 28.26 14.56
N PRO D 130 27.90 27.31 15.19
CA PRO D 130 27.97 27.28 16.64
C PRO D 130 28.48 28.61 17.21
N GLY D 131 27.72 29.16 18.15
CA GLY D 131 28.08 30.32 18.99
C GLY D 131 27.68 31.63 18.36
N LEU D 132 26.69 31.61 17.47
CA LEU D 132 26.24 32.87 16.80
C LEU D 132 25.65 33.77 17.88
N ASN D 133 24.77 33.19 18.70
CA ASN D 133 24.12 33.86 19.85
C ASN D 133 25.19 34.33 20.85
N ASP D 134 26.29 33.58 21.01
CA ASP D 134 27.38 33.95 21.95
C ASP D 134 28.00 35.28 21.49
N VAL D 135 28.21 35.44 20.19
CA VAL D 135 28.75 36.72 19.63
C VAL D 135 27.71 37.81 19.87
N ILE D 136 26.45 37.59 19.47
CA ILE D 136 25.34 38.58 19.70
C ILE D 136 25.41 39.03 21.17
N ARG D 137 25.31 38.08 22.11
CA ARG D 137 25.28 38.35 23.57
C ARG D 137 26.49 39.20 23.99
N SER D 138 27.72 38.74 23.71
CA SER D 138 28.94 39.45 24.20
C SER D 138 29.04 40.87 23.63
N ILE D 139 28.58 41.10 22.39
CA ILE D 139 28.61 42.45 21.76
C ILE D 139 27.65 43.34 22.55
N THR D 140 26.38 42.94 22.58
CA THR D 140 25.31 43.53 23.41
C THR D 140 25.87 43.94 24.77
N LEU D 141 26.27 42.97 25.58
CA LEU D 141 26.59 43.17 27.00
C LEU D 141 27.91 43.92 27.17
N THR D 142 28.83 43.89 26.21
CA THR D 142 30.08 44.69 26.31
C THR D 142 29.69 46.17 26.11
N GLY D 143 28.92 46.45 25.06
CA GLY D 143 28.36 47.79 24.79
C GLY D 143 27.60 48.35 25.98
N ILE D 144 26.65 47.57 26.51
CA ILE D 144 25.82 47.97 27.70
C ILE D 144 26.72 48.04 28.93
N ASN D 145 27.22 46.92 29.42
CA ASN D 145 27.82 46.81 30.79
C ASN D 145 29.20 47.48 30.88
N VAL D 146 30.00 47.56 29.81
CA VAL D 146 31.40 48.08 29.89
C VAL D 146 31.49 49.51 29.38
N TYR D 147 30.83 49.83 28.27
CA TYR D 147 30.88 51.17 27.63
C TYR D 147 29.62 51.97 27.97
N ASN D 148 28.56 51.29 28.39
CA ASN D 148 27.30 51.93 28.84
C ASN D 148 26.69 52.72 27.68
N VAL D 149 26.60 52.10 26.50
CA VAL D 149 26.08 52.75 25.26
C VAL D 149 24.59 53.03 25.46
N LYS D 150 24.04 53.94 24.64
CA LYS D 150 22.63 54.40 24.74
C LYS D 150 21.70 53.22 24.45
N ARG D 151 21.96 52.49 23.38
CA ARG D 151 21.09 51.34 22.99
C ARG D 151 21.80 50.43 21.97
N VAL D 152 21.28 49.21 21.85
CA VAL D 152 21.78 48.15 20.93
C VAL D 152 20.60 47.59 20.12
N ILE D 153 20.72 47.64 18.80
CA ILE D 153 19.69 47.21 17.82
C ILE D 153 20.17 45.94 17.14
N GLY D 154 19.31 44.93 17.10
CA GLY D 154 19.53 43.66 16.39
C GLY D 154 18.67 43.58 15.15
N PHE D 155 19.28 43.64 13.97
CA PHE D 155 18.57 43.61 12.67
C PHE D 155 18.28 42.16 12.29
N ARG D 156 17.00 41.88 11.99
CA ARG D 156 16.45 40.52 11.80
C ARG D 156 16.83 39.98 10.41
N PHE D 157 17.17 38.70 10.32
CA PHE D 157 17.34 37.94 9.05
C PHE D 157 18.33 38.66 8.14
N GLY D 158 19.56 38.86 8.63
CA GLY D 158 20.68 39.32 7.80
C GLY D 158 20.39 40.68 7.21
N TYR D 159 21.01 41.01 6.07
CA TYR D 159 21.00 42.38 5.49
C TYR D 159 19.56 42.83 5.18
N TRP D 160 18.65 41.89 4.92
CA TRP D 160 17.21 42.16 4.69
C TRP D 160 16.60 42.98 5.83
N GLY D 161 17.14 42.87 7.04
CA GLY D 161 16.65 43.58 8.25
C GLY D 161 17.15 45.01 8.34
N LEU D 162 17.96 45.47 7.38
CA LEU D 162 18.39 46.89 7.21
C LEU D 162 17.72 47.51 5.97
N SER D 163 17.17 46.69 5.06
CA SER D 163 16.34 47.17 3.92
C SER D 163 15.16 47.97 4.50
N LYS D 164 14.71 49.02 3.80
CA LYS D 164 13.55 49.84 4.23
C LYS D 164 12.41 48.89 4.63
N LYS D 165 12.15 47.87 3.82
CA LYS D 165 11.03 46.91 3.99
C LYS D 165 11.65 45.75 4.76
N GLY D 166 11.78 45.86 6.04
CA GLY D 166 12.55 44.86 6.84
C GLY D 166 13.21 45.51 8.03
N SER D 167 13.52 46.80 7.94
CA SER D 167 14.04 47.62 9.07
C SER D 167 12.94 47.70 10.14
N GLN D 168 11.69 47.46 9.73
CA GLN D 168 10.52 47.46 10.64
C GLN D 168 10.62 46.27 11.61
N THR D 169 11.42 45.25 11.29
CA THR D 169 11.45 43.98 12.06
C THR D 169 12.54 43.98 13.12
N ALA D 170 13.47 44.94 13.08
CA ALA D 170 14.60 45.06 14.03
C ALA D 170 14.10 45.06 15.47
N ILE D 171 14.99 44.73 16.44
CA ILE D 171 14.62 44.51 17.87
C ILE D 171 15.66 45.16 18.79
N GLU D 172 15.23 45.50 20.02
CA GLU D 172 16.07 46.11 21.08
C GLU D 172 16.77 44.97 21.82
N LEU D 173 18.09 45.07 21.98
CA LEU D 173 18.92 44.07 22.70
C LEU D 173 19.33 44.66 24.05
N HIS D 174 18.43 44.60 25.04
CA HIS D 174 18.70 44.84 26.48
C HIS D 174 19.25 43.55 27.09
N ARG D 175 19.94 43.66 28.23
CA ARG D 175 20.42 42.47 29.01
C ARG D 175 19.33 41.38 29.01
N GLY D 176 18.13 41.73 29.48
CA GLY D 176 17.01 40.80 29.66
C GLY D 176 16.73 39.94 28.43
N ARG D 177 17.07 40.43 27.22
CA ARG D 177 16.69 39.78 25.95
C ARG D 177 17.76 38.78 25.50
N VAL D 178 19.00 38.92 25.99
CA VAL D 178 20.18 38.10 25.57
C VAL D 178 20.66 37.24 26.74
N THR D 179 19.89 37.20 27.83
CA THR D 179 20.33 36.62 29.13
C THR D 179 20.93 35.22 28.89
N ASN D 180 20.20 34.35 28.22
CA ASN D 180 20.58 32.91 28.09
C ASN D 180 20.59 32.47 26.63
N ILE D 181 20.63 33.40 25.67
CA ILE D 181 20.64 33.04 24.22
C ILE D 181 21.88 32.20 23.87
N HIS D 182 22.99 32.38 24.60
CA HIS D 182 24.30 31.70 24.33
C HIS D 182 24.15 30.19 24.55
N HIS D 183 23.17 29.76 25.33
CA HIS D 183 22.88 28.31 25.59
C HIS D 183 22.27 27.63 24.37
N TYR D 184 22.18 28.33 23.24
CA TYR D 184 21.44 27.81 22.06
C TYR D 184 22.19 28.13 20.76
N GLY D 185 21.82 27.37 19.74
CA GLY D 185 22.49 27.38 18.44
C GLY D 185 21.66 28.14 17.45
N GLY D 186 22.25 28.51 16.32
CA GLY D 186 21.62 29.48 15.41
C GLY D 186 21.63 30.86 16.02
N THR D 187 20.68 31.73 15.62
CA THR D 187 20.71 33.19 15.88
C THR D 187 19.30 33.72 16.20
N ILE D 188 19.13 34.39 17.34
CA ILE D 188 17.84 35.01 17.74
C ILE D 188 17.47 36.11 16.74
N LEU D 189 18.46 36.83 16.19
CA LEU D 189 18.26 37.84 15.14
C LEU D 189 17.75 37.17 13.86
N GLY D 190 18.09 35.89 13.67
CA GLY D 190 17.86 35.22 12.39
C GLY D 190 18.84 35.72 11.35
N SER D 191 18.93 35.01 10.23
CA SER D 191 19.91 35.23 9.15
C SER D 191 19.25 35.10 7.79
N SER D 192 19.96 35.50 6.74
CA SER D 192 19.58 35.33 5.32
C SER D 192 20.80 35.55 4.44
N ARG D 193 20.82 34.89 3.28
CA ARG D 193 21.92 34.93 2.30
C ARG D 193 21.71 36.14 1.40
N GLY D 194 22.77 36.54 0.70
CA GLY D 194 22.66 37.48 -0.43
C GLY D 194 22.65 38.93 0.04
N PRO D 195 22.60 39.88 -0.91
CA PRO D 195 22.89 41.28 -0.61
C PRO D 195 21.60 42.08 -0.46
N GLN D 196 21.74 43.36 -0.10
CA GLN D 196 20.67 44.38 -0.20
C GLN D 196 21.29 45.63 -0.83
N ASP D 197 20.49 46.67 -1.06
CA ASP D 197 20.95 47.98 -1.57
C ASP D 197 21.77 48.67 -0.47
N PRO D 198 23.08 48.93 -0.70
CA PRO D 198 23.92 49.64 0.28
C PRO D 198 23.29 50.97 0.76
N LYS D 199 22.73 51.73 -0.19
CA LYS D 199 22.08 53.04 0.11
C LYS D 199 20.94 52.80 1.11
N GLU D 200 20.01 51.88 0.81
CA GLU D 200 18.87 51.55 1.70
C GLU D 200 19.38 51.30 3.13
N MET D 201 20.44 50.51 3.25
CA MET D 201 20.97 50.06 4.56
C MET D 201 21.59 51.26 5.32
N VAL D 202 22.43 52.08 4.67
CA VAL D 202 23.03 53.29 5.29
C VAL D 202 21.89 54.26 5.71
N ASP D 203 20.83 54.35 4.88
CA ASP D 203 19.59 55.12 5.17
C ASP D 203 19.04 54.66 6.52
N THR D 204 18.83 53.35 6.70
CA THR D 204 18.30 52.76 7.95
C THR D 204 19.25 53.03 9.12
N LEU D 205 20.56 52.96 8.91
CA LEU D 205 21.59 53.19 9.96
C LEU D 205 21.47 54.63 10.48
N GLU D 206 21.45 55.60 9.56
CA GLU D 206 21.30 57.04 9.89
C GLU D 206 19.97 57.23 10.64
N ARG D 207 18.86 56.73 10.09
CA ARG D 207 17.51 56.91 10.67
C ARG D 207 17.45 56.38 12.11
N LEU D 208 18.16 55.29 12.41
CA LEU D 208 18.13 54.63 13.74
C LEU D 208 19.30 55.12 14.61
N GLY D 209 20.14 56.00 14.07
CA GLY D 209 21.25 56.63 14.80
C GLY D 209 22.30 55.62 15.20
N VAL D 210 22.47 54.59 14.38
CA VAL D 210 23.45 53.48 14.56
C VAL D 210 24.85 54.02 14.28
N ASN D 211 25.68 54.11 15.32
CA ASN D 211 27.05 54.65 15.25
C ASN D 211 28.02 53.54 14.86
N ILE D 212 27.74 52.28 15.23
CA ILE D 212 28.59 51.09 14.94
C ILE D 212 27.70 49.93 14.47
N LEU D 213 27.98 49.36 13.30
CA LEU D 213 27.29 48.19 12.69
C LEU D 213 28.25 47.01 12.65
N PHE D 214 27.98 45.96 13.43
CA PHE D 214 28.75 44.68 13.51
C PHE D 214 28.17 43.66 12.54
N THR D 215 28.93 43.32 11.50
CA THR D 215 28.54 42.34 10.45
C THR D 215 29.08 40.95 10.81
N VAL D 216 28.21 40.06 11.29
CA VAL D 216 28.57 38.65 11.61
C VAL D 216 28.20 37.79 10.40
N GLY D 217 29.18 37.46 9.56
CA GLY D 217 28.98 36.59 8.38
C GLY D 217 30.31 36.18 7.73
N GLY D 218 30.21 35.52 6.58
CA GLY D 218 31.36 35.00 5.81
C GLY D 218 31.94 36.05 4.88
N ASP D 219 32.75 35.59 3.92
CA ASP D 219 33.42 36.42 2.88
C ASP D 219 32.42 37.45 2.32
N GLY D 220 31.36 36.96 1.68
CA GLY D 220 30.33 37.79 1.02
C GLY D 220 29.82 38.91 1.91
N THR D 221 29.46 38.56 3.16
CA THR D 221 28.93 39.50 4.19
C THR D 221 29.92 40.65 4.35
N GLN D 222 31.19 40.35 4.62
CA GLN D 222 32.22 41.37 4.94
C GLN D 222 32.50 42.22 3.70
N ARG D 223 32.41 41.64 2.49
CA ARG D 223 32.58 42.42 1.23
C ARG D 223 31.42 43.42 1.09
N GLY D 224 30.20 42.99 1.44
CA GLY D 224 29.02 43.86 1.57
C GLY D 224 29.26 44.98 2.59
N ALA D 225 29.85 44.62 3.74
CA ALA D 225 30.15 45.53 4.88
C ALA D 225 31.15 46.61 4.44
N LEU D 226 32.10 46.27 3.56
CA LEU D 226 33.05 47.26 2.99
C LEU D 226 32.26 48.22 2.08
N VAL D 227 31.30 47.71 1.30
CA VAL D 227 30.42 48.54 0.42
C VAL D 227 29.66 49.56 1.29
N ILE D 228 29.06 49.09 2.39
CA ILE D 228 28.34 49.96 3.37
C ILE D 228 29.32 51.01 3.94
N SER D 229 30.53 50.59 4.31
CA SER D 229 31.60 51.46 4.87
C SER D 229 31.89 52.61 3.90
N GLN D 230 32.11 52.29 2.62
CA GLN D 230 32.51 53.25 1.56
C GLN D 230 31.32 54.15 1.16
N GLU D 231 30.09 53.65 1.34
CA GLU D 231 28.83 54.42 1.10
C GLU D 231 28.65 55.45 2.22
N ALA D 232 28.74 55.01 3.49
CA ALA D 232 28.62 55.85 4.69
C ALA D 232 29.75 56.91 4.73
N LYS D 233 30.93 56.59 4.17
CA LYS D 233 32.05 57.57 4.07
C LYS D 233 31.83 58.48 2.85
N ARG D 234 31.15 58.00 1.80
CA ARG D 234 30.75 58.85 0.64
C ARG D 234 29.78 59.95 1.10
N ARG D 235 28.96 59.65 2.12
CA ARG D 235 27.99 60.62 2.73
C ARG D 235 28.64 61.41 3.87
N GLY D 236 29.83 61.00 4.33
CA GLY D 236 30.56 61.63 5.45
C GLY D 236 29.87 61.39 6.79
N VAL D 237 29.18 60.26 6.92
CA VAL D 237 28.36 59.87 8.10
C VAL D 237 29.24 59.06 9.05
N ASP D 238 29.30 59.48 10.32
CA ASP D 238 30.13 58.88 11.39
C ASP D 238 29.54 57.53 11.80
N ILE D 239 29.78 56.49 11.00
CA ILE D 239 29.42 55.08 11.28
C ILE D 239 30.67 54.21 11.16
N SER D 240 30.88 53.30 12.10
CA SER D 240 31.94 52.26 12.07
C SER D 240 31.31 50.92 11.69
N VAL D 241 31.70 50.35 10.55
CA VAL D 241 31.32 48.97 10.09
C VAL D 241 32.46 48.02 10.47
N PHE D 242 32.16 47.03 11.32
CA PHE D 242 33.15 46.09 11.91
C PHE D 242 32.68 44.65 11.74
N GLY D 243 33.54 43.80 11.17
CA GLY D 243 33.23 42.40 10.83
C GLY D 243 33.64 41.41 11.91
N VAL D 244 32.75 40.48 12.25
CA VAL D 244 33.09 39.29 13.08
C VAL D 244 33.03 38.08 12.16
N PRO D 245 34.19 37.55 11.72
CA PRO D 245 34.24 36.48 10.74
C PRO D 245 33.54 35.19 11.17
N LYS D 246 32.43 34.88 10.50
CA LYS D 246 31.66 33.62 10.67
C LYS D 246 32.03 32.67 9.54
N THR D 247 33.00 31.79 9.79
CA THR D 247 33.30 30.62 8.93
C THR D 247 33.61 29.42 9.83
N ILE D 248 32.88 28.34 9.63
CA ILE D 248 33.04 27.06 10.37
C ILE D 248 34.23 26.32 9.75
N ASP D 249 34.47 26.52 8.45
CA ASP D 249 35.54 25.84 7.65
C ASP D 249 36.93 26.28 8.15
N ASN D 250 37.00 27.42 8.84
CA ASN D 250 38.25 28.00 9.43
C ASN D 250 39.26 28.30 8.32
N ASP D 251 38.78 28.66 7.12
CA ASP D 251 39.65 28.95 5.94
C ASP D 251 39.94 30.46 5.87
N LEU D 252 39.80 31.19 6.98
CA LEU D 252 40.04 32.65 7.02
C LEU D 252 41.56 32.90 7.04
N SER D 253 42.06 33.69 6.09
CA SER D 253 43.44 34.21 6.02
C SER D 253 43.70 35.15 7.20
N PHE D 254 44.96 35.29 7.61
CA PHE D 254 45.42 36.04 8.80
C PHE D 254 44.70 35.53 10.05
N SER D 255 44.37 34.24 10.07
CA SER D 255 43.59 33.56 11.14
C SER D 255 44.04 32.11 11.24
N HIS D 256 44.29 31.63 12.45
CA HIS D 256 44.52 30.20 12.76
C HIS D 256 43.21 29.58 13.25
N ARG D 257 42.31 30.38 13.80
CA ARG D 257 41.02 29.92 14.35
C ARG D 257 39.91 30.94 14.09
N THR D 258 38.73 30.43 13.74
CA THR D 258 37.46 31.19 13.68
C THR D 258 36.48 30.51 14.63
N PHE D 259 35.55 31.30 15.15
CA PHE D 259 34.59 30.82 16.17
C PHE D 259 33.71 29.79 15.48
N GLY D 260 33.43 28.70 16.20
CA GLY D 260 32.56 27.60 15.77
C GLY D 260 33.35 26.39 15.32
N PHE D 261 34.63 26.58 14.94
CA PHE D 261 35.45 25.51 14.32
C PHE D 261 35.58 24.32 15.28
N GLN D 262 36.16 24.55 16.46
CA GLN D 262 36.40 23.49 17.46
C GLN D 262 35.13 22.69 17.69
N THR D 263 34.00 23.36 17.92
CA THR D 263 32.70 22.69 18.17
C THR D 263 32.36 21.81 16.96
N ALA D 264 32.58 22.34 15.75
CA ALA D 264 32.29 21.63 14.48
C ALA D 264 33.06 20.32 14.45
N VAL D 265 34.36 20.36 14.69
CA VAL D 265 35.23 19.16 14.79
C VAL D 265 34.58 18.18 15.76
N GLU D 266 34.38 18.57 17.02
CA GLU D 266 33.78 17.70 18.07
C GLU D 266 32.57 16.96 17.51
N LYS D 267 31.71 17.67 16.79
CA LYS D 267 30.42 17.12 16.29
C LYS D 267 30.72 16.16 15.14
N ALA D 268 31.54 16.60 14.19
CA ALA D 268 32.02 15.78 13.04
C ALA D 268 32.46 14.41 13.57
N VAL D 269 33.35 14.42 14.57
CA VAL D 269 33.92 13.18 15.17
C VAL D 269 32.78 12.28 15.65
N GLN D 270 31.76 12.84 16.27
CA GLN D 270 30.61 12.03 16.78
C GLN D 270 29.82 11.44 15.61
N ALA D 271 29.79 12.13 14.47
CA ALA D 271 29.09 11.65 13.26
C ALA D 271 29.89 10.48 12.66
N ILE D 272 31.21 10.64 12.58
CA ILE D 272 32.15 9.57 12.12
C ILE D 272 31.94 8.33 12.99
N ARG D 273 31.88 8.47 14.31
CA ARG D 273 31.70 7.31 15.24
C ARG D 273 30.42 6.53 14.89
N ALA D 274 29.36 7.19 14.45
CA ALA D 274 28.10 6.53 14.08
C ALA D 274 28.22 5.91 12.68
N ALA D 275 28.92 6.60 11.78
CA ALA D 275 29.18 6.13 10.40
C ALA D 275 29.94 4.81 10.50
N TYR D 276 30.97 4.79 11.35
CA TYR D 276 31.88 3.66 11.63
C TYR D 276 31.08 2.48 12.17
N ALA D 277 30.31 2.67 13.25
CA ALA D 277 29.50 1.58 13.85
C ALA D 277 28.48 1.04 12.82
N GLU D 278 27.97 1.91 11.96
CA GLU D 278 26.98 1.54 10.90
C GLU D 278 27.68 0.67 9.86
N ALA D 279 28.90 1.04 9.47
CA ALA D 279 29.71 0.38 8.43
C ALA D 279 30.25 -0.96 8.94
N VAL D 280 30.79 -0.99 10.15
CA VAL D 280 31.42 -2.19 10.77
C VAL D 280 30.37 -3.29 10.90
N SER D 281 29.12 -2.94 11.16
CA SER D 281 28.06 -3.93 11.46
C SER D 281 27.66 -4.69 10.19
N ALA D 282 28.16 -4.27 9.03
CA ALA D 282 27.84 -4.85 7.71
C ALA D 282 29.07 -5.54 7.10
N ASN D 283 28.85 -6.64 6.39
CA ASN D 283 29.89 -7.30 5.56
C ASN D 283 30.09 -6.43 4.31
N TYR D 284 31.35 -6.12 3.98
CA TYR D 284 31.74 -5.11 2.95
C TYR D 284 30.80 -3.91 3.09
N GLY D 285 30.91 -3.23 4.24
CA GLY D 285 30.13 -2.04 4.59
C GLY D 285 30.93 -0.77 4.35
N VAL D 286 30.36 0.18 3.63
CA VAL D 286 30.93 1.54 3.40
C VAL D 286 30.06 2.55 4.13
N GLY D 287 30.69 3.45 4.89
CA GLY D 287 30.06 4.67 5.42
C GLY D 287 30.64 5.90 4.74
N VAL D 288 29.84 6.62 3.99
CA VAL D 288 30.19 7.95 3.42
C VAL D 288 29.63 9.00 4.39
N VAL D 289 30.46 9.94 4.82
CA VAL D 289 30.03 11.03 5.74
C VAL D 289 30.59 12.36 5.20
N LYS D 290 29.67 13.25 4.82
CA LYS D 290 29.96 14.59 4.25
C LYS D 290 30.19 15.58 5.40
N LEU D 291 31.40 16.11 5.50
CA LEU D 291 31.71 17.20 6.47
C LEU D 291 31.84 18.52 5.70
N MET D 292 32.00 19.61 6.43
CA MET D 292 32.04 20.96 5.84
C MET D 292 33.42 21.14 5.19
N GLY D 293 33.47 22.03 4.20
CA GLY D 293 34.70 22.41 3.49
C GLY D 293 34.36 22.73 2.05
N ARG D 294 34.05 23.98 1.73
CA ARG D 294 33.86 24.40 0.31
C ARG D 294 35.24 24.64 -0.30
N ASP D 295 36.10 25.40 0.41
CA ASP D 295 37.40 25.88 -0.09
C ASP D 295 38.54 25.14 0.63
N SER D 296 38.42 25.02 1.95
CA SER D 296 39.30 24.19 2.81
C SER D 296 38.78 22.76 2.89
N GLY D 297 39.47 21.92 3.66
CA GLY D 297 38.92 20.69 4.26
C GLY D 297 39.48 20.48 5.66
N PHE D 298 39.64 21.57 6.42
CA PHE D 298 40.25 21.56 7.78
C PHE D 298 39.42 20.66 8.71
N ILE D 299 38.09 20.75 8.60
CA ILE D 299 37.17 19.91 9.43
C ILE D 299 37.41 18.45 9.06
N ALA D 300 37.28 18.13 7.78
CA ALA D 300 37.51 16.78 7.23
C ALA D 300 38.81 16.19 7.81
N ALA D 301 39.93 16.93 7.70
CA ALA D 301 41.27 16.49 8.15
C ALA D 301 41.25 16.25 9.67
N GLN D 302 41.01 17.30 10.47
CA GLN D 302 41.10 17.23 11.95
C GLN D 302 40.15 16.16 12.51
N ALA D 303 38.96 16.02 11.94
CA ALA D 303 37.95 15.04 12.39
C ALA D 303 38.42 13.62 12.05
N ALA D 304 38.89 13.42 10.81
CA ALA D 304 39.49 12.13 10.37
C ALA D 304 40.54 11.72 11.42
N VAL D 305 41.56 12.55 11.64
CA VAL D 305 42.68 12.25 12.57
C VAL D 305 42.12 11.97 13.97
N ALA D 306 41.28 12.84 14.52
CA ALA D 306 40.81 12.75 15.93
C ALA D 306 40.01 11.47 16.17
N SER D 307 39.09 11.12 15.26
CA SER D 307 38.29 9.86 15.36
C SER D 307 39.23 8.68 15.26
N ALA D 308 40.17 8.79 14.31
CA ALA D 308 41.03 7.70 13.84
C ALA D 308 40.13 6.55 13.38
N GLN D 309 39.07 6.85 12.63
CA GLN D 309 38.17 5.82 12.05
C GLN D 309 38.03 6.04 10.54
N ALA D 310 38.75 7.01 9.99
CA ALA D 310 38.70 7.41 8.57
C ALA D 310 39.66 6.54 7.77
N ASN D 311 39.16 5.83 6.75
CA ASN D 311 39.98 4.96 5.85
C ASN D 311 40.30 5.73 4.56
N ILE D 312 39.43 6.64 4.13
CA ILE D 312 39.67 7.57 2.98
C ILE D 312 39.17 8.95 3.39
N CYS D 313 39.91 10.00 3.02
CA CYS D 313 39.61 11.41 3.36
C CYS D 313 39.73 12.29 2.11
N LEU D 314 38.60 12.66 1.51
CA LEU D 314 38.52 13.48 0.28
C LEU D 314 38.32 14.96 0.66
N VAL D 315 39.27 15.80 0.25
CA VAL D 315 39.24 17.26 0.53
C VAL D 315 39.53 18.01 -0.77
N PRO D 316 39.02 19.25 -0.91
CA PRO D 316 39.18 20.03 -2.13
C PRO D 316 40.63 20.26 -2.58
N GLU D 317 41.53 20.42 -1.61
CA GLU D 317 42.97 20.71 -1.81
C GLU D 317 43.62 19.58 -2.64
N ASN D 318 43.10 18.35 -2.50
CA ASN D 318 43.66 17.13 -3.13
C ASN D 318 42.57 16.46 -3.98
N PRO D 319 42.24 17.02 -5.17
CA PRO D 319 41.20 16.46 -6.02
C PRO D 319 41.76 15.21 -6.71
N ILE D 320 41.00 14.12 -6.69
CA ILE D 320 41.39 12.82 -7.31
C ILE D 320 40.22 12.29 -8.12
N SER D 321 40.48 11.35 -9.04
CA SER D 321 39.45 10.80 -9.94
C SER D 321 38.55 9.84 -9.15
N GLU D 322 37.38 9.56 -9.72
CA GLU D 322 36.42 8.52 -9.28
C GLU D 322 37.14 7.18 -9.09
N GLN D 323 37.91 6.75 -10.10
CA GLN D 323 38.62 5.44 -10.10
C GLN D 323 39.70 5.44 -9.01
N GLU D 324 40.33 6.58 -8.74
CA GLU D 324 41.33 6.69 -7.63
C GLU D 324 40.65 6.34 -6.31
N VAL D 325 39.47 6.92 -6.08
CA VAL D 325 38.62 6.62 -4.89
C VAL D 325 38.34 5.11 -4.87
N MET D 326 37.68 4.59 -5.91
CA MET D 326 37.22 3.18 -5.95
C MET D 326 38.42 2.24 -5.75
N SER D 327 39.62 2.65 -6.16
CA SER D 327 40.89 1.89 -6.00
C SER D 327 41.26 1.84 -4.52
N LEU D 328 41.15 2.97 -3.82
CA LEU D 328 41.42 3.02 -2.34
C LEU D 328 40.41 2.11 -1.62
N LEU D 329 39.13 2.16 -2.01
CA LEU D 329 38.06 1.32 -1.40
C LEU D 329 38.39 -0.16 -1.62
N GLU D 330 38.76 -0.49 -2.86
CA GLU D 330 39.18 -1.85 -3.32
C GLU D 330 40.32 -2.36 -2.44
N ARG D 331 41.36 -1.53 -2.25
CA ARG D 331 42.51 -1.86 -1.39
C ARG D 331 42.01 -2.18 0.01
N ARG D 332 41.24 -1.25 0.60
CA ARG D 332 40.68 -1.41 1.96
C ARG D 332 39.98 -2.76 2.08
N PHE D 333 39.19 -3.15 1.07
CA PHE D 333 38.36 -4.38 1.13
C PHE D 333 39.21 -5.64 0.94
N CYS D 334 40.48 -5.52 0.53
CA CYS D 334 41.47 -6.63 0.49
C CYS D 334 41.70 -7.17 1.92
N HIS D 335 41.77 -6.31 2.92
CA HIS D 335 42.19 -6.67 4.31
C HIS D 335 41.05 -6.44 5.34
N SER D 336 40.12 -5.52 5.11
CA SER D 336 39.01 -5.23 6.06
C SER D 336 37.66 -5.37 5.37
N ARG D 337 36.58 -5.65 6.13
CA ARG D 337 35.19 -5.79 5.62
C ARG D 337 34.43 -4.47 5.81
N SER D 338 35.16 -3.39 6.01
CA SER D 338 34.67 -2.11 6.58
C SER D 338 35.47 -0.96 5.99
N CYS D 339 34.80 0.02 5.38
CA CYS D 339 35.45 1.28 4.93
C CYS D 339 34.61 2.49 5.34
N VAL D 340 35.27 3.53 5.84
CA VAL D 340 34.66 4.85 6.22
C VAL D 340 35.35 5.95 5.42
N ILE D 341 34.56 6.73 4.67
CA ILE D 341 34.99 7.80 3.73
C ILE D 341 34.50 9.15 4.24
N ILE D 342 35.45 10.03 4.62
CA ILE D 342 35.21 11.47 4.93
C ILE D 342 35.27 12.22 3.60
N VAL D 343 34.22 12.98 3.24
CA VAL D 343 34.22 13.82 2.00
C VAL D 343 33.83 15.24 2.38
N ALA D 344 34.67 16.23 2.03
CA ALA D 344 34.37 17.67 2.19
C ALA D 344 33.38 18.08 1.08
N GLU D 345 32.35 18.86 1.41
CA GLU D 345 31.25 19.23 0.47
C GLU D 345 31.79 19.89 -0.81
N GLY D 346 33.00 20.45 -0.74
CA GLY D 346 33.67 21.16 -1.85
C GLY D 346 34.56 20.27 -2.68
N PHE D 347 34.68 18.98 -2.35
CA PHE D 347 35.50 18.00 -3.13
C PHE D 347 34.74 17.61 -4.40
N GLY D 348 35.49 17.23 -5.43
CA GLY D 348 34.99 16.58 -6.66
C GLY D 348 33.84 17.37 -7.27
N GLN D 349 34.06 18.66 -7.49
CA GLN D 349 33.05 19.60 -8.05
C GLN D 349 33.16 19.60 -9.58
N ASP D 350 33.52 18.46 -10.18
CA ASP D 350 33.58 18.26 -11.65
C ASP D 350 32.99 16.89 -12.02
N TRP D 351 32.34 16.21 -11.06
CA TRP D 351 31.80 14.84 -11.21
C TRP D 351 30.40 14.90 -11.82
N GLY D 352 29.66 16.00 -11.58
CA GLY D 352 28.32 16.31 -12.12
C GLY D 352 28.26 16.63 -13.62
N ARG D 353 27.07 16.36 -14.20
CA ARG D 353 26.69 16.37 -15.64
C ARG D 353 27.44 17.45 -16.42
N LEU D 366 27.57 24.55 -5.51
CA LEU D 366 28.14 23.21 -5.17
C LEU D 366 27.19 22.10 -5.62
N ILE D 367 27.70 21.08 -6.33
CA ILE D 367 27.01 19.78 -6.59
C ILE D 367 27.12 18.92 -5.33
N ASP D 368 26.07 18.15 -4.99
CA ASP D 368 25.96 17.36 -3.74
C ASP D 368 26.88 16.14 -3.84
N ILE D 369 28.17 16.36 -3.61
CA ILE D 369 29.25 15.34 -3.77
C ILE D 369 28.98 14.17 -2.83
N GLY D 370 28.36 14.41 -1.67
CA GLY D 370 27.93 13.34 -0.76
C GLY D 370 27.10 12.30 -1.48
N VAL D 371 26.01 12.73 -2.12
CA VAL D 371 25.00 11.85 -2.77
C VAL D 371 25.63 11.24 -4.04
N ILE D 372 26.35 12.06 -4.82
CA ILE D 372 27.08 11.60 -6.03
C ILE D 372 27.99 10.43 -5.63
N LEU D 373 29.00 10.71 -4.80
CA LEU D 373 30.02 9.74 -4.30
C LEU D 373 29.30 8.49 -3.81
N THR D 374 28.22 8.65 -3.03
CA THR D 374 27.41 7.51 -2.53
C THR D 374 26.95 6.64 -3.69
N GLU D 375 26.29 7.21 -4.71
CA GLU D 375 25.73 6.41 -5.83
C GLU D 375 26.87 5.81 -6.67
N LYS D 376 27.98 6.53 -6.83
CA LYS D 376 29.17 6.07 -7.59
C LYS D 376 29.70 4.78 -6.94
N VAL D 377 29.92 4.81 -5.63
CA VAL D 377 30.39 3.64 -4.83
C VAL D 377 29.39 2.51 -5.00
N LYS D 378 28.09 2.79 -4.85
CA LYS D 378 27.03 1.75 -4.93
C LYS D 378 27.10 1.04 -6.29
N ALA D 379 27.25 1.82 -7.38
CA ALA D 379 27.30 1.31 -8.77
C ALA D 379 28.60 0.52 -8.98
N PHE D 380 29.69 0.93 -8.33
CA PHE D 380 31.02 0.24 -8.39
C PHE D 380 30.92 -1.13 -7.71
N LEU D 381 30.27 -1.20 -6.54
CA LEU D 381 30.10 -2.46 -5.76
C LEU D 381 29.08 -3.37 -6.45
N LYS D 382 28.06 -2.81 -7.11
CA LYS D 382 27.05 -3.60 -7.86
C LYS D 382 27.70 -4.17 -9.13
N ALA D 383 28.70 -3.47 -9.69
CA ALA D 383 29.54 -3.97 -10.81
C ALA D 383 30.45 -5.12 -10.38
N ASN D 384 31.09 -5.04 -9.20
CA ASN D 384 32.01 -6.10 -8.70
C ASN D 384 31.32 -6.97 -7.63
N LYS D 385 30.00 -7.23 -7.78
CA LYS D 385 29.23 -8.15 -6.87
C LYS D 385 29.98 -9.48 -6.76
N SER D 386 30.54 -9.94 -7.89
CA SER D 386 31.44 -11.11 -8.02
C SER D 386 32.37 -11.19 -6.79
N ARG D 387 33.13 -10.12 -6.56
CA ARG D 387 34.20 -10.06 -5.53
C ARG D 387 33.64 -9.62 -4.16
N TYR D 388 32.80 -8.57 -4.14
CA TYR D 388 32.16 -8.03 -2.91
C TYR D 388 30.68 -8.39 -2.93
N PRO D 389 30.32 -9.65 -2.58
CA PRO D 389 29.00 -10.21 -2.93
C PRO D 389 27.87 -9.45 -2.22
N ASP D 390 27.48 -9.86 -1.02
CA ASP D 390 26.69 -9.00 -0.11
C ASP D 390 27.58 -7.77 0.17
N SER D 391 27.03 -6.55 0.07
CA SER D 391 27.71 -5.26 0.39
C SER D 391 26.68 -4.16 0.65
N THR D 392 27.02 -3.17 1.47
CA THR D 392 26.10 -2.07 1.91
C THR D 392 26.81 -0.73 1.94
N VAL D 393 26.17 0.33 1.44
CA VAL D 393 26.73 1.72 1.42
C VAL D 393 25.74 2.63 2.13
N LYS D 394 26.24 3.37 3.13
CA LYS D 394 25.43 4.26 4.02
C LYS D 394 25.94 5.69 3.84
N TYR D 395 25.06 6.61 3.44
CA TYR D 395 25.39 8.06 3.37
C TYR D 395 24.93 8.72 4.67
N ILE D 396 25.69 9.71 5.13
CA ILE D 396 25.40 10.49 6.36
C ILE D 396 25.68 11.96 6.07
N ASP D 397 24.65 12.81 6.16
CA ASP D 397 24.79 14.28 6.11
C ASP D 397 24.55 14.82 7.52
N PRO D 398 25.64 14.95 8.31
CA PRO D 398 25.54 15.45 9.68
C PRO D 398 25.62 16.98 9.72
N SER D 399 25.48 17.63 8.56
CA SER D 399 25.66 19.10 8.40
C SER D 399 24.80 19.86 9.42
N TYR D 400 23.58 19.39 9.63
CA TYR D 400 22.56 20.08 10.46
C TYR D 400 22.93 19.98 11.94
N MET D 401 23.41 18.84 12.42
CA MET D 401 23.80 18.59 13.84
C MET D 401 25.10 19.35 14.15
N ILE D 402 25.90 19.66 13.12
CA ILE D 402 27.19 20.39 13.27
C ILE D 402 26.93 21.90 13.37
N ARG D 403 26.14 22.52 12.49
CA ARG D 403 25.93 23.99 12.53
C ARG D 403 25.04 24.40 13.71
N ALA D 404 23.96 23.64 13.90
CA ALA D 404 22.73 24.11 14.59
C ALA D 404 22.80 23.80 16.08
N CYS D 405 23.97 23.94 16.68
CA CYS D 405 24.16 23.52 18.08
C CYS D 405 24.97 24.59 18.79
N PRO D 406 24.76 24.72 20.12
CA PRO D 406 25.53 25.66 20.92
C PRO D 406 27.00 25.29 20.87
N PRO D 407 27.89 26.24 21.20
CA PRO D 407 29.33 25.98 21.16
C PRO D 407 29.83 25.15 22.35
N SER D 408 30.94 24.44 22.16
CA SER D 408 31.80 23.92 23.25
C SER D 408 32.23 25.12 24.10
N ALA D 409 32.41 24.95 25.42
CA ALA D 409 32.78 26.05 26.36
C ALA D 409 34.02 26.79 25.86
N ASN D 410 34.95 26.08 25.22
CA ASN D 410 36.16 26.71 24.64
C ASN D 410 35.78 27.64 23.48
N ASP D 411 34.83 27.26 22.63
CA ASP D 411 34.36 28.13 21.51
C ASP D 411 33.52 29.29 22.09
N ALA D 412 32.77 29.05 23.17
CA ALA D 412 31.94 30.07 23.85
C ALA D 412 32.84 31.17 24.37
N LEU D 413 33.90 30.80 25.10
CA LEU D 413 34.90 31.75 25.63
C LEU D 413 35.52 32.52 24.46
N PHE D 414 35.77 31.83 23.35
CA PHE D 414 36.44 32.42 22.16
C PHE D 414 35.53 33.47 21.52
N CYS D 415 34.24 33.14 21.34
CA CYS D 415 33.18 34.04 20.85
C CYS D 415 33.15 35.28 21.74
N ALA D 416 33.01 35.07 23.05
CA ALA D 416 32.94 36.15 24.07
C ALA D 416 34.10 37.12 23.86
N THR D 417 35.32 36.59 23.75
CA THR D 417 36.56 37.42 23.61
C THR D 417 36.55 38.15 22.25
N LEU D 418 36.30 37.43 21.15
CA LEU D 418 36.24 38.02 19.78
C LEU D 418 35.31 39.24 19.82
N ALA D 419 34.09 39.06 20.32
CA ALA D 419 33.07 40.11 20.51
C ALA D 419 33.63 41.26 21.36
N THR D 420 33.85 41.04 22.66
CA THR D 420 34.27 42.10 23.63
C THR D 420 35.40 42.93 22.99
N LEU D 421 36.39 42.32 22.34
CA LEU D 421 37.52 43.06 21.70
C LEU D 421 37.02 43.88 20.49
N ALA D 422 36.13 43.29 19.67
CA ALA D 422 35.54 43.96 18.48
C ALA D 422 34.88 45.26 18.93
N VAL D 423 34.17 45.22 20.05
CA VAL D 423 33.49 46.40 20.65
C VAL D 423 34.57 47.39 21.12
N HIS D 424 35.53 46.94 21.92
CA HIS D 424 36.64 47.78 22.47
C HIS D 424 37.32 48.59 21.36
N GLU D 425 37.37 48.03 20.14
CA GLU D 425 38.07 48.61 18.95
C GLU D 425 37.14 49.49 18.12
N ALA D 426 35.89 49.09 17.95
CA ALA D 426 34.88 49.86 17.20
C ALA D 426 34.59 51.18 17.94
N MET D 427 34.52 51.12 19.28
CA MET D 427 34.37 52.32 20.15
C MET D 427 35.59 53.23 19.96
N ALA D 428 36.75 52.66 19.65
CA ALA D 428 38.02 53.38 19.35
C ALA D 428 38.17 53.60 17.83
N GLY D 429 37.04 53.65 17.11
CA GLY D 429 36.96 54.16 15.73
C GLY D 429 37.52 53.21 14.67
N ALA D 430 37.73 51.93 14.99
CA ALA D 430 38.11 50.92 13.98
C ALA D 430 36.92 50.74 13.01
N THR D 431 37.18 50.66 11.70
CA THR D 431 36.12 50.39 10.67
C THR D 431 36.72 49.71 9.43
N GLY D 432 35.87 49.12 8.59
CA GLY D 432 36.21 48.42 7.34
C GLY D 432 37.13 47.24 7.57
N CYS D 433 37.08 46.65 8.77
CA CYS D 433 38.05 45.63 9.24
C CYS D 433 37.30 44.50 9.97
N ILE D 434 37.97 43.35 10.10
CA ILE D 434 37.51 42.17 10.89
C ILE D 434 38.48 41.95 12.05
N ILE D 435 38.03 41.19 13.05
CA ILE D 435 38.91 40.70 14.16
C ILE D 435 39.16 39.20 13.95
N ALA D 436 40.42 38.79 14.00
CA ALA D 436 40.77 37.36 13.89
C ALA D 436 41.86 37.02 14.90
N MET D 437 42.14 35.73 15.04
CA MET D 437 43.09 35.14 16.02
C MET D 437 44.28 34.56 15.25
N ARG D 438 45.49 35.07 15.51
CA ARG D 438 46.78 34.58 14.97
C ARG D 438 47.78 34.43 16.10
N HIS D 439 48.41 33.26 16.22
CA HIS D 439 49.59 33.08 17.09
C HIS D 439 49.23 33.53 18.51
N ASN D 440 48.05 33.12 19.01
CA ASN D 440 47.65 33.39 20.42
C ASN D 440 47.31 34.87 20.63
N ASN D 441 47.22 35.67 19.57
CA ASN D 441 46.93 37.12 19.69
C ASN D 441 45.74 37.47 18.79
N TYR D 442 45.01 38.51 19.16
CA TYR D 442 43.83 39.05 18.43
C TYR D 442 44.31 40.23 17.60
N ILE D 443 44.00 40.22 16.31
CA ILE D 443 44.47 41.24 15.35
C ILE D 443 43.29 41.78 14.54
N LEU D 444 43.44 43.00 14.04
CA LEU D 444 42.48 43.70 13.16
C LEU D 444 42.98 43.64 11.72
N VAL D 445 42.19 43.06 10.82
CA VAL D 445 42.56 42.87 9.38
C VAL D 445 41.59 43.69 8.53
N PRO D 446 42.08 44.62 7.70
CA PRO D 446 41.26 45.25 6.66
C PRO D 446 40.50 44.21 5.83
N ILE D 447 39.20 44.45 5.63
CA ILE D 447 38.31 43.52 4.87
C ILE D 447 38.88 43.30 3.45
N LYS D 448 39.35 44.37 2.83
CA LYS D 448 39.95 44.35 1.46
C LYS D 448 41.01 43.24 1.37
N VAL D 449 41.78 43.06 2.44
CA VAL D 449 42.88 42.05 2.54
C VAL D 449 42.26 40.67 2.79
N ALA D 450 41.45 40.54 3.85
CA ALA D 450 40.87 39.26 4.32
C ALA D 450 40.05 38.57 3.22
N THR D 451 39.49 39.33 2.27
CA THR D 451 38.66 38.78 1.16
C THR D 451 39.50 38.45 -0.07
N SER D 452 40.76 38.88 -0.07
CA SER D 452 41.70 38.75 -1.22
C SER D 452 42.40 37.40 -1.18
N VAL D 453 42.61 36.85 0.02
CA VAL D 453 43.33 35.55 0.21
C VAL D 453 42.50 34.66 1.13
N ARG D 454 42.70 33.34 1.02
CA ARG D 454 42.04 32.33 1.87
C ARG D 454 43.06 31.24 2.22
N ARG D 455 42.82 30.57 3.35
CA ARG D 455 43.64 29.43 3.86
C ARG D 455 43.16 28.13 3.23
N VAL D 456 43.95 27.09 3.44
CA VAL D 456 43.88 25.81 2.69
C VAL D 456 44.91 24.84 3.28
N LEU D 457 44.55 23.56 3.44
CA LEU D 457 45.43 22.51 4.01
C LEU D 457 46.79 22.54 3.30
N ASP D 458 47.88 22.64 4.06
CA ASP D 458 49.25 22.31 3.56
C ASP D 458 49.35 20.79 3.43
N LEU D 459 49.34 20.27 2.20
CA LEU D 459 49.33 18.80 1.93
C LEU D 459 50.68 18.18 2.29
N ARG D 460 51.72 18.99 2.55
CA ARG D 460 53.04 18.49 3.05
C ARG D 460 53.15 18.75 4.56
N GLY D 461 52.09 19.23 5.21
CA GLY D 461 52.09 19.60 6.65
C GLY D 461 51.85 18.41 7.58
N GLN D 462 52.14 18.57 8.88
CA GLN D 462 52.08 17.49 9.88
C GLN D 462 50.65 16.93 9.99
N LEU D 463 49.62 17.78 9.87
CA LEU D 463 48.21 17.34 9.98
C LEU D 463 47.92 16.33 8.89
N TRP D 464 48.16 16.70 7.64
CA TRP D 464 47.90 15.84 6.46
C TRP D 464 48.77 14.58 6.52
N ARG D 465 50.01 14.70 7.03
CA ARG D 465 50.81 13.50 7.39
C ARG D 465 49.90 12.59 8.20
N GLN D 466 49.44 13.06 9.37
CA GLN D 466 48.67 12.25 10.36
C GLN D 466 47.40 11.68 9.72
N VAL D 467 46.90 12.30 8.64
CA VAL D 467 45.72 11.76 7.88
C VAL D 467 46.17 10.56 7.05
N ARG D 468 47.24 10.72 6.26
CA ARG D 468 47.80 9.64 5.42
C ARG D 468 48.25 8.48 6.33
N GLU D 469 48.73 8.80 7.54
CA GLU D 469 49.21 7.82 8.56
C GLU D 469 48.11 6.78 8.82
N ILE D 470 46.83 7.19 8.82
CA ILE D 470 45.69 6.32 9.24
C ILE D 470 44.85 5.89 8.03
N THR D 471 44.93 6.59 6.90
CA THR D 471 44.11 6.31 5.69
C THR D 471 44.85 5.39 4.74
N VAL D 472 44.11 4.51 4.06
CA VAL D 472 44.60 3.53 3.06
C VAL D 472 45.78 4.15 2.30
N ASP D 473 46.87 3.36 2.19
CA ASP D 473 48.03 3.69 1.34
C ASP D 473 48.18 2.59 0.30
N LEU D 474 48.02 2.96 -0.97
CA LEU D 474 48.24 2.05 -2.12
C LEU D 474 49.71 1.67 -2.16
N GLY D 475 50.61 2.55 -1.69
CA GLY D 475 52.08 2.35 -1.66
C GLY D 475 52.55 1.34 -0.62
N SER D 476 51.64 0.50 -0.10
CA SER D 476 51.95 -0.71 0.69
C SER D 476 51.55 -1.96 -0.09
N ASP D 477 52.53 -2.78 -0.50
CA ASP D 477 52.33 -4.20 -0.90
C ASP D 477 51.55 -4.90 0.23
N VAL D 478 50.33 -5.38 -0.05
CA VAL D 478 49.34 -5.81 0.98
C VAL D 478 49.79 -7.17 1.54
N ARG D 479 50.29 -8.05 0.67
CA ARG D 479 50.88 -9.36 1.05
C ARG D 479 52.02 -9.15 2.07
N LEU D 480 53.02 -8.31 1.73
CA LEU D 480 54.27 -8.10 2.54
C LEU D 480 53.91 -7.41 3.88
N ALA D 481 53.05 -6.38 3.82
CA ALA D 481 52.53 -5.62 4.98
C ALA D 481 51.76 -6.55 5.92
N ARG D 482 50.81 -7.33 5.40
CA ARG D 482 49.92 -8.25 6.16
C ARG D 482 50.76 -9.35 6.83
N LYS D 483 51.82 -9.82 6.16
CA LYS D 483 52.79 -10.76 6.77
C LYS D 483 53.34 -10.09 8.04
N LEU D 484 54.11 -9.01 7.86
CA LEU D 484 54.85 -8.33 8.95
C LEU D 484 53.85 -7.98 10.08
N GLU D 485 52.58 -7.78 9.75
CA GLU D 485 51.48 -7.54 10.74
C GLU D 485 51.31 -8.76 11.65
N ILE D 486 50.98 -9.92 11.07
CA ILE D 486 50.67 -11.17 11.84
C ILE D 486 51.92 -11.60 12.61
N ARG D 487 53.12 -11.27 12.10
CA ARG D 487 54.39 -11.53 12.84
C ARG D 487 54.30 -10.84 14.22
N ARG D 488 54.04 -9.54 14.22
CA ARG D 488 53.94 -8.71 15.45
C ARG D 488 52.79 -9.25 16.32
N GLU D 489 51.64 -9.53 15.72
CA GLU D 489 50.41 -10.00 16.44
C GLU D 489 50.78 -11.25 17.23
N LEU D 490 51.48 -12.17 16.57
CA LEU D 490 51.89 -13.49 17.14
C LEU D 490 52.91 -13.28 18.26
N GLU D 491 53.93 -12.46 18.03
CA GLU D 491 54.93 -12.08 19.07
C GLU D 491 54.20 -11.62 20.34
N ALA D 492 53.23 -10.71 20.18
CA ALA D 492 52.45 -10.09 21.26
C ALA D 492 51.64 -11.15 22.01
N ILE D 493 50.93 -12.04 21.28
CA ILE D 493 50.01 -13.04 21.90
C ILE D 493 50.83 -14.11 22.63
N ASN D 494 51.99 -14.47 22.10
CA ASN D 494 52.90 -15.45 22.75
C ASN D 494 53.38 -14.84 24.07
N ARG D 495 53.64 -13.53 24.09
CA ARG D 495 54.09 -12.82 25.33
C ARG D 495 53.02 -13.01 26.40
N ASN D 496 51.76 -12.70 26.07
CA ASN D 496 50.62 -12.80 27.03
C ASN D 496 50.52 -14.24 27.49
N ARG D 497 50.58 -15.18 26.56
CA ARG D 497 50.60 -16.63 26.84
C ARG D 497 51.62 -16.92 27.95
N ASP D 498 52.85 -16.46 27.76
CA ASP D 498 54.00 -16.68 28.69
C ASP D 498 53.62 -16.13 30.07
N ARG D 499 53.11 -14.89 30.14
CA ARG D 499 52.81 -14.22 31.44
C ARG D 499 51.67 -14.94 32.16
N LEU D 500 50.73 -15.53 31.40
CA LEU D 500 49.55 -16.29 31.92
C LEU D 500 50.04 -17.61 32.52
N HIS D 501 50.89 -18.32 31.79
CA HIS D 501 51.61 -19.52 32.30
C HIS D 501 52.24 -19.17 33.65
N GLU D 502 52.90 -18.00 33.72
CA GLU D 502 53.63 -17.54 34.94
C GLU D 502 52.62 -17.41 36.10
N GLU D 503 51.44 -16.87 35.82
CA GLU D 503 50.40 -16.57 36.85
C GLU D 503 49.88 -17.86 37.49
N LEU D 504 50.39 -19.04 37.13
CA LEU D 504 49.83 -20.34 37.60
C LEU D 504 50.81 -20.95 38.61
N ALA D 505 50.48 -20.87 39.91
CA ALA D 505 51.38 -20.97 41.08
C ALA D 505 52.39 -19.81 41.04
N THR E 30 -20.13 -19.24 16.99
CA THR E 30 -19.65 -18.90 15.62
C THR E 30 -18.79 -20.08 15.05
N SER E 31 -19.19 -20.59 13.88
CA SER E 31 -18.87 -21.93 13.29
C SER E 31 -19.08 -21.91 11.76
N LYS E 32 -18.01 -21.71 10.96
CA LYS E 32 -17.96 -21.69 9.47
C LYS E 32 -18.35 -20.33 8.87
N LEU E 33 -19.04 -19.45 9.62
CA LEU E 33 -19.22 -18.01 9.24
C LEU E 33 -18.12 -17.14 9.88
N VAL E 34 -17.78 -16.03 9.23
CA VAL E 34 -16.71 -15.09 9.70
C VAL E 34 -17.40 -13.89 10.35
N LYS E 35 -16.83 -13.39 11.46
CA LYS E 35 -17.29 -12.16 12.14
C LYS E 35 -16.97 -10.96 11.25
N ALA E 36 -17.99 -10.13 10.95
CA ALA E 36 -17.89 -8.89 10.15
C ALA E 36 -17.09 -7.85 10.92
N HIS E 37 -16.67 -6.78 10.24
CA HIS E 37 -15.65 -5.82 10.74
C HIS E 37 -16.27 -4.91 11.82
N ARG E 38 -17.52 -4.45 11.61
CA ARG E 38 -18.36 -3.79 12.65
C ARG E 38 -19.62 -4.66 12.83
N ALA E 39 -19.39 -5.86 13.40
CA ALA E 39 -20.41 -6.80 13.88
C ALA E 39 -21.07 -6.20 15.12
N MET E 40 -22.40 -6.29 15.20
CA MET E 40 -23.20 -5.82 16.36
C MET E 40 -23.32 -6.96 17.38
N LEU E 41 -23.13 -8.21 16.95
CA LEU E 41 -23.12 -9.43 17.82
C LEU E 41 -21.76 -10.12 17.74
N ASN E 42 -21.29 -10.68 18.87
CA ASN E 42 -20.06 -11.52 18.95
C ASN E 42 -20.44 -13.01 18.84
N SER E 43 -21.74 -13.33 18.90
CA SER E 43 -22.30 -14.68 18.61
C SER E 43 -23.79 -14.54 18.25
N VAL E 44 -24.44 -15.64 17.86
CA VAL E 44 -25.90 -15.67 17.57
C VAL E 44 -26.56 -16.74 18.45
N THR E 45 -27.48 -16.31 19.31
CA THR E 45 -28.40 -17.15 20.12
C THR E 45 -29.77 -17.19 19.42
N GLN E 46 -30.65 -18.09 19.87
CA GLN E 46 -32.00 -18.29 19.27
C GLN E 46 -32.82 -16.99 19.40
N GLU E 47 -32.61 -16.24 20.50
CA GLU E 47 -33.31 -14.94 20.75
C GLU E 47 -32.92 -13.95 19.65
N ASP E 48 -31.63 -13.91 19.28
CA ASP E 48 -31.09 -12.99 18.23
C ASP E 48 -31.83 -13.17 16.91
N LEU E 49 -32.38 -14.37 16.65
CA LEU E 49 -33.07 -14.72 15.38
C LEU E 49 -34.54 -14.29 15.43
N LYS E 50 -35.07 -13.91 16.59
CA LYS E 50 -36.47 -13.40 16.72
C LYS E 50 -36.62 -12.19 15.80
N VAL E 51 -37.59 -12.23 14.88
CA VAL E 51 -37.85 -11.17 13.86
C VAL E 51 -38.84 -10.16 14.44
N ASP E 52 -38.41 -8.90 14.59
CA ASP E 52 -39.22 -7.76 15.12
C ASP E 52 -40.54 -7.66 14.35
N ARG E 53 -41.66 -7.77 15.06
CA ARG E 53 -43.04 -7.62 14.54
C ARG E 53 -43.65 -6.32 15.10
N LEU E 54 -43.93 -5.36 14.23
CA LEU E 54 -44.65 -4.10 14.52
C LEU E 54 -45.94 -4.46 15.25
N PRO E 55 -46.23 -3.84 16.42
CA PRO E 55 -47.34 -4.27 17.25
C PRO E 55 -48.66 -4.16 16.49
N GLY E 56 -49.54 -5.15 16.65
CA GLY E 56 -50.88 -5.19 16.03
C GLY E 56 -50.89 -6.10 14.82
N ALA E 57 -52.04 -6.70 14.53
CA ALA E 57 -52.25 -7.65 13.41
C ALA E 57 -53.75 -7.72 13.14
N ASP E 58 -54.35 -6.58 12.82
CA ASP E 58 -55.81 -6.31 12.93
C ASP E 58 -56.51 -6.71 11.61
N TYR E 59 -55.93 -6.40 10.45
CA TYR E 59 -56.61 -6.45 9.13
C TYR E 59 -56.35 -7.81 8.48
N PRO E 60 -57.32 -8.36 7.72
CA PRO E 60 -57.17 -9.67 7.09
C PRO E 60 -56.43 -9.50 5.76
N ASN E 61 -55.61 -10.48 5.37
CA ASN E 61 -54.87 -10.45 4.08
C ASN E 61 -55.89 -10.43 2.95
N PRO E 62 -55.96 -9.37 2.10
CA PRO E 62 -56.95 -9.33 1.02
C PRO E 62 -56.54 -10.20 -0.17
N SER E 63 -56.40 -11.50 0.08
CA SER E 63 -55.66 -12.47 -0.78
C SER E 63 -56.25 -13.88 -0.61
N LYS E 75 -48.75 -18.57 14.56
CA LYS E 75 -48.81 -19.35 13.31
C LYS E 75 -47.66 -18.91 12.40
N THR E 76 -46.53 -18.45 12.95
CA THR E 76 -45.21 -18.37 12.24
C THR E 76 -44.55 -19.75 12.31
N ASP E 77 -43.96 -20.21 11.20
CA ASP E 77 -43.33 -21.55 11.08
C ASP E 77 -41.81 -21.37 11.00
N TYR E 78 -41.07 -22.41 11.37
CA TYR E 78 -39.60 -22.41 11.43
C TYR E 78 -39.02 -23.50 10.50
N ILE E 79 -37.73 -23.33 10.20
CA ILE E 79 -36.83 -24.34 9.55
C ILE E 79 -35.53 -24.33 10.36
N MET E 80 -34.82 -25.45 10.46
CA MET E 80 -33.53 -25.50 11.21
C MET E 80 -32.48 -24.69 10.46
N TYR E 81 -31.56 -24.06 11.21
CA TYR E 81 -30.35 -23.46 10.60
C TYR E 81 -29.60 -24.61 9.93
N ASN E 82 -29.10 -25.56 10.74
CA ASN E 82 -28.32 -26.75 10.28
C ASN E 82 -29.25 -27.97 10.26
N PRO E 83 -29.47 -28.61 9.08
CA PRO E 83 -30.27 -29.83 8.98
C PRO E 83 -29.47 -31.12 9.19
N ARG E 84 -28.25 -31.03 9.72
CA ARG E 84 -27.42 -32.22 10.07
C ARG E 84 -27.84 -32.76 11.43
N PRO E 85 -27.97 -34.10 11.58
CA PRO E 85 -28.29 -34.72 12.88
C PRO E 85 -27.08 -34.73 13.83
N ARG E 86 -27.37 -34.65 15.14
CA ARG E 86 -26.35 -34.71 16.22
C ARG E 86 -25.85 -36.15 16.36
N ASP E 87 -26.76 -37.13 16.35
CA ASP E 87 -26.45 -38.57 16.53
C ASP E 87 -26.54 -39.33 15.20
N GLU E 88 -26.32 -40.64 15.27
CA GLU E 88 -26.52 -41.64 14.19
C GLU E 88 -28.01 -41.89 13.99
N PRO E 89 -28.43 -42.53 12.87
CA PRO E 89 -29.85 -42.87 12.67
C PRO E 89 -30.40 -43.88 13.69
N SER E 90 -30.95 -43.42 14.82
CA SER E 90 -31.51 -44.26 15.91
C SER E 90 -33.04 -44.34 15.77
N SER E 91 -33.73 -44.86 16.79
CA SER E 91 -35.19 -45.15 16.79
C SER E 91 -36.01 -43.88 16.52
N GLU E 92 -35.77 -42.81 17.28
CA GLU E 92 -36.57 -41.55 17.28
C GLU E 92 -36.08 -40.62 16.16
N ASN E 93 -36.85 -39.58 15.81
CA ASN E 93 -36.49 -38.59 14.76
C ASN E 93 -35.16 -37.93 15.11
N PRO E 94 -34.40 -37.45 14.10
CA PRO E 94 -33.10 -36.83 14.36
C PRO E 94 -33.21 -35.39 14.90
N VAL E 95 -32.12 -34.91 15.51
CA VAL E 95 -32.02 -33.62 16.26
C VAL E 95 -30.90 -32.77 15.64
N SER E 96 -31.17 -31.49 15.34
CA SER E 96 -30.18 -30.57 14.71
C SER E 96 -28.91 -30.52 15.56
N VAL E 97 -27.75 -30.46 14.91
CA VAL E 97 -26.44 -30.17 15.56
C VAL E 97 -26.52 -28.78 16.21
N SER E 98 -27.07 -27.78 15.49
CA SER E 98 -27.20 -26.38 15.96
C SER E 98 -28.57 -26.21 16.62
N PRO E 99 -28.66 -25.44 17.73
CA PRO E 99 -29.95 -25.17 18.37
C PRO E 99 -30.77 -24.13 17.60
N LEU E 100 -30.18 -23.50 16.57
CA LEU E 100 -30.78 -22.34 15.87
C LEU E 100 -31.95 -22.80 14.98
N LEU E 101 -33.08 -22.10 15.10
CA LEU E 101 -34.29 -22.17 14.23
C LEU E 101 -34.51 -20.81 13.56
N CYS E 102 -34.77 -20.81 12.25
CA CYS E 102 -35.02 -19.61 11.39
C CYS E 102 -36.52 -19.49 11.08
N GLU E 103 -37.05 -18.27 11.13
CA GLU E 103 -38.46 -17.94 10.77
C GLU E 103 -38.62 -18.03 9.25
N LEU E 104 -39.52 -18.92 8.80
CA LEU E 104 -39.93 -19.02 7.37
C LEU E 104 -40.77 -17.80 7.00
N ALA E 105 -40.57 -17.28 5.78
CA ALA E 105 -41.30 -16.11 5.23
C ALA E 105 -42.44 -16.60 4.34
N ALA E 106 -43.67 -16.12 4.58
CA ALA E 106 -44.85 -16.45 3.74
C ALA E 106 -46.00 -15.50 4.08
N ALA E 107 -46.92 -15.33 3.13
CA ALA E 107 -48.10 -14.45 3.27
C ALA E 107 -48.89 -14.89 4.50
N ARG E 108 -49.23 -13.93 5.35
CA ARG E 108 -49.84 -14.20 6.67
C ARG E 108 -51.35 -14.04 6.58
N SER E 109 -52.10 -14.88 7.30
CA SER E 109 -53.58 -14.82 7.43
C SER E 109 -53.98 -13.41 7.90
N ARG E 110 -53.32 -12.93 8.96
CA ARG E 110 -53.55 -11.58 9.52
C ARG E 110 -52.36 -10.69 9.15
N ILE E 111 -52.64 -9.50 8.61
CA ILE E 111 -51.61 -8.46 8.33
C ILE E 111 -51.80 -7.30 9.33
N HIS E 112 -50.73 -6.54 9.56
CA HIS E 112 -50.66 -5.46 10.59
C HIS E 112 -51.14 -4.14 10.00
N PHE E 113 -50.63 -3.78 8.83
CA PHE E 113 -50.95 -2.54 8.08
C PHE E 113 -52.28 -2.68 7.34
N ASN E 114 -52.99 -1.57 7.14
CA ASN E 114 -54.27 -1.52 6.41
C ASN E 114 -53.99 -1.27 4.93
N PRO E 115 -54.26 -2.27 4.07
CA PRO E 115 -53.88 -2.21 2.65
C PRO E 115 -54.17 -0.85 1.97
N THR E 116 -55.44 -0.51 1.76
CA THR E 116 -55.84 0.67 0.94
C THR E 116 -55.42 1.98 1.63
N GLU E 117 -54.79 1.89 2.81
CA GLU E 117 -54.36 3.08 3.59
C GLU E 117 -52.82 3.13 3.68
N THR E 118 -52.12 2.14 3.12
CA THR E 118 -50.63 2.02 3.21
C THR E 118 -49.94 2.62 2.00
N THR E 119 -48.77 3.20 2.23
CA THR E 119 -47.85 3.76 1.22
C THR E 119 -46.54 2.99 1.34
N ILE E 120 -46.02 2.44 0.22
CA ILE E 120 -44.75 1.67 0.22
C ILE E 120 -43.65 2.55 -0.37
N GLY E 121 -42.48 2.55 0.26
CA GLY E 121 -41.26 3.24 -0.21
C GLY E 121 -40.18 2.25 -0.65
N ILE E 122 -39.48 2.54 -1.75
CA ILE E 122 -38.34 1.73 -2.23
C ILE E 122 -37.15 2.64 -2.42
N VAL E 123 -35.95 2.14 -2.09
CA VAL E 123 -34.67 2.85 -2.38
C VAL E 123 -33.58 1.81 -2.67
N THR E 124 -32.89 1.99 -3.80
CA THR E 124 -31.76 1.15 -4.24
C THR E 124 -30.49 1.92 -3.92
N CYS E 125 -29.58 1.30 -3.15
CA CYS E 125 -28.29 1.89 -2.72
C CYS E 125 -27.11 1.08 -3.27
N GLY E 126 -25.94 1.74 -3.35
CA GLY E 126 -24.64 1.14 -3.66
C GLY E 126 -24.39 0.98 -5.15
N GLY E 127 -23.52 0.03 -5.50
CA GLY E 127 -23.23 -0.34 -6.89
C GLY E 127 -24.42 -1.06 -7.48
N ILE E 128 -24.55 -1.06 -8.80
CA ILE E 128 -25.70 -1.77 -9.43
C ILE E 128 -25.40 -3.26 -9.43
N CYS E 129 -26.36 -4.04 -9.93
CA CYS E 129 -26.42 -5.50 -9.76
C CYS E 129 -27.54 -6.04 -10.65
N PRO E 130 -27.35 -7.19 -11.31
CA PRO E 130 -28.39 -7.77 -12.13
C PRO E 130 -29.69 -7.96 -11.35
N GLY E 131 -30.77 -7.42 -11.90
CA GLY E 131 -32.17 -7.62 -11.47
C GLY E 131 -32.60 -6.60 -10.44
N LEU E 132 -31.96 -5.44 -10.41
CA LEU E 132 -32.32 -4.39 -9.42
C LEU E 132 -33.75 -3.94 -9.75
N ASN E 133 -33.99 -3.65 -11.03
CA ASN E 133 -35.31 -3.27 -11.58
C ASN E 133 -36.32 -4.40 -11.32
N ASP E 134 -35.91 -5.66 -11.38
CA ASP E 134 -36.83 -6.81 -11.14
C ASP E 134 -37.36 -6.74 -9.70
N VAL E 135 -36.51 -6.40 -8.74
CA VAL E 135 -36.94 -6.25 -7.32
C VAL E 135 -37.88 -5.06 -7.25
N ILE E 136 -37.47 -3.90 -7.78
CA ILE E 136 -38.32 -2.67 -7.80
C ILE E 136 -39.71 -3.07 -8.33
N ARG E 137 -39.77 -3.64 -9.54
CA ARG E 137 -41.03 -4.03 -10.23
C ARG E 137 -41.87 -4.94 -9.32
N SER E 138 -41.35 -6.06 -8.85
CA SER E 138 -42.15 -7.05 -8.09
C SER E 138 -42.66 -6.47 -6.78
N ILE E 139 -41.91 -5.57 -6.12
CA ILE E 139 -42.36 -4.90 -4.86
C ILE E 139 -43.56 -4.01 -5.20
N THR E 140 -43.35 -3.06 -6.11
CA THR E 140 -44.38 -2.20 -6.72
C THR E 140 -45.65 -3.03 -6.96
N LEU E 141 -45.58 -3.99 -7.87
CA LEU E 141 -46.76 -4.70 -8.40
C LEU E 141 -47.35 -5.65 -7.35
N THR E 142 -46.60 -6.13 -6.37
CA THR E 142 -47.16 -6.97 -5.29
C THR E 142 -48.01 -6.06 -4.41
N GLY E 143 -47.46 -4.92 -3.98
CA GLY E 143 -48.17 -3.88 -3.23
C GLY E 143 -49.45 -3.45 -3.92
N ILE E 144 -49.36 -3.07 -5.20
CA ILE E 144 -50.52 -2.63 -6.02
C ILE E 144 -51.45 -3.82 -6.27
N ASN E 145 -51.03 -4.84 -7.03
CA ASN E 145 -51.94 -5.87 -7.59
C ASN E 145 -52.42 -6.86 -6.52
N VAL E 146 -51.67 -7.16 -5.46
CA VAL E 146 -52.03 -8.23 -4.48
C VAL E 146 -52.65 -7.63 -3.21
N TYR E 147 -52.05 -6.56 -2.69
CA TYR E 147 -52.48 -5.92 -1.41
C TYR E 147 -53.29 -4.66 -1.70
N ASN E 148 -53.18 -4.12 -2.92
CA ASN E 148 -53.98 -2.96 -3.38
C ASN E 148 -53.67 -1.76 -2.48
N VAL E 149 -52.39 -1.48 -2.25
CA VAL E 149 -51.91 -0.36 -1.38
C VAL E 149 -52.28 0.96 -2.04
N LYS E 150 -52.31 2.03 -1.25
CA LYS E 150 -52.72 3.39 -1.68
C LYS E 150 -51.74 3.90 -2.73
N ARG E 151 -50.44 3.79 -2.48
CA ARG E 151 -49.42 4.26 -3.45
C ARG E 151 -48.03 3.71 -3.12
N VAL E 152 -47.12 3.79 -4.10
CA VAL E 152 -45.71 3.32 -4.01
C VAL E 152 -44.79 4.44 -4.49
N ILE E 153 -43.84 4.83 -3.63
CA ILE E 153 -42.85 5.92 -3.85
C ILE E 153 -41.48 5.29 -4.06
N GLY E 154 -40.80 5.71 -5.13
CA GLY E 154 -39.42 5.33 -5.44
C GLY E 154 -38.48 6.48 -5.21
N PHE E 155 -37.62 6.38 -4.20
CA PHE E 155 -36.66 7.43 -3.82
C PHE E 155 -35.40 7.33 -4.71
N ARG E 156 -35.05 8.45 -5.35
CA ARG E 156 -34.00 8.52 -6.39
C ARG E 156 -32.60 8.49 -5.74
N PHE E 157 -31.66 7.78 -6.37
CA PHE E 157 -30.22 7.81 -6.03
C PHE E 157 -30.02 7.52 -4.54
N GLY E 158 -30.48 6.35 -4.10
CA GLY E 158 -30.15 5.83 -2.76
C GLY E 158 -30.64 6.75 -1.68
N TYR E 159 -30.02 6.71 -0.51
CA TYR E 159 -30.49 7.41 0.71
C TYR E 159 -30.58 8.93 0.48
N TRP E 160 -29.78 9.48 -0.43
CA TRP E 160 -29.82 10.92 -0.84
C TRP E 160 -31.23 11.33 -1.27
N GLY E 161 -32.05 10.41 -1.77
CA GLY E 161 -33.41 10.66 -2.24
C GLY E 161 -34.44 10.69 -1.12
N LEU E 162 -34.01 10.48 0.13
CA LEU E 162 -34.82 10.67 1.37
C LEU E 162 -34.34 11.91 2.14
N SER E 163 -33.14 12.41 1.87
CA SER E 163 -32.62 13.70 2.43
C SER E 163 -33.60 14.80 2.05
N LYS E 164 -33.80 15.81 2.91
CA LYS E 164 -34.69 16.97 2.63
C LYS E 164 -34.37 17.50 1.22
N LYS E 165 -33.08 17.62 0.90
CA LYS E 165 -32.54 18.24 -0.34
C LYS E 165 -32.75 17.36 -1.58
N GLY E 166 -33.06 16.06 -1.45
CA GLY E 166 -33.31 15.17 -2.61
C GLY E 166 -34.63 14.41 -2.54
N SER E 167 -35.42 14.63 -1.49
CA SER E 167 -36.79 14.08 -1.35
C SER E 167 -37.66 14.68 -2.45
N GLN E 168 -37.24 15.83 -2.99
CA GLN E 168 -37.94 16.52 -4.10
C GLN E 168 -37.86 15.66 -5.37
N THR E 169 -36.91 14.73 -5.47
CA THR E 169 -36.62 13.99 -6.73
C THR E 169 -37.38 12.66 -6.79
N ALA E 170 -37.96 12.20 -5.68
CA ALA E 170 -38.69 10.92 -5.59
C ALA E 170 -39.79 10.85 -6.66
N ILE E 171 -40.27 9.65 -6.99
CA ILE E 171 -41.20 9.39 -8.13
C ILE E 171 -42.30 8.40 -7.69
N GLU E 172 -43.45 8.45 -8.36
CA GLU E 172 -44.59 7.52 -8.18
C GLU E 172 -44.34 6.29 -9.03
N LEU E 173 -44.47 5.11 -8.42
CA LEU E 173 -44.32 3.79 -9.10
C LEU E 173 -45.70 3.18 -9.30
N HIS E 174 -46.40 3.60 -10.36
CA HIS E 174 -47.62 2.94 -10.90
C HIS E 174 -47.19 1.80 -11.82
N ARG E 175 -48.09 0.84 -12.07
CA ARG E 175 -47.86 -0.25 -13.05
C ARG E 175 -47.16 0.31 -14.29
N GLY E 176 -47.76 1.31 -14.94
CA GLY E 176 -47.28 1.90 -16.20
C GLY E 176 -45.80 2.25 -16.18
N ARG E 177 -45.23 2.54 -15.01
CA ARG E 177 -43.84 3.07 -14.88
C ARG E 177 -42.84 1.90 -14.76
N VAL E 178 -43.30 0.73 -14.33
CA VAL E 178 -42.44 -0.45 -14.04
C VAL E 178 -42.73 -1.57 -15.04
N THR E 179 -43.52 -1.30 -16.08
CA THR E 179 -44.08 -2.33 -17.00
C THR E 179 -42.94 -3.24 -17.48
N ASN E 180 -41.88 -2.66 -18.03
CA ASN E 180 -40.82 -3.43 -18.71
C ASN E 180 -39.43 -3.08 -18.15
N ILE E 181 -39.35 -2.44 -16.98
CA ILE E 181 -38.04 -2.08 -16.37
C ILE E 181 -37.20 -3.33 -16.10
N HIS E 182 -37.82 -4.49 -15.86
CA HIS E 182 -37.13 -5.76 -15.50
C HIS E 182 -36.27 -6.25 -16.67
N HIS E 183 -36.58 -5.82 -17.89
CA HIS E 183 -35.82 -6.18 -19.11
C HIS E 183 -34.49 -5.44 -19.17
N TYR E 184 -34.12 -4.70 -18.11
CA TYR E 184 -32.93 -3.83 -18.16
C TYR E 184 -32.16 -3.89 -16.83
N GLY E 185 -30.93 -3.44 -16.92
CA GLY E 185 -29.95 -3.55 -15.83
C GLY E 185 -29.76 -2.22 -15.18
N GLY E 186 -29.15 -2.22 -14.01
CA GLY E 186 -29.13 -1.02 -13.15
C GLY E 186 -30.51 -0.78 -12.56
N THR E 187 -30.83 0.48 -12.24
CA THR E 187 -32.01 0.86 -11.42
C THR E 187 -32.64 2.15 -11.96
N ILE E 188 -33.94 2.14 -12.24
CA ILE E 188 -34.70 3.34 -12.70
C ILE E 188 -34.70 4.40 -11.60
N LEU E 189 -34.76 3.98 -10.33
CA LEU E 189 -34.65 4.87 -9.15
C LEU E 189 -33.27 5.51 -9.11
N GLY E 190 -32.25 4.84 -9.68
CA GLY E 190 -30.85 5.25 -9.49
C GLY E 190 -30.40 4.94 -8.08
N SER E 191 -29.09 5.00 -7.86
CA SER E 191 -28.42 4.59 -6.60
C SER E 191 -27.34 5.60 -6.23
N SER E 192 -26.82 5.48 -5.01
CA SER E 192 -25.67 6.25 -4.49
C SER E 192 -25.14 5.56 -3.24
N ARG E 193 -23.83 5.69 -3.02
CA ARG E 193 -23.11 5.10 -1.88
C ARG E 193 -23.24 6.05 -0.69
N GLY E 194 -22.99 5.53 0.49
CA GLY E 194 -22.80 6.36 1.69
C GLY E 194 -24.14 6.68 2.36
N PRO E 195 -24.10 7.35 3.52
CA PRO E 195 -25.27 7.47 4.38
C PRO E 195 -25.93 8.84 4.21
N GLN E 196 -27.03 9.05 4.91
CA GLN E 196 -27.64 10.39 5.13
C GLN E 196 -27.96 10.52 6.62
N ASP E 197 -28.50 11.68 7.02
CA ASP E 197 -28.99 11.92 8.41
C ASP E 197 -30.23 11.07 8.63
N PRO E 198 -30.21 10.11 9.59
CA PRO E 198 -31.38 9.30 9.93
C PRO E 198 -32.64 10.14 10.18
N LYS E 199 -32.47 11.24 10.93
CA LYS E 199 -33.58 12.16 11.27
C LYS E 199 -34.19 12.70 9.98
N GLU E 200 -33.38 13.29 9.08
CA GLU E 200 -33.85 13.84 7.77
C GLU E 200 -34.73 12.80 7.07
N MET E 201 -34.25 11.55 7.01
CA MET E 201 -34.90 10.47 6.23
C MET E 201 -36.24 10.09 6.87
N VAL E 202 -36.29 9.89 8.20
CA VAL E 202 -37.55 9.55 8.92
C VAL E 202 -38.54 10.72 8.77
N ASP E 203 -38.04 11.97 8.77
CA ASP E 203 -38.81 13.21 8.49
C ASP E 203 -39.52 13.05 7.14
N THR E 204 -38.77 12.71 6.09
CA THR E 204 -39.33 12.52 4.72
C THR E 204 -40.34 11.37 4.71
N LEU E 205 -40.08 10.28 5.43
CA LEU E 205 -40.98 9.09 5.49
C LEU E 205 -42.33 9.51 6.09
N GLU E 206 -42.30 10.20 7.23
CA GLU E 206 -43.53 10.72 7.91
C GLU E 206 -44.26 11.66 6.95
N ARG E 207 -43.55 12.64 6.38
CA ARG E 207 -44.15 13.68 5.49
C ARG E 207 -44.85 13.02 4.30
N LEU E 208 -44.33 11.91 3.77
CA LEU E 208 -44.88 11.24 2.57
C LEU E 208 -45.82 10.08 2.98
N GLY E 209 -45.97 9.85 4.28
CA GLY E 209 -46.90 8.85 4.83
C GLY E 209 -46.49 7.45 4.45
N VAL E 210 -45.18 7.23 4.34
CA VAL E 210 -44.55 5.92 3.97
C VAL E 210 -44.67 4.99 5.19
N ASN E 211 -45.47 3.93 5.05
CA ASN E 211 -45.75 2.96 6.12
C ASN E 211 -44.68 1.86 6.10
N ILE E 212 -44.15 1.52 4.91
CA ILE E 212 -43.11 0.48 4.71
C ILE E 212 -42.01 1.02 3.78
N LEU E 213 -40.76 0.98 4.23
CA LEU E 213 -39.55 1.40 3.47
C LEU E 213 -38.69 0.16 3.19
N PHE E 214 -38.58 -0.23 1.91
CA PHE E 214 -37.78 -1.37 1.40
C PHE E 214 -36.38 -0.88 1.00
N THR E 215 -35.37 -1.31 1.75
CA THR E 215 -33.95 -0.94 1.54
C THR E 215 -33.27 -2.03 0.68
N VAL E 216 -33.04 -1.73 -0.60
CA VAL E 216 -32.32 -2.64 -1.54
C VAL E 216 -30.86 -2.18 -1.58
N GLY E 217 -29.99 -2.88 -0.83
CA GLY E 217 -28.54 -2.60 -0.83
C GLY E 217 -27.76 -3.66 -0.08
N GLY E 218 -26.46 -3.40 0.11
CA GLY E 218 -25.50 -4.32 0.77
C GLY E 218 -25.52 -4.15 2.27
N ASP E 219 -24.49 -4.69 2.93
CA ASP E 219 -24.26 -4.62 4.40
C ASP E 219 -24.55 -3.19 4.90
N GLY E 220 -23.78 -2.22 4.42
CA GLY E 220 -23.87 -0.81 4.85
C GLY E 220 -25.30 -0.28 4.80
N THR E 221 -26.00 -0.52 3.68
CA THR E 221 -27.39 -0.09 3.45
C THR E 221 -28.26 -0.61 4.60
N GLN E 222 -28.22 -1.93 4.87
CA GLN E 222 -29.11 -2.57 5.86
C GLN E 222 -28.75 -2.09 7.27
N ARG E 223 -27.48 -1.79 7.55
CA ARG E 223 -27.06 -1.22 8.85
C ARG E 223 -27.66 0.18 9.02
N GLY E 224 -27.67 0.97 7.93
CA GLY E 224 -28.38 2.26 7.86
C GLY E 224 -29.86 2.08 8.10
N ALA E 225 -30.46 1.05 7.51
CA ALA E 225 -31.90 0.71 7.60
C ALA E 225 -32.27 0.37 9.05
N LEU E 226 -31.37 -0.27 9.80
CA LEU E 226 -31.59 -0.53 11.24
C LEU E 226 -31.57 0.81 12.00
N VAL E 227 -30.66 1.73 11.63
CA VAL E 227 -30.59 3.10 12.24
C VAL E 227 -31.93 3.81 12.02
N ILE E 228 -32.46 3.78 10.80
CA ILE E 228 -33.79 4.37 10.45
C ILE E 228 -34.88 3.70 11.29
N SER E 229 -34.84 2.37 11.41
CA SER E 229 -35.81 1.56 12.20
C SER E 229 -35.85 2.05 13.65
N GLN E 230 -34.69 2.21 14.27
CA GLN E 230 -34.52 2.57 15.71
C GLN E 230 -34.83 4.06 15.92
N GLU E 231 -34.68 4.89 14.88
CA GLU E 231 -35.03 6.34 14.89
C GLU E 231 -36.55 6.48 14.83
N ALA E 232 -37.20 5.79 13.88
CA ALA E 232 -38.67 5.76 13.69
C ALA E 232 -39.36 5.15 14.92
N LYS E 233 -38.71 4.22 15.62
CA LYS E 233 -39.24 3.63 16.89
C LYS E 233 -38.95 4.59 18.07
N ARG E 234 -37.87 5.39 18.00
CA ARG E 234 -37.59 6.44 19.01
C ARG E 234 -38.72 7.49 18.98
N ARG E 235 -39.29 7.73 17.80
CA ARG E 235 -40.42 8.69 17.61
C ARG E 235 -41.78 8.00 17.79
N GLY E 236 -41.81 6.66 17.85
CA GLY E 236 -43.03 5.86 17.99
C GLY E 236 -43.88 5.89 16.73
N VAL E 237 -43.23 6.05 15.56
CA VAL E 237 -43.88 6.14 14.22
C VAL E 237 -44.01 4.74 13.64
N ASP E 238 -45.23 4.37 13.24
CA ASP E 238 -45.60 3.07 12.65
C ASP E 238 -45.03 2.99 11.23
N ILE E 239 -43.73 2.69 11.12
CA ILE E 239 -43.02 2.42 9.83
C ILE E 239 -42.33 1.07 9.97
N SER E 240 -42.40 0.24 8.91
CA SER E 240 -41.68 -1.05 8.78
C SER E 240 -40.51 -0.84 7.81
N VAL E 241 -39.28 -0.99 8.29
CA VAL E 241 -38.03 -0.98 7.46
C VAL E 241 -37.65 -2.43 7.16
N PHE E 242 -37.63 -2.80 5.87
CA PHE E 242 -37.42 -4.20 5.41
C PHE E 242 -36.35 -4.22 4.32
N GLY E 243 -35.33 -5.08 4.50
CA GLY E 243 -34.14 -5.15 3.63
C GLY E 243 -34.28 -6.23 2.56
N VAL E 244 -33.95 -5.89 1.31
CA VAL E 244 -33.74 -6.89 0.21
C VAL E 244 -32.24 -6.92 -0.06
N PRO E 245 -31.52 -7.96 0.42
CA PRO E 245 -30.07 -8.02 0.32
C PRO E 245 -29.56 -8.01 -1.13
N LYS E 246 -28.89 -6.90 -1.49
CA LYS E 246 -28.20 -6.73 -2.79
C LYS E 246 -26.71 -7.01 -2.59
N THR E 247 -26.29 -8.24 -2.84
CA THR E 247 -24.86 -8.60 -2.97
C THR E 247 -24.71 -9.60 -4.12
N ILE E 248 -23.86 -9.25 -5.08
CA ILE E 248 -23.53 -10.09 -6.26
C ILE E 248 -22.53 -11.14 -5.80
N ASP E 249 -21.70 -10.83 -4.80
CA ASP E 249 -20.62 -11.70 -4.27
C ASP E 249 -21.22 -12.93 -3.58
N ASN E 250 -22.50 -12.86 -3.20
CA ASN E 250 -23.28 -13.93 -2.52
C ASN E 250 -22.62 -14.30 -1.19
N ASP E 251 -22.02 -13.33 -0.52
CA ASP E 251 -21.32 -13.55 0.79
C ASP E 251 -22.27 -13.27 1.95
N LEU E 252 -23.59 -13.29 1.72
CA LEU E 252 -24.61 -13.05 2.78
C LEU E 252 -24.72 -14.29 3.67
N SER E 253 -24.54 -14.12 4.97
CA SER E 253 -24.79 -15.13 6.03
C SER E 253 -26.29 -15.44 6.08
N PHE E 254 -26.63 -16.64 6.57
CA PHE E 254 -28.00 -17.22 6.60
C PHE E 254 -28.60 -17.20 5.18
N SER E 255 -27.76 -17.37 4.17
CA SER E 255 -28.11 -17.29 2.72
C SER E 255 -27.18 -18.23 1.95
N HIS E 256 -27.76 -19.04 1.05
CA HIS E 256 -27.01 -19.83 0.05
C HIS E 256 -26.99 -19.09 -1.28
N ARG E 257 -27.97 -18.21 -1.50
CA ARG E 257 -28.11 -17.45 -2.76
C ARG E 257 -28.66 -16.04 -2.48
N THR E 258 -28.09 -15.06 -3.19
CA THR E 258 -28.61 -13.69 -3.28
C THR E 258 -28.89 -13.39 -4.76
N PHE E 259 -29.83 -12.49 -4.99
CA PHE E 259 -30.29 -12.17 -6.37
C PHE E 259 -29.10 -11.53 -7.06
N GLY E 260 -28.92 -11.91 -8.33
CA GLY E 260 -27.87 -11.38 -9.21
C GLY E 260 -26.69 -12.32 -9.33
N PHE E 261 -26.50 -13.22 -8.37
CA PHE E 261 -25.29 -14.09 -8.30
C PHE E 261 -25.18 -14.95 -9.56
N GLN E 262 -26.19 -15.81 -9.80
CA GLN E 262 -26.17 -16.74 -10.94
C GLN E 262 -25.84 -15.98 -12.23
N THR E 263 -26.51 -14.85 -12.49
CA THR E 263 -26.30 -14.04 -13.71
C THR E 263 -24.83 -13.62 -13.74
N ALA E 264 -24.28 -13.19 -12.60
CA ALA E 264 -22.89 -12.71 -12.47
C ALA E 264 -21.94 -13.81 -12.94
N VAL E 265 -22.09 -15.02 -12.40
CA VAL E 265 -21.30 -16.22 -12.80
C VAL E 265 -21.38 -16.34 -14.32
N GLU E 266 -22.58 -16.49 -14.88
CA GLU E 266 -22.78 -16.66 -16.34
C GLU E 266 -21.93 -15.64 -17.11
N LYS E 267 -21.93 -14.39 -16.66
CA LYS E 267 -21.24 -13.27 -17.38
C LYS E 267 -19.73 -13.44 -17.21
N ALA E 268 -19.29 -13.66 -15.97
CA ALA E 268 -17.88 -13.93 -15.61
C ALA E 268 -17.32 -14.97 -16.59
N VAL E 269 -18.02 -16.11 -16.71
CA VAL E 269 -17.60 -17.24 -17.57
C VAL E 269 -17.39 -16.72 -19.00
N GLN E 270 -18.28 -15.88 -19.51
CA GLN E 270 -18.16 -15.34 -20.90
C GLN E 270 -16.94 -14.44 -21.01
N ALA E 271 -16.56 -13.76 -19.92
CA ALA E 271 -15.38 -12.87 -19.90
C ALA E 271 -14.11 -13.74 -19.92
N ILE E 272 -14.09 -14.81 -19.11
CA ILE E 272 -12.98 -15.81 -19.08
C ILE E 272 -12.80 -16.37 -20.50
N ARG E 273 -13.88 -16.75 -21.19
CA ARG E 273 -13.79 -17.34 -22.56
C ARG E 273 -13.09 -16.38 -23.52
N ALA E 274 -13.26 -15.07 -23.37
CA ALA E 274 -12.60 -14.06 -24.23
C ALA E 274 -11.16 -13.86 -23.80
N ALA E 275 -10.91 -13.90 -22.49
CA ALA E 275 -9.56 -13.78 -21.89
C ALA E 275 -8.71 -14.93 -22.44
N TYR E 276 -9.28 -16.13 -22.40
CA TYR E 276 -8.68 -17.42 -22.85
C TYR E 276 -8.34 -17.31 -24.33
N ALA E 277 -9.30 -16.98 -25.20
CA ALA E 277 -9.06 -16.88 -26.66
C ALA E 277 -8.00 -15.81 -26.94
N GLU E 278 -7.95 -14.74 -26.15
CA GLU E 278 -6.96 -13.63 -26.32
C GLU E 278 -5.56 -14.16 -25.93
N ALA E 279 -5.48 -14.93 -24.85
CA ALA E 279 -4.22 -15.49 -24.30
C ALA E 279 -3.68 -16.61 -25.19
N VAL E 280 -4.54 -17.52 -25.61
CA VAL E 280 -4.18 -18.71 -26.43
C VAL E 280 -3.58 -18.24 -27.76
N SER E 281 -4.05 -17.13 -28.31
CA SER E 281 -3.65 -16.67 -29.66
C SER E 281 -2.20 -16.17 -29.65
N ALA E 282 -1.60 -16.03 -28.46
CA ALA E 282 -0.22 -15.52 -28.27
C ALA E 282 0.70 -16.61 -27.75
N ASN E 283 1.97 -16.57 -28.17
CA ASN E 283 3.06 -17.40 -27.59
C ASN E 283 3.41 -16.80 -26.22
N TYR E 284 3.48 -17.64 -25.18
CA TYR E 284 3.58 -17.24 -23.75
C TYR E 284 2.63 -16.07 -23.54
N GLY E 285 1.34 -16.34 -23.68
CA GLY E 285 0.24 -15.37 -23.47
C GLY E 285 -0.40 -15.54 -22.11
N VAL E 286 -0.52 -14.45 -21.36
CA VAL E 286 -1.24 -14.40 -20.05
C VAL E 286 -2.50 -13.54 -20.23
N GLY E 287 -3.63 -14.05 -19.75
CA GLY E 287 -4.88 -13.28 -19.58
C GLY E 287 -5.20 -13.11 -18.12
N VAL E 288 -5.16 -11.88 -17.61
CA VAL E 288 -5.63 -11.54 -16.24
C VAL E 288 -7.07 -11.05 -16.39
N VAL E 289 -7.98 -11.61 -15.60
CA VAL E 289 -9.42 -11.19 -15.62
C VAL E 289 -9.89 -11.02 -14.16
N LYS E 290 -10.26 -9.78 -13.82
CA LYS E 290 -10.73 -9.39 -12.47
C LYS E 290 -12.22 -9.66 -12.35
N LEU E 291 -12.61 -10.56 -11.46
CA LEU E 291 -14.04 -10.82 -11.14
C LEU E 291 -14.36 -10.21 -9.78
N MET E 292 -15.63 -10.23 -9.40
CA MET E 292 -16.10 -9.61 -8.15
C MET E 292 -15.69 -10.53 -6.99
N GLY E 293 -15.58 -9.93 -5.81
CA GLY E 293 -15.27 -10.61 -4.55
C GLY E 293 -14.44 -9.70 -3.67
N ARG E 294 -15.09 -8.89 -2.83
CA ARG E 294 -14.38 -8.07 -1.82
C ARG E 294 -13.99 -8.98 -0.66
N ASP E 295 -14.97 -9.72 -0.14
CA ASP E 295 -14.88 -10.51 1.12
C ASP E 295 -14.86 -12.00 0.78
N SER E 296 -15.75 -12.42 -0.10
CA SER E 296 -15.80 -13.77 -0.71
C SER E 296 -14.90 -13.81 -1.95
N GLY E 297 -14.87 -14.97 -2.61
CA GLY E 297 -14.51 -15.14 -4.03
C GLY E 297 -15.37 -16.20 -4.68
N PHE E 298 -16.66 -16.26 -4.33
CA PHE E 298 -17.62 -17.26 -4.82
C PHE E 298 -17.73 -17.16 -6.34
N ILE E 299 -17.76 -15.94 -6.86
CA ILE E 299 -17.84 -15.72 -8.33
C ILE E 299 -16.58 -16.29 -8.96
N ALA E 300 -15.41 -15.83 -8.51
CA ALA E 300 -14.09 -16.31 -8.96
C ALA E 300 -14.08 -17.83 -9.04
N ALA E 301 -14.45 -18.52 -7.94
CA ALA E 301 -14.45 -19.99 -7.82
C ALA E 301 -15.39 -20.60 -8.86
N GLN E 302 -16.69 -20.33 -8.76
CA GLN E 302 -17.73 -20.96 -9.61
C GLN E 302 -17.46 -20.70 -11.09
N ALA E 303 -17.00 -19.51 -11.44
CA ALA E 303 -16.69 -19.13 -12.83
C ALA E 303 -15.46 -19.90 -13.32
N ALA E 304 -14.40 -19.94 -12.52
CA ALA E 304 -13.18 -20.74 -12.81
C ALA E 304 -13.63 -22.17 -13.16
N VAL E 305 -14.31 -22.84 -12.24
CA VAL E 305 -14.75 -24.26 -12.42
C VAL E 305 -15.60 -24.37 -13.69
N ALA E 306 -16.63 -23.54 -13.85
CA ALA E 306 -17.63 -23.66 -14.95
C ALA E 306 -16.96 -23.48 -16.32
N SER E 307 -16.10 -22.48 -16.48
CA SER E 307 -15.36 -22.23 -17.74
C SER E 307 -14.44 -23.42 -18.00
N ALA E 308 -13.79 -23.85 -16.92
CA ALA E 308 -12.65 -24.81 -16.94
C ALA E 308 -11.58 -24.24 -17.88
N GLN E 309 -11.27 -22.94 -17.76
CA GLN E 309 -10.18 -22.29 -18.54
C GLN E 309 -9.23 -21.54 -17.61
N ALA E 310 -9.46 -21.64 -16.29
CA ALA E 310 -8.68 -20.96 -15.24
C ALA E 310 -7.47 -21.81 -14.88
N ASN E 311 -6.26 -21.25 -15.02
CA ASN E 311 -4.99 -21.93 -14.66
C ASN E 311 -4.54 -21.50 -13.27
N ILE E 312 -4.86 -20.26 -12.87
CA ILE E 312 -4.62 -19.72 -11.50
C ILE E 312 -5.87 -18.94 -11.09
N CYS E 313 -6.29 -19.11 -9.83
CA CYS E 313 -7.53 -18.51 -9.27
C CYS E 313 -7.21 -17.88 -7.91
N LEU E 314 -7.07 -16.55 -7.88
CA LEU E 314 -6.72 -15.75 -6.66
C LEU E 314 -8.01 -15.23 -6.03
N VAL E 315 -8.25 -15.63 -4.78
CA VAL E 315 -9.45 -15.23 -3.99
C VAL E 315 -8.99 -14.78 -2.61
N PRO E 316 -9.75 -13.88 -1.94
CA PRO E 316 -9.35 -13.32 -0.66
C PRO E 316 -9.12 -14.37 0.45
N GLU E 317 -9.92 -15.44 0.42
CA GLU E 317 -9.89 -16.55 1.42
C GLU E 317 -8.51 -17.22 1.45
N ASN E 318 -7.81 -17.21 0.32
CA ASN E 318 -6.49 -17.88 0.12
C ASN E 318 -5.47 -16.86 -0.34
N PRO E 319 -4.97 -15.99 0.57
CA PRO E 319 -4.02 -14.94 0.20
C PRO E 319 -2.64 -15.61 0.03
N ILE E 320 -1.95 -15.30 -1.05
CA ILE E 320 -0.60 -15.84 -1.36
C ILE E 320 0.31 -14.68 -1.78
N SER E 321 1.63 -14.87 -1.73
CA SER E 321 2.61 -13.83 -2.10
C SER E 321 2.67 -13.65 -3.61
N GLU E 322 3.21 -12.51 -4.04
CA GLU E 322 3.56 -12.18 -5.45
C GLU E 322 4.39 -13.31 -6.07
N GLN E 323 5.44 -13.75 -5.38
CA GLN E 323 6.38 -14.80 -5.87
C GLN E 323 5.64 -16.14 -5.99
N GLU E 324 4.68 -16.42 -5.10
CA GLU E 324 3.85 -17.65 -5.16
C GLU E 324 3.09 -17.65 -6.50
N VAL E 325 2.47 -16.50 -6.84
CA VAL E 325 1.76 -16.31 -8.14
C VAL E 325 2.76 -16.57 -9.28
N MET E 326 3.85 -15.79 -9.34
CA MET E 326 4.81 -15.86 -10.47
C MET E 326 5.36 -17.28 -10.62
N SER E 327 5.45 -18.03 -9.52
CA SER E 327 5.89 -19.44 -9.48
C SER E 327 4.84 -20.33 -10.16
N LEU E 328 3.56 -20.11 -9.87
CA LEU E 328 2.45 -20.85 -10.55
C LEU E 328 2.48 -20.55 -12.05
N LEU E 329 2.67 -19.29 -12.44
CA LEU E 329 2.74 -18.88 -13.88
C LEU E 329 3.91 -19.60 -14.54
N GLU E 330 5.06 -19.58 -13.88
CA GLU E 330 6.32 -20.25 -14.31
C GLU E 330 6.07 -21.74 -14.55
N ARG E 331 5.41 -22.41 -13.59
CA ARG E 331 5.03 -23.84 -13.69
C ARG E 331 4.19 -24.02 -14.95
N ARG E 332 3.11 -23.26 -15.07
CA ARG E 332 2.18 -23.32 -16.23
C ARG E 332 2.98 -23.23 -17.53
N PHE E 333 3.95 -22.31 -17.62
CA PHE E 333 4.70 -22.04 -18.88
C PHE E 333 5.72 -23.16 -19.17
N CYS E 334 5.99 -24.06 -18.21
CA CYS E 334 6.80 -25.29 -18.43
C CYS E 334 6.12 -26.19 -19.47
N HIS E 335 4.78 -26.32 -19.43
CA HIS E 335 4.03 -27.30 -20.26
C HIS E 335 3.08 -26.62 -21.25
N SER E 336 2.58 -25.41 -20.99
CA SER E 336 1.67 -24.68 -21.90
C SER E 336 2.22 -23.31 -22.27
N ARG E 337 1.81 -22.76 -23.42
CA ARG E 337 2.22 -21.43 -23.94
C ARG E 337 1.14 -20.38 -23.60
N SER E 338 0.28 -20.71 -22.63
CA SER E 338 -0.99 -20.03 -22.37
C SER E 338 -1.31 -20.12 -20.87
N CYS E 339 -1.53 -18.98 -20.23
CA CYS E 339 -2.00 -18.93 -18.82
C CYS E 339 -3.15 -17.93 -18.68
N VAL E 340 -4.20 -18.33 -17.94
CA VAL E 340 -5.39 -17.50 -17.60
C VAL E 340 -5.49 -17.42 -16.08
N ILE E 341 -5.51 -16.19 -15.55
CA ILE E 341 -5.52 -15.84 -14.11
C ILE E 341 -6.84 -15.15 -13.76
N ILE E 342 -7.67 -15.81 -12.93
CA ILE E 342 -8.89 -15.24 -12.28
C ILE E 342 -8.43 -14.55 -11.01
N VAL E 343 -8.73 -13.26 -10.83
CA VAL E 343 -8.38 -12.52 -9.57
C VAL E 343 -9.65 -11.84 -9.04
N ALA E 344 -10.02 -12.12 -7.79
CA ALA E 344 -11.12 -11.42 -7.07
C ALA E 344 -10.63 -10.04 -6.65
N GLU E 345 -11.46 -9.00 -6.83
CA GLU E 345 -11.06 -7.57 -6.61
C GLU E 345 -10.56 -7.37 -5.17
N GLY E 346 -10.94 -8.25 -4.24
CA GLY E 346 -10.59 -8.19 -2.81
C GLY E 346 -9.33 -8.97 -2.47
N PHE E 347 -8.69 -9.63 -3.45
CA PHE E 347 -7.43 -10.38 -3.23
C PHE E 347 -6.26 -9.39 -3.15
N GLY E 348 -5.21 -9.80 -2.43
CA GLY E 348 -3.90 -9.12 -2.40
C GLY E 348 -4.05 -7.64 -2.11
N GLN E 349 -4.76 -7.29 -1.04
CA GLN E 349 -5.01 -5.90 -0.62
C GLN E 349 -3.89 -5.42 0.31
N ASP E 350 -2.66 -5.91 0.09
CA ASP E 350 -1.43 -5.49 0.83
C ASP E 350 -0.26 -5.35 -0.15
N TRP E 351 -0.54 -5.37 -1.46
CA TRP E 351 0.48 -5.34 -2.55
C TRP E 351 0.85 -3.88 -2.87
N GLY E 352 -0.09 -2.94 -2.68
CA GLY E 352 0.06 -1.52 -3.06
C GLY E 352 0.29 -0.59 -1.86
N ARG E 353 -0.79 0.09 -1.44
CA ARG E 353 -0.93 0.89 -0.19
C ARG E 353 -2.18 1.78 -0.26
N ASN E 363 -15.19 4.73 3.35
CA ASN E 363 -15.39 3.44 4.07
C ASN E 363 -14.08 2.62 4.03
N LYS E 364 -14.08 1.36 3.54
CA LYS E 364 -12.84 0.51 3.46
C LYS E 364 -12.36 0.34 2.00
N LYS E 365 -11.11 0.78 1.78
CA LYS E 365 -10.45 1.15 0.48
C LYS E 365 -9.89 -0.08 -0.27
N LEU E 366 -10.36 -0.36 -1.50
CA LEU E 366 -9.74 -1.42 -2.35
C LEU E 366 -8.69 -0.82 -3.28
N ILE E 367 -7.47 -1.38 -3.31
CA ILE E 367 -6.44 -1.15 -4.37
C ILE E 367 -6.81 -1.99 -5.60
N ASP E 368 -6.58 -1.45 -6.80
CA ASP E 368 -6.94 -2.10 -8.09
C ASP E 368 -5.98 -3.27 -8.37
N ILE E 369 -6.25 -4.39 -7.71
CA ILE E 369 -5.40 -5.62 -7.73
C ILE E 369 -5.29 -6.11 -9.17
N GLY E 370 -6.33 -5.93 -9.99
CA GLY E 370 -6.30 -6.25 -11.42
C GLY E 370 -5.09 -5.62 -12.10
N VAL E 371 -4.96 -4.30 -11.99
CA VAL E 371 -3.92 -3.50 -12.71
C VAL E 371 -2.55 -3.78 -12.06
N ILE E 372 -2.50 -3.85 -10.72
CA ILE E 372 -1.27 -4.21 -9.97
C ILE E 372 -0.73 -5.54 -10.52
N LEU E 373 -1.49 -6.62 -10.31
CA LEU E 373 -1.16 -8.01 -10.72
C LEU E 373 -0.72 -8.00 -12.18
N THR E 374 -1.44 -7.29 -13.05
CA THR E 374 -1.09 -7.16 -14.49
C THR E 374 0.35 -6.64 -14.62
N GLU E 375 0.69 -5.50 -13.99
CA GLU E 375 2.03 -4.89 -14.16
C GLU E 375 3.11 -5.77 -13.51
N LYS E 376 2.78 -6.42 -12.38
CA LYS E 376 3.71 -7.35 -11.66
C LYS E 376 4.12 -8.48 -12.62
N VAL E 377 3.14 -9.14 -13.24
CA VAL E 377 3.34 -10.23 -14.23
C VAL E 377 4.19 -9.68 -15.38
N LYS E 378 3.84 -8.52 -15.92
CA LYS E 378 4.56 -7.92 -17.08
C LYS E 378 6.04 -7.73 -16.74
N ALA E 379 6.33 -7.21 -15.54
CA ALA E 379 7.70 -6.92 -15.06
C ALA E 379 8.45 -8.24 -14.81
N PHE E 380 7.73 -9.29 -14.38
CA PHE E 380 8.30 -10.65 -14.15
C PHE E 380 8.71 -11.28 -15.49
N LEU E 381 7.86 -11.15 -16.51
CA LEU E 381 8.12 -11.71 -17.88
C LEU E 381 9.21 -10.89 -18.59
N LYS E 382 9.27 -9.58 -18.34
CA LYS E 382 10.32 -8.69 -18.93
C LYS E 382 11.66 -9.01 -18.27
N ALA E 383 11.65 -9.44 -17.00
CA ALA E 383 12.85 -9.93 -16.27
C ALA E 383 13.33 -11.28 -16.82
N ASN E 384 12.44 -12.22 -17.12
CA ASN E 384 12.82 -13.56 -17.65
C ASN E 384 12.58 -13.64 -19.17
N LYS E 385 12.82 -12.54 -19.91
CA LYS E 385 12.72 -12.53 -21.40
C LYS E 385 13.57 -13.67 -21.96
N SER E 386 14.73 -13.90 -21.35
CA SER E 386 15.66 -15.04 -21.60
C SER E 386 14.84 -16.31 -21.88
N ARG E 387 13.98 -16.69 -20.93
CA ARG E 387 13.21 -17.97 -20.93
C ARG E 387 11.90 -17.82 -21.71
N TYR E 388 11.13 -16.74 -21.45
CA TYR E 388 9.84 -16.45 -22.10
C TYR E 388 10.02 -15.29 -23.08
N PRO E 389 10.62 -15.54 -24.28
CA PRO E 389 11.20 -14.47 -25.11
C PRO E 389 10.12 -13.48 -25.58
N ASP E 390 9.52 -13.73 -26.73
CA ASP E 390 8.23 -13.06 -27.07
C ASP E 390 7.22 -13.52 -26.01
N SER E 391 6.46 -12.59 -25.42
CA SER E 391 5.38 -12.86 -24.43
C SER E 391 4.41 -11.67 -24.39
N THR E 392 3.14 -11.92 -24.03
CA THR E 392 2.05 -10.89 -24.01
C THR E 392 1.17 -11.07 -22.77
N VAL E 393 0.80 -9.96 -22.11
CA VAL E 393 -0.09 -9.97 -20.92
C VAL E 393 -1.28 -9.06 -21.21
N LYS E 394 -2.49 -9.59 -21.05
CA LYS E 394 -3.77 -8.91 -21.35
C LYS E 394 -4.59 -8.78 -20.06
N TYR E 395 -4.93 -7.56 -19.65
CA TYR E 395 -5.85 -7.32 -18.51
C TYR E 395 -7.27 -7.15 -19.05
N ILE E 396 -8.25 -7.64 -18.29
CA ILE E 396 -9.70 -7.55 -18.64
C ILE E 396 -10.45 -7.20 -17.36
N ASP E 397 -11.13 -6.04 -17.36
CA ASP E 397 -12.09 -5.66 -16.30
C ASP E 397 -13.50 -5.79 -16.86
N PRO E 398 -14.12 -6.96 -16.67
CA PRO E 398 -15.46 -7.22 -17.16
C PRO E 398 -16.51 -6.79 -16.13
N SER E 399 -16.11 -6.02 -15.11
CA SER E 399 -16.97 -5.61 -13.98
C SER E 399 -18.25 -4.96 -14.51
N TYR E 400 -18.12 -4.14 -15.57
CA TYR E 400 -19.20 -3.33 -16.16
C TYR E 400 -20.26 -4.25 -16.81
N MET E 401 -19.84 -5.26 -17.58
CA MET E 401 -20.73 -6.18 -18.34
C MET E 401 -21.40 -7.13 -17.35
N ILE E 402 -20.81 -7.34 -16.17
CA ILE E 402 -21.35 -8.25 -15.11
C ILE E 402 -22.45 -7.53 -14.31
N ARG E 403 -22.22 -6.32 -13.80
CA ARG E 403 -23.25 -5.66 -12.94
C ARG E 403 -24.41 -5.15 -13.78
N ALA E 404 -24.09 -4.52 -14.92
CA ALA E 404 -24.96 -3.54 -15.60
C ALA E 404 -25.83 -4.27 -16.65
N CYS E 405 -26.32 -5.44 -16.31
CA CYS E 405 -27.07 -6.25 -17.28
C CYS E 405 -28.30 -6.82 -16.59
N PRO E 406 -29.38 -7.08 -17.36
CA PRO E 406 -30.56 -7.73 -16.81
C PRO E 406 -30.22 -9.11 -16.31
N PRO E 407 -31.06 -9.67 -15.44
CA PRO E 407 -30.83 -11.01 -14.91
C PRO E 407 -31.13 -12.15 -15.90
N SER E 408 -30.49 -13.30 -15.73
CA SER E 408 -30.93 -14.60 -16.28
C SER E 408 -32.34 -14.87 -15.78
N ALA E 409 -33.19 -15.54 -16.56
CA ALA E 409 -34.60 -15.86 -16.23
C ALA E 409 -34.69 -16.49 -14.84
N ASN E 410 -33.71 -17.31 -14.47
CA ASN E 410 -33.69 -17.95 -13.13
C ASN E 410 -33.49 -16.90 -12.04
N ASP E 411 -32.63 -15.90 -12.27
CA ASP E 411 -32.40 -14.79 -11.28
C ASP E 411 -33.64 -13.87 -11.28
N ALA E 412 -34.30 -13.67 -12.42
CA ALA E 412 -35.51 -12.83 -12.58
C ALA E 412 -36.62 -13.42 -11.71
N LEU E 413 -36.87 -14.72 -11.86
CA LEU E 413 -37.89 -15.43 -11.05
C LEU E 413 -37.53 -15.29 -9.57
N PHE E 414 -36.23 -15.37 -9.25
CA PHE E 414 -35.74 -15.35 -7.85
C PHE E 414 -35.98 -13.96 -7.26
N CYS E 415 -35.66 -12.90 -8.00
CA CYS E 415 -35.92 -11.48 -7.65
C CYS E 415 -37.40 -11.34 -7.36
N ALA E 416 -38.25 -11.73 -8.32
CA ALA E 416 -39.72 -11.64 -8.23
C ALA E 416 -40.18 -12.24 -6.91
N THR E 417 -39.72 -13.45 -6.58
CA THR E 417 -40.15 -14.19 -5.37
C THR E 417 -39.62 -13.48 -4.11
N LEU E 418 -38.33 -13.12 -4.07
CA LEU E 418 -37.71 -12.42 -2.92
C LEU E 418 -38.58 -11.19 -2.60
N ALA E 419 -38.86 -10.35 -3.61
CA ALA E 419 -39.73 -9.16 -3.51
C ALA E 419 -41.12 -9.55 -2.97
N THR E 420 -41.94 -10.26 -3.76
CA THR E 420 -43.34 -10.59 -3.41
C THR E 420 -43.39 -11.06 -1.95
N LEU E 421 -42.47 -11.92 -1.49
CA LEU E 421 -42.47 -12.42 -0.08
C LEU E 421 -42.12 -11.29 0.90
N ALA E 422 -41.16 -10.44 0.55
CA ALA E 422 -40.74 -9.29 1.38
C ALA E 422 -41.97 -8.42 1.67
N VAL E 423 -42.80 -8.20 0.64
CA VAL E 423 -44.06 -7.40 0.75
C VAL E 423 -45.03 -8.16 1.65
N HIS E 424 -45.29 -9.44 1.36
CA HIS E 424 -46.22 -10.31 2.14
C HIS E 424 -45.92 -10.23 3.64
N GLU E 425 -44.64 -10.07 4.00
CA GLU E 425 -44.14 -10.06 5.41
C GLU E 425 -44.14 -8.66 6.02
N ALA E 426 -43.77 -7.64 5.24
CA ALA E 426 -43.77 -6.23 5.69
C ALA E 426 -45.21 -5.79 5.99
N MET E 427 -46.16 -6.19 5.14
CA MET E 427 -47.62 -5.95 5.37
C MET E 427 -48.05 -6.63 6.67
N ALA E 428 -47.40 -7.75 7.03
CA ALA E 428 -47.63 -8.50 8.29
C ALA E 428 -46.66 -8.04 9.38
N GLY E 429 -46.19 -6.79 9.29
CA GLY E 429 -45.51 -6.07 10.39
C GLY E 429 -44.08 -6.54 10.64
N ALA E 430 -43.46 -7.27 9.72
CA ALA E 430 -42.01 -7.58 9.82
C ALA E 430 -41.22 -6.28 9.67
N THR E 431 -40.19 -6.07 10.49
CA THR E 431 -39.29 -4.89 10.39
C THR E 431 -37.90 -5.23 10.94
N GLY E 432 -36.91 -4.39 10.63
CA GLY E 432 -35.51 -4.51 11.06
C GLY E 432 -34.87 -5.81 10.60
N CYS E 433 -35.35 -6.37 9.50
CA CYS E 433 -35.01 -7.73 9.02
C CYS E 433 -34.82 -7.72 7.50
N ILE E 434 -34.12 -8.75 6.99
CA ILE E 434 -33.94 -9.02 5.54
C ILE E 434 -34.62 -10.34 5.20
N ILE E 435 -34.86 -10.57 3.91
CA ILE E 435 -35.32 -11.89 3.38
C ILE E 435 -34.14 -12.53 2.65
N ALA E 436 -33.86 -13.79 2.94
CA ALA E 436 -32.81 -14.53 2.22
C ALA E 436 -33.31 -15.95 1.94
N MET E 437 -32.50 -16.68 1.17
CA MET E 437 -32.80 -18.06 0.69
C MET E 437 -31.80 -19.02 1.36
N ARG E 438 -32.30 -19.98 2.13
CA ARG E 438 -31.52 -21.07 2.76
C ARG E 438 -32.23 -22.40 2.51
N HIS E 439 -31.52 -23.39 1.98
CA HIS E 439 -31.99 -24.80 1.95
C HIS E 439 -33.35 -24.83 1.25
N ASN E 440 -33.48 -24.14 0.12
CA ASN E 440 -34.70 -24.19 -0.73
C ASN E 440 -35.87 -23.44 -0.07
N ASN E 441 -35.63 -22.71 1.03
CA ASN E 441 -36.71 -21.99 1.75
C ASN E 441 -36.32 -20.52 1.89
N TYR E 442 -37.34 -19.66 2.01
CA TYR E 442 -37.20 -18.21 2.23
C TYR E 442 -37.36 -17.95 3.72
N ILE E 443 -36.41 -17.22 4.30
CA ILE E 443 -36.37 -16.97 5.77
C ILE E 443 -36.17 -15.47 6.00
N LEU E 444 -36.63 -15.01 7.18
CA LEU E 444 -36.47 -13.63 7.67
C LEU E 444 -35.35 -13.59 8.70
N VAL E 445 -34.32 -12.78 8.45
CA VAL E 445 -33.12 -12.66 9.32
C VAL E 445 -33.07 -11.25 9.88
N PRO E 446 -33.06 -11.07 11.22
CA PRO E 446 -32.74 -9.77 11.82
C PRO E 446 -31.47 -9.15 11.24
N ILE E 447 -31.52 -7.88 10.86
CA ILE E 447 -30.37 -7.12 10.25
C ILE E 447 -29.18 -7.18 11.22
N LYS E 448 -29.44 -7.01 12.52
CA LYS E 448 -28.40 -7.04 13.60
C LYS E 448 -27.55 -8.31 13.44
N VAL E 449 -28.17 -9.44 13.08
CA VAL E 449 -27.51 -10.76 12.88
C VAL E 449 -26.78 -10.77 11.53
N ALA E 450 -27.51 -10.49 10.45
CA ALA E 450 -27.02 -10.58 9.05
C ALA E 450 -25.80 -9.70 8.83
N THR E 451 -25.62 -8.62 9.61
CA THR E 451 -24.48 -7.66 9.47
C THR E 451 -23.33 -8.07 10.38
N SER E 452 -23.56 -9.03 11.29
CA SER E 452 -22.59 -9.47 12.33
C SER E 452 -21.66 -10.54 11.73
N VAL E 453 -22.18 -11.35 10.80
CA VAL E 453 -21.45 -12.47 10.18
C VAL E 453 -21.55 -12.37 8.66
N ARG E 454 -20.56 -12.92 7.96
CA ARG E 454 -20.52 -13.02 6.49
C ARG E 454 -19.99 -14.39 6.09
N ARG E 455 -20.38 -14.82 4.89
CA ARG E 455 -19.97 -16.10 4.27
C ARG E 455 -18.65 -15.89 3.53
N VAL E 456 -18.07 -17.01 3.10
CA VAL E 456 -16.65 -17.11 2.67
C VAL E 456 -16.40 -18.55 2.20
N LEU E 457 -15.67 -18.73 1.10
CA LEU E 457 -15.34 -20.07 0.53
C LEU E 457 -14.81 -20.97 1.64
N ASP E 458 -15.38 -22.16 1.80
CA ASP E 458 -14.75 -23.28 2.56
C ASP E 458 -13.62 -23.84 1.70
N LEU E 459 -12.36 -23.55 2.06
CA LEU E 459 -11.17 -23.96 1.26
C LEU E 459 -10.98 -25.47 1.31
N ARG E 460 -11.67 -26.19 2.20
CA ARG E 460 -11.64 -27.67 2.28
C ARG E 460 -12.92 -28.25 1.64
N GLY E 461 -13.77 -27.41 1.06
CA GLY E 461 -15.08 -27.79 0.48
C GLY E 461 -14.98 -28.25 -0.96
N GLN E 462 -16.04 -28.88 -1.47
CA GLN E 462 -16.01 -29.61 -2.77
C GLN E 462 -15.75 -28.61 -3.91
N LEU E 463 -16.29 -27.38 -3.83
CA LEU E 463 -16.13 -26.35 -4.89
C LEU E 463 -14.64 -26.04 -5.05
N TRP E 464 -13.97 -25.68 -3.96
CA TRP E 464 -12.54 -25.29 -3.98
C TRP E 464 -11.69 -26.51 -4.39
N ARG E 465 -12.08 -27.72 -3.97
CA ARG E 465 -11.49 -28.96 -4.54
C ARG E 465 -11.50 -28.79 -6.07
N GLN E 466 -12.69 -28.67 -6.66
CA GLN E 466 -12.90 -28.65 -8.14
C GLN E 466 -12.09 -27.51 -8.78
N VAL E 467 -11.75 -26.47 -8.02
CA VAL E 467 -10.89 -25.35 -8.53
C VAL E 467 -9.44 -25.84 -8.60
N ARG E 468 -8.94 -26.40 -7.49
CA ARG E 468 -7.55 -26.93 -7.43
C ARG E 468 -7.39 -28.06 -8.47
N GLU E 469 -8.46 -28.83 -8.72
CA GLU E 469 -8.53 -29.95 -9.69
C GLU E 469 -8.06 -29.45 -11.06
N ILE E 470 -8.38 -28.21 -11.44
CA ILE E 470 -8.14 -27.68 -12.83
C ILE E 470 -7.01 -26.64 -12.83
N THR E 471 -6.65 -26.05 -11.67
CA THR E 471 -5.62 -24.98 -11.59
C THR E 471 -4.26 -25.59 -11.24
N VAL E 472 -3.20 -25.00 -11.79
CA VAL E 472 -1.77 -25.38 -11.56
C VAL E 472 -1.61 -25.81 -10.10
N ASP E 473 -0.96 -26.96 -9.89
CA ASP E 473 -0.53 -27.45 -8.55
C ASP E 473 0.99 -27.58 -8.56
N LEU E 474 1.65 -26.81 -7.71
CA LEU E 474 3.13 -26.90 -7.52
C LEU E 474 3.46 -28.26 -6.93
N GLY E 475 2.54 -28.85 -6.15
CA GLY E 475 2.71 -30.17 -5.49
C GLY E 475 2.66 -31.36 -6.44
N SER E 476 2.78 -31.13 -7.74
CA SER E 476 2.97 -32.15 -8.80
C SER E 476 4.32 -31.89 -9.46
N ASP E 477 5.30 -32.77 -9.27
CA ASP E 477 6.53 -32.87 -10.11
C ASP E 477 6.11 -32.90 -11.58
N VAL E 478 6.54 -31.90 -12.36
CA VAL E 478 6.02 -31.61 -13.73
C VAL E 478 6.53 -32.70 -14.69
N ARG E 479 7.79 -33.13 -14.52
CA ARG E 479 8.38 -34.27 -15.27
C ARG E 479 7.51 -35.53 -15.10
N LEU E 480 7.23 -35.97 -13.86
CA LEU E 480 6.53 -37.25 -13.53
C LEU E 480 5.06 -37.16 -14.02
N ALA E 481 4.40 -36.03 -13.75
CA ALA E 481 3.01 -35.71 -14.17
C ALA E 481 2.89 -35.76 -15.69
N ARG E 482 3.77 -35.04 -16.40
CA ARG E 482 3.78 -34.89 -17.88
C ARG E 482 4.05 -36.25 -18.53
N LYS E 483 4.90 -37.08 -17.92
CA LYS E 483 5.11 -38.49 -18.37
C LYS E 483 3.75 -39.19 -18.36
N LEU E 484 3.19 -39.38 -17.16
CA LEU E 484 1.94 -40.16 -16.96
C LEU E 484 0.85 -39.62 -17.89
N GLU E 485 0.90 -38.33 -18.23
CA GLU E 485 -0.04 -37.68 -19.20
C GLU E 485 0.10 -38.34 -20.58
N ILE E 486 1.31 -38.23 -21.19
CA ILE E 486 1.57 -38.70 -22.58
C ILE E 486 1.36 -40.21 -22.65
N ARG E 487 1.58 -40.93 -21.53
CA ARG E 487 1.33 -42.39 -21.46
C ARG E 487 -0.13 -42.64 -21.84
N ARG E 488 -1.06 -41.99 -21.13
CA ARG E 488 -2.52 -42.16 -21.36
C ARG E 488 -2.85 -41.74 -22.80
N GLU E 489 -2.32 -40.58 -23.24
CA GLU E 489 -2.68 -39.99 -24.56
C GLU E 489 -2.28 -41.00 -25.63
N LEU E 490 -1.13 -41.67 -25.48
CA LEU E 490 -0.59 -42.64 -26.47
C LEU E 490 -1.55 -43.84 -26.62
N GLU E 491 -1.97 -44.46 -25.51
CA GLU E 491 -2.79 -45.71 -25.60
C GLU E 491 -4.02 -45.46 -26.49
N ALA E 492 -4.69 -44.33 -26.21
CA ALA E 492 -5.91 -43.84 -26.88
C ALA E 492 -5.74 -43.75 -28.40
N ILE E 493 -4.63 -43.21 -28.89
CA ILE E 493 -4.41 -42.82 -30.31
C ILE E 493 -4.42 -44.04 -31.25
N ASN E 494 -3.90 -45.19 -30.82
CA ASN E 494 -3.86 -46.39 -31.72
C ASN E 494 -5.31 -46.85 -31.92
N ARG E 495 -5.63 -48.14 -32.03
CA ARG E 495 -7.02 -48.66 -31.87
C ARG E 495 -7.98 -48.13 -32.96
N ASN E 496 -8.26 -46.84 -33.12
CA ASN E 496 -8.86 -46.29 -34.37
C ASN E 496 -8.00 -46.71 -35.57
N ARG E 497 -6.70 -46.54 -35.41
CA ARG E 497 -5.66 -47.06 -36.36
C ARG E 497 -6.05 -48.49 -36.80
N ASP E 498 -6.24 -49.39 -35.83
CA ASP E 498 -6.55 -50.83 -36.04
C ASP E 498 -7.82 -50.95 -36.89
N ARG E 499 -8.89 -50.25 -36.50
CA ARG E 499 -10.22 -50.37 -37.15
C ARG E 499 -10.16 -49.82 -38.58
N LEU E 500 -9.29 -48.85 -38.85
CA LEU E 500 -9.19 -48.13 -40.14
C LEU E 500 -8.81 -49.01 -41.36
N HIS E 501 -9.39 -48.58 -42.46
CA HIS E 501 -8.94 -48.96 -43.82
C HIS E 501 -9.00 -50.48 -43.92
N GLU E 502 -10.08 -51.10 -43.42
CA GLU E 502 -10.37 -52.56 -43.65
C GLU E 502 -10.48 -52.82 -45.16
N GLU E 503 -11.15 -51.93 -45.89
CA GLU E 503 -11.84 -52.15 -47.21
C GLU E 503 -10.93 -52.85 -48.24
N LEU E 504 -10.53 -52.19 -49.33
CA LEU E 504 -9.42 -52.65 -50.22
C LEU E 504 -9.68 -54.01 -50.91
N ALA E 505 -8.67 -54.51 -51.64
CA ALA E 505 -8.66 -55.79 -52.40
C ALA E 505 -8.58 -56.94 -51.39
N THR F 30 -45.86 -41.46 3.10
CA THR F 30 -46.38 -40.54 2.05
C THR F 30 -47.03 -39.30 2.72
N SER F 31 -46.57 -38.10 2.31
CA SER F 31 -47.16 -36.76 2.59
C SER F 31 -47.10 -35.83 1.32
N LYS F 32 -45.95 -35.18 0.99
CA LYS F 32 -45.88 -34.14 -0.06
C LYS F 32 -45.60 -34.69 -1.47
N LEU F 33 -45.10 -35.93 -1.60
CA LEU F 33 -44.71 -36.57 -2.89
C LEU F 33 -45.87 -37.43 -3.41
N VAL F 34 -45.90 -37.70 -4.72
CA VAL F 34 -46.91 -38.60 -5.36
C VAL F 34 -46.27 -39.97 -5.56
N LYS F 35 -47.04 -41.04 -5.36
CA LYS F 35 -46.62 -42.43 -5.66
C LYS F 35 -46.57 -42.57 -7.19
N ALA F 36 -45.42 -43.04 -7.71
CA ALA F 36 -45.17 -43.26 -9.15
C ALA F 36 -46.03 -44.43 -9.64
N HIS F 37 -46.16 -44.58 -10.95
CA HIS F 37 -47.17 -45.45 -11.59
C HIS F 37 -46.75 -46.93 -11.48
N ARG F 38 -45.44 -47.23 -11.62
CA ARG F 38 -44.83 -48.53 -11.26
C ARG F 38 -43.81 -48.32 -10.13
N ALA F 39 -44.33 -47.91 -8.97
CA ALA F 39 -43.58 -47.77 -7.70
C ALA F 39 -43.22 -49.16 -7.18
N MET F 40 -41.99 -49.34 -6.71
CA MET F 40 -41.50 -50.60 -6.10
C MET F 40 -41.78 -50.57 -4.60
N LEU F 41 -41.97 -49.37 -4.02
CA LEU F 41 -42.33 -49.16 -2.58
C LEU F 41 -43.68 -48.44 -2.48
N ASN F 42 -44.46 -48.80 -1.45
CA ASN F 42 -45.76 -48.15 -1.10
C ASN F 42 -45.51 -47.09 -0.02
N SER F 43 -44.31 -47.05 0.58
CA SER F 43 -43.83 -46.02 1.55
C SER F 43 -42.30 -46.00 1.55
N VAL F 44 -41.70 -45.06 2.28
CA VAL F 44 -40.23 -45.00 2.49
C VAL F 44 -39.96 -44.99 4.00
N THR F 45 -39.29 -46.04 4.48
CA THR F 45 -38.72 -46.19 5.84
C THR F 45 -37.23 -45.84 5.79
N GLN F 46 -36.60 -45.67 6.95
CA GLN F 46 -35.16 -45.30 7.08
C GLN F 46 -34.30 -46.38 6.43
N GLU F 47 -34.71 -47.67 6.55
CA GLU F 47 -33.98 -48.82 5.95
C GLU F 47 -33.96 -48.66 4.43
N ASP F 48 -35.08 -48.25 3.83
CA ASP F 48 -35.22 -48.07 2.35
C ASP F 48 -34.17 -47.09 1.83
N LEU F 49 -33.69 -46.17 2.68
CA LEU F 49 -32.72 -45.11 2.30
C LEU F 49 -31.28 -45.63 2.40
N LYS F 50 -31.06 -46.79 3.01
CA LYS F 50 -29.71 -47.43 3.10
C LYS F 50 -29.17 -47.57 1.66
N VAL F 51 -27.99 -47.01 1.37
CA VAL F 51 -27.34 -47.05 0.04
C VAL F 51 -26.44 -48.28 -0.04
N ASP F 52 -26.73 -49.21 -0.96
CA ASP F 52 -25.96 -50.45 -1.19
C ASP F 52 -24.48 -50.13 -1.41
N ARG F 53 -23.63 -50.71 -0.55
CA ARG F 53 -22.15 -50.61 -0.61
C ARG F 53 -21.58 -51.98 -1.02
N LEU F 54 -20.95 -52.03 -2.19
CA LEU F 54 -20.19 -53.21 -2.69
C LEU F 54 -19.21 -53.65 -1.61
N PRO F 55 -19.18 -54.95 -1.24
CA PRO F 55 -18.40 -55.39 -0.09
C PRO F 55 -16.91 -55.07 -0.28
N GLY F 56 -16.25 -54.60 0.79
CA GLY F 56 -14.81 -54.28 0.81
C GLY F 56 -14.58 -52.79 0.69
N ALA F 57 -13.47 -52.29 1.25
CA ALA F 57 -13.08 -50.87 1.23
C ALA F 57 -11.58 -50.80 1.53
N ASP F 58 -10.79 -51.45 0.66
CA ASP F 58 -9.39 -51.84 0.98
C ASP F 58 -8.41 -50.71 0.62
N TYR F 59 -8.60 -50.05 -0.53
CA TYR F 59 -7.58 -49.16 -1.15
C TYR F 59 -7.81 -47.72 -0.71
N PRO F 60 -6.74 -46.91 -0.53
CA PRO F 60 -6.87 -45.54 -0.05
C PRO F 60 -7.19 -44.62 -1.24
N ASN F 61 -7.99 -43.57 -1.01
CA ASN F 61 -8.30 -42.58 -2.08
C ASN F 61 -7.00 -41.90 -2.51
N PRO F 62 -6.58 -42.03 -3.79
CA PRO F 62 -5.30 -41.46 -4.22
C PRO F 62 -5.45 -39.95 -4.48
N SER F 63 -5.81 -39.19 -3.44
CA SER F 63 -6.36 -37.82 -3.58
C SER F 63 -5.92 -36.92 -2.42
N LYS F 75 -16.21 -42.93 7.64
CA LYS F 75 -17.55 -42.72 8.27
C LYS F 75 -18.46 -41.96 7.29
N THR F 76 -19.66 -42.50 7.02
CA THR F 76 -20.70 -41.85 6.16
C THR F 76 -21.47 -40.85 7.02
N ASP F 77 -21.79 -39.68 6.45
CA ASP F 77 -22.51 -38.59 7.15
C ASP F 77 -23.94 -38.49 6.58
N TYR F 78 -24.84 -37.94 7.37
CA TYR F 78 -26.28 -37.80 7.02
C TYR F 78 -26.69 -36.31 7.05
N ILE F 79 -27.82 -36.05 6.39
CA ILE F 79 -28.61 -34.78 6.44
C ILE F 79 -30.07 -35.19 6.64
N MET F 80 -30.89 -34.41 7.33
CA MET F 80 -32.33 -34.75 7.52
C MET F 80 -33.05 -34.64 6.16
N TYR F 81 -34.06 -35.49 5.96
CA TYR F 81 -34.98 -35.33 4.80
C TYR F 81 -35.63 -33.96 4.97
N ASN F 82 -36.45 -33.82 6.03
CA ASN F 82 -37.19 -32.59 6.39
C ASN F 82 -36.44 -31.84 7.49
N PRO F 83 -35.98 -30.59 7.24
CA PRO F 83 -35.33 -29.77 8.25
C PRO F 83 -36.29 -28.94 9.11
N ARG F 84 -37.60 -29.22 9.04
CA ARG F 84 -38.61 -28.51 9.86
C ARG F 84 -38.70 -29.13 11.25
N PRO F 85 -38.76 -28.31 12.32
CA PRO F 85 -38.89 -28.82 13.68
C PRO F 85 -40.30 -29.33 14.01
N ARG F 86 -40.38 -30.32 14.89
CA ARG F 86 -41.65 -30.92 15.37
C ARG F 86 -42.34 -29.94 16.32
N ASP F 87 -41.59 -29.37 17.27
CA ASP F 87 -42.11 -28.44 18.33
C ASP F 87 -41.68 -27.00 18.01
N GLU F 88 -42.08 -26.05 18.87
CA GLU F 88 -41.62 -24.64 18.86
C GLU F 88 -40.21 -24.57 19.48
N PRO F 89 -39.47 -23.43 19.32
CA PRO F 89 -38.15 -23.29 19.92
C PRO F 89 -38.15 -23.31 21.46
N SER F 90 -37.97 -24.50 22.06
CA SER F 90 -37.82 -24.71 23.53
C SER F 90 -36.34 -24.78 23.91
N SER F 91 -36.02 -25.26 25.12
CA SER F 91 -34.65 -25.24 25.74
C SER F 91 -33.64 -26.00 24.87
N GLU F 92 -33.94 -27.26 24.54
CA GLU F 92 -33.01 -28.20 23.83
C GLU F 92 -33.13 -28.00 22.31
N ASN F 93 -32.21 -28.59 21.55
CA ASN F 93 -32.12 -28.45 20.07
C ASN F 93 -33.42 -28.96 19.45
N PRO F 94 -33.79 -28.47 18.23
CA PRO F 94 -35.00 -28.93 17.55
C PRO F 94 -34.87 -30.32 16.91
N VAL F 95 -36.02 -30.95 16.62
CA VAL F 95 -36.14 -32.37 16.15
C VAL F 95 -36.92 -32.40 14.84
N SER F 96 -36.42 -33.10 13.81
CA SER F 96 -37.08 -33.23 12.48
C SER F 96 -38.52 -33.74 12.66
N VAL F 97 -39.45 -33.20 11.86
CA VAL F 97 -40.85 -33.73 11.74
C VAL F 97 -40.76 -35.16 11.21
N SER F 98 -39.93 -35.40 10.19
CA SER F 98 -39.76 -36.73 9.52
C SER F 98 -38.61 -37.48 10.20
N PRO F 99 -38.75 -38.81 10.39
CA PRO F 99 -37.66 -39.61 10.96
C PRO F 99 -36.56 -39.88 9.92
N LEU F 100 -36.78 -39.52 8.66
CA LEU F 100 -35.88 -39.90 7.53
C LEU F 100 -34.57 -39.08 7.59
N LEU F 101 -33.45 -39.81 7.48
CA LEU F 101 -32.07 -39.30 7.27
C LEU F 101 -31.54 -39.79 5.91
N CYS F 102 -30.94 -38.87 5.13
CA CYS F 102 -30.34 -39.11 3.78
C CYS F 102 -28.82 -39.17 3.90
N GLU F 103 -28.19 -40.13 3.19
CA GLU F 103 -26.72 -40.28 3.09
C GLU F 103 -26.16 -39.15 2.22
N LEU F 104 -25.27 -38.33 2.80
CA LEU F 104 -24.51 -37.28 2.08
C LEU F 104 -23.47 -37.96 1.17
N ALA F 105 -23.27 -37.43 -0.02
CA ALA F 105 -22.27 -37.91 -1.01
C ALA F 105 -20.99 -37.07 -0.90
N ALA F 106 -19.83 -37.71 -0.77
CA ALA F 106 -18.52 -37.03 -0.75
C ALA F 106 -17.40 -38.06 -0.91
N ALA F 107 -16.25 -37.59 -1.39
CA ALA F 107 -15.04 -38.43 -1.60
C ALA F 107 -14.69 -39.11 -0.28
N ARG F 108 -14.47 -40.42 -0.33
CA ARG F 108 -14.27 -41.24 0.89
C ARG F 108 -12.78 -41.45 1.13
N SER F 109 -12.36 -41.46 2.40
CA SER F 109 -10.98 -41.74 2.86
C SER F 109 -10.54 -43.09 2.27
N ARG F 110 -11.39 -44.11 2.42
CA ARG F 110 -11.14 -45.48 1.89
C ARG F 110 -12.11 -45.72 0.73
N ILE F 111 -11.58 -46.20 -0.40
CA ILE F 111 -12.38 -46.59 -1.61
C ILE F 111 -12.33 -48.11 -1.73
N HIS F 112 -13.33 -48.68 -2.43
CA HIS F 112 -13.55 -50.14 -2.56
C HIS F 112 -12.77 -50.70 -3.75
N PHE F 113 -12.88 -50.03 -4.90
CA PHE F 113 -12.22 -50.41 -6.18
C PHE F 113 -10.77 -49.94 -6.18
N ASN F 114 -9.92 -50.66 -6.92
CA ASN F 114 -8.47 -50.32 -7.06
C ASN F 114 -8.30 -49.40 -8.26
N PRO F 115 -7.93 -48.13 -8.03
CA PRO F 115 -7.90 -47.12 -9.09
C PRO F 115 -7.28 -47.58 -10.41
N THR F 116 -5.96 -47.83 -10.44
CA THR F 116 -5.19 -48.10 -11.69
C THR F 116 -5.64 -49.44 -12.30
N GLU F 117 -6.57 -50.14 -11.67
CA GLU F 117 -7.06 -51.48 -12.13
C GLU F 117 -8.54 -51.39 -12.51
N THR F 118 -9.18 -50.23 -12.37
CA THR F 118 -10.63 -50.03 -12.63
C THR F 118 -10.88 -49.48 -14.04
N THR F 119 -11.98 -49.93 -14.63
CA THR F 119 -12.50 -49.47 -15.93
C THR F 119 -13.88 -48.87 -15.67
N ILE F 120 -14.11 -47.63 -16.12
CA ILE F 120 -15.42 -46.93 -15.93
C ILE F 120 -16.20 -46.99 -17.25
N GLY F 121 -17.50 -47.32 -17.17
CA GLY F 121 -18.43 -47.30 -18.30
C GLY F 121 -19.46 -46.18 -18.18
N ILE F 122 -19.78 -45.52 -19.29
CA ILE F 122 -20.83 -44.46 -19.33
C ILE F 122 -21.81 -44.81 -20.44
N VAL F 123 -23.09 -44.54 -20.20
CA VAL F 123 -24.14 -44.67 -21.25
C VAL F 123 -25.23 -43.62 -21.00
N THR F 124 -25.54 -42.85 -22.04
CA THR F 124 -26.61 -41.82 -22.04
C THR F 124 -27.83 -42.43 -22.73
N CYS F 125 -28.97 -42.44 -22.06
CA CYS F 125 -30.24 -43.03 -22.55
C CYS F 125 -31.32 -41.96 -22.67
N GLY F 126 -32.34 -42.24 -23.50
CA GLY F 126 -33.59 -41.46 -23.63
C GLY F 126 -33.44 -40.26 -24.54
N GLY F 127 -34.31 -39.26 -24.34
CA GLY F 127 -34.21 -37.95 -25.03
C GLY F 127 -33.00 -37.19 -24.57
N ILE F 128 -32.48 -36.27 -25.37
CA ILE F 128 -31.30 -35.46 -24.97
C ILE F 128 -31.75 -34.39 -23.98
N CYS F 129 -30.81 -33.58 -23.51
CA CYS F 129 -30.96 -32.70 -22.33
C CYS F 129 -29.74 -31.81 -22.22
N PRO F 130 -29.90 -30.53 -21.87
CA PRO F 130 -28.75 -29.65 -21.69
C PRO F 130 -27.75 -30.23 -20.69
N GLY F 131 -26.49 -30.33 -21.14
CA GLY F 131 -25.31 -30.66 -20.33
C GLY F 131 -25.06 -32.15 -20.26
N LEU F 132 -25.53 -32.90 -21.26
CA LEU F 132 -25.33 -34.37 -21.27
C LEU F 132 -23.82 -34.61 -21.40
N ASN F 133 -23.21 -33.92 -22.36
CA ASN F 133 -21.74 -33.95 -22.62
C ASN F 133 -20.99 -33.48 -21.36
N ASP F 134 -21.54 -32.52 -20.61
CA ASP F 134 -20.87 -32.01 -19.37
C ASP F 134 -20.75 -33.16 -18.37
N VAL F 135 -21.79 -33.97 -18.21
CA VAL F 135 -21.76 -35.15 -17.30
C VAL F 135 -20.73 -36.12 -17.85
N ILE F 136 -20.83 -36.49 -19.13
CA ILE F 136 -19.85 -37.42 -19.78
C ILE F 136 -18.43 -36.93 -19.45
N ARG F 137 -18.11 -35.68 -19.79
CA ARG F 137 -16.76 -35.07 -19.60
C ARG F 137 -16.33 -35.20 -18.14
N SER F 138 -17.10 -34.69 -17.19
CA SER F 138 -16.69 -34.66 -15.76
C SER F 138 -16.47 -36.08 -15.20
N ILE F 139 -17.24 -37.07 -15.64
CA ILE F 139 -17.09 -38.49 -15.19
C ILE F 139 -15.74 -38.99 -15.70
N THR F 140 -15.57 -38.97 -17.01
CA THR F 140 -14.30 -39.24 -17.73
C THR F 140 -13.14 -38.64 -16.94
N LEU F 141 -13.07 -37.32 -16.86
CA LEU F 141 -11.88 -36.59 -16.36
C LEU F 141 -11.73 -36.76 -14.85
N THR F 142 -12.78 -37.04 -14.09
CA THR F 142 -12.63 -37.31 -12.63
C THR F 142 -11.95 -38.67 -12.48
N GLY F 143 -12.46 -39.69 -13.18
CA GLY F 143 -11.87 -41.04 -13.24
C GLY F 143 -10.40 -41.00 -13.65
N ILE F 144 -10.09 -40.33 -14.76
CA ILE F 144 -8.70 -40.19 -15.29
C ILE F 144 -7.88 -39.32 -14.33
N ASN F 145 -8.17 -38.04 -14.22
CA ASN F 145 -7.28 -37.04 -13.58
C ASN F 145 -7.23 -37.18 -12.04
N VAL F 146 -8.29 -37.64 -11.37
CA VAL F 146 -8.34 -37.65 -9.87
C VAL F 146 -8.04 -39.04 -9.32
N TYR F 147 -8.63 -40.08 -9.91
CA TYR F 147 -8.50 -41.49 -9.43
C TYR F 147 -7.48 -42.24 -10.29
N ASN F 148 -7.20 -41.74 -11.50
CA ASN F 148 -6.18 -42.31 -12.42
C ASN F 148 -6.60 -43.74 -12.78
N VAL F 149 -7.86 -43.93 -13.17
CA VAL F 149 -8.43 -45.26 -13.52
C VAL F 149 -7.74 -45.75 -14.81
N LYS F 150 -7.81 -47.06 -15.06
CA LYS F 150 -7.12 -47.75 -16.18
C LYS F 150 -7.67 -47.23 -17.50
N ARG F 151 -9.00 -47.17 -17.63
CA ARG F 151 -9.65 -46.70 -18.87
C ARG F 151 -11.12 -46.36 -18.60
N VAL F 152 -11.70 -45.58 -19.54
CA VAL F 152 -13.12 -45.15 -19.53
C VAL F 152 -13.73 -45.46 -20.91
N ILE F 153 -14.82 -46.23 -20.90
CA ILE F 153 -15.55 -46.73 -22.10
C ILE F 153 -16.87 -45.97 -22.17
N GLY F 154 -17.16 -45.41 -23.34
CA GLY F 154 -18.44 -44.75 -23.65
C GLY F 154 -19.26 -45.60 -24.59
N PHE F 155 -20.38 -46.16 -24.10
CA PHE F 155 -21.26 -47.06 -24.88
C PHE F 155 -22.21 -46.20 -25.73
N ARG F 156 -22.22 -46.48 -27.04
CA ARG F 156 -22.93 -45.67 -28.07
C ARG F 156 -24.44 -45.94 -28.01
N PHE F 157 -25.25 -44.89 -28.17
CA PHE F 157 -26.72 -44.98 -28.37
C PHE F 157 -27.35 -45.82 -27.27
N GLY F 158 -27.18 -45.38 -26.02
CA GLY F 158 -27.93 -45.93 -24.87
C GLY F 158 -27.64 -47.40 -24.71
N TYR F 159 -28.57 -48.13 -24.10
CA TYR F 159 -28.38 -49.55 -23.68
C TYR F 159 -28.04 -50.44 -24.89
N TRP F 160 -28.47 -50.07 -26.09
CA TRP F 160 -28.15 -50.78 -27.35
C TRP F 160 -26.63 -50.93 -27.54
N GLY F 161 -25.83 -50.02 -26.97
CA GLY F 161 -24.36 -50.04 -27.08
C GLY F 161 -23.70 -50.98 -26.09
N LEU F 162 -24.49 -51.68 -25.25
CA LEU F 162 -24.04 -52.79 -24.36
C LEU F 162 -24.56 -54.14 -24.87
N SER F 163 -25.58 -54.15 -25.75
CA SER F 163 -26.06 -55.36 -26.46
C SER F 163 -24.87 -55.96 -27.21
N LYS F 164 -24.81 -57.30 -27.32
CA LYS F 164 -23.74 -58.01 -28.07
C LYS F 164 -23.57 -57.34 -29.44
N LYS F 165 -24.69 -57.02 -30.10
CA LYS F 165 -24.77 -56.51 -31.50
C LYS F 165 -24.30 -55.04 -31.60
N GLY F 166 -24.22 -54.27 -30.50
CA GLY F 166 -23.78 -52.86 -30.55
C GLY F 166 -22.64 -52.54 -29.59
N SER F 167 -22.15 -53.55 -28.85
CA SER F 167 -20.95 -53.44 -27.99
C SER F 167 -19.74 -53.17 -28.90
N GLN F 168 -19.85 -53.52 -30.18
CA GLN F 168 -18.78 -53.27 -31.17
C GLN F 168 -18.62 -51.78 -31.43
N THR F 169 -19.61 -50.96 -31.07
CA THR F 169 -19.64 -49.51 -31.44
C THR F 169 -19.07 -48.64 -30.32
N ALA F 170 -18.88 -49.20 -29.12
CA ALA F 170 -18.36 -48.47 -27.93
C ALA F 170 -17.04 -47.77 -28.26
N ILE F 171 -16.64 -46.75 -27.48
CA ILE F 171 -15.47 -45.86 -27.76
C ILE F 171 -14.67 -45.61 -26.48
N GLU F 172 -13.38 -45.30 -26.64
CA GLU F 172 -12.46 -44.91 -25.54
C GLU F 172 -12.62 -43.42 -25.26
N LEU F 173 -12.82 -43.08 -24.00
CA LEU F 173 -12.93 -41.68 -23.53
C LEU F 173 -11.63 -41.28 -22.82
N HIS F 174 -10.63 -40.90 -23.60
CA HIS F 174 -9.39 -40.20 -23.15
C HIS F 174 -9.69 -38.71 -23.06
N ARG F 175 -8.88 -37.98 -22.29
CA ARG F 175 -8.94 -36.50 -22.22
C ARG F 175 -9.21 -35.93 -23.62
N GLY F 176 -8.34 -36.24 -24.58
CA GLY F 176 -8.36 -35.69 -25.95
C GLY F 176 -9.74 -35.77 -26.60
N ARG F 177 -10.59 -36.73 -26.20
CA ARG F 177 -11.88 -37.02 -26.88
C ARG F 177 -13.01 -36.19 -26.27
N VAL F 178 -12.84 -35.74 -25.03
CA VAL F 178 -13.89 -35.03 -24.24
C VAL F 178 -13.49 -33.57 -24.01
N THR F 179 -12.40 -33.12 -24.66
CA THR F 179 -11.76 -31.82 -24.38
C THR F 179 -12.81 -30.70 -24.38
N ASN F 180 -13.62 -30.61 -25.44
CA ASN F 180 -14.53 -29.45 -25.63
C ASN F 180 -15.98 -29.93 -25.87
N ILE F 181 -16.29 -31.19 -25.57
CA ILE F 181 -17.67 -31.73 -25.79
C ILE F 181 -18.70 -30.95 -24.95
N HIS F 182 -18.31 -30.39 -23.80
CA HIS F 182 -19.22 -29.69 -22.86
C HIS F 182 -19.76 -28.41 -23.51
N HIS F 183 -19.08 -27.88 -24.52
CA HIS F 183 -19.50 -26.67 -25.29
C HIS F 183 -20.69 -26.99 -26.20
N TYR F 184 -21.24 -28.20 -26.13
CA TYR F 184 -22.27 -28.64 -27.10
C TYR F 184 -23.36 -29.44 -26.40
N GLY F 185 -24.47 -29.52 -27.11
CA GLY F 185 -25.72 -30.11 -26.61
C GLY F 185 -25.90 -31.47 -27.22
N GLY F 186 -26.81 -32.25 -26.65
CA GLY F 186 -26.91 -33.69 -26.96
C GLY F 186 -25.72 -34.43 -26.37
N THR F 187 -25.35 -35.57 -26.97
CA THR F 187 -24.40 -36.56 -26.38
C THR F 187 -23.49 -37.14 -27.46
N ILE F 188 -22.17 -37.07 -27.29
CA ILE F 188 -21.18 -37.66 -28.22
C ILE F 188 -21.34 -39.19 -28.25
N LEU F 189 -21.70 -39.81 -27.13
CA LEU F 189 -22.01 -41.25 -27.03
C LEU F 189 -23.26 -41.56 -27.87
N GLY F 190 -24.14 -40.59 -28.03
CA GLY F 190 -25.49 -40.82 -28.59
C GLY F 190 -26.35 -41.56 -27.59
N SER F 191 -27.65 -41.60 -27.86
CA SER F 191 -28.69 -42.14 -26.94
C SER F 191 -29.69 -42.98 -27.72
N SER F 192 -30.54 -43.71 -26.99
CA SER F 192 -31.68 -44.48 -27.52
C SER F 192 -32.62 -44.84 -26.39
N ARG F 193 -33.91 -44.92 -26.73
CA ARG F 193 -35.00 -45.23 -25.78
C ARG F 193 -35.11 -46.75 -25.67
N GLY F 194 -35.73 -47.20 -24.59
CA GLY F 194 -36.11 -48.61 -24.42
C GLY F 194 -34.96 -49.43 -23.85
N PRO F 195 -35.24 -50.70 -23.52
CA PRO F 195 -34.31 -51.53 -22.74
C PRO F 195 -33.53 -52.46 -23.67
N GLN F 196 -32.64 -53.27 -23.09
CA GLN F 196 -31.99 -54.42 -23.77
C GLN F 196 -32.08 -55.62 -22.83
N ASP F 197 -31.54 -56.77 -23.25
CA ASP F 197 -31.42 -57.99 -22.39
C ASP F 197 -30.40 -57.70 -21.29
N PRO F 198 -30.81 -57.72 -20.00
CA PRO F 198 -29.87 -57.53 -18.88
C PRO F 198 -28.65 -58.45 -18.96
N LYS F 199 -28.88 -59.72 -19.30
CA LYS F 199 -27.81 -60.74 -19.43
C LYS F 199 -26.80 -60.25 -20.48
N GLU F 200 -27.25 -59.92 -21.69
CA GLU F 200 -26.37 -59.43 -22.79
C GLU F 200 -25.47 -58.31 -22.27
N MET F 201 -26.06 -57.35 -21.55
CA MET F 201 -25.35 -56.13 -21.08
C MET F 201 -24.30 -56.50 -20.02
N VAL F 202 -24.66 -57.31 -19.02
CA VAL F 202 -23.69 -57.75 -17.97
C VAL F 202 -22.56 -58.57 -18.64
N ASP F 203 -22.90 -59.36 -19.66
CA ASP F 203 -21.93 -60.12 -20.51
C ASP F 203 -20.89 -59.13 -21.06
N THR F 204 -21.35 -58.05 -21.71
CA THR F 204 -20.46 -57.02 -22.30
C THR F 204 -19.63 -56.33 -21.21
N LEU F 205 -20.23 -56.06 -20.03
CA LEU F 205 -19.52 -55.39 -18.91
C LEU F 205 -18.36 -56.27 -18.43
N GLU F 206 -18.61 -57.55 -18.20
CA GLU F 206 -17.57 -58.54 -17.80
C GLU F 206 -16.49 -58.59 -18.87
N ARG F 207 -16.89 -58.77 -20.14
CA ARG F 207 -15.95 -58.94 -21.28
C ARG F 207 -15.02 -57.72 -21.38
N LEU F 208 -15.51 -56.51 -21.08
CA LEU F 208 -14.72 -55.25 -21.23
C LEU F 208 -14.11 -54.85 -19.88
N GLY F 209 -14.34 -55.64 -18.83
CA GLY F 209 -13.74 -55.46 -17.50
C GLY F 209 -14.21 -54.17 -16.86
N VAL F 210 -15.45 -53.78 -17.15
CA VAL F 210 -16.12 -52.56 -16.62
C VAL F 210 -16.46 -52.79 -15.16
N ASN F 211 -15.79 -52.06 -14.26
CA ASN F 211 -15.95 -52.18 -12.79
C ASN F 211 -17.10 -51.29 -12.33
N ILE F 212 -17.33 -50.14 -13.00
CA ILE F 212 -18.40 -49.15 -12.68
C ILE F 212 -19.11 -48.74 -13.97
N LEU F 213 -20.44 -48.89 -14.01
CA LEU F 213 -21.33 -48.47 -15.12
C LEU F 213 -22.21 -47.32 -14.65
N PHE F 214 -22.00 -46.11 -15.22
CA PHE F 214 -22.77 -44.86 -14.96
C PHE F 214 -23.93 -44.75 -15.95
N THR F 215 -25.16 -44.86 -15.45
CA THR F 215 -26.41 -44.79 -16.24
C THR F 215 -26.94 -43.36 -16.19
N VAL F 216 -26.76 -42.60 -17.28
CA VAL F 216 -27.29 -41.23 -17.44
C VAL F 216 -28.62 -41.34 -18.20
N GLY F 217 -29.74 -41.29 -17.48
CA GLY F 217 -31.09 -41.31 -18.07
C GLY F 217 -32.18 -41.04 -17.05
N GLY F 218 -33.43 -41.18 -17.49
CA GLY F 218 -34.64 -40.92 -16.68
C GLY F 218 -35.03 -42.12 -15.83
N ASP F 219 -36.27 -42.10 -15.31
CA ASP F 219 -36.87 -43.16 -14.46
C ASP F 219 -36.56 -44.53 -15.07
N GLY F 220 -37.06 -44.77 -16.28
CA GLY F 220 -36.90 -46.05 -17.01
C GLY F 220 -35.47 -46.56 -17.01
N THR F 221 -34.53 -45.67 -17.37
CA THR F 221 -33.07 -45.97 -17.43
C THR F 221 -32.62 -46.54 -16.09
N GLN F 222 -32.90 -45.82 -14.99
CA GLN F 222 -32.40 -46.20 -13.64
C GLN F 222 -33.08 -47.50 -13.17
N ARG F 223 -34.33 -47.74 -13.58
CA ARG F 223 -35.04 -49.02 -13.26
C ARG F 223 -34.35 -50.17 -13.99
N GLY F 224 -33.93 -49.95 -15.25
CA GLY F 224 -33.08 -50.86 -16.03
C GLY F 224 -31.75 -51.10 -15.33
N ALA F 225 -31.14 -50.03 -14.80
CA ALA F 225 -29.84 -50.04 -14.09
C ALA F 225 -29.93 -50.89 -12.82
N LEU F 226 -31.07 -50.88 -12.13
CA LEU F 226 -31.32 -51.76 -10.96
C LEU F 226 -31.38 -53.23 -11.45
N VAL F 227 -32.02 -53.49 -12.60
CA VAL F 227 -32.10 -54.85 -13.21
C VAL F 227 -30.68 -55.36 -13.49
N ILE F 228 -29.82 -54.53 -14.09
CA ILE F 228 -28.39 -54.85 -14.37
C ILE F 228 -27.68 -55.13 -13.04
N SER F 229 -27.91 -54.30 -12.02
CA SER F 229 -27.31 -54.42 -10.66
C SER F 229 -27.63 -55.81 -10.07
N GLN F 230 -28.90 -56.21 -10.11
CA GLN F 230 -29.41 -57.46 -9.50
C GLN F 230 -28.99 -58.69 -10.33
N GLU F 231 -28.74 -58.50 -11.63
CA GLU F 231 -28.22 -59.54 -12.56
C GLU F 231 -26.73 -59.79 -12.26
N ALA F 232 -25.93 -58.72 -12.21
CA ALA F 232 -24.49 -58.74 -11.92
C ALA F 232 -24.24 -59.26 -10.50
N LYS F 233 -25.17 -59.04 -9.56
CA LYS F 233 -25.05 -59.59 -8.19
C LYS F 233 -25.56 -61.04 -8.17
N ARG F 234 -26.47 -61.42 -9.06
CA ARG F 234 -26.90 -62.84 -9.24
C ARG F 234 -25.69 -63.68 -9.70
N ARG F 235 -24.79 -63.09 -10.48
CA ARG F 235 -23.54 -63.74 -10.98
C ARG F 235 -22.37 -63.55 -9.99
N GLY F 236 -22.53 -62.67 -9.00
CA GLY F 236 -21.50 -62.35 -7.99
C GLY F 236 -20.34 -61.58 -8.59
N VAL F 237 -20.60 -60.79 -9.64
CA VAL F 237 -19.60 -59.96 -10.38
C VAL F 237 -19.51 -58.58 -9.70
N ASP F 238 -18.27 -58.18 -9.36
CA ASP F 238 -17.92 -56.90 -8.71
C ASP F 238 -18.08 -55.77 -9.73
N ILE F 239 -19.33 -55.34 -9.95
CA ILE F 239 -19.68 -54.15 -10.78
C ILE F 239 -20.54 -53.22 -9.93
N SER F 240 -20.26 -51.91 -9.99
CA SER F 240 -21.08 -50.83 -9.38
C SER F 240 -21.88 -50.15 -10.49
N VAL F 241 -23.22 -50.24 -10.40
CA VAL F 241 -24.17 -49.51 -11.30
C VAL F 241 -24.64 -48.25 -10.55
N PHE F 242 -24.35 -47.08 -11.12
CA PHE F 242 -24.58 -45.76 -10.47
C PHE F 242 -25.31 -44.83 -11.45
N GLY F 243 -26.43 -44.25 -11.00
CA GLY F 243 -27.33 -43.43 -11.82
C GLY F 243 -27.04 -41.94 -11.70
N VAL F 244 -26.97 -41.23 -12.83
CA VAL F 244 -26.99 -39.74 -12.86
C VAL F 244 -28.33 -39.33 -13.45
N PRO F 245 -29.28 -38.86 -12.60
CA PRO F 245 -30.64 -38.58 -13.01
C PRO F 245 -30.73 -37.50 -14.09
N LYS F 246 -31.13 -37.92 -15.30
CA LYS F 246 -31.42 -37.03 -16.45
C LYS F 246 -32.92 -36.82 -16.54
N THR F 247 -33.43 -35.76 -15.93
CA THR F 247 -34.82 -35.26 -16.12
C THR F 247 -34.78 -33.73 -16.19
N ILE F 248 -35.30 -33.19 -17.28
CA ILE F 248 -35.41 -31.73 -17.53
C ILE F 248 -36.60 -31.21 -16.75
N ASP F 249 -37.63 -32.05 -16.56
CA ASP F 249 -38.91 -31.72 -15.88
C ASP F 249 -38.67 -31.42 -14.40
N ASN F 250 -37.53 -31.88 -13.86
CA ASN F 250 -37.10 -31.68 -12.44
C ASN F 250 -38.14 -32.28 -11.50
N ASP F 251 -38.80 -33.37 -11.91
CA ASP F 251 -39.85 -34.05 -11.10
C ASP F 251 -39.22 -35.18 -10.26
N LEU F 252 -37.90 -35.14 -10.03
CA LEU F 252 -37.18 -36.18 -9.26
C LEU F 252 -37.45 -35.98 -7.77
N SER F 253 -37.96 -37.01 -7.10
CA SER F 253 -38.12 -37.08 -5.62
C SER F 253 -36.73 -37.09 -4.97
N PHE F 254 -36.67 -36.66 -3.71
CA PHE F 254 -35.43 -36.45 -2.92
C PHE F 254 -34.48 -35.52 -3.68
N SER F 255 -35.03 -34.58 -4.44
CA SER F 255 -34.30 -33.64 -5.33
C SER F 255 -35.06 -32.34 -5.42
N HIS F 256 -34.37 -31.22 -5.26
CA HIS F 256 -34.91 -29.86 -5.55
C HIS F 256 -34.49 -29.43 -6.95
N ARG F 257 -33.38 -29.99 -7.45
CA ARG F 257 -32.83 -29.64 -8.79
C ARG F 257 -32.23 -30.88 -9.47
N THR F 258 -32.46 -30.97 -10.78
CA THR F 258 -31.78 -31.92 -11.68
C THR F 258 -31.07 -31.12 -12.76
N PHE F 259 -30.00 -31.69 -13.30
CA PHE F 259 -29.14 -30.99 -14.28
C PHE F 259 -30.00 -30.80 -15.53
N GLY F 260 -29.87 -29.62 -16.13
CA GLY F 260 -30.56 -29.24 -17.38
C GLY F 260 -31.76 -28.35 -17.11
N PHE F 261 -32.33 -28.39 -15.89
CA PHE F 261 -33.60 -27.70 -15.57
C PHE F 261 -33.46 -26.20 -15.80
N GLN F 262 -32.54 -25.56 -15.07
CA GLN F 262 -32.34 -24.09 -15.16
C GLN F 262 -32.21 -23.66 -16.63
N THR F 263 -31.36 -24.34 -17.41
CA THR F 263 -31.14 -24.01 -18.84
C THR F 263 -32.48 -24.12 -19.57
N ALA F 264 -33.26 -25.16 -19.28
CA ALA F 264 -34.58 -25.41 -19.90
C ALA F 264 -35.49 -24.21 -19.68
N VAL F 265 -35.63 -23.77 -18.43
CA VAL F 265 -36.40 -22.55 -18.06
C VAL F 265 -35.92 -21.39 -18.94
N GLU F 266 -34.64 -21.04 -18.87
CA GLU F 266 -34.05 -19.92 -19.65
C GLU F 266 -34.55 -19.98 -21.08
N LYS F 267 -34.53 -21.17 -21.69
CA LYS F 267 -34.88 -21.34 -23.13
C LYS F 267 -36.38 -21.17 -23.30
N ALA F 268 -37.16 -21.85 -22.46
CA ALA F 268 -38.64 -21.74 -22.41
C ALA F 268 -39.01 -20.26 -22.46
N VAL F 269 -38.45 -19.46 -21.55
CA VAL F 269 -38.74 -18.02 -21.42
C VAL F 269 -38.49 -17.33 -22.76
N GLN F 270 -37.40 -17.66 -23.46
CA GLN F 270 -37.10 -17.03 -24.77
C GLN F 270 -38.13 -17.45 -25.82
N ALA F 271 -38.71 -18.64 -25.69
CA ALA F 271 -39.74 -19.14 -26.61
C ALA F 271 -41.04 -18.37 -26.35
N ILE F 272 -41.40 -18.20 -25.08
CA ILE F 272 -42.58 -17.40 -24.65
C ILE F 272 -42.44 -15.99 -25.22
N ARG F 273 -41.27 -15.36 -25.11
CA ARG F 273 -41.05 -13.96 -25.61
C ARG F 273 -41.38 -13.89 -27.11
N ALA F 274 -41.11 -14.92 -27.89
CA ALA F 274 -41.41 -14.94 -29.35
C ALA F 274 -42.88 -15.23 -29.58
N ALA F 275 -43.46 -16.11 -28.76
CA ALA F 275 -44.89 -16.46 -28.79
C ALA F 275 -45.70 -15.18 -28.59
N TYR F 276 -45.32 -14.43 -27.56
CA TYR F 276 -45.92 -13.15 -27.12
C TYR F 276 -45.84 -12.14 -28.25
N ALA F 277 -44.65 -11.87 -28.80
CA ALA F 277 -44.48 -10.88 -29.89
C ALA F 277 -45.31 -11.29 -31.11
N GLU F 278 -45.43 -12.60 -31.37
CA GLU F 278 -46.22 -13.14 -32.52
C GLU F 278 -47.71 -12.89 -32.27
N ALA F 279 -48.17 -13.12 -31.04
CA ALA F 279 -49.58 -13.00 -30.62
C ALA F 279 -50.01 -11.53 -30.55
N VAL F 280 -49.18 -10.67 -29.96
CA VAL F 280 -49.47 -9.22 -29.75
C VAL F 280 -49.65 -8.55 -31.11
N SER F 281 -48.91 -8.98 -32.12
CA SER F 281 -48.88 -8.30 -33.43
C SER F 281 -50.18 -8.57 -34.20
N ALA F 282 -51.07 -9.42 -33.67
CA ALA F 282 -52.35 -9.81 -34.30
C ALA F 282 -53.53 -9.30 -33.46
N ASN F 283 -54.61 -8.89 -34.12
CA ASN F 283 -55.91 -8.57 -33.45
C ASN F 283 -56.55 -9.90 -33.07
N TYR F 284 -57.01 -10.01 -31.82
CA TYR F 284 -57.45 -11.29 -31.19
C TYR F 284 -56.46 -12.39 -31.60
N GLY F 285 -55.22 -12.24 -31.15
CA GLY F 285 -54.11 -13.17 -31.40
C GLY F 285 -53.87 -14.07 -30.20
N VAL F 286 -53.83 -15.39 -30.44
CA VAL F 286 -53.50 -16.41 -29.41
C VAL F 286 -52.13 -17.02 -29.79
N GLY F 287 -51.25 -17.13 -28.82
CA GLY F 287 -50.00 -17.91 -28.90
C GLY F 287 -50.07 -19.10 -27.96
N VAL F 288 -50.10 -20.31 -28.50
CA VAL F 288 -49.97 -21.58 -27.74
C VAL F 288 -48.51 -21.99 -27.79
N VAL F 289 -47.90 -22.25 -26.64
CA VAL F 289 -46.48 -22.70 -26.55
C VAL F 289 -46.41 -23.89 -25.60
N LYS F 290 -46.02 -25.05 -26.15
CA LYS F 290 -45.90 -26.35 -25.44
C LYS F 290 -44.52 -26.41 -24.78
N LEU F 291 -44.50 -26.46 -23.45
CA LEU F 291 -43.24 -26.68 -22.70
C LEU F 291 -43.24 -28.11 -22.18
N MET F 292 -42.14 -28.51 -21.57
CA MET F 292 -41.95 -29.90 -21.10
C MET F 292 -42.77 -30.06 -19.80
N GLY F 293 -43.14 -31.29 -19.49
CA GLY F 293 -43.85 -31.67 -18.26
C GLY F 293 -44.79 -32.81 -18.56
N ARG F 294 -44.32 -34.05 -18.40
CA ARG F 294 -45.19 -35.25 -18.51
C ARG F 294 -45.97 -35.40 -17.21
N ASP F 295 -45.26 -35.36 -16.08
CA ASP F 295 -45.77 -35.68 -14.72
C ASP F 295 -45.85 -34.40 -13.90
N SER F 296 -44.79 -33.59 -13.95
CA SER F 296 -44.74 -32.22 -13.38
C SER F 296 -45.27 -31.20 -14.39
N GLY F 297 -45.24 -29.93 -14.03
CA GLY F 297 -45.23 -28.78 -14.95
C GLY F 297 -44.34 -27.66 -14.39
N PHE F 298 -43.21 -28.03 -13.79
CA PHE F 298 -42.28 -27.08 -13.13
C PHE F 298 -41.75 -26.08 -14.15
N ILE F 299 -41.41 -26.55 -15.34
CA ILE F 299 -40.92 -25.67 -16.44
C ILE F 299 -42.03 -24.69 -16.79
N ALA F 300 -43.21 -25.21 -17.14
CA ALA F 300 -44.41 -24.40 -17.45
C ALA F 300 -44.60 -23.27 -16.42
N ALA F 301 -44.62 -23.62 -15.13
CA ALA F 301 -44.83 -22.68 -14.01
C ALA F 301 -43.71 -21.63 -13.99
N GLN F 302 -42.47 -22.05 -13.76
CA GLN F 302 -41.32 -21.13 -13.57
C GLN F 302 -41.14 -20.22 -14.79
N ALA F 303 -41.35 -20.74 -15.99
CA ALA F 303 -41.21 -19.98 -17.25
C ALA F 303 -42.34 -18.95 -17.35
N ALA F 304 -43.59 -19.38 -17.10
CA ALA F 304 -44.76 -18.47 -17.05
C ALA F 304 -44.41 -17.27 -16.14
N VAL F 305 -44.07 -17.53 -14.88
CA VAL F 305 -43.76 -16.49 -13.87
C VAL F 305 -42.60 -15.61 -14.38
N ALA F 306 -41.49 -16.19 -14.80
CA ALA F 306 -40.26 -15.44 -15.15
C ALA F 306 -40.50 -14.52 -16.35
N SER F 307 -41.16 -15.01 -17.40
CA SER F 307 -41.50 -14.20 -18.60
C SER F 307 -42.44 -13.08 -18.17
N ALA F 308 -43.42 -13.46 -17.33
CA ALA F 308 -44.59 -12.64 -16.97
C ALA F 308 -45.30 -12.24 -18.27
N GLN F 309 -45.47 -13.19 -19.19
CA GLN F 309 -46.23 -12.96 -20.46
C GLN F 309 -47.33 -14.02 -20.62
N ALA F 310 -47.48 -14.90 -19.62
CA ALA F 310 -48.44 -16.02 -19.63
C ALA F 310 -49.79 -15.54 -19.13
N ASN F 311 -50.84 -15.69 -19.94
CA ASN F 311 -52.24 -15.32 -19.58
C ASN F 311 -53.00 -16.59 -19.12
N ILE F 312 -52.64 -17.76 -19.63
CA ILE F 312 -53.18 -19.08 -19.16
C ILE F 312 -52.00 -20.05 -19.09
N CYS F 313 -51.97 -20.88 -18.04
CA CYS F 313 -50.89 -21.86 -17.78
C CYS F 313 -51.49 -23.23 -17.44
N LEU F 314 -51.48 -24.17 -18.39
CA LEU F 314 -52.05 -25.53 -18.26
C LEU F 314 -50.93 -26.50 -17.87
N VAL F 315 -51.09 -27.14 -16.72
CA VAL F 315 -50.11 -28.13 -16.17
C VAL F 315 -50.87 -29.36 -15.71
N PRO F 316 -50.23 -30.56 -15.72
CA PRO F 316 -50.89 -31.81 -15.38
C PRO F 316 -51.52 -31.85 -13.98
N GLU F 317 -50.88 -31.18 -13.02
CA GLU F 317 -51.27 -31.14 -11.59
C GLU F 317 -52.68 -30.53 -11.46
N ASN F 318 -53.06 -29.63 -12.38
CA ASN F 318 -54.34 -28.87 -12.36
C ASN F 318 -55.08 -29.12 -13.66
N PRO F 319 -55.71 -30.31 -13.84
CA PRO F 319 -56.41 -30.63 -15.07
C PRO F 319 -57.76 -29.89 -15.06
N ILE F 320 -58.10 -29.23 -16.17
CA ILE F 320 -59.37 -28.47 -16.33
C ILE F 320 -59.99 -28.87 -17.66
N SER F 321 -61.28 -28.59 -17.83
CA SER F 321 -62.03 -28.94 -19.07
C SER F 321 -61.64 -28.00 -20.21
N GLU F 322 -61.93 -28.44 -21.43
CA GLU F 322 -61.85 -27.65 -22.68
C GLU F 322 -62.58 -26.31 -22.52
N GLN F 323 -63.82 -26.35 -22.02
CA GLN F 323 -64.70 -25.16 -21.86
C GLN F 323 -64.09 -24.24 -20.80
N GLU F 324 -63.46 -24.78 -19.76
CA GLU F 324 -62.76 -23.95 -18.73
C GLU F 324 -61.69 -23.11 -19.41
N VAL F 325 -60.88 -23.75 -20.26
CA VAL F 325 -59.83 -23.07 -21.06
C VAL F 325 -60.50 -21.98 -21.91
N MET F 326 -61.43 -22.36 -22.79
CA MET F 326 -62.05 -21.40 -23.76
C MET F 326 -62.71 -20.24 -23.00
N SER F 327 -63.17 -20.48 -21.78
CA SER F 327 -63.78 -19.45 -20.89
C SER F 327 -62.69 -18.47 -20.43
N LEU F 328 -61.52 -18.97 -20.05
CA LEU F 328 -60.37 -18.11 -19.67
C LEU F 328 -59.94 -17.27 -20.88
N LEU F 329 -59.88 -17.86 -22.07
CA LEU F 329 -59.51 -17.14 -23.32
C LEU F 329 -60.52 -16.03 -23.58
N GLU F 330 -61.80 -16.37 -23.48
CA GLU F 330 -62.96 -15.47 -23.64
C GLU F 330 -62.83 -14.28 -22.68
N ARG F 331 -62.54 -14.55 -21.41
CA ARG F 331 -62.32 -13.52 -20.36
C ARG F 331 -61.19 -12.59 -20.83
N ARG F 332 -60.04 -13.18 -21.15
CA ARG F 332 -58.85 -12.42 -21.62
C ARG F 332 -59.26 -11.48 -22.75
N PHE F 333 -60.05 -11.96 -23.72
CA PHE F 333 -60.40 -11.18 -24.93
C PHE F 333 -61.43 -10.09 -24.62
N CYS F 334 -62.05 -10.09 -23.42
CA CYS F 334 -62.92 -8.99 -22.93
C CYS F 334 -62.10 -7.69 -22.82
N HIS F 335 -60.86 -7.76 -22.33
CA HIS F 335 -60.05 -6.54 -22.07
C HIS F 335 -58.77 -6.46 -22.90
N SER F 336 -58.21 -7.57 -23.37
CA SER F 336 -56.99 -7.56 -24.25
C SER F 336 -57.27 -8.22 -25.60
N ARG F 337 -56.51 -7.83 -26.62
CA ARG F 337 -56.59 -8.35 -28.01
C ARG F 337 -55.54 -9.45 -28.22
N SER F 338 -55.03 -10.00 -27.12
CA SER F 338 -53.79 -10.79 -27.06
C SER F 338 -53.91 -11.82 -25.95
N CYS F 339 -53.74 -13.10 -26.24
CA CYS F 339 -53.62 -14.18 -25.22
C CYS F 339 -52.43 -15.09 -25.52
N VAL F 340 -51.68 -15.44 -24.47
CA VAL F 340 -50.54 -16.40 -24.51
C VAL F 340 -50.83 -17.55 -23.54
N ILE F 341 -50.82 -18.78 -24.04
CA ILE F 341 -51.16 -20.05 -23.34
C ILE F 341 -49.90 -20.93 -23.24
N ILE F 342 -49.41 -21.16 -22.01
CA ILE F 342 -48.37 -22.16 -21.67
C ILE F 342 -49.08 -23.50 -21.46
N VAL F 343 -48.71 -24.56 -22.18
CA VAL F 343 -49.28 -25.93 -21.97
C VAL F 343 -48.14 -26.93 -21.77
N ALA F 344 -48.16 -27.66 -20.66
CA ALA F 344 -47.24 -28.79 -20.39
C ALA F 344 -47.67 -30.00 -21.24
N GLU F 345 -46.73 -30.69 -21.89
CA GLU F 345 -47.03 -31.80 -22.85
C GLU F 345 -47.88 -32.90 -22.19
N GLY F 346 -47.86 -32.98 -20.86
CA GLY F 346 -48.58 -33.99 -20.06
C GLY F 346 -49.96 -33.53 -19.62
N PHE F 347 -50.38 -32.31 -19.96
CA PHE F 347 -51.73 -31.77 -19.62
C PHE F 347 -52.76 -32.39 -20.56
N GLY F 348 -54.01 -32.48 -20.08
CA GLY F 348 -55.21 -32.81 -20.87
C GLY F 348 -55.01 -34.05 -21.70
N GLN F 349 -54.59 -35.14 -21.04
CA GLN F 349 -54.30 -36.44 -21.69
C GLN F 349 -55.58 -37.29 -21.72
N ASP F 350 -56.76 -36.64 -21.83
CA ASP F 350 -58.08 -37.30 -21.95
C ASP F 350 -58.94 -36.58 -23.00
N TRP F 351 -58.32 -35.68 -23.78
CA TRP F 351 -59.01 -34.81 -24.79
C TRP F 351 -59.09 -35.57 -26.13
N SER F 361 -40.00 -50.03 -22.19
CA SER F 361 -39.74 -49.37 -20.87
C SER F 361 -40.99 -48.55 -20.44
N GLY F 362 -42.19 -49.04 -20.83
CA GLY F 362 -43.51 -48.78 -20.20
C GLY F 362 -44.06 -47.37 -20.40
N ASN F 363 -44.76 -46.85 -19.38
CA ASN F 363 -45.58 -45.60 -19.37
C ASN F 363 -46.78 -45.74 -20.35
N LYS F 364 -47.45 -44.60 -20.60
CA LYS F 364 -48.45 -44.43 -21.70
C LYS F 364 -47.84 -43.53 -22.79
N LYS F 365 -48.37 -43.74 -24.02
CA LYS F 365 -48.22 -42.94 -25.28
C LYS F 365 -49.02 -41.63 -25.17
N LEU F 366 -48.36 -40.48 -24.90
CA LEU F 366 -48.91 -39.11 -24.73
C LEU F 366 -49.53 -38.58 -26.05
N ILE F 367 -50.74 -38.02 -25.98
CA ILE F 367 -51.42 -37.32 -27.12
C ILE F 367 -50.84 -35.91 -27.22
N ASP F 368 -50.65 -35.40 -28.46
CA ASP F 368 -49.96 -34.11 -28.72
C ASP F 368 -50.90 -32.96 -28.35
N ILE F 369 -50.97 -32.67 -27.04
CA ILE F 369 -51.92 -31.70 -26.44
C ILE F 369 -51.66 -30.31 -27.05
N GLY F 370 -50.41 -30.00 -27.43
CA GLY F 370 -50.07 -28.76 -28.14
C GLY F 370 -50.96 -28.57 -29.36
N VAL F 371 -50.97 -29.55 -30.25
CA VAL F 371 -51.67 -29.48 -31.56
C VAL F 371 -53.18 -29.59 -31.33
N ILE F 372 -53.61 -30.47 -30.43
CA ILE F 372 -55.04 -30.62 -30.02
C ILE F 372 -55.55 -29.26 -29.57
N LEU F 373 -55.02 -28.73 -28.46
CA LEU F 373 -55.39 -27.43 -27.84
C LEU F 373 -55.42 -26.35 -28.92
N THR F 374 -54.40 -26.31 -29.79
CA THR F 374 -54.33 -25.35 -30.93
C THR F 374 -55.61 -25.47 -31.77
N GLU F 375 -55.96 -26.67 -32.27
CA GLU F 375 -57.13 -26.85 -33.17
C GLU F 375 -58.43 -26.55 -32.40
N LYS F 376 -58.51 -26.93 -31.12
CA LYS F 376 -59.70 -26.69 -30.25
C LYS F 376 -59.97 -25.18 -30.20
N VAL F 377 -58.94 -24.39 -29.86
CA VAL F 377 -59.00 -22.90 -29.80
C VAL F 377 -59.43 -22.39 -31.17
N LYS F 378 -58.81 -22.85 -32.25
CA LYS F 378 -59.12 -22.37 -33.63
C LYS F 378 -60.60 -22.60 -33.94
N ALA F 379 -61.14 -23.77 -33.60
CA ALA F 379 -62.54 -24.16 -33.85
C ALA F 379 -63.48 -23.33 -32.96
N PHE F 380 -63.05 -22.99 -31.75
CA PHE F 380 -63.80 -22.14 -30.80
C PHE F 380 -63.90 -20.70 -31.34
N LEU F 381 -62.81 -20.16 -31.88
CA LEU F 381 -62.75 -18.78 -32.46
C LEU F 381 -63.49 -18.75 -33.80
N LYS F 382 -63.47 -19.83 -34.57
CA LYS F 382 -64.19 -19.92 -35.87
C LYS F 382 -65.70 -20.03 -35.57
N ALA F 383 -66.08 -20.61 -34.43
CA ALA F 383 -67.47 -20.65 -33.94
C ALA F 383 -67.96 -19.26 -33.48
N ASN F 384 -67.13 -18.48 -32.78
CA ASN F 384 -67.51 -17.12 -32.30
C ASN F 384 -66.88 -16.04 -33.18
N LYS F 385 -66.76 -16.25 -34.49
CA LYS F 385 -66.26 -15.24 -35.47
C LYS F 385 -67.05 -13.95 -35.28
N SER F 386 -68.37 -14.08 -35.03
CA SER F 386 -69.31 -13.00 -34.66
C SER F 386 -68.61 -12.00 -33.74
N ARG F 387 -68.10 -12.50 -32.61
CA ARG F 387 -67.53 -11.68 -31.50
C ARG F 387 -66.04 -11.40 -31.74
N TYR F 388 -65.25 -12.42 -32.11
CA TYR F 388 -63.79 -12.31 -32.39
C TYR F 388 -63.57 -12.41 -33.90
N PRO F 389 -63.84 -11.33 -34.68
CA PRO F 389 -64.03 -11.43 -36.13
C PRO F 389 -62.75 -11.92 -36.83
N ASP F 390 -61.87 -11.01 -37.24
CA ASP F 390 -60.46 -11.35 -37.55
C ASP F 390 -59.87 -11.92 -36.26
N SER F 391 -59.18 -13.08 -36.32
CA SER F 391 -58.45 -13.70 -35.18
C SER F 391 -57.39 -14.67 -35.72
N THR F 392 -56.30 -14.88 -34.96
CA THR F 392 -55.15 -15.74 -35.37
C THR F 392 -54.65 -16.58 -34.20
N VAL F 393 -54.38 -17.86 -34.44
CA VAL F 393 -53.85 -18.80 -33.41
C VAL F 393 -52.53 -19.38 -33.90
N LYS F 394 -51.48 -19.24 -33.10
CA LYS F 394 -50.09 -19.61 -33.42
C LYS F 394 -49.62 -20.67 -32.44
N TYR F 395 -49.25 -21.86 -32.92
CA TYR F 395 -48.67 -22.95 -32.10
C TYR F 395 -47.15 -22.87 -32.21
N ILE F 396 -46.47 -23.17 -31.10
CA ILE F 396 -44.99 -23.16 -31.00
C ILE F 396 -44.57 -24.39 -30.22
N ASP F 397 -43.79 -25.28 -30.86
CA ASP F 397 -43.12 -26.42 -30.18
C ASP F 397 -41.63 -26.10 -30.11
N PRO F 398 -41.21 -25.46 -28.99
CA PRO F 398 -39.82 -25.09 -28.80
C PRO F 398 -39.02 -26.25 -28.16
N SER F 399 -39.60 -27.46 -28.14
CA SER F 399 -39.01 -28.64 -27.46
C SER F 399 -37.56 -28.86 -27.91
N TYR F 400 -37.31 -28.70 -29.20
CA TYR F 400 -36.02 -28.97 -29.87
C TYR F 400 -34.95 -27.96 -29.40
N MET F 401 -35.29 -26.67 -29.33
CA MET F 401 -34.34 -25.56 -28.96
C MET F 401 -34.04 -25.65 -27.45
N ILE F 402 -34.94 -26.29 -26.67
CA ILE F 402 -34.80 -26.44 -25.19
C ILE F 402 -33.87 -27.62 -24.88
N ARG F 403 -34.06 -28.81 -25.46
CA ARG F 403 -33.21 -29.99 -25.12
C ARG F 403 -31.80 -29.85 -25.71
N ALA F 404 -31.73 -29.41 -26.96
CA ALA F 404 -30.60 -29.70 -27.87
C ALA F 404 -29.56 -28.60 -27.80
N CYS F 405 -29.31 -28.08 -26.61
CA CYS F 405 -28.44 -26.88 -26.47
C CYS F 405 -27.52 -27.11 -25.28
N PRO F 406 -26.32 -26.50 -25.31
CA PRO F 406 -25.40 -26.57 -24.18
C PRO F 406 -26.02 -25.96 -22.96
N PRO F 407 -25.52 -26.29 -21.76
CA PRO F 407 -26.09 -25.74 -20.52
C PRO F 407 -25.67 -24.29 -20.26
N SER F 408 -26.48 -23.55 -19.49
CA SER F 408 -26.07 -22.31 -18.80
C SER F 408 -24.89 -22.67 -17.89
N ALA F 409 -23.94 -21.74 -17.68
CA ALA F 409 -22.73 -21.93 -16.84
C ALA F 409 -23.12 -22.49 -15.47
N ASN F 410 -24.25 -22.07 -14.92
CA ASN F 410 -24.73 -22.57 -13.61
C ASN F 410 -25.10 -24.05 -13.73
N ASP F 411 -25.73 -24.49 -14.82
CA ASP F 411 -26.08 -25.92 -15.04
C ASP F 411 -24.79 -26.70 -15.35
N ALA F 412 -23.82 -26.11 -16.04
CA ALA F 412 -22.52 -26.73 -16.39
C ALA F 412 -21.78 -27.06 -15.11
N LEU F 413 -21.67 -26.09 -14.21
CA LEU F 413 -21.01 -26.29 -12.88
C LEU F 413 -21.75 -27.41 -12.14
N PHE F 414 -23.08 -27.44 -12.26
CA PHE F 414 -23.93 -28.39 -11.50
C PHE F 414 -23.69 -29.81 -12.03
N CYS F 415 -23.67 -29.97 -13.36
CA CYS F 415 -23.33 -31.23 -14.07
C CYS F 415 -21.97 -31.70 -13.58
N ALA F 416 -20.95 -30.83 -13.67
CA ALA F 416 -19.56 -31.13 -13.27
C ALA F 416 -19.55 -31.72 -11.86
N THR F 417 -20.24 -31.07 -10.92
CA THR F 417 -20.27 -31.49 -9.50
C THR F 417 -21.01 -32.81 -9.35
N LEU F 418 -22.21 -32.94 -9.93
CA LEU F 418 -23.02 -34.18 -9.88
C LEU F 418 -22.13 -35.36 -10.30
N ALA F 419 -21.48 -35.24 -11.47
CA ALA F 419 -20.52 -36.23 -12.02
C ALA F 419 -19.40 -36.50 -11.02
N THR F 420 -18.48 -35.53 -10.79
CA THR F 420 -17.28 -35.72 -9.93
C THR F 420 -17.69 -36.46 -8.65
N LEU F 421 -18.80 -36.09 -7.99
CA LEU F 421 -19.24 -36.75 -6.73
C LEU F 421 -19.70 -38.19 -6.99
N ALA F 422 -20.42 -38.42 -8.09
CA ALA F 422 -20.91 -39.77 -8.50
C ALA F 422 -19.71 -40.71 -8.60
N VAL F 423 -18.61 -40.22 -9.19
CA VAL F 423 -17.34 -40.99 -9.34
C VAL F 423 -16.75 -41.24 -7.96
N HIS F 424 -16.59 -40.18 -7.15
CA HIS F 424 -16.02 -40.25 -5.78
C HIS F 424 -16.71 -41.35 -4.95
N GLU F 425 -18.00 -41.56 -5.19
CA GLU F 425 -18.86 -42.51 -4.42
C GLU F 425 -18.87 -43.91 -5.05
N ALA F 426 -18.88 -44.01 -6.38
CA ALA F 426 -18.84 -45.31 -7.10
C ALA F 426 -17.50 -46.00 -6.81
N MET F 427 -16.40 -45.23 -6.81
CA MET F 427 -15.05 -45.72 -6.42
C MET F 427 -15.07 -46.24 -4.98
N ALA F 428 -15.93 -45.65 -4.14
CA ALA F 428 -16.16 -46.06 -2.73
C ALA F 428 -17.33 -47.05 -2.63
N GLY F 429 -17.59 -47.78 -3.72
CA GLY F 429 -18.46 -48.99 -3.71
C GLY F 429 -19.94 -48.68 -3.61
N ALA F 430 -20.38 -47.44 -3.86
CA ALA F 430 -21.82 -47.14 -3.96
C ALA F 430 -22.37 -47.84 -5.20
N THR F 431 -23.56 -48.44 -5.10
CA THR F 431 -24.26 -49.08 -6.26
C THR F 431 -25.78 -49.07 -6.05
N GLY F 432 -26.53 -49.29 -7.13
CA GLY F 432 -28.01 -49.35 -7.15
C GLY F 432 -28.65 -48.05 -6.69
N CYS F 433 -27.95 -46.93 -6.87
CA CYS F 433 -28.31 -45.62 -6.30
C CYS F 433 -28.08 -44.51 -7.33
N ILE F 434 -28.72 -43.36 -7.11
CA ILE F 434 -28.53 -42.11 -7.89
C ILE F 434 -27.93 -41.04 -6.98
N ILE F 435 -27.39 -39.99 -7.57
CA ILE F 435 -26.97 -38.76 -6.85
C ILE F 435 -27.97 -37.65 -7.18
N ALA F 436 -28.47 -36.96 -6.17
CA ALA F 436 -29.36 -35.79 -6.37
C ALA F 436 -28.97 -34.68 -5.41
N MET F 437 -29.58 -33.51 -5.60
CA MET F 437 -29.33 -32.27 -4.84
C MET F 437 -30.58 -31.95 -3.99
N ARG F 438 -30.42 -31.91 -2.67
CA ARG F 438 -31.46 -31.52 -1.69
C ARG F 438 -30.86 -30.51 -0.71
N HIS F 439 -31.52 -29.36 -0.53
CA HIS F 439 -31.21 -28.43 0.57
C HIS F 439 -29.72 -28.06 0.50
N ASN F 440 -29.22 -27.75 -0.71
CA ASN F 440 -27.83 -27.25 -0.90
C ASN F 440 -26.81 -28.37 -0.67
N ASN F 441 -27.24 -29.64 -0.54
CA ASN F 441 -26.33 -30.78 -0.30
C ASN F 441 -26.59 -31.86 -1.34
N TYR F 442 -25.56 -32.67 -1.59
CA TYR F 442 -25.59 -33.81 -2.54
C TYR F 442 -25.82 -35.08 -1.73
N ILE F 443 -26.81 -35.87 -2.14
CA ILE F 443 -27.21 -37.09 -1.39
C ILE F 443 -27.29 -38.27 -2.37
N LEU F 444 -27.13 -39.47 -1.82
CA LEU F 444 -27.25 -40.76 -2.54
C LEU F 444 -28.61 -41.37 -2.22
N VAL F 445 -29.42 -41.64 -3.24
CA VAL F 445 -30.79 -42.21 -3.08
C VAL F 445 -30.82 -43.58 -3.75
N PRO F 446 -31.17 -44.65 -3.02
CA PRO F 446 -31.48 -45.94 -3.64
C PRO F 446 -32.47 -45.79 -4.81
N ILE F 447 -32.18 -46.42 -5.95
CA ILE F 447 -33.02 -46.35 -7.18
C ILE F 447 -34.44 -46.82 -6.84
N LYS F 448 -34.54 -47.90 -6.06
CA LYS F 448 -35.83 -48.50 -5.60
C LYS F 448 -36.75 -47.42 -5.04
N VAL F 449 -36.17 -46.46 -4.29
CA VAL F 449 -36.88 -45.32 -3.64
C VAL F 449 -37.22 -44.26 -4.69
N ALA F 450 -36.20 -43.77 -5.41
CA ALA F 450 -36.28 -42.64 -6.36
C ALA F 450 -37.32 -42.92 -7.46
N THR F 451 -37.58 -44.19 -7.78
CA THR F 451 -38.55 -44.59 -8.85
C THR F 451 -39.95 -44.79 -8.28
N SER F 452 -40.07 -44.82 -6.95
CA SER F 452 -41.31 -45.14 -6.21
C SER F 452 -42.16 -43.89 -6.03
N VAL F 453 -41.51 -42.72 -5.92
CA VAL F 453 -42.19 -41.42 -5.69
C VAL F 453 -41.67 -40.41 -6.70
N ARG F 454 -42.48 -39.40 -7.00
CA ARG F 454 -42.12 -38.30 -7.92
C ARG F 454 -42.67 -36.99 -7.35
N ARG F 455 -42.02 -35.90 -7.74
CA ARG F 455 -42.37 -34.51 -7.37
C ARG F 455 -43.41 -33.98 -8.35
N VAL F 456 -44.00 -32.84 -7.97
CA VAL F 456 -45.25 -32.31 -8.57
C VAL F 456 -45.54 -30.95 -7.93
N LEU F 457 -45.97 -29.96 -8.73
CA LEU F 457 -46.30 -28.59 -8.24
C LEU F 457 -47.23 -28.68 -7.02
N ASP F 458 -46.86 -28.04 -5.91
CA ASP F 458 -47.80 -27.75 -4.79
C ASP F 458 -48.71 -26.61 -5.26
N LEU F 459 -49.98 -26.91 -5.55
CA LEU F 459 -50.92 -25.91 -6.12
C LEU F 459 -51.29 -24.86 -5.06
N ARG F 460 -50.96 -25.08 -3.78
CA ARG F 460 -51.16 -24.09 -2.69
C ARG F 460 -49.82 -23.40 -2.36
N GLY F 461 -48.76 -23.68 -3.12
CA GLY F 461 -47.39 -23.16 -2.87
C GLY F 461 -47.16 -21.80 -3.52
N GLN F 462 -46.09 -21.11 -3.11
CA GLN F 462 -45.82 -19.70 -3.47
C GLN F 462 -45.64 -19.56 -4.99
N LEU F 463 -45.03 -20.55 -5.66
CA LEU F 463 -44.77 -20.50 -7.13
C LEU F 463 -46.12 -20.40 -7.84
N TRP F 464 -47.01 -21.36 -7.56
CA TRP F 464 -48.34 -21.43 -8.22
C TRP F 464 -49.16 -20.20 -7.85
N ARG F 465 -49.03 -19.69 -6.62
CA ARG F 465 -49.58 -18.34 -6.28
C ARG F 465 -49.13 -17.40 -7.40
N GLN F 466 -47.83 -17.21 -7.56
CA GLN F 466 -47.24 -16.20 -8.49
C GLN F 466 -47.70 -16.45 -9.93
N VAL F 467 -48.12 -17.67 -10.26
CA VAL F 467 -48.68 -17.99 -11.61
C VAL F 467 -50.09 -17.43 -11.68
N ARG F 468 -50.94 -17.75 -10.71
CA ARG F 468 -52.35 -17.27 -10.66
C ARG F 468 -52.35 -15.73 -10.58
N GLU F 469 -51.34 -15.14 -9.91
CA GLU F 469 -51.15 -13.68 -9.74
C GLU F 469 -51.17 -13.00 -11.12
N ILE F 470 -50.62 -13.64 -12.15
CA ILE F 470 -50.41 -13.00 -13.49
C ILE F 470 -51.38 -13.59 -14.53
N THR F 471 -51.95 -14.77 -14.30
CA THR F 471 -52.83 -15.45 -15.27
C THR F 471 -54.30 -15.14 -14.98
N VAL F 472 -55.10 -15.02 -16.05
CA VAL F 472 -56.57 -14.77 -16.01
C VAL F 472 -57.17 -15.51 -14.82
N ASP F 473 -57.99 -14.81 -14.03
CA ASP F 473 -58.87 -15.36 -12.97
C ASP F 473 -60.28 -14.90 -13.32
N LEU F 474 -61.20 -15.84 -13.52
CA LEU F 474 -62.64 -15.57 -13.78
C LEU F 474 -63.23 -14.92 -12.52
N GLY F 475 -62.70 -15.28 -11.34
CA GLY F 475 -63.17 -14.78 -10.03
C GLY F 475 -62.80 -13.33 -9.74
N SER F 476 -62.41 -12.56 -10.75
CA SER F 476 -62.18 -11.10 -10.71
C SER F 476 -63.14 -10.43 -11.67
N ASP F 477 -64.05 -9.60 -11.14
CA ASP F 477 -64.94 -8.71 -11.94
C ASP F 477 -64.04 -7.81 -12.81
N VAL F 478 -64.13 -7.97 -14.13
CA VAL F 478 -63.13 -7.38 -15.10
C VAL F 478 -63.44 -5.89 -15.24
N ARG F 479 -64.73 -5.54 -15.27
CA ARG F 479 -65.23 -4.13 -15.29
C ARG F 479 -64.68 -3.39 -14.06
N LEU F 480 -64.85 -3.90 -12.83
CA LEU F 480 -64.46 -3.22 -11.55
C LEU F 480 -62.93 -3.10 -11.48
N ALA F 481 -62.21 -4.18 -11.81
CA ALA F 481 -60.73 -4.25 -11.85
C ALA F 481 -60.17 -3.23 -12.86
N ARG F 482 -60.68 -3.24 -14.09
CA ARG F 482 -60.24 -2.38 -15.23
C ARG F 482 -60.50 -0.91 -14.89
N LYS F 483 -61.62 -0.61 -14.21
CA LYS F 483 -61.90 0.75 -13.69
C LYS F 483 -60.73 1.16 -12.78
N LEU F 484 -60.58 0.47 -11.65
CA LEU F 484 -59.59 0.82 -10.60
C LEU F 484 -58.20 0.93 -11.22
N GLU F 485 -57.95 0.20 -12.33
CA GLU F 485 -56.68 0.29 -13.12
C GLU F 485 -56.52 1.71 -13.69
N ILE F 486 -57.46 2.12 -14.55
CA ILE F 486 -57.39 3.44 -15.27
C ILE F 486 -57.44 4.58 -14.25
N ARG F 487 -58.06 4.37 -13.10
CA ARG F 487 -58.05 5.37 -11.99
C ARG F 487 -56.60 5.67 -11.62
N ARG F 488 -55.82 4.64 -11.31
CA ARG F 488 -54.39 4.78 -10.93
C ARG F 488 -53.61 5.42 -12.09
N GLU F 489 -53.84 4.93 -13.31
CA GLU F 489 -53.13 5.42 -14.54
C GLU F 489 -53.31 6.94 -14.63
N LEU F 490 -54.55 7.38 -14.45
CA LEU F 490 -54.98 8.80 -14.56
C LEU F 490 -54.35 9.62 -13.44
N GLU F 491 -54.42 9.14 -12.20
CA GLU F 491 -53.80 9.80 -11.01
C GLU F 491 -52.32 10.09 -11.33
N ALA F 492 -51.61 9.08 -11.83
CA ALA F 492 -50.17 9.15 -12.16
C ALA F 492 -49.91 10.20 -13.25
N ILE F 493 -50.69 10.18 -14.34
CA ILE F 493 -50.45 11.05 -15.53
C ILE F 493 -50.80 12.52 -15.16
N ASN F 494 -51.81 12.73 -14.32
CA ASN F 494 -52.20 14.08 -13.86
C ASN F 494 -51.03 14.63 -13.03
N ARG F 495 -50.36 13.80 -12.24
CA ARG F 495 -49.19 14.23 -11.43
C ARG F 495 -48.12 14.80 -12.39
N ASN F 496 -47.76 14.03 -13.42
CA ASN F 496 -46.73 14.44 -14.41
C ASN F 496 -47.16 15.75 -15.06
N ARG F 497 -48.43 15.81 -15.48
CA ARG F 497 -49.04 17.04 -16.04
C ARG F 497 -48.70 18.23 -15.12
N ASP F 498 -48.99 18.10 -13.82
CA ASP F 498 -48.79 19.15 -12.79
C ASP F 498 -47.32 19.58 -12.79
N ARG F 499 -46.39 18.61 -12.73
CA ARG F 499 -44.94 18.90 -12.60
C ARG F 499 -44.41 19.57 -13.89
N LEU F 500 -45.02 19.27 -15.04
CA LEU F 500 -44.65 19.83 -16.36
C LEU F 500 -45.12 21.29 -16.42
N HIS F 501 -46.36 21.55 -16.01
CA HIS F 501 -46.89 22.93 -15.81
C HIS F 501 -45.86 23.72 -14.99
N GLU F 502 -45.34 23.11 -13.90
CA GLU F 502 -44.39 23.76 -12.97
C GLU F 502 -43.10 24.15 -13.73
N GLU F 503 -42.63 23.26 -14.61
CA GLU F 503 -41.33 23.41 -15.34
C GLU F 503 -41.39 24.57 -16.34
N LEU F 504 -42.04 25.67 -16.01
CA LEU F 504 -42.20 26.85 -16.89
C LEU F 504 -41.27 27.98 -16.44
N ALA F 505 -40.15 28.16 -17.16
CA ALA F 505 -39.07 29.15 -16.94
C ALA F 505 -38.42 28.92 -15.57
N THR G 30 -34.86 -7.39 -70.00
CA THR G 30 -35.17 -7.98 -68.67
C THR G 30 -35.00 -9.51 -68.74
N SER G 31 -33.76 -9.99 -68.53
CA SER G 31 -33.37 -11.42 -68.36
C SER G 31 -32.27 -11.61 -67.28
N LYS G 32 -32.66 -11.78 -66.01
CA LYS G 32 -31.81 -12.21 -64.84
C LYS G 32 -32.66 -12.35 -63.55
N LEU G 33 -33.75 -11.58 -63.43
CA LEU G 33 -34.85 -11.69 -62.43
C LEU G 33 -35.99 -12.58 -63.00
N VAL G 34 -36.91 -13.03 -62.12
CA VAL G 34 -38.11 -13.81 -62.55
C VAL G 34 -39.33 -12.87 -62.60
N LYS G 35 -40.18 -13.03 -63.60
CA LYS G 35 -41.47 -12.28 -63.71
C LYS G 35 -42.40 -12.81 -62.61
N ALA G 36 -42.95 -11.90 -61.80
CA ALA G 36 -43.92 -12.19 -60.72
C ALA G 36 -45.24 -12.67 -61.32
N HIS G 37 -46.11 -13.27 -60.50
CA HIS G 37 -47.26 -14.09 -60.96
C HIS G 37 -48.39 -13.17 -61.46
N ARG G 38 -48.64 -12.05 -60.78
CA ARG G 38 -49.49 -10.93 -61.30
C ARG G 38 -48.61 -9.66 -61.41
N ALA G 39 -47.64 -9.73 -62.32
CA ALA G 39 -46.76 -8.62 -62.73
C ALA G 39 -47.58 -7.59 -63.49
N MET G 40 -47.34 -6.31 -63.23
CA MET G 40 -48.02 -5.18 -63.93
C MET G 40 -47.22 -4.80 -65.19
N LEU G 41 -45.93 -5.16 -65.25
CA LEU G 41 -45.05 -4.97 -66.43
C LEU G 41 -44.56 -6.33 -66.93
N ASN G 42 -44.36 -6.48 -68.26
CA ASN G 42 -43.75 -7.69 -68.88
C ASN G 42 -42.25 -7.46 -69.09
N SER G 43 -41.79 -6.21 -68.94
CA SER G 43 -40.35 -5.81 -68.97
C SER G 43 -40.18 -4.50 -68.21
N VAL G 44 -38.94 -4.04 -68.02
CA VAL G 44 -38.63 -2.73 -67.38
C VAL G 44 -37.78 -1.90 -68.33
N THR G 45 -38.32 -0.75 -68.75
CA THR G 45 -37.63 0.32 -69.51
C THR G 45 -37.20 1.43 -68.53
N GLN G 46 -36.34 2.35 -68.98
CA GLN G 46 -35.80 3.45 -68.16
C GLN G 46 -36.96 4.35 -67.66
N GLU G 47 -38.00 4.52 -68.48
CA GLU G 47 -39.21 5.33 -68.13
C GLU G 47 -39.89 4.68 -66.92
N ASP G 48 -40.01 3.35 -66.90
CA ASP G 48 -40.67 2.58 -65.80
C ASP G 48 -40.01 2.89 -64.46
N LEU G 49 -38.72 3.27 -64.46
CA LEU G 49 -37.92 3.54 -63.23
C LEU G 49 -38.13 4.98 -62.75
N LYS G 50 -38.77 5.85 -63.55
CA LYS G 50 -39.08 7.24 -63.11
C LYS G 50 -39.91 7.19 -61.83
N VAL G 51 -39.44 7.85 -60.76
CA VAL G 51 -40.10 7.84 -59.42
C VAL G 51 -41.06 9.02 -59.37
N ASP G 52 -42.37 8.76 -59.22
CA ASP G 52 -43.40 9.86 -59.29
C ASP G 52 -43.14 10.79 -58.05
N ARG G 53 -43.06 12.06 -58.41
CA ARG G 53 -42.86 13.23 -57.52
C ARG G 53 -44.17 14.03 -57.47
N LEU G 54 -44.80 14.08 -56.28
CA LEU G 54 -45.96 14.95 -55.97
C LEU G 54 -45.62 16.37 -56.40
N PRO G 55 -46.50 17.02 -57.20
CA PRO G 55 -46.13 18.29 -57.83
C PRO G 55 -45.83 19.34 -56.76
N GLY G 56 -44.78 20.15 -56.99
CA GLY G 56 -44.34 21.23 -56.10
C GLY G 56 -43.14 20.80 -55.27
N ALA G 57 -42.30 21.75 -54.90
CA ALA G 57 -41.08 21.57 -54.08
C ALA G 57 -40.73 22.92 -53.46
N ASP G 58 -41.65 23.46 -52.68
CA ASP G 58 -41.75 24.90 -52.32
C ASP G 58 -40.92 25.18 -51.05
N TYR G 59 -41.00 24.32 -50.02
CA TYR G 59 -40.50 24.59 -48.65
C TYR G 59 -39.07 24.08 -48.52
N PRO G 60 -38.19 24.76 -47.73
CA PRO G 60 -36.80 24.34 -47.57
C PRO G 60 -36.71 23.26 -46.51
N ASN G 61 -35.80 22.29 -46.68
CA ASN G 61 -35.56 21.22 -45.66
C ASN G 61 -35.09 21.88 -44.37
N PRO G 62 -35.85 21.76 -43.25
CA PRO G 62 -35.46 22.43 -42.01
C PRO G 62 -34.34 21.65 -41.30
N SER G 63 -33.19 21.49 -41.95
CA SER G 63 -32.15 20.47 -41.65
C SER G 63 -30.78 20.95 -42.14
N LYS G 75 -31.39 18.63 -57.09
CA LYS G 75 -31.02 17.76 -58.24
C LYS G 75 -30.99 16.30 -57.77
N THR G 76 -31.71 15.40 -58.47
CA THR G 76 -31.72 13.95 -58.18
C THR G 76 -30.51 13.30 -58.87
N ASP G 77 -29.84 12.38 -58.19
CA ASP G 77 -28.63 11.66 -58.68
C ASP G 77 -29.02 10.20 -58.97
N TYR G 78 -28.25 9.54 -59.82
CA TYR G 78 -28.50 8.15 -60.28
C TYR G 78 -27.30 7.25 -59.94
N ILE G 79 -27.56 5.94 -59.97
CA ILE G 79 -26.57 4.83 -59.93
C ILE G 79 -26.99 3.84 -61.04
N MET G 80 -26.08 3.12 -61.68
CA MET G 80 -26.44 2.11 -62.71
C MET G 80 -27.15 0.94 -62.03
N TYR G 81 -28.09 0.31 -62.74
CA TYR G 81 -28.67 -0.99 -62.31
C TYR G 81 -27.50 -1.97 -62.24
N ASN G 82 -26.90 -2.28 -63.40
CA ASN G 82 -25.74 -3.21 -63.56
C ASN G 82 -24.47 -2.39 -63.69
N PRO G 83 -23.49 -2.54 -62.76
CA PRO G 83 -22.21 -1.85 -62.85
C PRO G 83 -21.16 -2.62 -63.67
N ARG G 84 -21.57 -3.66 -64.40
CA ARG G 84 -20.64 -4.48 -65.24
C ARG G 84 -20.49 -3.81 -66.60
N PRO G 85 -19.25 -3.73 -67.13
CA PRO G 85 -18.99 -3.12 -68.44
C PRO G 85 -19.41 -4.02 -69.61
N ARG G 86 -19.83 -3.40 -70.71
CA ARG G 86 -20.22 -4.10 -71.96
C ARG G 86 -18.96 -4.61 -72.66
N ASP G 87 -17.93 -3.77 -72.75
CA ASP G 87 -16.65 -4.01 -73.45
C ASP G 87 -15.52 -4.30 -72.44
N GLU G 88 -14.29 -4.46 -72.96
CA GLU G 88 -13.01 -4.54 -72.21
C GLU G 88 -12.63 -3.16 -71.70
N PRO G 89 -11.67 -3.04 -70.74
CA PRO G 89 -11.09 -1.74 -70.36
C PRO G 89 -10.36 -1.04 -71.52
N SER G 90 -11.06 -0.22 -72.31
CA SER G 90 -10.50 0.55 -73.46
C SER G 90 -10.19 1.99 -73.02
N SER G 91 -10.01 2.93 -73.97
CA SER G 91 -9.55 4.32 -73.76
C SER G 91 -10.50 5.07 -72.79
N GLU G 92 -11.80 5.10 -73.09
CA GLU G 92 -12.82 5.91 -72.33
C GLU G 92 -13.32 5.09 -71.13
N ASN G 93 -14.03 5.73 -70.18
CA ASN G 93 -14.64 5.06 -68.99
C ASN G 93 -15.61 3.99 -69.46
N PRO G 94 -15.89 2.96 -68.63
CA PRO G 94 -16.70 1.81 -69.04
C PRO G 94 -18.21 2.09 -69.11
N VAL G 95 -18.95 1.25 -69.85
CA VAL G 95 -20.40 1.44 -70.19
C VAL G 95 -21.20 0.24 -69.69
N SER G 96 -22.28 0.52 -68.95
CA SER G 96 -23.15 -0.52 -68.34
C SER G 96 -23.64 -1.49 -69.42
N VAL G 97 -23.71 -2.78 -69.08
CA VAL G 97 -24.37 -3.82 -69.92
C VAL G 97 -25.86 -3.46 -70.05
N SER G 98 -26.50 -3.06 -68.93
CA SER G 98 -27.94 -2.70 -68.88
C SER G 98 -28.09 -1.20 -69.10
N PRO G 99 -29.14 -0.76 -69.85
CA PRO G 99 -29.38 0.67 -70.04
C PRO G 99 -30.00 1.33 -68.80
N LEU G 100 -30.37 0.53 -67.79
CA LEU G 100 -31.17 1.01 -66.63
C LEU G 100 -30.31 1.84 -65.67
N LEU G 101 -30.84 3.01 -65.29
CA LEU G 101 -30.34 3.91 -64.21
C LEU G 101 -31.40 4.03 -63.10
N CYS G 102 -30.98 3.89 -61.83
CA CYS G 102 -31.83 3.95 -60.61
C CYS G 102 -31.63 5.29 -59.88
N GLU G 103 -32.72 5.89 -59.40
CA GLU G 103 -32.71 7.15 -58.60
C GLU G 103 -32.17 6.84 -57.19
N LEU G 104 -31.07 7.49 -56.82
CA LEU G 104 -30.50 7.46 -55.44
C LEU G 104 -31.43 8.22 -54.49
N ALA G 105 -31.61 7.70 -53.27
CA ALA G 105 -32.45 8.30 -52.20
C ALA G 105 -31.56 9.09 -51.24
N ALA G 106 -31.90 10.34 -50.96
CA ALA G 106 -31.19 11.19 -49.98
C ALA G 106 -32.01 12.45 -49.66
N ALA G 107 -31.78 13.04 -48.49
CA ALA G 107 -32.45 14.27 -48.01
C ALA G 107 -32.28 15.37 -49.07
N ARG G 108 -33.37 16.02 -49.44
CA ARG G 108 -33.40 16.98 -50.57
C ARG G 108 -33.30 18.41 -50.01
N SER G 109 -32.59 19.30 -50.72
CA SER G 109 -32.48 20.75 -50.38
C SER G 109 -33.89 21.35 -50.27
N ARG G 110 -34.73 21.07 -51.27
CA ARG G 110 -36.14 21.53 -51.33
C ARG G 110 -37.05 20.33 -51.08
N ILE G 111 -38.01 20.50 -50.16
CA ILE G 111 -39.07 19.49 -49.84
C ILE G 111 -40.41 20.02 -50.35
N HIS G 112 -41.36 19.12 -50.61
CA HIS G 112 -42.68 19.42 -51.23
C HIS G 112 -43.70 19.78 -50.14
N PHE G 113 -43.76 18.96 -49.08
CA PHE G 113 -44.70 19.13 -47.94
C PHE G 113 -44.15 20.16 -46.95
N ASN G 114 -45.07 20.83 -46.25
CA ASN G 114 -44.72 21.86 -45.23
C ASN G 114 -44.60 21.18 -43.87
N PRO G 115 -43.37 21.12 -43.32
CA PRO G 115 -43.08 20.34 -42.10
C PRO G 115 -44.14 20.49 -40.99
N THR G 116 -44.24 21.66 -40.36
CA THR G 116 -45.07 21.86 -39.13
C THR G 116 -46.57 21.73 -39.48
N GLU G 117 -46.91 21.49 -40.75
CA GLU G 117 -48.31 21.36 -41.23
C GLU G 117 -48.60 19.92 -41.68
N THR G 118 -47.60 19.03 -41.66
CA THR G 118 -47.72 17.64 -42.16
C THR G 118 -48.05 16.66 -41.03
N THR G 119 -48.83 15.65 -41.38
CA THR G 119 -49.21 14.50 -40.52
C THR G 119 -48.68 13.23 -41.20
N ILE G 120 -47.92 12.39 -40.50
CA ILE G 120 -47.36 11.13 -41.08
C ILE G 120 -48.18 9.95 -40.57
N GLY G 121 -48.52 9.02 -41.46
CA GLY G 121 -49.22 7.76 -41.13
C GLY G 121 -48.32 6.55 -41.34
N ILE G 122 -48.39 5.56 -40.44
CA ILE G 122 -47.63 4.29 -40.57
C ILE G 122 -48.64 3.13 -40.44
N VAL G 123 -48.43 2.07 -41.21
CA VAL G 123 -49.22 0.81 -41.07
C VAL G 123 -48.31 -0.39 -41.41
N THR G 124 -48.25 -1.36 -40.50
CA THR G 124 -47.50 -2.62 -40.67
C THR G 124 -48.48 -3.70 -41.06
N CYS G 125 -48.24 -4.38 -42.18
CA CYS G 125 -49.12 -5.44 -42.74
C CYS G 125 -48.37 -6.78 -42.80
N GLY G 126 -49.14 -7.88 -42.85
CA GLY G 126 -48.67 -9.24 -43.11
C GLY G 126 -48.14 -9.94 -41.86
N GLY G 127 -47.28 -10.94 -42.07
CA GLY G 127 -46.56 -11.63 -40.97
C GLY G 127 -45.55 -10.69 -40.35
N ILE G 128 -45.15 -10.95 -39.11
CA ILE G 128 -44.12 -10.10 -38.44
C ILE G 128 -42.75 -10.46 -39.00
N CYS G 129 -41.73 -9.75 -38.53
CA CYS G 129 -40.38 -9.71 -39.13
C CYS G 129 -39.46 -8.95 -38.17
N PRO G 130 -38.21 -9.40 -38.00
CA PRO G 130 -37.28 -8.69 -37.14
C PRO G 130 -37.14 -7.22 -37.57
N GLY G 131 -37.32 -6.32 -36.59
CA GLY G 131 -37.04 -4.87 -36.68
C GLY G 131 -38.22 -4.09 -37.19
N LEU G 132 -39.44 -4.62 -37.02
CA LEU G 132 -40.65 -3.93 -37.50
C LEU G 132 -40.78 -2.64 -36.68
N ASN G 133 -40.64 -2.78 -35.35
CA ASN G 133 -40.66 -1.65 -34.39
C ASN G 133 -39.52 -0.67 -34.72
N ASP G 134 -38.37 -1.15 -35.19
CA ASP G 134 -37.22 -0.28 -35.52
C ASP G 134 -37.62 0.67 -36.66
N VAL G 135 -38.33 0.15 -37.66
CA VAL G 135 -38.82 0.99 -38.79
C VAL G 135 -39.85 1.97 -38.22
N ILE G 136 -40.85 1.48 -37.47
CA ILE G 136 -41.88 2.37 -36.84
C ILE G 136 -41.15 3.51 -36.12
N ARG G 137 -40.25 3.19 -35.19
CA ARG G 137 -39.50 4.16 -34.36
C ARG G 137 -38.78 5.18 -35.24
N SER G 138 -37.93 4.74 -36.17
CA SER G 138 -37.09 5.69 -36.97
C SER G 138 -37.96 6.61 -37.82
N ILE G 139 -39.11 6.13 -38.34
CA ILE G 139 -40.03 6.98 -39.16
C ILE G 139 -40.60 8.08 -38.25
N THR G 140 -41.28 7.66 -37.18
CA THR G 140 -41.77 8.52 -36.08
C THR G 140 -40.73 9.59 -35.77
N LEU G 141 -39.57 9.20 -35.26
CA LEU G 141 -38.57 10.14 -34.69
C LEU G 141 -37.89 10.96 -35.77
N THR G 142 -37.82 10.50 -37.03
CA THR G 142 -37.24 11.33 -38.12
C THR G 142 -38.24 12.46 -38.41
N GLY G 143 -39.52 12.10 -38.59
CA GLY G 143 -40.63 13.07 -38.77
C GLY G 143 -40.67 14.11 -37.66
N ILE G 144 -40.67 13.66 -36.39
CA ILE G 144 -40.71 14.54 -35.20
C ILE G 144 -39.39 15.31 -35.10
N ASN G 145 -38.28 14.64 -34.82
CA ASN G 145 -37.01 15.30 -34.39
C ASN G 145 -36.30 16.03 -35.55
N VAL G 146 -36.42 15.60 -36.81
CA VAL G 146 -35.61 16.17 -37.92
C VAL G 146 -36.45 17.15 -38.76
N TYR G 147 -37.70 16.80 -39.07
CA TYR G 147 -38.60 17.62 -39.92
C TYR G 147 -39.59 18.38 -39.04
N ASN G 148 -39.79 17.94 -37.79
CA ASN G 148 -40.65 18.63 -36.80
C ASN G 148 -42.09 18.65 -37.33
N VAL G 149 -42.58 17.51 -37.81
CA VAL G 149 -43.96 17.37 -38.38
C VAL G 149 -44.98 17.60 -37.26
N LYS G 150 -46.22 17.91 -37.64
CA LYS G 150 -47.31 18.27 -36.69
C LYS G 150 -47.63 17.05 -35.83
N ARG G 151 -47.78 15.87 -36.43
CA ARG G 151 -48.14 14.64 -35.67
C ARG G 151 -47.92 13.38 -36.53
N VAL G 152 -47.85 12.22 -35.85
CA VAL G 152 -47.59 10.88 -36.45
C VAL G 152 -48.64 9.90 -35.91
N ILE G 153 -49.38 9.27 -36.83
CA ILE G 153 -50.50 8.33 -36.56
C ILE G 153 -50.05 6.92 -36.93
N GLY G 154 -50.24 5.99 -36.01
CA GLY G 154 -49.97 4.55 -36.23
C GLY G 154 -51.27 3.78 -36.33
N PHE G 155 -51.58 3.27 -37.53
CA PHE G 155 -52.84 2.52 -37.79
C PHE G 155 -52.67 1.05 -37.35
N ARG G 156 -53.59 0.59 -36.52
CA ARG G 156 -53.53 -0.71 -35.81
C ARG G 156 -53.87 -1.85 -36.76
N PHE G 157 -53.16 -2.97 -36.66
CA PHE G 157 -53.49 -4.24 -37.34
C PHE G 157 -53.67 -4.02 -38.84
N GLY G 158 -52.63 -3.51 -39.49
CA GLY G 158 -52.55 -3.46 -40.96
C GLY G 158 -53.67 -2.62 -41.53
N TYR G 159 -54.07 -2.88 -42.77
CA TYR G 159 -55.00 -2.03 -43.53
C TYR G 159 -56.36 -1.93 -42.83
N TRP G 160 -56.74 -2.94 -42.03
CA TRP G 160 -57.98 -2.95 -41.20
C TRP G 160 -58.05 -1.71 -40.31
N GLY G 161 -56.93 -1.12 -39.93
CA GLY G 161 -56.84 0.06 -39.04
C GLY G 161 -57.04 1.36 -39.79
N LEU G 162 -57.26 1.31 -41.11
CA LEU G 162 -57.68 2.46 -41.97
C LEU G 162 -59.13 2.31 -42.41
N SER G 163 -59.70 1.09 -42.34
CA SER G 163 -61.15 0.83 -42.58
C SER G 163 -61.95 1.71 -41.63
N LYS G 164 -63.12 2.20 -42.04
CA LYS G 164 -64.01 3.02 -41.18
C LYS G 164 -64.17 2.33 -39.82
N LYS G 165 -64.37 1.00 -39.85
CA LYS G 165 -64.68 0.14 -38.66
C LYS G 165 -63.44 -0.06 -37.74
N GLY G 166 -62.21 0.21 -38.19
CA GLY G 166 -61.01 0.06 -37.33
C GLY G 166 -60.13 1.31 -37.28
N SER G 167 -60.53 2.39 -37.96
CA SER G 167 -59.87 3.71 -37.88
C SER G 167 -60.02 4.24 -36.45
N GLN G 168 -61.00 3.72 -35.72
CA GLN G 168 -61.27 4.04 -34.29
C GLN G 168 -60.07 3.60 -33.43
N THR G 169 -59.28 2.64 -33.89
CA THR G 169 -58.25 1.96 -33.07
C THR G 169 -56.88 2.62 -33.23
N ALA G 170 -56.68 3.48 -34.23
CA ALA G 170 -55.38 4.13 -34.53
C ALA G 170 -54.84 4.83 -33.28
N ILE G 171 -53.54 5.12 -33.22
CA ILE G 171 -52.83 5.65 -32.01
C ILE G 171 -51.85 6.76 -32.40
N GLU G 172 -51.54 7.64 -31.44
CA GLU G 172 -50.55 8.73 -31.59
C GLU G 172 -49.16 8.17 -31.30
N LEU G 173 -48.21 8.44 -32.19
CA LEU G 173 -46.79 8.04 -32.04
C LEU G 173 -45.97 9.27 -31.66
N HIS G 174 -45.98 9.63 -30.36
CA HIS G 174 -45.06 10.61 -29.75
C HIS G 174 -43.76 9.89 -29.38
N ARG G 175 -42.67 10.64 -29.21
CA ARG G 175 -41.38 10.09 -28.75
C ARG G 175 -41.64 9.08 -27.63
N GLY G 176 -42.33 9.49 -26.56
CA GLY G 176 -42.57 8.67 -25.35
C GLY G 176 -43.09 7.27 -25.66
N ARG G 177 -43.79 7.09 -26.78
CA ARG G 177 -44.50 5.82 -27.11
C ARG G 177 -43.58 4.86 -27.86
N VAL G 178 -42.53 5.38 -28.51
CA VAL G 178 -41.62 4.59 -29.39
C VAL G 178 -40.22 4.51 -28.76
N THR G 179 -40.08 4.99 -27.52
CA THR G 179 -38.76 5.20 -26.87
C THR G 179 -37.93 3.92 -26.99
N ASN G 180 -38.50 2.77 -26.59
CA ASN G 180 -37.73 1.50 -26.48
C ASN G 180 -38.41 0.37 -27.25
N ILE G 181 -39.36 0.67 -28.14
CA ILE G 181 -40.06 -0.38 -28.94
C ILE G 181 -39.06 -1.17 -29.80
N HIS G 182 -37.93 -0.56 -30.21
CA HIS G 182 -36.94 -1.19 -31.11
C HIS G 182 -36.27 -2.39 -30.42
N HIS G 183 -36.29 -2.43 -29.09
CA HIS G 183 -35.72 -3.53 -28.27
C HIS G 183 -36.61 -4.78 -28.36
N TYR G 184 -37.64 -4.78 -29.20
CA TYR G 184 -38.64 -5.88 -29.20
C TYR G 184 -39.07 -6.22 -30.63
N GLY G 185 -39.62 -7.42 -30.74
CA GLY G 185 -39.97 -8.04 -32.02
C GLY G 185 -41.45 -7.95 -32.25
N GLY G 186 -41.88 -8.19 -33.49
CA GLY G 186 -43.26 -7.87 -33.90
C GLY G 186 -43.45 -6.37 -33.98
N THR G 187 -44.68 -5.89 -33.82
CA THR G 187 -45.11 -4.51 -34.13
C THR G 187 -46.10 -3.98 -33.09
N ILE G 188 -45.81 -2.82 -32.47
CA ILE G 188 -46.71 -2.17 -31.48
C ILE G 188 -48.03 -1.77 -32.16
N LEU G 189 -47.98 -1.39 -33.44
CA LEU G 189 -49.18 -1.09 -34.26
C LEU G 189 -50.00 -2.36 -34.45
N GLY G 190 -49.35 -3.53 -34.41
CA GLY G 190 -49.98 -4.79 -34.84
C GLY G 190 -50.16 -4.83 -36.34
N SER G 191 -50.46 -6.01 -36.87
CA SER G 191 -50.52 -6.31 -38.32
C SER G 191 -51.75 -7.18 -38.63
N SER G 192 -52.06 -7.32 -39.92
CA SER G 192 -53.11 -8.22 -40.44
C SER G 192 -52.90 -8.40 -41.95
N ARG G 193 -53.26 -9.57 -42.44
CA ARG G 193 -53.12 -9.97 -43.86
C ARG G 193 -54.36 -9.50 -44.60
N GLY G 194 -54.29 -9.46 -45.92
CA GLY G 194 -55.46 -9.25 -46.79
C GLY G 194 -55.79 -7.77 -46.95
N PRO G 195 -56.76 -7.44 -47.83
CA PRO G 195 -56.96 -6.08 -48.29
C PRO G 195 -58.10 -5.39 -47.55
N GLN G 196 -58.29 -4.11 -47.83
CA GLN G 196 -59.50 -3.33 -47.41
C GLN G 196 -59.98 -2.53 -48.62
N ASP G 197 -61.10 -1.82 -48.46
CA ASP G 197 -61.67 -0.93 -49.50
C ASP G 197 -60.75 0.29 -49.64
N PRO G 198 -60.12 0.51 -50.83
CA PRO G 198 -59.29 1.69 -51.06
C PRO G 198 -59.98 3.00 -50.71
N LYS G 199 -61.27 3.12 -51.10
CA LYS G 199 -62.09 4.33 -50.81
C LYS G 199 -62.13 4.55 -49.30
N GLU G 200 -62.54 3.54 -48.51
CA GLU G 200 -62.63 3.63 -47.03
C GLU G 200 -61.31 4.20 -46.47
N MET G 201 -60.18 3.67 -46.94
CA MET G 201 -58.84 4.00 -46.40
C MET G 201 -58.48 5.46 -46.76
N VAL G 202 -58.67 5.88 -48.02
CA VAL G 202 -58.39 7.29 -48.44
C VAL G 202 -59.32 8.24 -47.65
N ASP G 203 -60.56 7.82 -47.39
CA ASP G 203 -61.55 8.54 -46.54
C ASP G 203 -60.90 8.81 -45.18
N THR G 204 -60.37 7.77 -44.53
CA THR G 204 -59.73 7.87 -43.19
C THR G 204 -58.49 8.78 -43.27
N LEU G 205 -57.71 8.69 -44.36
CA LEU G 205 -56.46 9.49 -44.54
C LEU G 205 -56.83 10.98 -44.59
N GLU G 206 -57.81 11.34 -45.43
CA GLU G 206 -58.31 12.73 -45.56
C GLU G 206 -58.82 13.19 -44.20
N ARG G 207 -59.70 12.41 -43.56
CA ARG G 207 -60.36 12.78 -42.27
C ARG G 207 -59.29 13.05 -41.20
N LEU G 208 -58.17 12.33 -41.21
CA LEU G 208 -57.10 12.47 -40.17
C LEU G 208 -55.98 13.41 -40.66
N GLY G 209 -56.11 13.93 -41.88
CA GLY G 209 -55.18 14.92 -42.45
C GLY G 209 -53.80 14.34 -42.66
N VAL G 210 -53.75 13.04 -42.97
CA VAL G 210 -52.50 12.27 -43.23
C VAL G 210 -51.93 12.69 -44.59
N ASN G 211 -50.78 13.36 -44.58
CA ASN G 211 -50.11 13.90 -45.79
C ASN G 211 -49.22 12.81 -46.40
N ILE G 212 -48.65 11.93 -45.56
CA ILE G 212 -47.73 10.83 -45.99
C ILE G 212 -48.15 9.53 -45.27
N LEU G 213 -48.42 8.47 -46.04
CA LEU G 213 -48.77 7.12 -45.54
C LEU G 213 -47.64 6.14 -45.91
N PHE G 214 -46.93 5.63 -44.89
CA PHE G 214 -45.83 4.64 -45.00
C PHE G 214 -46.38 3.23 -44.85
N THR G 215 -46.34 2.46 -45.94
CA THR G 215 -46.84 1.06 -46.02
C THR G 215 -45.67 0.11 -45.75
N VAL G 216 -45.61 -0.48 -44.55
CA VAL G 216 -44.60 -1.49 -44.17
C VAL G 216 -45.22 -2.87 -44.38
N GLY G 217 -44.90 -3.52 -45.51
CA GLY G 217 -45.38 -4.88 -45.83
C GLY G 217 -44.69 -5.46 -47.06
N GLY G 218 -45.18 -6.62 -47.51
CA GLY G 218 -44.62 -7.36 -48.67
C GLY G 218 -45.21 -6.88 -49.97
N ASP G 219 -45.02 -7.66 -51.04
CA ASP G 219 -45.56 -7.44 -52.42
C ASP G 219 -47.02 -6.97 -52.31
N GLY G 220 -47.90 -7.82 -51.77
CA GLY G 220 -49.36 -7.53 -51.69
C GLY G 220 -49.65 -6.15 -51.10
N THR G 221 -49.00 -5.83 -49.98
CA THR G 221 -49.15 -4.54 -49.25
C THR G 221 -48.86 -3.39 -50.22
N GLN G 222 -47.71 -3.43 -50.88
CA GLN G 222 -47.25 -2.31 -51.76
C GLN G 222 -48.17 -2.21 -52.98
N ARG G 223 -48.73 -3.32 -53.48
CA ARG G 223 -49.70 -3.30 -54.60
C ARG G 223 -51.00 -2.61 -54.13
N GLY G 224 -51.43 -2.89 -52.89
CA GLY G 224 -52.52 -2.16 -52.22
C GLY G 224 -52.21 -0.67 -52.11
N ALA G 225 -50.96 -0.34 -51.74
CA ALA G 225 -50.46 1.04 -51.55
C ALA G 225 -50.53 1.82 -52.88
N LEU G 226 -50.26 1.15 -54.00
CA LEU G 226 -50.39 1.77 -55.35
C LEU G 226 -51.88 2.05 -55.62
N VAL G 227 -52.79 1.14 -55.21
CA VAL G 227 -54.26 1.32 -55.36
C VAL G 227 -54.69 2.57 -54.59
N ILE G 228 -54.24 2.71 -53.33
CA ILE G 228 -54.52 3.90 -52.48
C ILE G 228 -53.96 5.15 -53.16
N SER G 229 -52.74 5.08 -53.71
CA SER G 229 -52.06 6.20 -54.42
C SER G 229 -52.94 6.71 -55.58
N GLN G 230 -53.42 5.78 -56.41
CA GLN G 230 -54.21 6.08 -57.64
C GLN G 230 -55.63 6.54 -57.27
N GLU G 231 -56.14 6.12 -56.11
CA GLU G 231 -57.47 6.53 -55.56
C GLU G 231 -57.36 7.98 -55.05
N ALA G 232 -56.35 8.27 -54.23
CA ALA G 232 -56.06 9.61 -53.65
C ALA G 232 -55.73 10.60 -54.77
N LYS G 233 -55.15 10.15 -55.88
CA LYS G 233 -54.89 11.03 -57.06
C LYS G 233 -56.17 11.16 -57.91
N ARG G 234 -57.06 10.15 -57.89
CA ARG G 234 -58.40 10.24 -58.55
C ARG G 234 -59.22 11.35 -57.87
N ARG G 235 -59.03 11.55 -56.56
CA ARG G 235 -59.71 12.62 -55.77
C ARG G 235 -58.92 13.92 -55.77
N GLY G 236 -57.67 13.90 -56.24
CA GLY G 236 -56.76 15.08 -56.27
C GLY G 236 -56.31 15.49 -54.88
N VAL G 237 -56.22 14.52 -53.96
CA VAL G 237 -55.80 14.73 -52.54
C VAL G 237 -54.27 14.59 -52.44
N ASP G 238 -53.62 15.62 -51.87
CA ASP G 238 -52.14 15.72 -51.70
C ASP G 238 -51.72 14.74 -50.61
N ILE G 239 -51.59 13.46 -50.95
CA ILE G 239 -51.06 12.37 -50.07
C ILE G 239 -49.91 11.68 -50.81
N SER G 240 -48.82 11.40 -50.09
CA SER G 240 -47.66 10.59 -50.57
C SER G 240 -47.75 9.20 -49.94
N VAL G 241 -47.93 8.17 -50.76
CA VAL G 241 -47.90 6.74 -50.33
C VAL G 241 -46.49 6.18 -50.62
N PHE G 242 -45.78 5.75 -49.57
CA PHE G 242 -44.36 5.35 -49.64
C PHE G 242 -44.18 3.98 -48.94
N GLY G 243 -43.58 3.04 -49.65
CA GLY G 243 -43.42 1.64 -49.20
C GLY G 243 -42.08 1.37 -48.53
N VAL G 244 -42.10 0.71 -47.38
CA VAL G 244 -40.88 0.14 -46.74
C VAL G 244 -40.97 -1.38 -46.87
N PRO G 245 -40.21 -1.97 -47.81
CA PRO G 245 -40.32 -3.39 -48.13
C PRO G 245 -40.02 -4.32 -46.96
N LYS G 246 -41.06 -5.00 -46.45
CA LYS G 246 -40.96 -6.05 -45.42
C LYS G 246 -40.98 -7.42 -46.09
N THR G 247 -39.81 -7.99 -46.37
CA THR G 247 -39.66 -9.42 -46.74
C THR G 247 -38.41 -9.98 -46.05
N ILE G 248 -38.59 -11.06 -45.32
CA ILE G 248 -37.51 -11.77 -44.60
C ILE G 248 -36.76 -12.63 -45.62
N ASP G 249 -37.45 -13.11 -46.65
CA ASP G 249 -36.92 -14.03 -47.70
C ASP G 249 -35.87 -13.29 -48.54
N ASN G 250 -35.87 -11.96 -48.52
CA ASN G 250 -34.93 -11.08 -49.26
C ASN G 250 -35.02 -11.33 -50.76
N ASP G 251 -36.21 -11.67 -51.25
CA ASP G 251 -36.47 -11.97 -52.69
C ASP G 251 -36.93 -10.69 -53.41
N LEU G 252 -36.68 -9.50 -52.85
CA LEU G 252 -37.09 -8.22 -53.46
C LEU G 252 -36.16 -7.89 -54.63
N SER G 253 -36.72 -7.66 -55.82
CA SER G 253 -36.03 -7.16 -57.03
C SER G 253 -35.53 -5.74 -56.77
N PHE G 254 -34.47 -5.34 -57.49
CA PHE G 254 -33.75 -4.06 -57.33
C PHE G 254 -33.29 -3.90 -55.87
N SER G 255 -32.96 -5.02 -55.22
CA SER G 255 -32.57 -5.09 -53.78
C SER G 255 -31.59 -6.26 -53.61
N HIS G 256 -30.49 -6.02 -52.91
CA HIS G 256 -29.56 -7.07 -52.44
C HIS G 256 -29.88 -7.44 -50.99
N ARG G 257 -30.50 -6.53 -50.25
CA ARG G 257 -30.86 -6.73 -48.83
C ARG G 257 -32.19 -6.06 -48.50
N THR G 258 -33.00 -6.76 -47.70
CA THR G 258 -34.21 -6.21 -47.05
C THR G 258 -34.02 -6.35 -45.54
N PHE G 259 -34.66 -5.47 -44.78
CA PHE G 259 -34.50 -5.41 -43.32
C PHE G 259 -35.08 -6.71 -42.77
N GLY G 260 -34.39 -7.29 -41.80
CA GLY G 260 -34.80 -8.52 -41.11
C GLY G 260 -34.04 -9.73 -41.61
N PHE G 261 -33.48 -9.68 -42.82
CA PHE G 261 -32.85 -10.87 -43.48
C PHE G 261 -31.69 -11.38 -42.62
N GLN G 262 -30.67 -10.54 -42.40
CA GLN G 262 -29.47 -10.94 -41.63
C GLN G 262 -29.89 -11.60 -40.31
N THR G 263 -30.78 -10.97 -39.55
CA THR G 263 -31.27 -11.51 -38.25
C THR G 263 -31.87 -12.90 -38.48
N ALA G 264 -32.66 -13.04 -39.55
CA ALA G 264 -33.34 -14.31 -39.89
C ALA G 264 -32.29 -15.41 -40.07
N VAL G 265 -31.26 -15.17 -40.89
CA VAL G 265 -30.11 -16.09 -41.09
C VAL G 265 -29.59 -16.49 -39.71
N GLU G 266 -29.13 -15.51 -38.92
CA GLU G 266 -28.54 -15.75 -37.58
C GLU G 266 -29.41 -16.76 -36.81
N LYS G 267 -30.72 -16.57 -36.84
CA LYS G 267 -31.68 -17.37 -36.04
C LYS G 267 -31.78 -18.77 -36.65
N ALA G 268 -31.97 -18.83 -37.96
CA ALA G 268 -32.01 -20.08 -38.75
C ALA G 268 -30.83 -20.97 -38.31
N VAL G 269 -29.62 -20.40 -38.35
CA VAL G 269 -28.36 -21.12 -38.01
C VAL G 269 -28.49 -21.71 -36.60
N GLN G 270 -29.03 -20.95 -35.64
CA GLN G 270 -29.18 -21.46 -34.25
C GLN G 270 -30.18 -22.61 -34.21
N ALA G 271 -31.17 -22.61 -35.09
CA ALA G 271 -32.18 -23.68 -35.16
C ALA G 271 -31.54 -24.94 -35.75
N ILE G 272 -30.75 -24.78 -36.81
CA ILE G 272 -29.96 -25.88 -37.43
C ILE G 272 -29.06 -26.50 -36.36
N ARG G 273 -28.36 -25.71 -35.54
CA ARG G 273 -27.45 -26.24 -34.48
C ARG G 273 -28.21 -27.16 -33.52
N ALA G 274 -29.48 -26.87 -33.22
CA ALA G 274 -30.30 -27.72 -32.31
C ALA G 274 -30.81 -28.96 -33.06
N ALA G 275 -31.17 -28.78 -34.33
CA ALA G 275 -31.61 -29.87 -35.22
C ALA G 275 -30.50 -30.92 -35.30
N TYR G 276 -29.28 -30.43 -35.54
CA TYR G 276 -28.03 -31.21 -35.67
C TYR G 276 -27.77 -31.98 -34.38
N ALA G 277 -27.72 -31.31 -33.22
CA ALA G 277 -27.45 -31.99 -31.93
C ALA G 277 -28.54 -33.04 -31.66
N GLU G 278 -29.79 -32.78 -32.06
CA GLU G 278 -30.91 -33.72 -31.86
C GLU G 278 -30.72 -34.96 -32.75
N ALA G 279 -30.28 -34.74 -34.00
CA ALA G 279 -30.09 -35.80 -35.02
C ALA G 279 -28.86 -36.65 -34.69
N VAL G 280 -27.74 -36.01 -34.35
CA VAL G 280 -26.44 -36.68 -34.04
C VAL G 280 -26.62 -37.63 -32.87
N SER G 281 -27.45 -37.29 -31.90
CA SER G 281 -27.58 -38.06 -30.64
C SER G 281 -28.29 -39.39 -30.89
N ALA G 282 -28.83 -39.59 -32.09
CA ALA G 282 -29.59 -40.80 -32.49
C ALA G 282 -28.83 -41.62 -33.53
N ASN G 283 -28.94 -42.94 -33.47
CA ASN G 283 -28.46 -43.87 -34.51
C ASN G 283 -29.43 -43.76 -35.70
N TYR G 284 -28.90 -43.59 -36.92
CA TYR G 284 -29.66 -43.23 -38.14
C TYR G 284 -30.72 -42.20 -37.75
N GLY G 285 -30.25 -41.01 -37.34
CA GLY G 285 -31.08 -39.87 -36.94
C GLY G 285 -31.19 -38.85 -38.06
N VAL G 286 -32.41 -38.46 -38.40
CA VAL G 286 -32.71 -37.37 -39.38
C VAL G 286 -33.29 -36.19 -38.63
N GLY G 287 -32.78 -34.99 -38.90
CA GLY G 287 -33.40 -33.72 -38.51
C GLY G 287 -33.91 -32.99 -39.75
N VAL G 288 -35.23 -32.80 -39.86
CA VAL G 288 -35.86 -31.91 -40.87
C VAL G 288 -36.09 -30.57 -40.20
N VAL G 289 -35.64 -29.48 -40.81
CA VAL G 289 -35.83 -28.10 -40.28
C VAL G 289 -36.32 -27.21 -41.43
N LYS G 290 -37.53 -26.68 -41.29
CA LYS G 290 -38.22 -25.79 -42.26
C LYS G 290 -37.76 -24.35 -42.04
N LEU G 291 -37.08 -23.77 -43.02
CA LEU G 291 -36.73 -22.33 -43.00
C LEU G 291 -37.65 -21.58 -43.96
N MET G 292 -37.54 -20.26 -43.96
CA MET G 292 -38.42 -19.39 -44.77
C MET G 292 -37.94 -19.48 -46.23
N GLY G 293 -38.87 -19.21 -47.14
CA GLY G 293 -38.61 -19.17 -48.60
C GLY G 293 -39.83 -19.66 -49.34
N ARG G 294 -40.74 -18.76 -49.69
CA ARG G 294 -41.91 -19.09 -50.53
C ARG G 294 -41.44 -19.13 -51.98
N ASP G 295 -40.75 -18.07 -52.41
CA ASP G 295 -40.36 -17.81 -53.82
C ASP G 295 -38.86 -18.00 -53.98
N SER G 296 -38.08 -17.45 -53.05
CA SER G 296 -36.62 -17.66 -52.93
C SER G 296 -36.35 -18.89 -52.05
N GLY G 297 -35.07 -19.16 -51.81
CA GLY G 297 -34.57 -19.94 -50.65
C GLY G 297 -33.27 -19.37 -50.12
N PHE G 298 -33.14 -18.04 -50.12
CA PHE G 298 -31.91 -17.32 -49.72
C PHE G 298 -31.56 -17.66 -48.27
N ILE G 299 -32.56 -17.72 -47.40
CA ILE G 299 -32.35 -18.08 -45.97
C ILE G 299 -31.82 -19.51 -45.92
N ALA G 300 -32.55 -20.45 -46.51
CA ALA G 300 -32.16 -21.88 -46.59
C ALA G 300 -30.68 -22.01 -47.00
N ALA G 301 -30.29 -21.36 -48.11
CA ALA G 301 -28.92 -21.42 -48.68
C ALA G 301 -27.91 -20.85 -47.66
N GLN G 302 -28.03 -19.56 -47.32
CA GLN G 302 -27.05 -18.85 -46.46
C GLN G 302 -26.91 -19.54 -45.10
N ALA G 303 -28.01 -20.02 -44.54
CA ALA G 303 -28.03 -20.70 -43.22
C ALA G 303 -27.34 -22.06 -43.33
N ALA G 304 -27.68 -22.84 -44.36
CA ALA G 304 -27.01 -24.13 -44.66
C ALA G 304 -25.49 -23.90 -44.66
N VAL G 305 -25.00 -23.01 -45.54
CA VAL G 305 -23.55 -22.72 -45.68
C VAL G 305 -22.98 -22.28 -44.33
N ALA G 306 -23.57 -21.30 -43.65
CA ALA G 306 -23.00 -20.68 -42.44
C ALA G 306 -22.89 -21.71 -41.29
N SER G 307 -23.93 -22.51 -41.07
CA SER G 307 -23.92 -23.57 -40.03
C SER G 307 -22.84 -24.59 -40.39
N ALA G 308 -22.82 -24.93 -41.68
CA ALA G 308 -22.07 -26.06 -42.25
C ALA G 308 -22.49 -27.32 -41.50
N GLN G 309 -23.81 -27.52 -41.29
CA GLN G 309 -24.35 -28.75 -40.67
C GLN G 309 -25.43 -29.37 -41.57
N ALA G 310 -25.66 -28.78 -42.74
CA ALA G 310 -26.71 -29.17 -43.71
C ALA G 310 -26.15 -30.26 -44.61
N ASN G 311 -26.81 -31.42 -44.65
CA ASN G 311 -26.44 -32.56 -45.53
C ASN G 311 -27.31 -32.54 -46.80
N ILE G 312 -28.54 -32.05 -46.70
CA ILE G 312 -29.47 -31.85 -47.85
C ILE G 312 -30.13 -30.48 -47.69
N CYS G 313 -30.27 -29.73 -48.77
CA CYS G 313 -30.84 -28.35 -48.80
C CYS G 313 -31.86 -28.23 -49.93
N LEU G 314 -33.15 -28.29 -49.60
CA LEU G 314 -34.28 -28.22 -50.57
C LEU G 314 -34.79 -26.77 -50.65
N VAL G 315 -34.72 -26.19 -51.85
CA VAL G 315 -35.18 -24.79 -52.11
C VAL G 315 -36.07 -24.79 -53.35
N PRO G 316 -37.01 -23.82 -53.46
CA PRO G 316 -37.97 -23.79 -54.57
C PRO G 316 -37.33 -23.72 -55.97
N GLU G 317 -36.19 -23.02 -56.08
CA GLU G 317 -35.45 -22.79 -57.34
C GLU G 317 -35.01 -24.13 -57.95
N ASN G 318 -34.77 -25.14 -57.11
CA ASN G 318 -34.24 -26.48 -57.52
C ASN G 318 -35.22 -27.56 -57.05
N PRO G 319 -36.37 -27.73 -57.72
CA PRO G 319 -37.35 -28.74 -57.33
C PRO G 319 -36.83 -30.11 -57.78
N ILE G 320 -36.89 -31.09 -56.88
CA ILE G 320 -36.43 -32.50 -57.15
C ILE G 320 -37.53 -33.45 -56.66
N SER G 321 -37.51 -34.69 -57.12
CA SER G 321 -38.52 -35.72 -56.77
C SER G 321 -38.29 -36.21 -55.35
N GLU G 322 -39.33 -36.81 -54.78
CA GLU G 322 -39.32 -37.55 -53.49
C GLU G 322 -38.16 -38.57 -53.48
N GLN G 323 -38.04 -39.38 -54.53
CA GLN G 323 -37.02 -40.46 -54.63
C GLN G 323 -35.62 -39.83 -54.71
N GLU G 324 -35.48 -38.65 -55.35
CA GLU G 324 -34.18 -37.93 -55.40
C GLU G 324 -33.75 -37.62 -53.97
N VAL G 325 -34.67 -37.09 -53.17
CA VAL G 325 -34.42 -36.79 -51.72
C VAL G 325 -34.00 -38.09 -51.02
N MET G 326 -34.86 -39.11 -51.04
CA MET G 326 -34.62 -40.38 -50.28
C MET G 326 -33.28 -41.01 -50.72
N SER G 327 -32.87 -40.79 -51.97
CA SER G 327 -31.58 -41.26 -52.54
C SER G 327 -30.43 -40.51 -51.86
N LEU G 328 -30.55 -39.19 -51.71
CA LEU G 328 -29.53 -38.36 -50.98
C LEU G 328 -29.42 -38.83 -49.53
N LEU G 329 -30.56 -39.09 -48.87
CA LEU G 329 -30.59 -39.56 -47.45
C LEU G 329 -29.87 -40.92 -47.37
N GLU G 330 -30.22 -41.82 -48.29
CA GLU G 330 -29.63 -43.17 -48.45
C GLU G 330 -28.11 -43.08 -48.57
N ARG G 331 -27.62 -42.20 -49.46
CA ARG G 331 -26.17 -41.95 -49.66
C ARG G 331 -25.56 -41.54 -48.31
N ARG G 332 -26.13 -40.50 -47.70
CA ARG G 332 -25.65 -39.96 -46.40
C ARG G 332 -25.51 -41.12 -45.40
N PHE G 333 -26.50 -42.01 -45.32
CA PHE G 333 -26.51 -43.09 -44.29
C PHE G 333 -25.51 -44.21 -44.63
N CYS G 334 -24.93 -44.22 -45.83
CA CYS G 334 -23.80 -45.14 -46.20
C CYS G 334 -22.58 -44.83 -45.31
N HIS G 335 -22.30 -43.58 -45.02
CA HIS G 335 -21.04 -43.15 -44.34
C HIS G 335 -21.30 -42.50 -42.97
N SER G 336 -22.47 -41.88 -42.73
CA SER G 336 -22.80 -41.22 -41.43
C SER G 336 -24.09 -41.80 -40.85
N ARG G 337 -24.24 -41.73 -39.52
CA ARG G 337 -25.44 -42.19 -38.77
C ARG G 337 -26.39 -41.01 -38.51
N SER G 338 -26.22 -39.93 -39.27
CA SER G 338 -26.75 -38.59 -38.98
C SER G 338 -27.02 -37.86 -40.29
N CYS G 339 -28.26 -37.39 -40.50
CA CYS G 339 -28.60 -36.51 -41.64
C CYS G 339 -29.43 -35.31 -41.16
N VAL G 340 -29.11 -34.12 -41.67
CA VAL G 340 -29.82 -32.84 -41.40
C VAL G 340 -30.29 -32.26 -42.75
N ILE G 341 -31.60 -32.02 -42.87
CA ILE G 341 -32.31 -31.57 -44.10
C ILE G 341 -32.90 -30.17 -43.86
N ILE G 342 -32.38 -29.16 -44.57
CA ILE G 342 -32.94 -27.78 -44.67
C ILE G 342 -34.00 -27.82 -45.76
N VAL G 343 -35.25 -27.41 -45.46
CA VAL G 343 -36.33 -27.32 -46.49
C VAL G 343 -36.95 -25.93 -46.43
N ALA G 344 -36.96 -25.20 -47.55
CA ALA G 344 -37.67 -23.91 -47.69
C ALA G 344 -39.17 -24.18 -47.80
N GLU G 345 -40.01 -23.42 -47.09
CA GLU G 345 -41.48 -23.67 -46.98
C GLU G 345 -42.14 -23.70 -48.37
N GLY G 346 -41.52 -23.11 -49.38
CA GLY G 346 -42.02 -23.02 -50.76
C GLY G 346 -41.55 -24.17 -51.66
N PHE G 347 -40.74 -25.11 -51.14
CA PHE G 347 -40.24 -26.27 -51.91
C PHE G 347 -41.36 -27.31 -52.06
N GLY G 348 -41.28 -28.11 -53.13
CA GLY G 348 -42.08 -29.35 -53.35
C GLY G 348 -43.56 -29.08 -53.15
N GLN G 349 -44.07 -28.07 -53.86
CA GLN G 349 -45.47 -27.61 -53.80
C GLN G 349 -46.32 -28.41 -54.81
N ASP G 350 -45.95 -29.68 -55.07
CA ASP G 350 -46.71 -30.61 -55.95
C ASP G 350 -46.75 -32.00 -55.30
N TRP G 351 -46.35 -32.12 -54.03
CA TRP G 351 -46.21 -33.43 -53.33
C TRP G 351 -47.56 -33.82 -52.67
N GLY G 352 -48.27 -32.83 -52.12
CA GLY G 352 -49.39 -33.06 -51.18
C GLY G 352 -50.73 -32.78 -51.85
N ARG G 353 -51.32 -33.82 -52.45
CA ARG G 353 -52.61 -33.75 -53.21
C ARG G 353 -53.76 -33.58 -52.20
N LYS G 364 -52.09 -21.88 -56.22
CA LYS G 364 -51.55 -22.46 -54.96
C LYS G 364 -51.86 -21.50 -53.77
N LYS G 365 -52.00 -22.04 -52.54
CA LYS G 365 -51.46 -21.50 -51.26
C LYS G 365 -50.26 -22.40 -50.99
N LEU G 366 -49.68 -22.39 -49.78
CA LEU G 366 -48.53 -23.29 -49.44
C LEU G 366 -49.04 -24.56 -48.77
N ILE G 367 -48.65 -25.74 -49.26
CA ILE G 367 -48.80 -27.05 -48.53
C ILE G 367 -47.62 -27.15 -47.54
N ASP G 368 -47.86 -27.71 -46.35
CA ASP G 368 -46.86 -27.77 -45.25
C ASP G 368 -45.79 -28.81 -45.58
N ILE G 369 -44.85 -28.41 -46.43
CA ILE G 369 -43.78 -29.29 -47.00
C ILE G 369 -42.93 -29.83 -45.86
N GLY G 370 -42.76 -29.07 -44.77
CA GLY G 370 -42.08 -29.55 -43.56
C GLY G 370 -42.66 -30.87 -43.08
N VAL G 371 -43.97 -30.89 -42.84
CA VAL G 371 -44.69 -32.06 -42.24
C VAL G 371 -44.77 -33.18 -43.28
N ILE G 372 -45.06 -32.83 -44.55
CA ILE G 372 -45.09 -33.80 -45.69
C ILE G 372 -43.75 -34.55 -45.72
N LEU G 373 -42.67 -33.81 -46.01
CA LEU G 373 -41.28 -34.32 -46.14
C LEU G 373 -40.96 -35.19 -44.91
N THR G 374 -41.30 -34.72 -43.71
CA THR G 374 -41.10 -35.49 -42.45
C THR G 374 -41.76 -36.87 -42.59
N GLU G 375 -43.05 -36.94 -42.91
CA GLU G 375 -43.78 -38.24 -42.95
C GLU G 375 -43.24 -39.11 -44.10
N LYS G 376 -42.87 -38.50 -45.23
CA LYS G 376 -42.30 -39.21 -46.41
C LYS G 376 -41.03 -39.96 -45.97
N VAL G 377 -40.10 -39.23 -45.34
CA VAL G 377 -38.83 -39.79 -44.81
C VAL G 377 -39.17 -40.92 -43.81
N LYS G 378 -40.10 -40.68 -42.88
CA LYS G 378 -40.46 -41.68 -41.83
C LYS G 378 -40.94 -42.97 -42.51
N ALA G 379 -41.78 -42.86 -43.53
CA ALA G 379 -42.37 -44.00 -44.27
C ALA G 379 -41.27 -44.71 -45.08
N PHE G 380 -40.29 -43.96 -45.58
CA PHE G 380 -39.11 -44.51 -46.33
C PHE G 380 -38.22 -45.33 -45.39
N LEU G 381 -37.97 -44.82 -44.18
CA LEU G 381 -37.14 -45.50 -43.14
C LEU G 381 -37.89 -46.70 -42.56
N LYS G 382 -39.21 -46.62 -42.44
CA LYS G 382 -40.06 -47.75 -41.94
C LYS G 382 -40.09 -48.85 -43.02
N ALA G 383 -39.99 -48.47 -44.30
CA ALA G 383 -39.86 -49.43 -45.42
C ALA G 383 -38.50 -50.13 -45.44
N ASN G 384 -37.41 -49.41 -45.17
CA ASN G 384 -36.03 -50.00 -45.17
C ASN G 384 -35.56 -50.23 -43.72
N LYS G 385 -36.44 -50.62 -42.79
CA LYS G 385 -36.07 -50.98 -41.39
C LYS G 385 -34.95 -52.03 -41.45
N SER G 386 -35.07 -52.97 -42.40
CA SER G 386 -34.06 -54.00 -42.78
C SER G 386 -32.66 -53.39 -42.69
N ARG G 387 -32.42 -52.30 -43.43
CA ARG G 387 -31.09 -51.65 -43.61
C ARG G 387 -30.82 -50.62 -42.47
N TYR G 388 -31.80 -49.76 -42.17
CA TYR G 388 -31.70 -48.70 -41.12
C TYR G 388 -32.58 -49.12 -39.93
N PRO G 389 -32.10 -50.07 -39.07
CA PRO G 389 -32.98 -50.80 -38.15
C PRO G 389 -33.63 -49.85 -37.14
N ASP G 390 -32.99 -49.62 -35.99
CA ASP G 390 -33.35 -48.46 -35.13
C ASP G 390 -33.10 -47.21 -35.99
N SER G 391 -34.05 -46.26 -36.05
CA SER G 391 -33.90 -44.95 -36.75
C SER G 391 -34.93 -43.95 -36.19
N THR G 392 -34.61 -42.65 -36.25
CA THR G 392 -35.44 -41.55 -35.66
C THR G 392 -35.50 -40.34 -36.59
N VAL G 393 -36.68 -39.74 -36.78
CA VAL G 393 -36.87 -38.52 -37.63
C VAL G 393 -37.51 -37.44 -36.78
N LYS G 394 -36.88 -36.26 -36.75
CA LYS G 394 -37.28 -35.10 -35.92
C LYS G 394 -37.62 -33.93 -36.86
N TYR G 395 -38.83 -33.39 -36.78
CA TYR G 395 -39.23 -32.16 -37.50
C TYR G 395 -39.05 -30.96 -36.57
N ILE G 396 -38.65 -29.82 -37.14
CA ILE G 396 -38.43 -28.55 -36.40
C ILE G 396 -38.99 -27.41 -37.25
N ASP G 397 -39.98 -26.68 -36.72
CA ASP G 397 -40.51 -25.43 -37.32
C ASP G 397 -40.04 -24.26 -36.46
N PRO G 398 -38.88 -23.68 -36.80
CA PRO G 398 -38.32 -22.57 -36.05
C PRO G 398 -38.85 -21.22 -36.54
N SER G 399 -39.92 -21.26 -37.35
CA SER G 399 -40.49 -20.06 -38.02
C SER G 399 -40.77 -18.95 -36.99
N TYR G 400 -41.26 -19.33 -35.81
CA TYR G 400 -41.71 -18.40 -34.75
C TYR G 400 -40.53 -17.69 -34.11
N MET G 401 -39.44 -18.41 -33.82
CA MET G 401 -38.22 -17.84 -33.17
C MET G 401 -37.47 -16.95 -34.17
N ILE G 402 -37.68 -17.16 -35.47
CA ILE G 402 -37.03 -16.37 -36.56
C ILE G 402 -37.76 -15.03 -36.76
N ARG G 403 -39.09 -15.01 -36.90
CA ARG G 403 -39.81 -13.72 -37.18
C ARG G 403 -39.86 -12.84 -35.92
N ALA G 404 -40.17 -13.46 -34.77
CA ALA G 404 -40.78 -12.79 -33.61
C ALA G 404 -39.71 -12.29 -32.65
N CYS G 405 -38.62 -11.76 -33.17
CA CYS G 405 -37.46 -11.42 -32.34
C CYS G 405 -36.92 -10.07 -32.80
N PRO G 406 -36.31 -9.31 -31.88
CA PRO G 406 -35.69 -8.03 -32.24
C PRO G 406 -34.57 -8.27 -33.23
N PRO G 407 -34.15 -7.23 -33.96
CA PRO G 407 -33.09 -7.38 -34.95
C PRO G 407 -31.68 -7.45 -34.34
N SER G 408 -30.75 -8.08 -35.05
CA SER G 408 -29.29 -7.91 -34.85
C SER G 408 -28.98 -6.41 -35.01
N ALA G 409 -27.99 -5.88 -34.28
CA ALA G 409 -27.60 -4.45 -34.30
C ALA G 409 -27.36 -3.99 -35.74
N ASN G 410 -26.84 -4.85 -36.60
CA ASN G 410 -26.58 -4.53 -38.02
C ASN G 410 -27.93 -4.35 -38.74
N ASP G 411 -28.95 -5.17 -38.46
CA ASP G 411 -30.31 -5.01 -39.07
C ASP G 411 -31.00 -3.79 -38.46
N ALA G 412 -30.77 -3.49 -37.18
CA ALA G 412 -31.36 -2.34 -36.46
C ALA G 412 -30.88 -1.05 -37.14
N LEU G 413 -29.57 -0.94 -37.35
CA LEU G 413 -28.96 0.23 -38.04
C LEU G 413 -29.57 0.34 -39.45
N PHE G 414 -29.78 -0.80 -40.10
CA PHE G 414 -30.27 -0.86 -41.50
C PHE G 414 -31.72 -0.37 -41.55
N CYS G 415 -32.55 -0.83 -40.61
CA CYS G 415 -33.95 -0.39 -40.42
C CYS G 415 -33.96 1.12 -40.23
N ALA G 416 -33.18 1.62 -39.26
CA ALA G 416 -33.08 3.05 -38.92
C ALA G 416 -32.81 3.86 -40.20
N THR G 417 -31.83 3.43 -40.99
CA THR G 417 -31.42 4.15 -42.23
C THR G 417 -32.53 4.07 -43.28
N LEU G 418 -33.07 2.88 -43.55
CA LEU G 418 -34.18 2.67 -44.53
C LEU G 418 -35.29 3.68 -44.21
N ALA G 419 -35.76 3.68 -42.96
CA ALA G 419 -36.77 4.61 -42.42
C ALA G 419 -36.36 6.08 -42.67
N THR G 420 -35.34 6.58 -41.96
CA THR G 420 -34.92 8.00 -42.00
C THR G 420 -34.88 8.46 -43.46
N LEU G 421 -34.33 7.67 -44.40
CA LEU G 421 -34.25 8.06 -45.84
C LEU G 421 -35.65 8.09 -46.47
N ALA G 422 -36.50 7.12 -46.15
CA ALA G 422 -37.89 7.03 -46.67
C ALA G 422 -38.62 8.32 -46.31
N VAL G 423 -38.42 8.82 -45.08
CA VAL G 423 -39.02 10.09 -44.59
C VAL G 423 -38.41 11.26 -45.40
N HIS G 424 -37.08 11.34 -45.47
CA HIS G 424 -36.35 12.42 -46.19
C HIS G 424 -36.88 12.59 -47.63
N GLU G 425 -37.33 11.48 -48.24
CA GLU G 425 -37.79 11.41 -49.66
C GLU G 425 -39.31 11.68 -49.77
N ALA G 426 -40.11 11.15 -48.84
CA ALA G 426 -41.58 11.36 -48.81
C ALA G 426 -41.87 12.84 -48.57
N MET G 427 -41.11 13.48 -47.67
CA MET G 427 -41.19 14.95 -47.40
C MET G 427 -40.84 15.71 -48.69
N ALA G 428 -39.98 15.13 -49.54
CA ALA G 428 -39.58 15.68 -50.86
C ALA G 428 -40.48 15.11 -51.97
N GLY G 429 -41.71 14.71 -51.63
CA GLY G 429 -42.80 14.43 -52.58
C GLY G 429 -42.64 13.12 -53.33
N ALA G 430 -41.78 12.20 -52.89
CA ALA G 430 -41.71 10.85 -53.48
C ALA G 430 -43.03 10.12 -53.15
N THR G 431 -43.61 9.40 -54.11
CA THR G 431 -44.84 8.59 -53.90
C THR G 431 -44.88 7.42 -54.88
N GLY G 432 -45.74 6.43 -54.59
CA GLY G 432 -45.97 5.22 -55.41
C GLY G 432 -44.71 4.38 -55.56
N CYS G 433 -43.79 4.48 -54.60
CA CYS G 433 -42.41 3.91 -54.69
C CYS G 433 -42.02 3.28 -53.36
N ILE G 434 -41.01 2.40 -53.40
CA ILE G 434 -40.36 1.77 -52.21
C ILE G 434 -38.91 2.25 -52.14
N ILE G 435 -38.29 2.10 -50.97
CA ILE G 435 -36.83 2.30 -50.78
C ILE G 435 -36.17 0.94 -50.61
N ALA G 436 -35.12 0.67 -51.37
CA ALA G 436 -34.35 -0.59 -51.22
C ALA G 436 -32.86 -0.29 -51.27
N MET G 437 -32.07 -1.32 -50.98
CA MET G 437 -30.59 -1.27 -50.91
C MET G 437 -30.01 -2.08 -52.08
N ARG G 438 -29.24 -1.44 -52.96
CA ARG G 438 -28.50 -2.07 -54.09
C ARG G 438 -27.07 -1.55 -54.09
N HIS G 439 -26.08 -2.44 -54.11
CA HIS G 439 -24.66 -2.08 -54.38
C HIS G 439 -24.24 -1.01 -53.38
N ASN G 440 -24.58 -1.17 -52.10
CA ASN G 440 -24.14 -0.27 -51.01
C ASN G 440 -24.82 1.10 -51.10
N ASN G 441 -25.84 1.24 -51.93
CA ASN G 441 -26.57 2.52 -52.10
C ASN G 441 -28.07 2.29 -51.88
N TYR G 442 -28.76 3.35 -51.46
CA TYR G 442 -30.22 3.37 -51.23
C TYR G 442 -30.87 3.98 -52.46
N ILE G 443 -31.86 3.28 -53.02
CA ILE G 443 -32.54 3.70 -54.28
C ILE G 443 -34.04 3.68 -54.08
N LEU G 444 -34.74 4.48 -54.89
CA LEU G 444 -36.22 4.56 -54.93
C LEU G 444 -36.72 3.79 -56.16
N VAL G 445 -37.58 2.78 -55.95
CA VAL G 445 -38.12 1.91 -57.03
C VAL G 445 -39.62 2.11 -57.10
N PRO G 446 -40.17 2.51 -58.28
CA PRO G 446 -41.61 2.46 -58.49
C PRO G 446 -42.23 1.11 -58.11
N ILE G 447 -43.33 1.12 -57.36
CA ILE G 447 -44.05 -0.10 -56.88
C ILE G 447 -44.42 -0.97 -58.09
N LYS G 448 -44.90 -0.33 -59.17
CA LYS G 448 -45.33 -1.01 -60.42
C LYS G 448 -44.21 -1.95 -60.90
N VAL G 449 -42.95 -1.51 -60.76
CA VAL G 449 -41.73 -2.28 -61.17
C VAL G 449 -41.45 -3.37 -60.14
N ALA G 450 -41.30 -2.99 -58.87
CA ALA G 450 -40.89 -3.87 -57.76
C ALA G 450 -41.83 -5.08 -57.62
N THR G 451 -43.10 -4.95 -58.03
CA THR G 451 -44.13 -6.03 -57.92
C THR G 451 -44.15 -6.90 -59.18
N SER G 452 -43.47 -6.44 -60.24
CA SER G 452 -43.47 -7.09 -61.58
C SER G 452 -42.40 -8.18 -61.64
N VAL G 453 -41.30 -8.03 -60.89
CA VAL G 453 -40.16 -8.99 -60.90
C VAL G 453 -39.79 -9.34 -59.46
N ARG G 454 -39.19 -10.51 -59.27
CA ARG G 454 -38.68 -10.98 -57.96
C ARG G 454 -37.34 -11.67 -58.16
N ARG G 455 -36.53 -11.69 -57.09
CA ARG G 455 -35.21 -12.34 -57.03
C ARG G 455 -35.38 -13.81 -56.66
N VAL G 456 -34.27 -14.55 -56.77
CA VAL G 456 -34.26 -16.03 -56.79
C VAL G 456 -32.81 -16.51 -56.88
N LEU G 457 -32.43 -17.54 -56.12
CA LEU G 457 -31.05 -18.10 -56.11
C LEU G 457 -30.58 -18.35 -57.54
N ASP G 458 -29.42 -17.81 -57.92
CA ASP G 458 -28.68 -18.26 -59.13
C ASP G 458 -28.04 -19.62 -58.82
N LEU G 459 -28.60 -20.69 -59.39
CA LEU G 459 -28.14 -22.08 -59.12
C LEU G 459 -26.74 -22.33 -59.68
N ARG G 460 -26.23 -21.44 -60.53
CA ARG G 460 -24.83 -21.52 -61.05
C ARG G 460 -23.95 -20.51 -60.30
N GLY G 461 -24.47 -19.84 -59.27
CA GLY G 461 -23.75 -18.79 -58.52
C GLY G 461 -22.92 -19.36 -57.37
N GLN G 462 -22.01 -18.53 -56.85
CA GLN G 462 -20.98 -18.96 -55.86
C GLN G 462 -21.66 -19.48 -54.58
N LEU G 463 -22.77 -18.87 -54.15
CA LEU G 463 -23.49 -19.27 -52.91
C LEU G 463 -23.93 -20.73 -53.05
N TRP G 464 -24.67 -21.04 -54.11
CA TRP G 464 -25.22 -22.40 -54.36
C TRP G 464 -24.06 -23.38 -54.57
N ARG G 465 -22.97 -22.94 -55.21
CA ARG G 465 -21.72 -23.74 -55.22
C ARG G 465 -21.46 -24.15 -53.77
N GLN G 466 -21.24 -23.18 -52.88
CA GLN G 466 -20.82 -23.41 -51.47
C GLN G 466 -21.83 -24.31 -50.74
N VAL G 467 -23.09 -24.38 -51.22
CA VAL G 467 -24.12 -25.30 -50.65
C VAL G 467 -23.82 -26.72 -51.11
N ARG G 468 -23.65 -26.91 -52.42
CA ARG G 468 -23.32 -28.25 -53.00
C ARG G 468 -21.98 -28.75 -52.42
N GLU G 469 -21.05 -27.82 -52.14
CA GLU G 469 -19.70 -28.10 -51.57
C GLU G 469 -19.86 -28.92 -50.28
N ILE G 470 -20.90 -28.66 -49.48
CA ILE G 470 -21.04 -29.26 -48.11
C ILE G 470 -22.18 -30.29 -48.09
N THR G 471 -23.10 -30.27 -49.05
CA THR G 471 -24.28 -31.19 -49.08
C THR G 471 -23.97 -32.42 -49.93
N VAL G 472 -24.51 -33.57 -49.52
CA VAL G 472 -24.39 -34.90 -50.18
C VAL G 472 -24.30 -34.70 -51.70
N ASP G 473 -23.33 -35.35 -52.33
CA ASP G 473 -23.23 -35.47 -53.80
C ASP G 473 -23.40 -36.94 -54.22
N LEU G 474 -24.48 -37.23 -54.93
CA LEU G 474 -24.71 -38.59 -55.49
C LEU G 474 -23.66 -38.82 -56.59
N GLY G 475 -23.20 -37.76 -57.24
CA GLY G 475 -22.32 -37.75 -58.42
C GLY G 475 -20.87 -38.13 -58.13
N SER G 476 -20.57 -39.04 -57.20
CA SER G 476 -19.37 -39.96 -57.32
C SER G 476 -19.87 -41.41 -57.48
N ASP G 477 -19.70 -42.00 -58.66
CA ASP G 477 -20.56 -43.08 -59.23
C ASP G 477 -20.54 -44.30 -58.31
N VAL G 478 -19.85 -45.41 -58.69
CA VAL G 478 -19.41 -46.49 -57.76
C VAL G 478 -18.31 -45.93 -56.84
N ARG G 479 -17.41 -45.13 -57.42
CA ARG G 479 -16.33 -44.38 -56.74
C ARG G 479 -15.46 -45.35 -55.90
N LEU G 480 -14.20 -44.99 -55.71
CA LEU G 480 -13.34 -45.47 -54.58
C LEU G 480 -12.93 -44.21 -53.80
N ALA G 481 -13.38 -43.02 -54.20
CA ALA G 481 -12.86 -41.70 -53.73
C ALA G 481 -13.12 -41.55 -52.22
N ARG G 482 -14.38 -41.73 -51.81
CA ARG G 482 -14.86 -41.57 -50.41
C ARG G 482 -14.20 -42.61 -49.52
N LYS G 483 -13.95 -43.82 -50.03
CA LYS G 483 -13.17 -44.86 -49.30
C LYS G 483 -11.79 -44.25 -48.98
N LEU G 484 -11.01 -44.03 -50.04
CA LEU G 484 -9.57 -43.61 -49.96
C LEU G 484 -9.54 -42.10 -49.59
N GLU G 485 -10.60 -41.56 -48.97
CA GLU G 485 -10.59 -40.36 -48.09
C GLU G 485 -9.88 -40.66 -46.74
N ILE G 486 -10.03 -41.87 -46.17
CA ILE G 486 -9.32 -42.26 -44.90
C ILE G 486 -7.81 -42.23 -45.12
N ARG G 487 -7.31 -42.31 -46.36
CA ARG G 487 -5.89 -42.03 -46.71
C ARG G 487 -5.46 -40.71 -46.07
N ARG G 488 -6.17 -39.61 -46.32
CA ARG G 488 -5.85 -38.28 -45.74
C ARG G 488 -5.83 -38.35 -44.21
N GLU G 489 -6.89 -38.92 -43.64
CA GLU G 489 -7.12 -39.04 -42.17
C GLU G 489 -5.90 -39.73 -41.56
N LEU G 490 -5.47 -40.83 -42.19
CA LEU G 490 -4.34 -41.68 -41.72
C LEU G 490 -3.02 -40.90 -41.80
N GLU G 491 -2.76 -40.24 -42.94
CA GLU G 491 -1.56 -39.38 -43.12
C GLU G 491 -1.47 -38.40 -41.95
N ALA G 492 -2.58 -37.72 -41.65
CA ALA G 492 -2.69 -36.69 -40.60
C ALA G 492 -2.40 -37.30 -39.22
N ILE G 493 -3.01 -38.45 -38.90
CA ILE G 493 -2.93 -39.07 -37.52
C ILE G 493 -1.52 -39.62 -37.31
N ASN G 494 -0.86 -40.14 -38.36
CA ASN G 494 0.53 -40.63 -38.26
C ASN G 494 1.42 -39.43 -37.92
N ARG G 495 1.14 -38.24 -38.48
CA ARG G 495 1.92 -37.01 -38.16
C ARG G 495 1.84 -36.76 -36.64
N ASN G 496 0.61 -36.71 -36.10
CA ASN G 496 0.45 -36.35 -34.65
C ASN G 496 1.09 -37.48 -33.82
N ARG G 497 0.97 -38.75 -34.21
CA ARG G 497 1.67 -39.89 -33.59
C ARG G 497 3.12 -39.50 -33.28
N ASP G 498 3.87 -38.98 -34.28
CA ASP G 498 5.21 -38.34 -34.02
C ASP G 498 5.00 -37.20 -33.00
N ARG G 499 5.83 -37.07 -31.96
CA ARG G 499 5.69 -35.94 -31.01
C ARG G 499 6.72 -35.96 -29.89
N LEU G 500 6.35 -35.35 -28.78
CA LEU G 500 7.13 -35.04 -27.55
C LEU G 500 7.71 -36.32 -26.93
N HIS G 501 7.04 -37.48 -27.09
CA HIS G 501 7.65 -38.84 -27.35
C HIS G 501 9.16 -38.85 -27.07
N GLU G 502 9.52 -38.52 -25.83
CA GLU G 502 10.92 -38.48 -25.32
C GLU G 502 10.87 -38.44 -23.78
N GLU G 503 9.93 -37.67 -23.20
CA GLU G 503 9.57 -37.74 -21.75
C GLU G 503 10.71 -37.15 -20.91
N LEU G 504 11.98 -37.51 -21.18
CA LEU G 504 13.23 -37.23 -20.43
C LEU G 504 13.05 -37.06 -18.89
N ALA G 505 13.31 -38.13 -18.13
CA ALA G 505 13.65 -38.13 -16.68
C ALA G 505 12.45 -37.64 -15.84
N THR H 30 -6.69 11.50 -55.61
CA THR H 30 -7.54 11.66 -54.39
C THR H 30 -8.94 12.13 -54.80
N SER H 31 -9.98 11.38 -54.37
CA SER H 31 -11.43 11.76 -54.40
C SER H 31 -12.17 11.36 -53.10
N LYS H 32 -12.72 10.14 -53.00
CA LYS H 32 -13.44 9.64 -51.77
C LYS H 32 -12.46 9.04 -50.72
N LEU H 33 -11.29 8.59 -51.16
CA LEU H 33 -10.29 7.83 -50.35
C LEU H 33 -9.18 8.78 -49.85
N VAL H 34 -8.50 8.40 -48.75
CA VAL H 34 -7.32 9.14 -48.21
C VAL H 34 -6.06 8.38 -48.65
N LYS H 35 -4.99 9.11 -48.98
CA LYS H 35 -3.65 8.53 -49.28
C LYS H 35 -3.07 8.01 -47.96
N ALA H 36 -2.65 6.73 -47.95
CA ALA H 36 -2.04 6.05 -46.78
C ALA H 36 -0.66 6.64 -46.51
N HIS H 37 -0.10 6.37 -45.34
CA HIS H 37 1.06 7.13 -44.78
C HIS H 37 2.35 6.67 -45.46
N ARG H 38 2.50 5.37 -45.76
CA ARG H 38 3.53 4.83 -46.70
C ARG H 38 2.82 4.17 -47.89
N ALA H 39 2.18 5.02 -48.69
CA ALA H 39 1.56 4.68 -50.01
C ALA H 39 2.67 4.39 -51.02
N MET H 40 2.50 3.32 -51.80
CA MET H 40 3.45 2.93 -52.87
C MET H 40 3.04 3.61 -54.19
N LEU H 41 1.79 4.07 -54.30
CA LEU H 41 1.25 4.84 -55.46
C LEU H 41 0.76 6.22 -54.98
N ASN H 42 0.90 7.25 -55.82
CA ASN H 42 0.38 8.62 -55.58
C ASN H 42 -0.99 8.78 -56.24
N SER H 43 -1.40 7.82 -57.08
CA SER H 43 -2.73 7.72 -57.74
C SER H 43 -3.01 6.27 -58.14
N VAL H 44 -4.20 5.99 -58.67
CA VAL H 44 -4.55 4.66 -59.22
C VAL H 44 -5.03 4.83 -60.66
N THR H 45 -4.27 4.26 -61.61
CA THR H 45 -4.62 4.12 -63.05
C THR H 45 -5.16 2.70 -63.29
N GLN H 46 -5.77 2.46 -64.44
CA GLN H 46 -6.38 1.15 -64.80
C GLN H 46 -5.30 0.06 -64.81
N GLU H 47 -4.07 0.40 -65.21
CA GLU H 47 -2.91 -0.53 -65.25
C GLU H 47 -2.62 -1.00 -63.82
N ASP H 48 -2.65 -0.08 -62.84
CA ASP H 48 -2.36 -0.39 -61.41
C ASP H 48 -3.31 -1.48 -60.89
N LEU H 49 -4.50 -1.61 -61.46
CA LEU H 49 -5.55 -2.58 -61.03
C LEU H 49 -5.32 -3.96 -61.67
N LYS H 50 -4.43 -4.07 -62.66
CA LYS H 50 -4.11 -5.37 -63.29
C LYS H 50 -3.60 -6.33 -62.21
N VAL H 51 -4.23 -7.50 -62.05
CA VAL H 51 -3.89 -8.49 -61.00
C VAL H 51 -2.86 -9.47 -61.56
N ASP H 52 -1.67 -9.52 -60.96
CA ASP H 52 -0.56 -10.43 -61.34
C ASP H 52 -1.05 -11.89 -61.41
N ARG H 53 -0.90 -12.49 -62.59
CA ARG H 53 -1.20 -13.91 -62.89
C ARG H 53 0.12 -14.67 -63.12
N LEU H 54 0.42 -15.62 -62.22
CA LEU H 54 1.57 -16.56 -62.35
C LEU H 54 1.49 -17.20 -63.72
N PRO H 55 2.60 -17.21 -64.50
CA PRO H 55 2.55 -17.63 -65.90
C PRO H 55 2.07 -19.08 -66.00
N GLY H 56 1.25 -19.38 -67.01
CA GLY H 56 0.67 -20.71 -67.24
C GLY H 56 -0.76 -20.78 -66.77
N ALA H 57 -1.51 -21.74 -67.28
CA ALA H 57 -2.91 -22.04 -66.92
C ALA H 57 -3.26 -23.40 -67.53
N ASP H 58 -2.49 -24.42 -67.16
CA ASP H 58 -2.36 -25.71 -67.90
C ASP H 58 -3.44 -26.71 -67.45
N TYR H 59 -3.71 -26.83 -66.15
CA TYR H 59 -4.50 -27.93 -65.55
C TYR H 59 -5.97 -27.50 -65.44
N PRO H 60 -6.93 -28.44 -65.60
CA PRO H 60 -8.36 -28.11 -65.54
C PRO H 60 -8.82 -28.08 -64.08
N ASN H 61 -9.76 -27.20 -63.73
CA ASN H 61 -10.34 -27.12 -62.36
C ASN H 61 -11.04 -28.45 -62.06
N PRO H 62 -10.60 -29.23 -61.05
CA PRO H 62 -11.19 -30.54 -60.79
C PRO H 62 -12.52 -30.37 -60.02
N SER H 63 -13.49 -29.69 -60.63
CA SER H 63 -14.66 -29.08 -59.93
C SER H 63 -15.91 -29.01 -60.84
N LYS H 64 -15.75 -28.60 -62.12
CA LYS H 64 -16.86 -28.22 -63.04
C LYS H 64 -16.96 -29.23 -64.20
N LYS H 75 -11.34 -16.70 -69.25
CA LYS H 75 -11.51 -15.25 -69.56
C LYS H 75 -12.05 -14.52 -68.32
N THR H 76 -11.34 -13.47 -67.87
CA THR H 76 -11.60 -12.74 -66.61
C THR H 76 -12.68 -11.67 -66.89
N ASP H 77 -13.60 -11.48 -65.94
CA ASP H 77 -14.72 -10.50 -66.03
C ASP H 77 -14.44 -9.33 -65.08
N TYR H 78 -15.05 -8.18 -65.34
CA TYR H 78 -14.86 -6.91 -64.60
C TYR H 78 -16.19 -6.41 -64.03
N ILE H 79 -16.08 -5.51 -63.05
CA ILE H 79 -17.16 -4.63 -62.48
C ILE H 79 -16.59 -3.21 -62.43
N MET H 80 -17.39 -2.16 -62.57
CA MET H 80 -16.90 -0.77 -62.46
C MET H 80 -16.48 -0.47 -61.02
N TYR H 81 -15.47 0.38 -60.84
CA TYR H 81 -15.16 0.95 -59.52
C TYR H 81 -16.42 1.72 -59.08
N ASN H 82 -16.73 2.80 -59.80
CA ASN H 82 -17.89 3.71 -59.53
C ASN H 82 -19.02 3.35 -60.50
N PRO H 83 -20.20 2.93 -59.98
CA PRO H 83 -21.37 2.65 -60.82
C PRO H 83 -22.25 3.87 -61.11
N ARG H 84 -21.76 5.09 -60.83
CA ARG H 84 -22.51 6.34 -61.12
C ARG H 84 -22.31 6.76 -62.58
N PRO H 85 -23.40 7.16 -63.29
CA PRO H 85 -23.29 7.61 -64.68
C PRO H 85 -22.73 9.03 -64.81
N ARG H 86 -22.02 9.29 -65.91
CA ARG H 86 -21.43 10.61 -66.26
C ARG H 86 -22.57 11.56 -66.66
N ASP H 87 -23.48 11.11 -67.54
CA ASP H 87 -24.60 11.90 -68.10
C ASP H 87 -25.94 11.46 -67.49
N GLU H 88 -27.03 12.06 -67.96
CA GLU H 88 -28.45 11.69 -67.67
C GLU H 88 -28.82 10.48 -68.50
N PRO H 89 -29.98 9.82 -68.25
CA PRO H 89 -30.46 8.72 -69.09
C PRO H 89 -30.77 9.12 -70.54
N SER H 90 -29.78 9.00 -71.44
CA SER H 90 -29.90 9.26 -72.89
C SER H 90 -30.15 7.93 -73.63
N SER H 91 -30.02 7.92 -74.97
CA SER H 91 -30.34 6.78 -75.87
C SER H 91 -29.52 5.54 -75.49
N GLU H 92 -28.18 5.65 -75.41
CA GLU H 92 -27.24 4.51 -75.20
C GLU H 92 -27.11 4.22 -73.70
N ASN H 93 -26.54 3.06 -73.35
CA ASN H 93 -26.32 2.63 -71.94
C ASN H 93 -25.46 3.65 -71.22
N PRO H 94 -25.55 3.76 -69.87
CA PRO H 94 -24.81 4.76 -69.11
C PRO H 94 -23.31 4.44 -68.94
N VAL H 95 -22.51 5.46 -68.62
CA VAL H 95 -21.01 5.44 -68.66
C VAL H 95 -20.45 5.85 -67.30
N SER H 96 -19.56 5.05 -66.71
CA SER H 96 -18.99 5.29 -65.36
C SER H 96 -18.36 6.68 -65.32
N VAL H 97 -18.50 7.39 -64.19
CA VAL H 97 -17.78 8.66 -63.88
C VAL H 97 -16.28 8.34 -63.85
N SER H 98 -15.88 7.24 -63.18
CA SER H 98 -14.46 6.81 -63.06
C SER H 98 -14.11 5.86 -64.20
N PRO H 99 -12.88 5.95 -64.75
CA PRO H 99 -12.45 5.02 -65.81
C PRO H 99 -12.07 3.64 -65.23
N LEU H 100 -12.03 3.50 -63.90
CA LEU H 100 -11.50 2.28 -63.24
C LEU H 100 -12.48 1.11 -63.37
N LEU H 101 -11.94 -0.04 -63.78
CA LEU H 101 -12.59 -1.39 -63.80
C LEU H 101 -11.82 -2.34 -62.86
N CYS H 102 -12.55 -3.08 -62.02
CA CYS H 102 -12.01 -4.06 -61.02
C CYS H 102 -12.24 -5.49 -61.52
N GLU H 103 -11.24 -6.37 -61.37
CA GLU H 103 -11.33 -7.81 -61.73
C GLU H 103 -12.21 -8.54 -60.73
N LEU H 104 -13.29 -9.15 -61.22
CA LEU H 104 -14.18 -10.05 -60.42
C LEU H 104 -13.44 -11.34 -60.09
N ALA H 105 -13.62 -11.85 -58.87
CA ALA H 105 -13.03 -13.11 -58.37
C ALA H 105 -14.04 -14.25 -58.52
N ALA H 106 -13.65 -15.37 -59.15
CA ALA H 106 -14.49 -16.58 -59.25
C ALA H 106 -13.65 -17.76 -59.74
N ALA H 107 -14.09 -18.98 -59.44
CA ALA H 107 -13.44 -20.24 -59.80
C ALA H 107 -13.25 -20.27 -61.33
N ARG H 108 -12.04 -20.58 -61.77
CA ARG H 108 -11.64 -20.48 -63.20
C ARG H 108 -11.74 -21.86 -63.84
N SER H 109 -12.17 -21.93 -65.11
CA SER H 109 -12.25 -23.16 -65.94
C SER H 109 -10.88 -23.84 -65.96
N ARG H 110 -9.84 -23.05 -66.24
CA ARG H 110 -8.42 -23.50 -66.23
C ARG H 110 -7.71 -22.89 -65.03
N ILE H 111 -6.98 -23.72 -64.28
CA ILE H 111 -6.14 -23.32 -63.11
C ILE H 111 -4.66 -23.48 -63.50
N HIS H 112 -3.77 -22.77 -62.80
CA HIS H 112 -2.32 -22.68 -63.10
C HIS H 112 -1.56 -23.80 -62.39
N PHE H 113 -1.83 -23.98 -61.09
CA PHE H 113 -1.19 -24.99 -60.22
C PHE H 113 -1.84 -26.36 -60.42
N ASN H 114 -1.06 -27.43 -60.21
CA ASN H 114 -1.53 -28.84 -60.33
C ASN H 114 -2.06 -29.29 -58.98
N PRO H 115 -3.39 -29.52 -58.87
CA PRO H 115 -4.04 -29.78 -57.59
C PRO H 115 -3.29 -30.78 -56.69
N THR H 116 -3.24 -32.07 -57.07
CA THR H 116 -2.72 -33.17 -56.21
C THR H 116 -1.22 -33.00 -55.97
N GLU H 117 -0.60 -31.95 -56.55
CA GLU H 117 0.87 -31.70 -56.43
C GLU H 117 1.12 -30.39 -55.67
N THR H 118 0.07 -29.67 -55.26
CA THR H 118 0.19 -28.35 -54.60
C THR H 118 0.12 -28.47 -53.07
N THR H 119 0.85 -27.60 -52.39
CA THR H 119 0.88 -27.42 -50.92
C THR H 119 0.41 -26.00 -50.61
N ILE H 120 -0.57 -25.83 -49.74
CA ILE H 120 -1.09 -24.48 -49.36
C ILE H 120 -0.54 -24.09 -47.98
N GLY H 121 -0.09 -22.85 -47.84
CA GLY H 121 0.38 -22.27 -46.56
C GLY H 121 -0.56 -21.19 -46.06
N ILE H 122 -0.81 -21.15 -44.75
CA ILE H 122 -1.64 -20.08 -44.11
C ILE H 122 -0.83 -19.48 -42.97
N VAL H 123 -0.97 -18.17 -42.77
CA VAL H 123 -0.39 -17.47 -41.58
C VAL H 123 -1.29 -16.30 -41.19
N THR H 124 -1.66 -16.25 -39.90
CA THR H 124 -2.47 -15.16 -39.31
C THR H 124 -1.51 -14.23 -38.58
N CYS H 125 -1.54 -12.94 -38.90
CA CYS H 125 -0.66 -11.89 -38.32
C CYS H 125 -1.48 -10.83 -37.59
N GLY H 126 -0.84 -10.12 -36.66
CA GLY H 126 -1.37 -8.93 -35.97
C GLY H 126 -2.27 -9.27 -34.79
N GLY H 127 -3.15 -8.35 -34.43
CA GLY H 127 -4.17 -8.56 -33.39
C GLY H 127 -5.21 -9.55 -33.86
N ILE H 128 -5.91 -10.19 -32.94
CA ILE H 128 -6.98 -11.16 -33.32
C ILE H 128 -8.21 -10.37 -33.75
N CYS H 129 -9.23 -11.10 -34.19
CA CYS H 129 -10.38 -10.56 -34.96
C CYS H 129 -11.42 -11.66 -35.08
N PRO H 130 -12.72 -11.33 -34.95
CA PRO H 130 -13.77 -12.33 -35.11
C PRO H 130 -13.64 -13.02 -36.47
N GLY H 131 -13.60 -14.36 -36.43
CA GLY H 131 -13.70 -15.25 -37.59
C GLY H 131 -12.35 -15.56 -38.19
N LEU H 132 -11.28 -15.45 -37.40
CA LEU H 132 -9.91 -15.73 -37.90
C LEU H 132 -9.87 -17.23 -38.25
N ASN H 133 -10.33 -18.05 -37.31
CA ASN H 133 -10.45 -19.53 -37.45
C ASN H 133 -11.37 -19.84 -38.64
N ASP H 134 -12.41 -19.06 -38.88
CA ASP H 134 -13.36 -19.31 -40.01
C ASP H 134 -12.59 -19.21 -41.34
N VAL H 135 -11.71 -18.22 -41.47
CA VAL H 135 -10.88 -18.07 -42.69
C VAL H 135 -9.93 -19.28 -42.76
N ILE H 136 -9.20 -19.56 -41.68
CA ILE H 136 -8.28 -20.74 -41.64
C ILE H 136 -9.05 -21.97 -42.14
N ARG H 137 -10.18 -22.30 -41.51
CA ARG H 137 -11.01 -23.49 -41.83
C ARG H 137 -11.38 -23.50 -43.31
N SER H 138 -12.02 -22.45 -43.82
CA SER H 138 -12.54 -22.45 -45.22
C SER H 138 -11.39 -22.59 -46.24
N ILE H 139 -10.21 -22.03 -45.97
CA ILE H 139 -9.04 -22.13 -46.88
C ILE H 139 -8.61 -23.61 -46.91
N THR H 140 -8.26 -24.14 -45.74
CA THR H 140 -7.98 -25.57 -45.50
C THR H 140 -8.95 -26.43 -46.32
N LEU H 141 -10.22 -26.38 -45.99
CA LEU H 141 -11.24 -27.34 -46.51
C LEU H 141 -11.54 -27.08 -47.98
N THR H 142 -11.34 -25.87 -48.51
CA THR H 142 -11.53 -25.61 -49.96
C THR H 142 -10.39 -26.31 -50.71
N GLY H 143 -9.15 -26.07 -50.27
CA GLY H 143 -7.95 -26.74 -50.80
C GLY H 143 -8.08 -28.26 -50.79
N ILE H 144 -8.44 -28.83 -49.64
CA ILE H 144 -8.61 -30.30 -49.46
C ILE H 144 -9.83 -30.77 -50.27
N ASN H 145 -11.04 -30.37 -49.87
CA ASN H 145 -12.30 -31.00 -50.35
C ASN H 145 -12.63 -30.61 -51.80
N VAL H 146 -12.23 -29.43 -52.30
CA VAL H 146 -12.68 -28.95 -53.65
C VAL H 146 -11.57 -29.15 -54.68
N TYR H 147 -10.33 -28.83 -54.34
CA TYR H 147 -9.17 -28.89 -55.27
C TYR H 147 -8.34 -30.15 -54.99
N ASN H 148 -8.51 -30.74 -53.80
CA ASN H 148 -7.85 -32.02 -53.42
C ASN H 148 -6.33 -31.83 -53.44
N VAL H 149 -5.85 -30.74 -52.83
CA VAL H 149 -4.40 -30.39 -52.79
C VAL H 149 -3.66 -31.44 -51.96
N LYS H 150 -2.34 -31.53 -52.13
CA LYS H 150 -1.48 -32.56 -51.49
C LYS H 150 -1.49 -32.36 -49.98
N ARG H 151 -1.31 -31.12 -49.52
CA ARG H 151 -1.27 -30.82 -48.06
C ARG H 151 -1.45 -29.33 -47.80
N VAL H 152 -1.80 -28.99 -46.55
CA VAL H 152 -2.04 -27.60 -46.06
C VAL H 152 -1.26 -27.41 -44.75
N ILE H 153 -0.39 -26.39 -44.73
CA ILE H 153 0.53 -26.05 -43.60
C ILE H 153 0.03 -24.76 -42.96
N GLY H 154 -0.10 -24.77 -41.65
CA GLY H 154 -0.44 -23.59 -40.83
C GLY H 154 0.77 -23.11 -40.05
N PHE H 155 1.31 -21.94 -40.40
CA PHE H 155 2.51 -21.37 -39.74
C PHE H 155 2.09 -20.65 -38.46
N ARG H 156 2.75 -21.01 -37.35
CA ARG H 156 2.39 -20.59 -35.97
C ARG H 156 2.85 -19.15 -35.72
N PHE H 157 2.02 -18.35 -35.04
CA PHE H 157 2.37 -17.01 -34.51
C PHE H 157 2.93 -16.14 -35.63
N GLY H 158 2.13 -15.93 -36.66
CA GLY H 158 2.42 -14.92 -37.70
C GLY H 158 3.72 -15.23 -38.40
N TYR H 159 4.37 -14.21 -38.95
CA TYR H 159 5.55 -14.35 -39.84
C TYR H 159 6.70 -15.07 -39.11
N TRP H 160 6.76 -14.97 -37.77
CA TRP H 160 7.77 -15.69 -36.93
C TRP H 160 7.75 -17.20 -37.20
N GLY H 161 6.61 -17.75 -37.64
CA GLY H 161 6.43 -19.19 -37.91
C GLY H 161 6.93 -19.60 -39.28
N LEU H 162 7.46 -18.66 -40.07
CA LEU H 162 8.18 -18.90 -41.36
C LEU H 162 9.68 -18.63 -41.19
N SER H 163 10.10 -17.92 -40.14
CA SER H 163 11.53 -17.74 -39.77
C SER H 163 12.16 -19.13 -39.58
N LYS H 164 13.43 -19.32 -39.93
CA LYS H 164 14.15 -20.60 -39.72
C LYS H 164 13.89 -21.10 -38.30
N LYS H 165 13.96 -20.20 -37.32
CA LYS H 165 13.90 -20.46 -35.85
C LYS H 165 12.46 -20.83 -35.40
N GLY H 166 11.40 -20.55 -36.18
CA GLY H 166 10.02 -20.90 -35.79
C GLY H 166 9.27 -21.70 -36.86
N SER H 167 9.93 -22.02 -37.97
CA SER H 167 9.39 -22.92 -39.03
C SER H 167 9.22 -24.31 -38.42
N GLN H 168 9.96 -24.59 -37.35
CA GLN H 168 9.90 -25.89 -36.61
C GLN H 168 8.54 -26.02 -35.94
N THR H 169 7.79 -24.94 -35.74
CA THR H 169 6.52 -24.93 -34.94
C THR H 169 5.29 -25.12 -35.82
N ALA H 170 5.42 -24.99 -37.14
CA ALA H 170 4.30 -25.08 -38.11
C ALA H 170 3.53 -26.40 -37.90
N ILE H 171 2.28 -26.49 -38.38
CA ILE H 171 1.35 -27.64 -38.12
C ILE H 171 0.61 -28.02 -39.40
N GLU H 172 0.17 -29.29 -39.47
CA GLU H 172 -0.60 -29.85 -40.62
C GLU H 172 -2.07 -29.58 -40.37
N LEU H 173 -2.74 -29.01 -41.38
CA LEU H 173 -4.19 -28.68 -41.32
C LEU H 173 -4.98 -29.71 -42.15
N HIS H 174 -5.25 -30.88 -41.55
CA HIS H 174 -6.22 -31.89 -42.05
C HIS H 174 -7.63 -31.48 -41.60
N ARG H 175 -8.65 -32.00 -42.26
CA ARG H 175 -10.07 -31.81 -41.86
C ARG H 175 -10.18 -31.92 -40.34
N GLY H 176 -9.75 -33.06 -39.78
CA GLY H 176 -9.87 -33.38 -38.34
C GLY H 176 -9.41 -32.26 -37.43
N ARG H 177 -8.48 -31.41 -37.87
CA ARG H 177 -7.82 -30.38 -37.01
C ARG H 177 -8.60 -29.07 -37.03
N VAL H 178 -9.41 -28.84 -38.08
CA VAL H 178 -10.16 -27.56 -38.29
C VAL H 178 -11.65 -27.80 -38.14
N THR H 179 -12.06 -28.98 -37.69
CA THR H 179 -13.47 -29.44 -37.69
C THR H 179 -14.37 -28.35 -37.07
N ASN H 180 -14.02 -27.88 -35.87
CA ASN H 180 -14.91 -26.98 -35.09
C ASN H 180 -14.18 -25.71 -34.67
N ILE H 181 -13.04 -25.39 -35.27
CA ILE H 181 -12.26 -24.18 -34.89
C ILE H 181 -13.08 -22.91 -35.13
N HIS H 182 -14.01 -22.92 -36.10
CA HIS H 182 -14.81 -21.73 -36.51
C HIS H 182 -15.74 -21.31 -35.36
N HIS H 183 -16.06 -22.22 -34.44
CA HIS H 183 -16.91 -21.94 -33.26
C HIS H 183 -16.16 -21.13 -32.21
N TYR H 184 -14.95 -20.65 -32.51
CA TYR H 184 -14.10 -19.99 -31.51
C TYR H 184 -13.38 -18.79 -32.10
N GLY H 185 -12.92 -17.95 -31.18
CA GLY H 185 -12.32 -16.65 -31.49
C GLY H 185 -10.83 -16.74 -31.35
N GLY H 186 -10.12 -15.75 -31.88
CA GLY H 186 -8.67 -15.83 -32.06
C GLY H 186 -8.33 -16.81 -33.16
N THR H 187 -7.14 -17.41 -33.09
CA THR H 187 -6.51 -18.19 -34.19
C THR H 187 -5.77 -19.41 -33.62
N ILE H 188 -6.08 -20.62 -34.10
CA ILE H 188 -5.39 -21.88 -33.69
C ILE H 188 -3.92 -21.80 -34.11
N LEU H 189 -3.61 -21.18 -35.24
CA LEU H 189 -2.22 -20.94 -35.72
C LEU H 189 -1.52 -19.99 -34.75
N GLY H 190 -2.27 -19.14 -34.05
CA GLY H 190 -1.68 -18.02 -33.29
C GLY H 190 -1.15 -16.95 -34.22
N SER H 191 -0.84 -15.78 -33.66
CA SER H 191 -0.44 -14.56 -34.41
C SER H 191 0.73 -13.87 -33.71
N SER H 192 1.33 -12.89 -34.40
CA SER H 192 2.39 -11.99 -33.88
C SER H 192 2.55 -10.79 -34.83
N ARG H 193 3.03 -9.67 -34.31
CA ARG H 193 2.80 -8.32 -34.87
C ARG H 193 3.84 -7.95 -35.91
N GLY H 194 5.12 -8.07 -35.60
CA GLY H 194 6.20 -7.43 -36.37
C GLY H 194 6.65 -8.25 -37.56
N PRO H 195 7.76 -7.86 -38.21
CA PRO H 195 8.17 -8.44 -39.48
C PRO H 195 9.26 -9.49 -39.30
N GLN H 196 9.62 -10.18 -40.38
CA GLN H 196 10.71 -11.18 -40.41
C GLN H 196 11.53 -10.95 -41.69
N ASP H 197 12.64 -11.66 -41.83
CA ASP H 197 13.52 -11.59 -43.03
C ASP H 197 12.79 -12.24 -44.20
N PRO H 198 12.47 -11.49 -45.28
CA PRO H 198 11.83 -12.05 -46.48
C PRO H 198 12.55 -13.30 -47.02
N LYS H 199 13.89 -13.25 -47.06
CA LYS H 199 14.73 -14.37 -47.55
C LYS H 199 14.45 -15.61 -46.68
N GLU H 200 14.56 -15.50 -45.35
CA GLU H 200 14.29 -16.62 -44.41
C GLU H 200 12.95 -17.29 -44.73
N MET H 201 11.92 -16.46 -44.95
CA MET H 201 10.53 -16.94 -45.14
C MET H 201 10.40 -17.66 -46.50
N VAL H 202 10.92 -17.09 -47.58
CA VAL H 202 10.89 -17.74 -48.93
C VAL H 202 11.70 -19.06 -48.86
N ASP H 203 12.80 -19.08 -48.10
CA ASP H 203 13.63 -20.28 -47.80
C ASP H 203 12.70 -21.37 -47.24
N THR H 204 11.94 -21.04 -46.19
CA THR H 204 11.00 -22.00 -45.52
C THR H 204 9.92 -22.45 -46.51
N LEU H 205 9.42 -21.55 -47.36
CA LEU H 205 8.35 -21.85 -48.35
C LEU H 205 8.86 -22.90 -49.35
N GLU H 206 10.04 -22.67 -49.92
CA GLU H 206 10.70 -23.60 -50.85
C GLU H 206 10.92 -24.94 -50.15
N ARG H 207 11.53 -24.94 -48.96
CA ARG H 207 11.89 -26.16 -48.20
C ARG H 207 10.62 -27.00 -47.93
N LEU H 208 9.47 -26.38 -47.70
CA LEU H 208 8.21 -27.09 -47.36
C LEU H 208 7.34 -27.29 -48.61
N GLY H 209 7.82 -26.82 -49.77
CA GLY H 209 7.15 -27.02 -51.07
C GLY H 209 5.83 -26.31 -51.13
N VAL H 210 5.72 -25.18 -50.44
CA VAL H 210 4.51 -24.32 -50.37
C VAL H 210 4.34 -23.60 -51.70
N ASN H 211 3.30 -23.94 -52.45
CA ASN H 211 3.00 -23.41 -53.80
C ASN H 211 2.17 -22.12 -53.64
N ILE H 212 1.33 -22.03 -52.60
CA ILE H 212 0.45 -20.85 -52.32
C ILE H 212 0.54 -20.49 -50.83
N LEU H 213 0.88 -19.24 -50.51
CA LEU H 213 0.97 -18.67 -49.14
C LEU H 213 -0.14 -17.61 -48.96
N PHE H 214 -1.12 -17.90 -48.10
CA PHE H 214 -2.26 -17.00 -47.74
C PHE H 214 -1.89 -16.17 -46.51
N THR H 215 -1.75 -14.87 -46.70
CA THR H 215 -1.41 -13.89 -45.63
C THR H 215 -2.70 -13.27 -45.07
N VAL H 216 -3.10 -13.71 -43.86
CA VAL H 216 -4.27 -13.15 -43.13
C VAL H 216 -3.75 -12.10 -42.15
N GLY H 217 -3.85 -10.82 -42.53
CA GLY H 217 -3.46 -9.70 -41.65
C GLY H 217 -3.87 -8.35 -42.21
N GLY H 218 -3.41 -7.27 -41.57
CA GLY H 218 -3.74 -5.87 -41.93
C GLY H 218 -2.80 -5.33 -42.99
N ASP H 219 -2.79 -4.01 -43.15
CA ASP H 219 -1.93 -3.24 -44.11
C ASP H 219 -0.50 -3.81 -44.07
N GLY H 220 0.16 -3.70 -42.92
CA GLY H 220 1.57 -4.12 -42.72
C GLY H 220 1.82 -5.53 -43.23
N THR H 221 0.96 -6.48 -42.86
CA THR H 221 1.04 -7.90 -43.25
C THR H 221 1.11 -7.99 -44.78
N GLN H 222 0.15 -7.38 -45.48
CA GLN H 222 0.03 -7.49 -46.95
C GLN H 222 1.22 -6.79 -47.63
N ARG H 223 1.76 -5.72 -47.04
CA ARG H 223 2.97 -5.04 -47.57
C ARG H 223 4.18 -5.99 -47.45
N GLY H 224 4.28 -6.71 -46.33
CA GLY H 224 5.24 -7.81 -46.15
C GLY H 224 5.05 -8.91 -47.19
N ALA H 225 3.80 -9.27 -47.47
CA ALA H 225 3.41 -10.33 -48.44
C ALA H 225 3.84 -9.94 -49.85
N LEU H 226 3.78 -8.65 -50.20
CA LEU H 226 4.30 -8.15 -51.50
C LEU H 226 5.83 -8.31 -51.53
N VAL H 227 6.52 -8.03 -50.41
CA VAL H 227 8.00 -8.21 -50.29
C VAL H 227 8.34 -9.68 -50.56
N ILE H 228 7.61 -10.62 -49.93
CA ILE H 228 7.78 -12.08 -50.13
C ILE H 228 7.53 -12.43 -51.60
N SER H 229 6.48 -11.86 -52.20
CA SER H 229 6.10 -12.07 -53.62
C SER H 229 7.26 -11.69 -54.54
N GLN H 230 7.84 -10.51 -54.34
CA GLN H 230 8.92 -9.93 -55.19
C GLN H 230 10.25 -10.64 -54.94
N GLU H 231 10.43 -11.23 -53.74
CA GLU H 231 11.63 -12.04 -53.37
C GLU H 231 11.54 -13.40 -54.07
N ALA H 232 10.39 -14.09 -53.97
CA ALA H 232 10.12 -15.40 -54.59
C ALA H 232 10.16 -15.27 -56.13
N LYS H 233 9.79 -14.11 -56.68
CA LYS H 233 9.89 -13.85 -58.14
C LYS H 233 11.33 -13.46 -58.52
N ARG H 234 12.09 -12.86 -57.59
CA ARG H 234 13.54 -12.57 -57.79
C ARG H 234 14.30 -13.89 -57.93
N ARG H 235 13.84 -14.95 -57.25
CA ARG H 235 14.44 -16.32 -57.31
C ARG H 235 13.81 -17.16 -58.44
N GLY H 236 12.70 -16.68 -59.02
CA GLY H 236 11.96 -17.38 -60.10
C GLY H 236 11.24 -18.61 -59.58
N VAL H 237 10.83 -18.60 -58.32
CA VAL H 237 10.14 -19.72 -57.62
C VAL H 237 8.62 -19.56 -57.82
N ASP H 238 7.97 -20.61 -58.32
CA ASP H 238 6.51 -20.69 -58.58
C ASP H 238 5.76 -20.74 -57.25
N ILE H 239 5.59 -19.59 -56.60
CA ILE H 239 4.78 -19.40 -55.36
C ILE H 239 3.78 -18.28 -55.62
N SER H 240 2.52 -18.48 -55.21
CA SER H 240 1.44 -17.45 -55.21
C SER H 240 1.26 -16.93 -53.78
N VAL H 241 1.52 -15.65 -53.55
CA VAL H 241 1.24 -14.94 -52.27
C VAL H 241 -0.10 -14.20 -52.41
N PHE H 242 -1.08 -14.56 -51.58
CA PHE H 242 -2.48 -14.06 -51.67
C PHE H 242 -2.95 -13.59 -50.30
N GLY H 243 -3.45 -12.35 -50.24
CA GLY H 243 -3.86 -11.67 -48.99
C GLY H 243 -5.34 -11.81 -48.68
N VAL H 244 -5.68 -12.15 -47.44
CA VAL H 244 -7.07 -12.06 -46.92
C VAL H 244 -7.10 -10.91 -45.91
N PRO H 245 -7.65 -9.75 -46.30
CA PRO H 245 -7.60 -8.54 -45.47
C PRO H 245 -8.28 -8.70 -44.11
N LYS H 246 -7.48 -8.69 -43.05
CA LYS H 246 -7.94 -8.69 -41.63
C LYS H 246 -7.89 -7.25 -41.10
N THR H 247 -9.01 -6.53 -41.18
CA THR H 247 -9.20 -5.25 -40.45
C THR H 247 -10.62 -5.21 -39.88
N ILE H 248 -10.72 -4.99 -38.58
CA ILE H 248 -12.01 -4.89 -37.85
C ILE H 248 -12.57 -3.49 -38.09
N ASP H 249 -11.68 -2.50 -38.27
CA ASP H 249 -12.03 -1.05 -38.45
C ASP H 249 -12.78 -0.86 -39.78
N ASN H 250 -12.66 -1.80 -40.71
CA ASN H 250 -13.31 -1.80 -42.05
C ASN H 250 -12.87 -0.57 -42.86
N ASP H 251 -11.62 -0.12 -42.65
CA ASP H 251 -11.05 1.06 -43.35
C ASP H 251 -10.31 0.62 -44.61
N LEU H 252 -10.59 -0.57 -45.15
CA LEU H 252 -9.93 -1.08 -46.39
C LEU H 252 -10.53 -0.39 -47.61
N SER H 253 -9.67 0.24 -48.43
CA SER H 253 -9.99 0.81 -49.76
C SER H 253 -10.41 -0.32 -50.72
N PHE H 254 -11.20 0.03 -51.75
CA PHE H 254 -11.81 -0.92 -52.72
C PHE H 254 -12.59 -2.00 -51.98
N SER H 255 -13.19 -1.64 -50.83
CA SER H 255 -13.92 -2.55 -49.91
C SER H 255 -15.00 -1.76 -49.21
N HIS H 256 -16.21 -2.31 -49.18
CA HIS H 256 -17.34 -1.79 -48.36
C HIS H 256 -17.40 -2.56 -47.03
N ARG H 257 -16.89 -3.80 -47.03
CA ARG H 257 -16.92 -4.70 -45.86
C ARG H 257 -15.64 -5.54 -45.79
N THR H 258 -15.13 -5.70 -44.56
CA THR H 258 -14.06 -6.67 -44.22
C THR H 258 -14.61 -7.62 -43.16
N PHE H 259 -14.08 -8.84 -43.13
CA PHE H 259 -14.59 -9.89 -42.23
C PHE H 259 -14.28 -9.42 -40.81
N GLY H 260 -15.25 -9.64 -39.92
CA GLY H 260 -15.15 -9.33 -38.47
C GLY H 260 -15.89 -8.05 -38.13
N PHE H 261 -16.12 -7.17 -39.10
CA PHE H 261 -16.69 -5.82 -38.85
C PHE H 261 -18.06 -5.93 -38.19
N GLN H 262 -19.02 -6.56 -38.88
CA GLN H 262 -20.41 -6.69 -38.38
C GLN H 262 -20.40 -7.22 -36.94
N THR H 263 -19.65 -8.28 -36.67
CA THR H 263 -19.57 -8.88 -35.31
C THR H 263 -19.07 -7.82 -34.33
N ALA H 264 -18.06 -7.05 -34.74
CA ALA H 264 -17.45 -5.99 -33.90
C ALA H 264 -18.53 -5.00 -33.48
N VAL H 265 -19.28 -4.48 -34.46
CA VAL H 265 -20.44 -3.56 -34.21
C VAL H 265 -21.34 -4.21 -33.15
N GLU H 266 -21.88 -5.40 -33.44
CA GLU H 266 -22.81 -6.12 -32.53
C GLU H 266 -22.27 -6.05 -31.11
N LYS H 267 -20.97 -6.31 -30.93
CA LYS H 267 -20.34 -6.40 -29.58
C LYS H 267 -20.24 -5.01 -28.97
N ALA H 268 -19.74 -4.06 -29.75
CA ALA H 268 -19.64 -2.64 -29.37
C ALA H 268 -20.97 -2.19 -28.77
N VAL H 269 -22.06 -2.43 -29.50
CA VAL H 269 -23.43 -2.03 -29.10
C VAL H 269 -23.74 -2.62 -27.72
N GLN H 270 -23.39 -3.88 -27.48
CA GLN H 270 -23.67 -4.53 -26.17
C GLN H 270 -22.85 -3.87 -25.07
N ALA H 271 -21.67 -3.35 -25.39
CA ALA H 271 -20.79 -2.66 -24.42
C ALA H 271 -21.40 -1.30 -24.07
N ILE H 272 -21.86 -0.58 -25.10
CA ILE H 272 -22.57 0.72 -24.93
C ILE H 272 -23.78 0.50 -24.01
N ARG H 273 -24.59 -0.55 -24.23
CA ARG H 273 -25.80 -0.84 -23.41
C ARG H 273 -25.42 -0.97 -21.93
N ALA H 274 -24.25 -1.53 -21.60
CA ALA H 274 -23.81 -1.69 -20.20
C ALA H 274 -23.26 -0.36 -19.67
N ALA H 275 -22.57 0.39 -20.53
CA ALA H 275 -22.02 1.72 -20.20
C ALA H 275 -23.19 2.62 -19.80
N TYR H 276 -24.24 2.60 -20.62
CA TYR H 276 -25.50 3.38 -20.48
C TYR H 276 -26.17 3.02 -19.16
N ALA H 277 -26.45 1.73 -18.90
CA ALA H 277 -27.13 1.31 -17.66
C ALA H 277 -26.28 1.71 -16.43
N GLU H 278 -24.95 1.68 -16.56
CA GLU H 278 -24.03 2.07 -15.45
C GLU H 278 -24.11 3.58 -15.22
N ALA H 279 -24.17 4.37 -16.29
CA ALA H 279 -24.20 5.84 -16.25
C ALA H 279 -25.56 6.34 -15.77
N VAL H 280 -26.65 5.78 -16.28
CA VAL H 280 -28.05 6.19 -15.95
C VAL H 280 -28.29 6.01 -14.46
N SER H 281 -27.71 4.99 -13.85
CA SER H 281 -28.01 4.62 -12.45
C SER H 281 -27.42 5.64 -11.48
N ALA H 282 -26.59 6.57 -11.99
CA ALA H 282 -25.86 7.58 -11.19
C ALA H 282 -26.37 8.98 -11.49
N ASN H 283 -26.40 9.84 -10.46
CA ASN H 283 -26.67 11.30 -10.63
C ASN H 283 -25.44 11.94 -11.24
N TYR H 284 -25.60 12.74 -12.30
CA TYR H 284 -24.51 13.27 -13.16
C TYR H 284 -23.49 12.15 -13.37
N GLY H 285 -23.95 11.10 -14.06
CA GLY H 285 -23.16 9.91 -14.41
C GLY H 285 -22.65 9.96 -15.84
N VAL H 286 -21.34 9.79 -16.03
CA VAL H 286 -20.69 9.70 -17.37
C VAL H 286 -20.21 8.26 -17.58
N GLY H 287 -20.50 7.68 -18.74
CA GLY H 287 -19.88 6.46 -19.24
C GLY H 287 -18.99 6.76 -20.43
N VAL H 288 -17.68 6.56 -20.31
CA VAL H 288 -16.72 6.59 -21.44
C VAL H 288 -16.52 5.15 -21.90
N VAL H 289 -16.68 4.90 -23.20
CA VAL H 289 -16.47 3.54 -23.78
C VAL H 289 -15.61 3.68 -25.04
N LYS H 290 -14.42 3.08 -25.01
CA LYS H 290 -13.40 3.09 -26.09
C LYS H 290 -13.74 1.97 -27.09
N LEU H 291 -14.07 2.34 -28.33
CA LEU H 291 -14.26 1.36 -29.43
C LEU H 291 -13.06 1.44 -30.38
N MET H 292 -13.02 0.54 -31.35
CA MET H 292 -11.87 0.43 -32.28
C MET H 292 -11.99 1.58 -33.29
N GLY H 293 -10.85 1.94 -33.87
CA GLY H 293 -10.73 2.97 -34.91
C GLY H 293 -9.41 3.70 -34.75
N ARG H 294 -8.34 3.21 -35.40
CA ARG H 294 -7.05 3.93 -35.46
C ARG H 294 -7.16 5.06 -36.49
N ASP H 295 -7.62 4.71 -37.69
CA ASP H 295 -7.60 5.58 -38.91
C ASP H 295 -9.04 5.98 -39.25
N SER H 296 -9.95 5.01 -39.23
CA SER H 296 -11.41 5.20 -39.35
C SER H 296 -12.02 5.46 -37.96
N GLY H 297 -13.35 5.61 -37.92
CA GLY H 297 -14.17 5.39 -36.72
C GLY H 297 -15.50 4.77 -37.10
N PHE H 298 -15.50 3.85 -38.08
CA PHE H 298 -16.71 3.21 -38.63
C PHE H 298 -17.44 2.46 -37.50
N ILE H 299 -16.70 1.77 -36.65
CA ILE H 299 -17.30 1.03 -35.50
C ILE H 299 -17.97 2.04 -34.58
N ALA H 300 -17.22 3.04 -34.12
CA ALA H 300 -17.71 4.13 -33.26
C ALA H 300 -19.05 4.68 -33.80
N ALA H 301 -19.08 5.05 -35.08
CA ALA H 301 -20.26 5.64 -35.76
C ALA H 301 -21.43 4.65 -35.73
N GLN H 302 -21.28 3.50 -36.40
CA GLN H 302 -22.37 2.50 -36.58
C GLN H 302 -22.90 2.05 -35.23
N ALA H 303 -22.04 1.86 -34.24
CA ALA H 303 -22.42 1.40 -32.88
C ALA H 303 -23.20 2.51 -32.17
N ALA H 304 -22.69 3.75 -32.21
CA ALA H 304 -23.40 4.92 -31.66
C ALA H 304 -24.84 4.93 -32.20
N VAL H 305 -24.99 4.98 -33.52
CA VAL H 305 -26.32 5.03 -34.19
C VAL H 305 -27.17 3.84 -33.77
N ALA H 306 -26.66 2.61 -33.86
CA ALA H 306 -27.45 1.37 -33.65
C ALA H 306 -27.96 1.29 -32.20
N SER H 307 -27.11 1.60 -31.21
CA SER H 307 -27.49 1.60 -29.78
C SER H 307 -28.55 2.70 -29.59
N ALA H 308 -28.28 3.85 -30.20
CA ALA H 308 -28.98 5.11 -29.97
C ALA H 308 -28.90 5.44 -28.48
N GLN H 309 -27.71 5.28 -27.87
CA GLN H 309 -27.48 5.65 -26.44
C GLN H 309 -26.28 6.60 -26.33
N ALA H 310 -25.69 6.99 -27.46
CA ALA H 310 -24.47 7.81 -27.55
C ALA H 310 -24.87 9.29 -27.51
N ASN H 311 -24.35 10.04 -26.54
CA ASN H 311 -24.59 11.50 -26.38
C ASN H 311 -23.43 12.29 -27.02
N ILE H 312 -22.22 11.73 -27.00
CA ILE H 312 -21.01 12.29 -27.67
C ILE H 312 -20.28 11.14 -28.36
N CYS H 313 -19.79 11.37 -29.57
CA CYS H 313 -19.12 10.36 -30.42
C CYS H 313 -17.82 10.95 -31.01
N LEU H 314 -16.67 10.60 -30.43
CA LEU H 314 -15.33 11.11 -30.83
C LEU H 314 -14.68 10.11 -31.78
N VAL H 315 -14.38 10.55 -33.00
CA VAL H 315 -13.74 9.72 -34.06
C VAL H 315 -12.57 10.51 -34.66
N PRO H 316 -11.54 9.82 -35.19
CA PRO H 316 -10.35 10.48 -35.72
C PRO H 316 -10.62 11.50 -36.84
N GLU H 317 -11.62 11.22 -37.67
CA GLU H 317 -12.04 12.03 -38.84
C GLU H 317 -12.44 13.45 -38.40
N ASN H 318 -12.97 13.58 -37.18
CA ASN H 318 -13.47 14.87 -36.62
C ASN H 318 -12.76 15.17 -35.31
N PRO H 319 -11.48 15.63 -35.36
CA PRO H 319 -10.72 15.92 -34.15
C PRO H 319 -11.22 17.24 -33.57
N ILE H 320 -11.47 17.26 -32.26
CA ILE H 320 -11.96 18.47 -31.52
C ILE H 320 -11.13 18.63 -30.25
N SER H 321 -11.14 19.83 -29.65
CA SER H 321 -10.36 20.14 -28.44
C SER H 321 -11.01 19.50 -27.21
N GLU H 322 -10.22 19.37 -26.15
CA GLU H 322 -10.65 18.96 -24.79
C GLU H 322 -11.86 19.80 -24.34
N GLN H 323 -11.77 21.12 -24.47
CA GLN H 323 -12.82 22.08 -24.02
C GLN H 323 -14.08 21.89 -24.89
N GLU H 324 -13.93 21.55 -26.16
CA GLU H 324 -15.09 21.25 -27.05
C GLU H 324 -15.87 20.07 -26.46
N VAL H 325 -15.14 19.01 -26.09
CA VAL H 325 -15.73 17.81 -25.41
C VAL H 325 -16.45 18.27 -24.14
N MET H 326 -15.73 18.89 -23.20
CA MET H 326 -16.28 19.27 -21.87
C MET H 326 -17.50 20.18 -22.04
N SER H 327 -17.55 20.96 -23.13
CA SER H 327 -18.68 21.85 -23.48
C SER H 327 -19.89 21.00 -23.88
N LEU H 328 -19.69 19.96 -24.69
CA LEU H 328 -20.77 19.01 -25.06
C LEU H 328 -21.30 18.31 -23.80
N LEU H 329 -20.42 17.89 -22.89
CA LEU H 329 -20.81 17.21 -21.62
C LEU H 329 -21.66 18.17 -20.78
N GLU H 330 -21.17 19.40 -20.66
CA GLU H 330 -21.81 20.53 -19.94
C GLU H 330 -23.24 20.73 -20.48
N ARG H 331 -23.38 20.81 -21.81
CA ARG H 331 -24.68 20.95 -22.49
C ARG H 331 -25.59 19.81 -22.08
N ARG H 332 -25.12 18.58 -22.26
CA ARG H 332 -25.87 17.35 -21.92
C ARG H 332 -26.38 17.46 -20.47
N PHE H 333 -25.55 17.90 -19.53
CA PHE H 333 -25.90 17.92 -18.09
C PHE H 333 -26.88 19.06 -17.76
N CYS H 334 -27.12 20.00 -18.70
CA CYS H 334 -28.18 21.04 -18.58
C CYS H 334 -29.56 20.36 -18.50
N HIS H 335 -29.80 19.32 -19.30
CA HIS H 335 -31.15 18.71 -19.46
C HIS H 335 -31.20 17.25 -18.97
N SER H 336 -30.09 16.49 -18.99
CA SER H 336 -30.05 15.09 -18.49
C SER H 336 -29.02 14.91 -17.37
N ARG H 337 -29.21 13.89 -16.53
CA ARG H 337 -28.32 13.55 -15.39
C ARG H 337 -27.34 12.42 -15.83
N SER H 338 -27.21 12.22 -17.13
CA SER H 338 -26.64 11.01 -17.75
C SER H 338 -25.96 11.38 -19.06
N CYS H 339 -24.68 11.04 -19.21
CA CYS H 339 -23.96 11.19 -20.51
C CYS H 339 -23.17 9.93 -20.83
N VAL H 340 -23.22 9.49 -22.10
CA VAL H 340 -22.46 8.35 -22.66
C VAL H 340 -21.59 8.85 -23.83
N ILE H 341 -20.28 8.60 -23.75
CA ILE H 341 -19.23 9.08 -24.69
C ILE H 341 -18.60 7.86 -25.39
N ILE H 342 -18.79 7.75 -26.70
CA ILE H 342 -18.09 6.79 -27.60
C ILE H 342 -16.78 7.45 -28.03
N VAL H 343 -15.62 6.82 -27.79
CA VAL H 343 -14.30 7.37 -28.25
C VAL H 343 -13.57 6.29 -29.05
N ALA H 344 -13.19 6.58 -30.30
CA ALA H 344 -12.34 5.70 -31.14
C ALA H 344 -10.89 5.79 -30.63
N GLU H 345 -10.19 4.66 -30.52
CA GLU H 345 -8.82 4.58 -29.91
C GLU H 345 -7.84 5.52 -30.61
N GLY H 346 -8.14 5.89 -31.86
CA GLY H 346 -7.30 6.74 -32.72
C GLY H 346 -7.66 8.22 -32.62
N PHE H 347 -8.67 8.59 -31.81
CA PHE H 347 -9.06 10.00 -31.60
C PHE H 347 -8.07 10.66 -30.64
N GLY H 348 -7.92 11.99 -30.77
CA GLY H 348 -7.21 12.87 -29.83
C GLY H 348 -5.83 12.35 -29.53
N GLN H 349 -5.05 12.07 -30.57
CA GLN H 349 -3.67 11.52 -30.46
C GLN H 349 -2.68 12.69 -30.37
N ASP H 350 -3.08 13.80 -29.75
CA ASP H 350 -2.21 14.98 -29.47
C ASP H 350 -2.48 15.51 -28.06
N TRP H 351 -3.22 14.75 -27.25
CA TRP H 351 -3.64 15.11 -25.86
C TRP H 351 -2.54 14.62 -24.90
N LYS H 365 2.47 4.73 -32.72
CA LYS H 365 2.43 4.79 -31.23
C LYS H 365 1.14 5.48 -30.77
N LEU H 366 0.12 4.74 -30.32
CA LEU H 366 -1.17 5.30 -29.85
C LEU H 366 -1.11 5.57 -28.34
N ILE H 367 -1.51 6.79 -27.93
CA ILE H 367 -1.75 7.15 -26.49
C ILE H 367 -3.15 6.64 -26.11
N ASP H 368 -3.31 6.15 -24.87
CA ASP H 368 -4.57 5.52 -24.38
C ASP H 368 -5.62 6.61 -24.14
N ILE H 369 -6.25 7.04 -25.23
CA ILE H 369 -7.21 8.18 -25.26
C ILE H 369 -8.40 7.85 -24.33
N GLY H 370 -8.76 6.57 -24.20
CA GLY H 370 -9.78 6.12 -23.24
C GLY H 370 -9.49 6.62 -21.84
N VAL H 371 -8.30 6.32 -21.32
CA VAL H 371 -7.90 6.61 -19.91
C VAL H 371 -7.66 8.13 -19.77
N ILE H 372 -7.02 8.74 -20.77
CA ILE H 372 -6.80 10.22 -20.82
C ILE H 372 -8.15 10.92 -20.66
N LEU H 373 -9.04 10.74 -21.66
CA LEU H 373 -10.39 11.34 -21.73
C LEU H 373 -11.11 11.11 -20.39
N THR H 374 -11.04 9.90 -19.84
CA THR H 374 -11.64 9.55 -18.54
C THR H 374 -11.14 10.54 -17.47
N GLU H 375 -9.82 10.65 -17.29
CA GLU H 375 -9.24 11.50 -16.21
C GLU H 375 -9.55 12.98 -16.47
N LYS H 376 -9.54 13.41 -17.75
CA LYS H 376 -9.84 14.81 -18.16
C LYS H 376 -11.25 15.18 -17.67
N VAL H 377 -12.24 14.32 -18.00
CA VAL H 377 -13.66 14.49 -17.60
C VAL H 377 -13.72 14.54 -16.06
N LYS H 378 -13.06 13.61 -15.38
CA LYS H 378 -13.09 13.52 -13.89
C LYS H 378 -12.59 14.84 -13.28
N ALA H 379 -11.49 15.37 -13.81
CA ALA H 379 -10.85 16.62 -13.33
C ALA H 379 -11.75 17.82 -13.65
N PHE H 380 -12.48 17.78 -14.76
CA PHE H 380 -13.45 18.83 -15.17
C PHE H 380 -14.65 18.86 -14.22
N LEU H 381 -15.16 17.69 -13.84
CA LEU H 381 -16.32 17.54 -12.91
C LEU H 381 -15.88 17.87 -11.48
N LYS H 382 -14.64 17.56 -11.10
CA LYS H 382 -14.09 17.87 -9.75
C LYS H 382 -13.87 19.39 -9.67
N ALA H 383 -13.57 20.06 -10.79
CA ALA H 383 -13.47 21.52 -10.88
C ALA H 383 -14.85 22.20 -10.75
N ASN H 384 -15.90 21.66 -11.37
CA ASN H 384 -17.27 22.24 -11.30
C ASN H 384 -18.15 21.45 -10.32
N LYS H 385 -17.59 20.95 -9.21
CA LYS H 385 -18.36 20.26 -8.13
C LYS H 385 -19.55 21.14 -7.72
N SER H 386 -19.31 22.47 -7.66
CA SER H 386 -20.32 23.53 -7.42
C SER H 386 -21.62 23.18 -8.16
N ARG H 387 -21.51 22.99 -9.48
CA ARG H 387 -22.66 22.81 -10.40
C ARG H 387 -23.08 21.33 -10.48
N TYR H 388 -22.12 20.40 -10.64
CA TYR H 388 -22.35 18.94 -10.73
C TYR H 388 -21.86 18.29 -9.43
N PRO H 389 -22.66 18.38 -8.32
CA PRO H 389 -22.13 18.16 -6.96
C PRO H 389 -21.65 16.70 -6.79
N ASP H 390 -22.53 15.80 -6.36
CA ASP H 390 -22.26 14.35 -6.52
C ASP H 390 -22.18 14.09 -8.03
N SER H 391 -21.15 13.36 -8.51
CA SER H 391 -20.99 12.94 -9.94
C SER H 391 -20.07 11.72 -10.02
N THR H 392 -20.23 10.89 -11.07
CA THR H 392 -19.48 9.62 -11.27
C THR H 392 -19.06 9.45 -12.73
N VAL H 393 -17.81 9.03 -12.98
CA VAL H 393 -17.29 8.77 -14.34
C VAL H 393 -16.78 7.33 -14.40
N LYS H 394 -17.27 6.57 -15.39
CA LYS H 394 -16.99 5.12 -15.57
C LYS H 394 -16.30 4.93 -16.92
N TYR H 395 -15.09 4.36 -16.94
CA TYR H 395 -14.38 3.97 -18.19
C TYR H 395 -14.68 2.50 -18.49
N ILE H 396 -14.79 2.16 -19.76
CA ILE H 396 -15.05 0.77 -20.24
C ILE H 396 -14.15 0.52 -21.46
N ASP H 397 -13.25 -0.47 -21.36
CA ASP H 397 -12.46 -0.96 -22.50
C ASP H 397 -12.99 -2.34 -22.88
N PRO H 398 -13.95 -2.37 -23.83
CA PRO H 398 -14.54 -3.62 -24.29
C PRO H 398 -13.73 -4.23 -25.44
N SER H 399 -12.51 -3.75 -25.66
CA SER H 399 -11.64 -4.14 -26.81
C SER H 399 -11.49 -5.67 -26.86
N TYR H 400 -11.33 -6.29 -25.69
CA TYR H 400 -11.06 -7.73 -25.51
C TYR H 400 -12.28 -8.56 -25.94
N MET H 401 -13.50 -8.16 -25.52
CA MET H 401 -14.76 -8.89 -25.78
C MET H 401 -15.16 -8.71 -27.25
N ILE H 402 -14.66 -7.67 -27.91
CA ILE H 402 -14.94 -7.38 -29.35
C ILE H 402 -14.04 -8.24 -30.24
N ARG H 403 -12.72 -8.29 -30.02
CA ARG H 403 -11.82 -9.05 -30.93
C ARG H 403 -11.97 -10.56 -30.71
N ALA H 404 -12.02 -10.97 -29.45
CA ALA H 404 -11.64 -12.33 -28.99
C ALA H 404 -12.88 -13.23 -28.97
N CYS H 405 -13.75 -13.09 -29.96
CA CYS H 405 -15.04 -13.83 -29.93
C CYS H 405 -15.30 -14.37 -31.33
N PRO H 406 -16.03 -15.49 -31.44
CA PRO H 406 -16.42 -16.04 -32.72
C PRO H 406 -17.27 -15.04 -33.48
N PRO H 407 -17.39 -15.20 -34.81
CA PRO H 407 -18.18 -14.28 -35.61
C PRO H 407 -19.69 -14.51 -35.49
N SER H 408 -20.48 -13.47 -35.75
CA SER H 408 -21.92 -13.57 -36.10
C SER H 408 -22.04 -14.47 -37.33
N ALA H 409 -23.11 -15.25 -37.47
CA ALA H 409 -23.35 -16.18 -38.60
C ALA H 409 -23.17 -15.46 -39.93
N ASN H 410 -23.56 -14.19 -40.01
CA ASN H 410 -23.40 -13.39 -41.24
C ASN H 410 -21.91 -13.17 -41.53
N ASP H 411 -21.08 -12.91 -40.51
CA ASP H 411 -19.61 -12.73 -40.70
C ASP H 411 -18.97 -14.09 -40.99
N ALA H 412 -19.48 -15.18 -40.40
CA ALA H 412 -18.98 -16.56 -40.60
C ALA H 412 -19.15 -16.92 -42.08
N LEU H 413 -20.35 -16.72 -42.63
CA LEU H 413 -20.63 -16.97 -44.06
C LEU H 413 -19.70 -16.12 -44.91
N PHE H 414 -19.45 -14.88 -44.50
CA PHE H 414 -18.63 -13.92 -45.27
C PHE H 414 -17.17 -14.39 -45.30
N CYS H 415 -16.64 -14.80 -44.15
CA CYS H 415 -15.29 -15.40 -43.99
C CYS H 415 -15.18 -16.59 -44.94
N ALA H 416 -16.12 -17.54 -44.82
CA ALA H 416 -16.17 -18.77 -45.64
C ALA H 416 -16.04 -18.41 -47.12
N THR H 417 -16.82 -17.45 -47.59
CA THR H 417 -16.85 -17.04 -49.02
C THR H 417 -15.52 -16.37 -49.39
N LEU H 418 -15.06 -15.40 -48.60
CA LEU H 418 -13.76 -14.69 -48.84
C LEU H 418 -12.66 -15.73 -49.07
N ALA H 419 -12.53 -16.68 -48.13
CA ALA H 419 -11.59 -17.82 -48.19
C ALA H 419 -11.79 -18.62 -49.48
N THR H 420 -12.90 -19.36 -49.60
CA THR H 420 -13.16 -20.30 -50.75
C THR H 420 -12.79 -19.58 -52.06
N LEU H 421 -13.17 -18.31 -52.25
CA LEU H 421 -12.86 -17.57 -53.51
C LEU H 421 -11.35 -17.30 -53.62
N ALA H 422 -10.70 -16.93 -52.51
CA ALA H 422 -9.24 -16.66 -52.46
C ALA H 422 -8.50 -17.90 -52.97
N VAL H 423 -8.94 -19.07 -52.55
CA VAL H 423 -8.36 -20.38 -52.97
C VAL H 423 -8.64 -20.57 -54.48
N HIS H 424 -9.90 -20.44 -54.90
CA HIS H 424 -10.33 -20.61 -56.32
C HIS H 424 -9.44 -19.79 -57.27
N GLU H 425 -8.97 -18.62 -56.79
CA GLU H 425 -8.18 -17.63 -57.59
C GLU H 425 -6.68 -17.90 -57.47
N ALA H 426 -6.18 -18.27 -56.29
CA ALA H 426 -4.76 -18.59 -56.07
C ALA H 426 -4.38 -19.84 -56.88
N MET H 427 -5.27 -20.84 -56.92
CA MET H 427 -5.11 -22.06 -57.75
C MET H 427 -5.06 -21.66 -59.23
N ALA H 428 -5.73 -20.56 -59.59
CA ALA H 428 -5.75 -19.98 -60.96
C ALA H 428 -4.66 -18.90 -61.09
N GLY H 429 -3.60 -18.98 -60.27
CA GLY H 429 -2.35 -18.23 -60.45
C GLY H 429 -2.45 -16.75 -60.06
N ALA H 430 -3.48 -16.34 -59.33
CA ALA H 430 -3.53 -14.96 -58.77
C ALA H 430 -2.42 -14.83 -57.73
N THR H 431 -1.69 -13.70 -57.71
CA THR H 431 -0.65 -13.40 -56.69
C THR H 431 -0.48 -11.88 -56.51
N GLY H 432 0.17 -11.48 -55.41
CA GLY H 432 0.48 -10.09 -55.06
C GLY H 432 -0.79 -9.26 -54.86
N CYS H 433 -1.91 -9.91 -54.52
CA CYS H 433 -3.26 -9.32 -54.51
C CYS H 433 -4.04 -9.75 -53.26
N ILE H 434 -5.08 -9.00 -52.92
CA ILE H 434 -6.07 -9.31 -51.84
C ILE H 434 -7.43 -9.55 -52.49
N ILE H 435 -8.33 -10.20 -51.74
CA ILE H 435 -9.77 -10.31 -52.11
C ILE H 435 -10.57 -9.39 -51.20
N ALA H 436 -11.44 -8.56 -51.78
CA ALA H 436 -12.32 -7.69 -50.98
C ALA H 436 -13.73 -7.70 -51.60
N MET H 437 -14.66 -7.08 -50.88
CA MET H 437 -16.11 -7.03 -51.21
C MET H 437 -16.47 -5.58 -51.57
N ARG H 438 -16.93 -5.34 -52.80
CA ARG H 438 -17.44 -4.04 -53.29
C ARG H 438 -18.75 -4.25 -54.03
N HIS H 439 -19.79 -3.50 -53.64
CA HIS H 439 -21.05 -3.42 -54.42
C HIS H 439 -21.59 -4.83 -54.64
N ASN H 440 -21.61 -5.65 -53.59
CA ASN H 440 -22.23 -7.00 -53.63
C ASN H 440 -21.39 -7.98 -54.45
N ASN H 441 -20.18 -7.60 -54.85
CA ASN H 441 -19.29 -8.47 -55.68
C ASN H 441 -17.94 -8.62 -55.00
N TYR H 442 -17.26 -9.73 -55.29
CA TYR H 442 -15.91 -10.07 -54.79
C TYR H 442 -14.92 -9.71 -55.88
N ILE H 443 -13.89 -8.93 -55.51
CA ILE H 443 -12.90 -8.41 -56.49
C ILE H 443 -11.50 -8.70 -55.97
N LEU H 444 -10.55 -8.78 -56.90
CA LEU H 444 -9.10 -8.96 -56.63
C LEU H 444 -8.40 -7.62 -56.79
N VAL H 445 -7.74 -7.14 -55.74
CA VAL H 445 -7.05 -5.81 -55.72
C VAL H 445 -5.55 -6.06 -55.54
N PRO H 446 -4.70 -5.58 -56.46
CA PRO H 446 -3.25 -5.54 -56.22
C PRO H 446 -2.90 -4.92 -54.86
N ILE H 447 -2.02 -5.58 -54.10
CA ILE H 447 -1.60 -5.12 -52.74
C ILE H 447 -1.03 -3.70 -52.84
N LYS H 448 -0.23 -3.45 -53.88
CA LYS H 448 0.42 -2.14 -54.15
C LYS H 448 -0.64 -1.02 -54.08
N VAL H 449 -1.84 -1.29 -54.60
CA VAL H 449 -3.00 -0.33 -54.64
C VAL H 449 -3.63 -0.26 -53.25
N ALA H 450 -4.05 -1.41 -52.70
CA ALA H 450 -4.81 -1.53 -51.44
C ALA H 450 -4.05 -0.89 -50.27
N THR H 451 -2.72 -0.81 -50.32
CA THR H 451 -1.87 -0.24 -49.24
C THR H 451 -1.63 1.26 -49.46
N SER H 452 -1.98 1.76 -50.64
CA SER H 452 -1.72 3.15 -51.09
C SER H 452 -2.83 4.07 -50.61
N VAL H 453 -4.06 3.55 -50.49
CA VAL H 453 -5.25 4.34 -50.08
C VAL H 453 -5.97 3.62 -48.94
N ARG H 454 -6.72 4.38 -48.13
CA ARG H 454 -7.55 3.84 -47.03
C ARG H 454 -8.87 4.61 -46.97
N ARG H 455 -9.90 3.96 -46.43
CA ARG H 455 -11.27 4.52 -46.22
C ARG H 455 -11.31 5.26 -44.89
N VAL H 456 -12.42 5.98 -44.68
CA VAL H 456 -12.57 7.01 -43.64
C VAL H 456 -14.00 7.57 -43.72
N LEU H 457 -14.65 7.80 -42.57
CA LEU H 457 -16.04 8.33 -42.50
C LEU H 457 -16.17 9.55 -43.41
N ASP H 458 -17.16 9.54 -44.31
CA ASP H 458 -17.64 10.78 -44.99
C ASP H 458 -18.46 11.58 -43.97
N LEU H 459 -17.90 12.68 -43.46
CA LEU H 459 -18.53 13.50 -42.40
C LEU H 459 -19.76 14.24 -42.94
N ARG H 460 -19.97 14.27 -44.27
CA ARG H 460 -21.18 14.83 -44.89
C ARG H 460 -22.13 13.70 -45.32
N GLY H 461 -21.82 12.44 -44.99
CA GLY H 461 -22.60 11.25 -45.39
C GLY H 461 -23.75 10.95 -44.45
N GLN H 462 -24.69 10.10 -44.89
CA GLN H 462 -25.96 9.83 -44.17
C GLN H 462 -25.68 9.21 -42.79
N LEU H 463 -24.64 8.36 -42.66
CA LEU H 463 -24.28 7.70 -41.38
C LEU H 463 -23.97 8.78 -40.34
N TRP H 464 -23.02 9.66 -40.66
CA TRP H 464 -22.56 10.73 -39.72
C TRP H 464 -23.72 11.70 -39.46
N ARG H 465 -24.57 11.97 -40.46
CA ARG H 465 -25.86 12.68 -40.21
C ARG H 465 -26.50 11.98 -39.00
N GLN H 466 -26.84 10.69 -39.14
CA GLN H 466 -27.60 9.90 -38.13
C GLN H 466 -26.90 9.93 -36.78
N VAL H 467 -25.57 10.16 -36.74
CA VAL H 467 -24.81 10.29 -35.47
C VAL H 467 -25.13 11.65 -34.84
N ARG H 468 -24.98 12.73 -35.62
CA ARG H 468 -25.28 14.11 -35.14
C ARG H 468 -26.76 14.21 -34.74
N GLU H 469 -27.63 13.47 -35.43
CA GLU H 469 -29.10 13.40 -35.19
C GLU H 469 -29.36 13.05 -33.71
N ILE H 470 -28.53 12.19 -33.11
CA ILE H 470 -28.79 11.63 -31.74
C ILE H 470 -27.82 12.23 -30.72
N THR H 471 -26.67 12.79 -31.14
CA THR H 471 -25.63 13.33 -30.23
C THR H 471 -25.84 14.82 -29.99
N VAL H 472 -25.53 15.26 -28.78
CA VAL H 472 -25.62 16.67 -28.30
C VAL H 472 -25.30 17.62 -29.46
N ASP H 473 -26.15 18.63 -29.65
CA ASP H 473 -25.89 19.75 -30.60
C ASP H 473 -25.81 21.06 -29.81
N LEU H 474 -24.65 21.71 -29.85
CA LEU H 474 -24.43 23.03 -29.24
C LEU H 474 -25.27 24.06 -30.01
N GLY H 475 -25.52 23.82 -31.30
CA GLY H 475 -26.29 24.71 -32.20
C GLY H 475 -27.78 24.72 -31.94
N SER H 476 -28.22 24.22 -30.78
CA SER H 476 -29.61 24.31 -30.26
C SER H 476 -29.62 25.19 -29.01
N ASP H 477 -30.31 26.35 -29.11
CA ASP H 477 -30.82 27.13 -27.93
C ASP H 477 -31.60 26.17 -27.03
N VAL H 478 -31.11 25.95 -25.80
CA VAL H 478 -31.57 24.84 -24.91
C VAL H 478 -32.93 25.23 -24.32
N ARG H 479 -33.11 26.52 -23.97
CA ARG H 479 -34.41 27.09 -23.52
C ARG H 479 -35.49 26.82 -24.58
N LEU H 480 -35.27 27.23 -25.84
CA LEU H 480 -36.28 27.16 -26.95
C LEU H 480 -36.59 25.69 -27.29
N ALA H 481 -35.54 24.87 -27.40
CA ALA H 481 -35.61 23.41 -27.67
C ALA H 481 -36.41 22.70 -26.57
N ARG H 482 -36.04 22.93 -25.31
CA ARG H 482 -36.64 22.28 -24.11
C ARG H 482 -38.10 22.68 -23.98
N LYS H 483 -38.44 23.94 -24.33
CA LYS H 483 -39.86 24.38 -24.40
C LYS H 483 -40.60 23.46 -25.37
N LEU H 484 -40.23 23.55 -26.65
CA LEU H 484 -40.93 22.83 -27.76
C LEU H 484 -41.01 21.33 -27.41
N GLU H 485 -40.06 20.81 -26.62
CA GLU H 485 -40.07 19.40 -26.11
C GLU H 485 -41.29 19.17 -25.21
N ILE H 486 -41.39 19.92 -24.11
CA ILE H 486 -42.47 19.74 -23.07
C ILE H 486 -43.82 20.04 -23.72
N ARG H 487 -43.86 20.91 -24.74
CA ARG H 487 -45.11 21.18 -25.50
C ARG H 487 -45.64 19.85 -26.05
N ARG H 488 -44.79 19.14 -26.79
CA ARG H 488 -45.16 17.84 -27.42
C ARG H 488 -45.53 16.84 -26.32
N GLU H 489 -44.73 16.75 -25.26
CA GLU H 489 -44.92 15.79 -24.14
C GLU H 489 -46.34 15.98 -23.59
N LEU H 490 -46.71 17.25 -23.36
CA LEU H 490 -48.01 17.65 -22.76
C LEU H 490 -49.15 17.32 -23.72
N GLU H 491 -49.02 17.69 -25.00
CA GLU H 491 -50.02 17.36 -26.06
C GLU H 491 -50.32 15.86 -26.01
N ALA H 492 -49.27 15.04 -25.98
CA ALA H 492 -49.35 13.56 -25.99
C ALA H 492 -50.08 13.06 -24.73
N ILE H 493 -49.72 13.56 -23.54
CA ILE H 493 -50.26 13.05 -22.24
C ILE H 493 -51.73 13.47 -22.10
N ASN H 494 -52.09 14.65 -22.60
CA ASN H 494 -53.50 15.12 -22.57
C ASN H 494 -54.32 14.18 -23.46
N ARG H 495 -53.76 13.75 -24.60
CA ARG H 495 -54.46 12.80 -25.52
C ARG H 495 -54.80 11.53 -24.73
N ASN H 496 -53.79 10.93 -24.06
CA ASN H 496 -53.97 9.67 -23.29
C ASN H 496 -55.02 9.89 -22.22
N ARG H 497 -54.91 11.02 -21.49
CA ARG H 497 -55.93 11.43 -20.48
C ARG H 497 -57.33 11.28 -21.10
N ASP H 498 -57.53 11.91 -22.27
CA ASP H 498 -58.84 11.95 -22.98
C ASP H 498 -59.31 10.52 -23.25
N ARG H 499 -58.43 9.68 -23.81
CA ARG H 499 -58.79 8.31 -24.26
C ARG H 499 -59.12 7.44 -23.04
N LEU H 500 -58.50 7.71 -21.89
CA LEU H 500 -58.70 6.96 -20.62
C LEU H 500 -60.06 7.33 -20.05
N HIS H 501 -60.38 8.62 -20.02
CA HIS H 501 -61.73 9.11 -19.66
C HIS H 501 -62.76 8.35 -20.50
N GLU H 502 -62.48 8.21 -21.81
CA GLU H 502 -63.41 7.58 -22.80
C GLU H 502 -63.62 6.12 -22.39
N GLU H 503 -62.56 5.43 -21.95
CA GLU H 503 -62.59 3.98 -21.61
C GLU H 503 -63.52 3.73 -20.40
N LEU H 504 -64.25 4.72 -19.88
CA LEU H 504 -65.22 4.41 -18.79
C LEU H 504 -66.54 3.90 -19.37
N ALA H 505 -66.62 2.57 -19.57
CA ALA H 505 -67.73 1.80 -20.18
C ALA H 505 -68.03 2.28 -21.61
#